data_8W0Z
#
_entry.id   8W0Z
#
_cell.length_a   86.288
_cell.length_b   94.842
_cell.length_c   119.163
_cell.angle_alpha   89.24
_cell.angle_beta   74.88
_cell.angle_gamma   88.35
#
_symmetry.space_group_name_H-M   'P 1'
#
loop_
_entity.id
_entity.type
_entity.pdbx_description
1 polymer 'Long-chain specific acyl-CoA dehydrogenase, mitochondrial'
2 non-polymer 'FLAVIN-ADENINE DINUCLEOTIDE'
3 non-polymer 'LAURIC ACID'
4 water water
#
_entity_poly.entity_id   1
_entity_poly.type   'polypeptide(L)'
_entity_poly.pdbx_seq_one_letter_code
;GGEERLETPSAKKLTDIGIRRIFSPEHDIFRKSVRKFFQEEVIPHHSEWEKAGEVSREVWEKAGKQGLLGVNIAEHLGGI
GGDLYSAAIVWEEQAYSNCSGPGFSIHSGIVMSYITNHGSEEQIKHFIPQMTAGKCIGAIAMTEPGAGSDLQGIKTNAKK
DGSDWILNGSKVFISNGSLSDVVIVVAVTNHEAPSPAHGISLFLVENGMKGFIKGRKLHKMGLKAQDTAELFFEDIRLPA
SALLGEENKGFYYIMKELPQQRLLIADVAISASEFMFEETRNYVKQRKAFGKTVAHLQTVQHKLAELKTHICVTRAFVDN
CLQLHEAKRLDSATACMAKYWASELQNSVAYDCVQLHGGWGYMWEYPIAKAYVDARVQPIYGGTNEIMKELIAREIVFDK
;
_entity_poly.pdbx_strand_id   A,B,C,D,E,F,G,H
#
loop_
_chem_comp.id
_chem_comp.type
_chem_comp.name
_chem_comp.formula
DAO non-polymer 'LAURIC ACID' 'C12 H24 O2'
FAD non-polymer 'FLAVIN-ADENINE DINUCLEOTIDE' 'C27 H33 N9 O15 P2'
#
# COMPACT_ATOMS: atom_id res chain seq x y z
N GLU A 4 -6.42 -14.55 16.23
CA GLU A 4 -4.96 -14.42 16.50
C GLU A 4 -4.56 -13.02 16.97
N ARG A 5 -5.37 -12.01 16.63
CA ARG A 5 -5.07 -10.65 17.07
C ARG A 5 -6.30 -9.99 17.70
N LEU A 6 -6.11 -9.45 18.90
CA LEU A 6 -7.18 -8.80 19.63
C LEU A 6 -7.28 -7.33 19.21
N GLU A 7 -8.43 -6.73 19.43
CA GLU A 7 -8.60 -5.31 19.15
C GLU A 7 -8.44 -4.68 20.54
N THR A 8 -8.21 -3.37 20.60
CA THR A 8 -7.98 -2.69 21.88
C THR A 8 -8.94 -2.96 23.05
N PRO A 9 -10.26 -3.09 22.81
CA PRO A 9 -11.17 -3.33 23.94
C PRO A 9 -10.85 -4.59 24.74
N SER A 10 -10.38 -5.62 24.04
CA SER A 10 -10.07 -6.91 24.64
C SER A 10 -8.63 -7.07 25.14
N ALA A 11 -7.73 -6.19 24.73
CA ALA A 11 -6.34 -6.28 25.16
C ALA A 11 -6.17 -6.00 26.65
N LYS A 12 -5.03 -6.42 27.20
CA LYS A 12 -4.75 -6.18 28.62
C LYS A 12 -4.58 -4.67 28.81
N LYS A 13 -4.01 -4.03 27.81
CA LYS A 13 -3.78 -2.58 27.82
C LYS A 13 -3.95 -2.04 26.40
N LEU A 14 -4.51 -0.84 26.27
CA LEU A 14 -4.74 -0.25 24.95
C LEU A 14 -3.47 -0.04 24.16
N THR A 15 -2.34 -0.07 24.88
CA THR A 15 -1.02 0.15 24.28
C THR A 15 -0.20 -1.14 24.07
N ASP A 16 -0.80 -2.30 24.32
CA ASP A 16 -0.09 -3.56 24.15
C ASP A 16 0.42 -3.77 22.73
N ILE A 17 1.55 -4.46 22.60
CA ILE A 17 2.09 -4.76 21.28
C ILE A 17 1.47 -6.08 20.83
N GLY A 18 1.18 -6.20 19.53
CA GLY A 18 0.59 -7.43 19.04
C GLY A 18 -0.93 -7.42 18.96
N ILE A 19 -1.51 -6.23 19.05
CA ILE A 19 -2.96 -6.08 18.99
C ILE A 19 -3.33 -5.25 17.74
N ARG A 20 -4.60 -5.29 17.36
CA ARG A 20 -5.12 -4.57 16.20
C ARG A 20 -4.84 -5.31 14.89
N ARG A 21 -5.92 -5.70 14.22
CA ARG A 21 -5.85 -6.45 12.98
C ARG A 21 -5.14 -5.82 11.78
N ILE A 22 -4.85 -4.52 11.81
CA ILE A 22 -4.19 -3.91 10.64
C ILE A 22 -2.69 -4.14 10.61
N PHE A 23 -2.14 -4.64 11.71
CA PHE A 23 -0.70 -4.88 11.81
C PHE A 23 -0.34 -6.36 11.66
N SER A 24 0.89 -6.61 11.20
CA SER A 24 1.39 -7.97 11.03
C SER A 24 2.43 -8.25 12.12
N PRO A 25 2.87 -9.51 12.24
CA PRO A 25 3.87 -9.79 13.27
C PRO A 25 5.20 -9.07 13.01
N GLU A 26 5.46 -8.71 11.75
CA GLU A 26 6.67 -7.97 11.39
C GLU A 26 6.57 -6.55 11.95
N HIS A 27 5.35 -6.03 11.96
CA HIS A 27 5.12 -4.68 12.49
C HIS A 27 5.33 -4.71 13.99
N ASP A 28 4.99 -5.82 14.63
CA ASP A 28 5.17 -5.95 16.07
C ASP A 28 6.63 -5.89 16.45
N ILE A 29 7.47 -6.53 15.65
CA ILE A 29 8.90 -6.53 15.90
C ILE A 29 9.40 -5.10 15.82
N PHE A 30 8.94 -4.38 14.81
CA PHE A 30 9.35 -2.99 14.63
C PHE A 30 8.85 -2.09 15.75
N ARG A 31 7.59 -2.27 16.15
CA ARG A 31 7.01 -1.44 17.20
C ARG A 31 7.81 -1.60 18.50
N LYS A 32 8.19 -2.83 18.81
CA LYS A 32 8.96 -3.10 20.03
C LYS A 32 10.25 -2.30 20.01
N SER A 33 10.93 -2.30 18.86
CA SER A 33 12.19 -1.57 18.75
C SER A 33 12.00 -0.07 18.84
N VAL A 34 10.95 0.45 18.21
CA VAL A 34 10.73 1.90 18.29
C VAL A 34 10.36 2.28 19.73
N ARG A 35 9.58 1.45 20.40
CA ARG A 35 9.19 1.76 21.77
C ARG A 35 10.44 1.83 22.64
N LYS A 36 11.37 0.90 22.40
CA LYS A 36 12.62 0.87 23.15
C LYS A 36 13.39 2.17 22.90
N PHE A 37 13.38 2.63 21.65
CA PHE A 37 14.08 3.87 21.30
C PHE A 37 13.59 5.08 22.11
N PHE A 38 12.28 5.29 22.15
CA PHE A 38 11.74 6.42 22.92
C PHE A 38 12.02 6.26 24.40
N GLN A 39 12.01 5.02 24.88
CA GLN A 39 12.27 4.75 26.29
C GLN A 39 13.71 5.02 26.68
N GLU A 40 14.64 4.87 25.74
CA GLU A 40 16.06 5.05 26.04
C GLU A 40 16.69 6.33 25.50
N GLU A 41 16.24 6.80 24.34
CA GLU A 41 16.82 7.99 23.74
C GLU A 41 16.01 9.28 23.80
N VAL A 42 14.76 9.21 24.26
CA VAL A 42 13.93 10.40 24.32
C VAL A 42 13.38 10.71 25.71
N ILE A 43 12.69 9.75 26.31
CA ILE A 43 12.09 9.93 27.62
C ILE A 43 13.05 10.46 28.70
N PRO A 44 14.24 9.84 28.85
CA PRO A 44 15.17 10.30 29.89
C PRO A 44 15.76 11.70 29.72
N HIS A 45 15.70 12.25 28.51
CA HIS A 45 16.24 13.58 28.25
C HIS A 45 15.17 14.65 27.98
N HIS A 46 13.89 14.28 27.98
CA HIS A 46 12.85 15.24 27.67
C HIS A 46 12.70 16.43 28.65
N SER A 47 12.91 16.20 29.95
CA SER A 47 12.80 17.31 30.92
C SER A 47 13.77 18.43 30.58
N GLU A 48 15.01 18.04 30.27
CA GLU A 48 16.03 19.00 29.90
C GLU A 48 15.59 19.76 28.64
N TRP A 49 15.06 19.04 27.65
CA TRP A 49 14.62 19.69 26.42
C TRP A 49 13.46 20.67 26.64
N GLU A 50 12.61 20.40 27.62
CA GLU A 50 11.49 21.30 27.89
C GLU A 50 12.07 22.63 28.36
N LYS A 51 13.05 22.55 29.26
CA LYS A 51 13.71 23.75 29.79
C LYS A 51 14.38 24.52 28.65
N ALA A 52 15.04 23.79 27.75
CA ALA A 52 15.73 24.40 26.62
C ALA A 52 14.77 24.93 25.57
N GLY A 53 13.58 24.36 25.51
CA GLY A 53 12.61 24.81 24.53
C GLY A 53 12.79 24.15 23.18
N GLU A 54 13.60 23.09 23.14
CA GLU A 54 13.86 22.34 21.91
C GLU A 54 14.68 21.10 22.24
N VAL A 55 14.62 20.10 21.37
CA VAL A 55 15.37 18.87 21.59
C VAL A 55 16.73 19.02 20.94
N SER A 56 17.62 18.05 21.20
CA SER A 56 18.97 18.09 20.66
C SER A 56 19.06 17.58 19.22
N ARG A 57 20.15 17.94 18.55
CA ARG A 57 20.36 17.47 17.19
C ARG A 57 20.69 15.99 17.31
N GLU A 58 21.31 15.63 18.43
CA GLU A 58 21.72 14.26 18.70
C GLU A 58 20.57 13.27 18.59
N VAL A 59 19.46 13.53 19.25
CA VAL A 59 18.33 12.60 19.18
C VAL A 59 17.83 12.47 17.75
N TRP A 60 17.84 13.56 17.00
CA TRP A 60 17.40 13.54 15.61
C TRP A 60 18.31 12.65 14.76
N GLU A 61 19.61 12.73 15.00
CA GLU A 61 20.54 11.91 14.24
C GLU A 61 20.42 10.45 14.67
N LYS A 62 20.20 10.20 15.95
CA LYS A 62 20.05 8.82 16.42
C LYS A 62 18.81 8.22 15.75
N ALA A 63 17.74 9.01 15.67
CA ALA A 63 16.50 8.56 15.06
C ALA A 63 16.72 8.23 13.58
N GLY A 64 17.47 9.08 12.89
CA GLY A 64 17.74 8.85 11.49
C GLY A 64 18.58 7.61 11.28
N LYS A 65 19.56 7.42 12.17
CA LYS A 65 20.44 6.27 12.08
C LYS A 65 19.70 4.98 12.40
N GLN A 66 18.81 5.03 13.39
CA GLN A 66 18.06 3.84 13.76
C GLN A 66 16.92 3.54 12.80
N GLY A 67 16.70 4.42 11.83
CA GLY A 67 15.66 4.20 10.85
C GLY A 67 14.24 4.57 11.25
N LEU A 68 14.08 5.68 11.95
CA LEU A 68 12.75 6.11 12.38
C LEU A 68 12.26 7.30 11.56
N LEU A 69 13.13 7.86 10.73
CA LEU A 69 12.78 8.99 9.90
C LEU A 69 12.65 8.53 8.45
N GLY A 70 11.65 9.05 7.75
CA GLY A 70 11.45 8.67 6.37
C GLY A 70 10.86 7.28 6.18
N VAL A 71 10.12 6.79 7.17
CA VAL A 71 9.49 5.49 7.02
C VAL A 71 8.34 5.79 6.05
N ASN A 72 8.02 4.83 5.20
CA ASN A 72 6.97 5.00 4.18
C ASN A 72 7.38 6.02 3.12
N ILE A 73 8.68 6.25 3.01
CA ILE A 73 9.21 7.15 1.99
C ILE A 73 10.00 6.20 1.10
N ALA A 74 9.67 6.19 -0.19
CA ALA A 74 10.31 5.30 -1.16
C ALA A 74 11.81 5.09 -0.96
N GLU A 75 12.19 3.82 -0.86
CA GLU A 75 13.58 3.43 -0.68
C GLU A 75 14.43 3.86 -1.87
N HIS A 76 13.89 3.74 -3.08
CA HIS A 76 14.65 4.16 -4.25
C HIS A 76 14.74 5.68 -4.32
N LEU A 77 14.07 6.35 -3.39
CA LEU A 77 14.11 7.81 -3.35
C LEU A 77 14.97 8.30 -2.19
N GLY A 78 15.56 7.36 -1.45
CA GLY A 78 16.41 7.74 -0.34
C GLY A 78 15.76 7.57 1.02
N GLY A 79 14.52 7.07 1.05
CA GLY A 79 13.85 6.85 2.31
C GLY A 79 14.13 5.47 2.87
N ILE A 80 13.39 5.10 3.90
CA ILE A 80 13.54 3.79 4.55
C ILE A 80 12.65 2.76 3.86
N GLY A 81 11.63 3.23 3.16
CA GLY A 81 10.70 2.31 2.50
C GLY A 81 9.67 1.94 3.55
N GLY A 82 9.06 0.77 3.41
CA GLY A 82 8.07 0.37 4.38
C GLY A 82 6.70 0.98 4.10
N ASP A 83 5.67 0.38 4.67
CA ASP A 83 4.30 0.86 4.46
C ASP A 83 3.85 1.95 5.43
N LEU A 84 2.64 2.44 5.21
CA LEU A 84 2.06 3.49 6.02
C LEU A 84 1.91 3.02 7.47
N TYR A 85 1.65 1.73 7.65
CA TYR A 85 1.48 1.19 8.99
C TYR A 85 2.74 1.32 9.80
N SER A 86 3.89 1.09 9.17
CA SER A 86 5.16 1.20 9.84
C SER A 86 5.41 2.66 10.22
N ALA A 87 5.02 3.58 9.34
CA ALA A 87 5.20 4.99 9.61
C ALA A 87 4.30 5.38 10.79
N ALA A 88 3.07 4.85 10.82
CA ALA A 88 2.11 5.15 11.89
C ALA A 88 2.64 4.68 13.24
N ILE A 89 3.33 3.55 13.24
CA ILE A 89 3.90 3.01 14.46
C ILE A 89 4.80 4.03 15.14
N VAL A 90 5.55 4.80 14.35
CA VAL A 90 6.45 5.81 14.91
C VAL A 90 5.65 7.00 15.49
N TRP A 91 4.54 7.37 14.84
CA TRP A 91 3.70 8.45 15.34
C TRP A 91 3.11 8.01 16.68
N GLU A 92 2.60 6.78 16.69
CA GLU A 92 1.96 6.21 17.86
C GLU A 92 2.88 6.06 19.06
N GLU A 93 4.05 5.46 18.86
CA GLU A 93 4.97 5.26 19.95
C GLU A 93 5.45 6.60 20.53
N GLN A 94 5.57 7.64 19.70
CA GLN A 94 5.98 8.93 20.27
C GLN A 94 4.85 9.41 21.16
N ALA A 95 3.61 9.21 20.72
CA ALA A 95 2.46 9.61 21.51
C ALA A 95 2.44 8.80 22.81
N TYR A 96 2.75 7.51 22.72
CA TYR A 96 2.74 6.66 23.92
C TYR A 96 3.82 7.00 24.95
N SER A 97 4.85 7.73 24.52
CA SER A 97 5.94 8.13 25.42
C SER A 97 5.64 9.46 26.09
N ASN A 98 4.61 10.16 25.59
CA ASN A 98 4.19 11.45 26.12
C ASN A 98 5.24 12.53 25.96
N CYS A 99 6.07 12.39 24.92
CA CYS A 99 7.12 13.36 24.62
C CYS A 99 6.79 14.02 23.28
N SER A 100 6.23 15.22 23.35
CA SER A 100 5.86 15.96 22.15
C SER A 100 6.98 16.84 21.62
N GLY A 101 8.14 16.79 22.25
CA GLY A 101 9.23 17.64 21.78
C GLY A 101 9.75 17.38 20.38
N PRO A 102 10.22 16.17 20.09
CA PRO A 102 10.75 15.78 18.77
C PRO A 102 9.75 15.99 17.64
N GLY A 103 10.09 16.81 16.66
CA GLY A 103 9.19 17.07 15.54
C GLY A 103 9.31 16.08 14.39
N PHE A 104 9.53 14.81 14.73
CA PHE A 104 9.68 13.75 13.73
C PHE A 104 8.51 13.63 12.76
N SER A 105 7.29 13.62 13.28
CA SER A 105 6.08 13.48 12.46
C SER A 105 5.96 14.46 11.30
N ILE A 106 6.07 15.76 11.58
CA ILE A 106 5.94 16.77 10.53
C ILE A 106 7.04 16.59 9.49
N HIS A 107 8.25 16.28 9.96
CA HIS A 107 9.42 16.06 9.12
C HIS A 107 9.21 14.85 8.20
N SER A 108 8.94 13.70 8.79
CA SER A 108 8.76 12.47 8.02
C SER A 108 7.43 12.33 7.27
N GLY A 109 6.32 12.65 7.93
CA GLY A 109 5.03 12.49 7.32
C GLY A 109 4.51 13.63 6.46
N ILE A 110 5.13 14.79 6.55
CA ILE A 110 4.66 15.91 5.75
C ILE A 110 5.70 16.50 4.80
N VAL A 111 6.77 17.06 5.34
CA VAL A 111 7.81 17.66 4.51
C VAL A 111 8.51 16.69 3.55
N MET A 112 8.96 15.55 4.05
CA MET A 112 9.62 14.58 3.18
C MET A 112 8.64 14.10 2.11
N SER A 113 7.36 14.06 2.48
CA SER A 113 6.28 13.64 1.61
C SER A 113 6.09 14.61 0.44
N TYR A 114 5.96 15.90 0.74
CA TYR A 114 5.78 16.93 -0.29
C TYR A 114 6.94 16.88 -1.30
N ILE A 115 8.15 16.69 -0.79
CA ILE A 115 9.34 16.64 -1.60
C ILE A 115 9.38 15.42 -2.53
N THR A 116 9.15 14.23 -1.97
CA THR A 116 9.16 13.01 -2.77
C THR A 116 7.97 12.85 -3.71
N ASN A 117 6.84 13.44 -3.37
CA ASN A 117 5.66 13.31 -4.24
C ASN A 117 5.57 14.38 -5.34
N HIS A 118 6.12 15.56 -5.09
CA HIS A 118 6.02 16.63 -6.05
C HIS A 118 7.35 17.30 -6.42
N GLY A 119 8.45 16.80 -5.89
CA GLY A 119 9.75 17.39 -6.18
C GLY A 119 10.51 16.76 -7.34
N SER A 120 11.57 17.43 -7.77
CA SER A 120 12.41 16.95 -8.86
C SER A 120 13.45 15.94 -8.38
N GLU A 121 14.17 15.33 -9.33
CA GLU A 121 15.19 14.36 -8.97
C GLU A 121 16.30 15.02 -8.18
N GLU A 122 16.67 16.22 -8.62
CA GLU A 122 17.73 16.99 -7.95
C GLU A 122 17.34 17.31 -6.51
N GLN A 123 16.14 17.86 -6.33
CA GLN A 123 15.66 18.22 -4.99
C GLN A 123 15.61 17.00 -4.09
N ILE A 124 15.10 15.90 -4.64
CA ILE A 124 14.99 14.65 -3.90
C ILE A 124 16.37 14.11 -3.53
N LYS A 125 17.31 14.15 -4.47
CA LYS A 125 18.66 13.66 -4.22
C LYS A 125 19.38 14.54 -3.21
N HIS A 126 19.09 15.82 -3.25
CA HIS A 126 19.72 16.77 -2.33
C HIS A 126 19.16 16.71 -0.90
N PHE A 127 17.86 16.51 -0.76
CA PHE A 127 17.23 16.50 0.56
C PHE A 127 16.93 15.20 1.28
N ILE A 128 16.23 14.31 0.60
CA ILE A 128 15.80 13.05 1.20
C ILE A 128 16.82 12.22 1.97
N PRO A 129 18.01 11.97 1.40
CA PRO A 129 18.96 11.17 2.16
C PRO A 129 19.38 11.78 3.49
N GLN A 130 19.71 13.07 3.46
CA GLN A 130 20.12 13.74 4.69
C GLN A 130 18.94 13.95 5.63
N MET A 131 17.73 13.96 5.10
CA MET A 131 16.53 14.12 5.94
C MET A 131 16.27 12.78 6.62
N THR A 132 16.48 11.69 5.87
CA THR A 132 16.30 10.35 6.41
C THR A 132 17.35 10.09 7.48
N ALA A 133 18.50 10.76 7.33
CA ALA A 133 19.61 10.61 8.28
C ALA A 133 19.43 11.49 9.52
N GLY A 134 18.48 12.41 9.46
CA GLY A 134 18.23 13.29 10.58
C GLY A 134 19.23 14.42 10.68
N LYS A 135 19.94 14.70 9.59
CA LYS A 135 20.93 15.77 9.57
C LYS A 135 20.32 17.06 9.02
N CYS A 136 19.22 16.92 8.29
CA CYS A 136 18.52 18.05 7.69
C CYS A 136 17.06 18.04 8.20
N ILE A 137 16.78 18.88 9.19
CA ILE A 137 15.45 18.92 9.78
C ILE A 137 14.47 19.79 9.00
N GLY A 138 13.32 19.21 8.66
CA GLY A 138 12.34 19.93 7.87
C GLY A 138 11.15 20.53 8.62
N ALA A 139 10.61 21.60 8.06
CA ALA A 139 9.46 22.28 8.63
C ALA A 139 8.61 22.76 7.47
N ILE A 140 7.33 23.02 7.73
CA ILE A 140 6.43 23.50 6.68
C ILE A 140 5.81 24.80 7.19
N ALA A 141 5.79 25.82 6.34
CA ALA A 141 5.25 27.11 6.74
C ALA A 141 4.18 27.67 5.81
N MET A 142 2.93 27.60 6.26
CA MET A 142 1.80 28.12 5.51
C MET A 142 1.20 29.32 6.24
N THR A 143 0.92 29.13 7.53
CA THR A 143 0.30 30.14 8.40
C THR A 143 1.04 31.47 8.50
N GLU A 144 0.26 32.56 8.46
CA GLU A 144 0.80 33.91 8.57
C GLU A 144 0.05 34.66 9.68
N PRO A 145 0.63 35.76 10.20
CA PRO A 145 -0.02 36.52 11.27
C PRO A 145 -1.46 36.90 10.93
N GLY A 146 -1.70 37.27 9.68
CA GLY A 146 -3.01 37.68 9.24
C GLY A 146 -4.05 36.57 9.09
N ALA A 147 -3.62 35.38 8.70
CA ALA A 147 -4.57 34.29 8.53
C ALA A 147 -4.05 32.88 8.29
N GLY A 148 -4.71 31.93 8.93
CA GLY A 148 -4.35 30.52 8.80
C GLY A 148 -5.51 29.78 8.16
N SER A 149 -6.72 30.09 8.62
CA SER A 149 -7.92 29.42 8.15
C SER A 149 -8.38 30.07 6.84
N ASP A 150 -7.76 31.19 6.52
CA ASP A 150 -8.07 31.92 5.29
C ASP A 150 -6.89 31.81 4.34
N LEU A 151 -6.92 30.78 3.51
CA LEU A 151 -5.85 30.53 2.53
C LEU A 151 -5.72 31.68 1.54
N GLN A 152 -6.85 32.33 1.25
CA GLN A 152 -6.86 33.45 0.32
C GLN A 152 -6.17 34.68 0.91
N GLY A 153 -5.82 34.62 2.19
CA GLY A 153 -5.18 35.75 2.83
C GLY A 153 -3.66 35.68 2.95
N ILE A 154 -3.01 34.86 2.11
CA ILE A 154 -1.56 34.74 2.15
C ILE A 154 -0.93 35.98 1.54
N LYS A 155 0.05 36.56 2.24
CA LYS A 155 0.71 37.75 1.75
C LYS A 155 2.14 37.46 1.30
N THR A 156 2.75 36.43 1.86
CA THR A 156 4.10 36.07 1.47
C THR A 156 4.04 35.86 -0.04
N ASN A 157 5.01 36.42 -0.75
CA ASN A 157 5.03 36.35 -2.20
C ASN A 157 6.43 36.17 -2.76
N ALA A 158 6.50 35.67 -3.99
CA ALA A 158 7.77 35.47 -4.68
C ALA A 158 7.68 36.13 -6.04
N LYS A 159 8.63 37.01 -6.33
CA LYS A 159 8.67 37.72 -7.60
C LYS A 159 9.76 37.16 -8.49
N LYS A 160 9.41 36.87 -9.73
CA LYS A 160 10.37 36.32 -10.68
C LYS A 160 11.33 37.38 -11.16
N ASP A 161 12.63 37.17 -10.92
CA ASP A 161 13.66 38.10 -11.35
C ASP A 161 14.69 37.30 -12.14
N GLY A 162 14.52 37.26 -13.46
CA GLY A 162 15.43 36.50 -14.29
C GLY A 162 15.11 35.03 -14.10
N SER A 163 16.05 34.29 -13.53
CA SER A 163 15.84 32.87 -13.30
C SER A 163 15.70 32.58 -11.80
N ASP A 164 15.92 33.62 -10.99
CA ASP A 164 15.83 33.49 -9.55
C ASP A 164 14.47 33.97 -9.05
N TRP A 165 14.14 33.62 -7.81
CA TRP A 165 12.88 34.03 -7.19
C TRP A 165 13.15 34.95 -6.00
N ILE A 166 12.45 36.07 -5.93
CA ILE A 166 12.63 37.00 -4.81
C ILE A 166 11.45 36.82 -3.86
N LEU A 167 11.74 36.23 -2.70
CA LEU A 167 10.73 35.94 -1.68
C LEU A 167 10.67 36.94 -0.53
N ASN A 168 9.47 37.43 -0.24
CA ASN A 168 9.24 38.38 0.85
C ASN A 168 8.02 37.99 1.66
N GLY A 169 8.10 38.15 2.98
CA GLY A 169 6.99 37.82 3.85
C GLY A 169 7.39 37.23 5.19
N SER A 170 6.42 36.64 5.87
CA SER A 170 6.66 36.02 7.16
C SER A 170 5.59 34.98 7.45
N LYS A 171 5.89 34.06 8.37
CA LYS A 171 4.96 33.03 8.76
C LYS A 171 5.04 32.89 10.28
N VAL A 172 3.98 32.37 10.89
CA VAL A 172 3.96 32.22 12.34
C VAL A 172 3.55 30.80 12.74
N PHE A 173 3.90 30.41 13.96
CA PHE A 173 3.58 29.09 14.51
C PHE A 173 4.29 27.93 13.80
N ILE A 174 5.46 28.17 13.22
CA ILE A 174 6.14 27.11 12.50
C ILE A 174 6.84 26.08 13.40
N SER A 175 6.39 24.84 13.32
CA SER A 175 6.94 23.74 14.12
C SER A 175 8.32 23.38 13.55
N ASN A 176 9.23 23.00 14.45
CA ASN A 176 10.62 22.70 14.06
C ASN A 176 11.23 23.99 13.50
N GLY A 177 10.51 25.10 13.67
CA GLY A 177 10.97 26.38 13.17
C GLY A 177 12.36 26.83 13.58
N SER A 178 12.73 26.57 14.83
CA SER A 178 14.04 26.97 15.32
C SER A 178 15.21 26.16 14.74
N LEU A 179 15.12 24.84 14.81
CA LEU A 179 16.22 24.03 14.31
C LEU A 179 16.06 23.43 12.93
N SER A 180 15.09 23.94 12.17
CA SER A 180 14.87 23.43 10.83
C SER A 180 16.05 23.80 9.93
N ASP A 181 16.34 22.96 8.96
CA ASP A 181 17.42 23.19 8.02
C ASP A 181 16.83 23.48 6.64
N VAL A 182 15.59 23.04 6.44
CA VAL A 182 14.87 23.26 5.20
C VAL A 182 13.40 23.50 5.54
N VAL A 183 12.80 24.51 4.90
CA VAL A 183 11.40 24.82 5.16
C VAL A 183 10.63 25.00 3.87
N ILE A 184 9.49 24.33 3.77
CA ILE A 184 8.64 24.47 2.58
C ILE A 184 7.76 25.69 2.83
N VAL A 185 7.90 26.70 1.98
CA VAL A 185 7.15 27.95 2.12
C VAL A 185 6.08 28.14 1.07
N VAL A 186 4.88 28.45 1.53
CA VAL A 186 3.76 28.70 0.62
C VAL A 186 3.69 30.20 0.36
N ALA A 187 3.74 30.57 -0.92
CA ALA A 187 3.74 31.98 -1.29
C ALA A 187 2.93 32.24 -2.56
N VAL A 188 2.43 33.47 -2.68
CA VAL A 188 1.66 33.85 -3.85
C VAL A 188 2.61 34.21 -4.99
N THR A 189 2.37 33.63 -6.16
CA THR A 189 3.20 33.90 -7.33
C THR A 189 2.40 34.51 -8.47
N ASN A 190 1.11 34.70 -8.25
CA ASN A 190 0.23 35.28 -9.27
C ASN A 190 -0.92 36.01 -8.60
N HIS A 191 -0.74 37.31 -8.35
CA HIS A 191 -1.79 38.11 -7.72
C HIS A 191 -2.92 38.38 -8.70
N GLU A 192 -2.59 38.38 -9.99
CA GLU A 192 -3.57 38.63 -11.04
C GLU A 192 -4.45 37.42 -11.33
N ALA A 193 -4.19 36.31 -10.63
CA ALA A 193 -4.97 35.09 -10.83
C ALA A 193 -6.41 35.31 -10.37
N PRO A 194 -7.37 34.65 -11.03
CA PRO A 194 -8.79 34.79 -10.66
C PRO A 194 -9.04 34.43 -9.19
N SER A 195 -8.52 33.29 -8.78
CA SER A 195 -8.65 32.82 -7.41
C SER A 195 -7.26 32.52 -6.87
N PRO A 196 -6.91 33.11 -5.72
CA PRO A 196 -5.59 32.89 -5.12
C PRO A 196 -5.24 31.39 -5.10
N ALA A 197 -6.28 30.56 -5.10
CA ALA A 197 -6.11 29.11 -5.09
C ALA A 197 -5.34 28.66 -6.34
N HIS A 198 -5.28 29.52 -7.36
CA HIS A 198 -4.58 29.21 -8.59
C HIS A 198 -3.39 30.13 -8.81
N GLY A 199 -2.89 30.72 -7.73
CA GLY A 199 -1.74 31.61 -7.86
C GLY A 199 -0.76 31.48 -6.73
N ILE A 200 -0.59 30.25 -6.23
CA ILE A 200 0.33 29.99 -5.13
C ILE A 200 1.37 28.95 -5.51
N SER A 201 2.57 29.09 -4.95
CA SER A 201 3.66 28.16 -5.21
C SER A 201 4.40 27.80 -3.93
N LEU A 202 5.07 26.65 -3.97
CA LEU A 202 5.84 26.17 -2.83
C LEU A 202 7.32 26.39 -3.12
N PHE A 203 8.06 26.83 -2.10
CA PHE A 203 9.48 27.07 -2.26
C PHE A 203 10.26 26.41 -1.13
N LEU A 204 11.39 25.81 -1.47
CA LEU A 204 12.23 25.15 -0.48
C LEU A 204 13.31 26.13 -0.01
N VAL A 205 13.09 26.71 1.16
CA VAL A 205 14.04 27.65 1.74
C VAL A 205 14.94 26.91 2.71
N GLU A 206 16.23 27.21 2.64
CA GLU A 206 17.18 26.52 3.50
C GLU A 206 17.84 27.46 4.51
N ASN A 207 18.21 26.88 5.65
CA ASN A 207 18.86 27.65 6.71
C ASN A 207 20.24 28.06 6.21
N GLY A 208 20.52 29.35 6.24
CA GLY A 208 21.80 29.83 5.78
C GLY A 208 21.67 30.82 4.64
N MET A 209 20.52 30.81 3.97
CA MET A 209 20.28 31.73 2.86
C MET A 209 20.18 33.15 3.42
N LYS A 210 20.55 34.13 2.62
CA LYS A 210 20.49 35.53 3.04
C LYS A 210 19.05 35.99 2.95
N GLY A 211 18.59 36.72 3.97
CA GLY A 211 17.22 37.20 3.97
C GLY A 211 16.26 36.30 4.71
N PHE A 212 16.74 35.13 5.12
CA PHE A 212 15.93 34.17 5.86
C PHE A 212 16.28 34.33 7.34
N ILE A 213 15.32 34.85 8.10
CA ILE A 213 15.53 35.09 9.53
C ILE A 213 14.60 34.28 10.43
N LYS A 214 15.19 33.58 11.40
CA LYS A 214 14.41 32.79 12.35
C LYS A 214 14.13 33.65 13.58
N GLY A 215 12.85 33.81 13.94
CA GLY A 215 12.50 34.59 15.11
C GLY A 215 12.75 33.75 16.36
N ARG A 216 12.62 34.34 17.55
CA ARG A 216 12.82 33.57 18.78
C ARG A 216 11.70 32.57 19.03
N LYS A 217 12.00 31.53 19.79
CA LYS A 217 11.03 30.50 20.11
C LYS A 217 9.84 31.15 20.81
N LEU A 218 8.63 30.76 20.41
CA LEU A 218 7.42 31.30 21.01
C LEU A 218 7.14 30.63 22.34
N HIS A 219 6.60 31.39 23.29
CA HIS A 219 6.25 30.85 24.60
C HIS A 219 4.82 30.36 24.45
N LYS A 220 4.59 29.07 24.73
CA LYS A 220 3.27 28.49 24.56
C LYS A 220 2.77 27.83 25.84
N MET A 221 1.48 27.50 25.89
CA MET A 221 0.95 26.86 27.11
C MET A 221 1.42 25.43 27.25
N GLY A 222 1.79 24.80 26.13
CA GLY A 222 2.24 23.42 26.13
C GLY A 222 3.27 23.15 25.04
N LEU A 223 3.57 21.89 24.76
CA LEU A 223 4.58 21.56 23.76
C LEU A 223 5.84 22.37 24.04
N LYS A 224 6.21 22.40 25.32
CA LYS A 224 7.38 23.13 25.79
C LYS A 224 8.68 22.77 25.07
N ALA A 225 8.81 21.51 24.67
CA ALA A 225 10.03 21.07 23.99
C ALA A 225 9.97 21.17 22.46
N GLN A 226 8.82 21.55 21.92
CA GLN A 226 8.67 21.68 20.48
C GLN A 226 9.01 23.10 20.10
N ASP A 227 10.12 23.27 19.39
CA ASP A 227 10.55 24.60 18.98
C ASP A 227 9.61 25.14 17.93
N THR A 228 8.85 26.16 18.29
CA THR A 228 7.89 26.80 17.40
C THR A 228 8.34 28.24 17.27
N ALA A 229 8.30 28.79 16.07
CA ALA A 229 8.75 30.16 15.90
C ALA A 229 8.23 30.83 14.64
N GLU A 230 8.44 32.14 14.58
CA GLU A 230 8.04 32.92 13.42
C GLU A 230 9.24 32.91 12.48
N LEU A 231 8.96 33.01 11.19
CA LEU A 231 10.02 33.04 10.19
C LEU A 231 9.82 34.29 9.37
N PHE A 232 10.92 34.89 8.94
CA PHE A 232 10.88 36.10 8.14
C PHE A 232 11.72 35.94 6.88
N PHE A 233 11.17 36.42 5.75
CA PHE A 233 11.86 36.34 4.48
C PHE A 233 12.03 37.76 3.98
N GLU A 234 13.28 38.22 3.88
CA GLU A 234 13.54 39.57 3.43
C GLU A 234 14.29 39.55 2.11
N ASP A 235 13.55 39.74 1.02
CA ASP A 235 14.12 39.75 -0.32
C ASP A 235 15.15 38.64 -0.50
N ILE A 236 14.72 37.39 -0.27
CA ILE A 236 15.59 36.24 -0.41
C ILE A 236 15.73 35.89 -1.89
N ARG A 237 16.95 35.94 -2.41
CA ARG A 237 17.17 35.59 -3.81
C ARG A 237 17.28 34.07 -3.87
N LEU A 238 16.21 33.43 -4.32
CA LEU A 238 16.17 31.98 -4.42
C LEU A 238 16.51 31.48 -5.82
N PRO A 239 17.37 30.47 -5.91
CA PRO A 239 17.74 29.94 -7.22
C PRO A 239 16.47 29.34 -7.82
N ALA A 240 16.48 29.10 -9.12
CA ALA A 240 15.32 28.51 -9.78
C ALA A 240 15.02 27.13 -9.20
N SER A 241 16.01 26.50 -8.59
CA SER A 241 15.83 25.16 -8.01
C SER A 241 15.13 25.23 -6.63
N ALA A 242 14.67 26.42 -6.26
CA ALA A 242 13.99 26.59 -4.97
C ALA A 242 12.50 26.32 -5.14
N LEU A 243 12.03 26.36 -6.38
CA LEU A 243 10.62 26.12 -6.67
C LEU A 243 10.33 24.62 -6.56
N LEU A 244 9.30 24.28 -5.79
CA LEU A 244 8.89 22.89 -5.61
C LEU A 244 7.65 22.64 -6.45
N GLY A 245 7.78 21.78 -7.45
CA GLY A 245 6.64 21.50 -8.31
C GLY A 245 6.45 22.63 -9.30
N GLU A 246 5.32 22.65 -9.98
CA GLU A 246 5.03 23.69 -10.96
C GLU A 246 4.62 25.01 -10.33
N GLU A 247 4.87 26.10 -11.06
CA GLU A 247 4.52 27.44 -10.60
C GLU A 247 3.01 27.60 -10.62
N ASN A 248 2.47 28.17 -9.55
CA ASN A 248 1.04 28.42 -9.41
C ASN A 248 0.15 27.20 -9.14
N LYS A 249 0.76 26.03 -8.94
CA LYS A 249 -0.03 24.83 -8.65
C LYS A 249 0.15 24.40 -7.20
N GLY A 250 0.75 25.27 -6.39
CA GLY A 250 0.98 24.97 -4.99
C GLY A 250 -0.27 24.58 -4.23
N PHE A 251 -1.40 25.18 -4.57
CA PHE A 251 -2.64 24.86 -3.87
C PHE A 251 -3.02 23.41 -4.17
N TYR A 252 -2.83 23.00 -5.42
CA TYR A 252 -3.13 21.64 -5.85
C TYR A 252 -2.35 20.64 -4.99
N TYR A 253 -1.04 20.88 -4.85
CA TYR A 253 -0.18 20.01 -4.07
C TYR A 253 -0.57 19.97 -2.59
N ILE A 254 -0.93 21.11 -2.04
CA ILE A 254 -1.33 21.18 -0.63
C ILE A 254 -2.57 20.32 -0.44
N MET A 255 -3.55 20.51 -1.31
CA MET A 255 -4.79 19.74 -1.23
C MET A 255 -4.56 18.24 -1.28
N LYS A 256 -3.51 17.81 -1.96
CA LYS A 256 -3.23 16.39 -2.07
C LYS A 256 -2.59 15.79 -0.83
N GLU A 257 -1.84 16.62 -0.09
CA GLU A 257 -1.16 16.16 1.12
C GLU A 257 -2.01 16.28 2.39
N LEU A 258 -2.99 17.18 2.38
CA LEU A 258 -3.86 17.42 3.53
C LEU A 258 -4.45 16.17 4.18
N PRO A 259 -4.97 15.23 3.37
CA PRO A 259 -5.55 14.01 3.93
C PRO A 259 -4.56 13.27 4.84
N GLN A 260 -3.29 13.18 4.41
CA GLN A 260 -2.29 12.49 5.22
C GLN A 260 -1.98 13.29 6.49
N GLN A 261 -2.02 14.62 6.39
CA GLN A 261 -1.74 15.47 7.54
C GLN A 261 -2.83 15.34 8.62
N ARG A 262 -4.08 15.28 8.18
CA ARG A 262 -5.21 15.15 9.09
C ARG A 262 -5.19 13.79 9.76
N LEU A 263 -4.90 12.75 8.97
CA LEU A 263 -4.84 11.37 9.49
C LEU A 263 -3.72 11.25 10.51
N LEU A 264 -2.61 11.93 10.25
CA LEU A 264 -1.48 11.91 11.15
C LEU A 264 -1.92 12.47 12.52
N ILE A 265 -2.56 13.64 12.49
CA ILE A 265 -3.03 14.29 13.70
C ILE A 265 -4.06 13.42 14.42
N ALA A 266 -4.92 12.77 13.65
CA ALA A 266 -5.94 11.91 14.23
C ALA A 266 -5.33 10.73 15.00
N ASP A 267 -4.34 10.07 14.41
CA ASP A 267 -3.71 8.94 15.07
C ASP A 267 -2.88 9.38 16.28
N VAL A 268 -2.24 10.54 16.18
CA VAL A 268 -1.47 11.01 17.31
C VAL A 268 -2.45 11.29 18.47
N ALA A 269 -3.59 11.88 18.13
CA ALA A 269 -4.61 12.20 19.14
C ALA A 269 -5.20 10.97 19.84
N ILE A 270 -5.63 9.97 19.07
CA ILE A 270 -6.22 8.78 19.66
C ILE A 270 -5.17 8.01 20.46
N SER A 271 -3.94 8.03 19.96
CA SER A 271 -2.83 7.32 20.62
C SER A 271 -2.50 8.01 21.94
N ALA A 272 -2.57 9.34 21.94
CA ALA A 272 -2.29 10.11 23.15
C ALA A 272 -3.38 9.77 24.16
N SER A 273 -4.60 9.61 23.68
CA SER A 273 -5.74 9.27 24.53
C SER A 273 -5.52 7.91 25.18
N GLU A 274 -5.06 6.95 24.41
CA GLU A 274 -4.79 5.60 24.93
C GLU A 274 -3.70 5.66 26.01
N PHE A 275 -2.70 6.51 25.80
CA PHE A 275 -1.64 6.66 26.79
C PHE A 275 -2.23 7.20 28.11
N MET A 276 -3.00 8.28 27.99
CA MET A 276 -3.61 8.91 29.16
C MET A 276 -4.52 7.96 29.92
N PHE A 277 -5.29 7.16 29.19
CA PHE A 277 -6.17 6.22 29.83
C PHE A 277 -5.42 5.20 30.68
N GLU A 278 -4.40 4.59 30.11
CA GLU A 278 -3.62 3.60 30.85
C GLU A 278 -2.86 4.24 32.01
N GLU A 279 -2.35 5.43 31.80
CA GLU A 279 -1.62 6.14 32.85
C GLU A 279 -2.58 6.39 34.03
N THR A 280 -3.79 6.85 33.72
CA THR A 280 -4.79 7.14 34.75
C THR A 280 -5.36 5.88 35.39
N ARG A 281 -5.54 4.86 34.57
CA ARG A 281 -6.05 3.58 35.06
C ARG A 281 -5.09 3.10 36.16
N ASN A 282 -3.81 3.19 35.87
CA ASN A 282 -2.76 2.76 36.81
C ASN A 282 -2.78 3.61 38.08
N TYR A 283 -2.87 4.92 37.92
CA TYR A 283 -2.89 5.81 39.08
C TYR A 283 -4.02 5.51 40.06
N VAL A 284 -5.26 5.38 39.58
CA VAL A 284 -6.37 5.14 40.49
C VAL A 284 -6.36 3.77 41.16
N LYS A 285 -5.77 2.77 40.50
CA LYS A 285 -5.71 1.45 41.08
C LYS A 285 -4.63 1.43 42.18
N GLN A 286 -3.78 2.45 42.18
CA GLN A 286 -2.70 2.55 43.16
C GLN A 286 -2.96 3.58 44.27
N ARG A 287 -3.86 4.53 44.00
CA ARG A 287 -4.17 5.59 44.95
C ARG A 287 -5.14 5.14 46.05
N LYS A 288 -4.60 4.94 47.25
CA LYS A 288 -5.39 4.50 48.40
C LYS A 288 -6.35 5.60 48.83
N ALA A 289 -7.56 5.20 49.19
CA ALA A 289 -8.58 6.12 49.64
C ALA A 289 -9.68 5.38 50.37
N PHE A 290 -10.15 5.96 51.47
CA PHE A 290 -11.23 5.39 52.27
C PHE A 290 -11.10 3.90 52.60
N GLY A 291 -9.87 3.47 52.89
CA GLY A 291 -9.59 2.06 53.23
C GLY A 291 -9.42 1.20 51.99
N LYS A 292 -9.75 1.74 50.82
CA LYS A 292 -9.62 1.00 49.54
C LYS A 292 -8.89 1.87 48.55
N THR A 293 -9.01 1.54 47.26
CA THR A 293 -8.35 2.28 46.13
C THR A 293 -9.39 3.16 45.42
N VAL A 294 -8.96 4.28 44.86
CA VAL A 294 -9.89 5.18 44.22
C VAL A 294 -10.65 4.35 43.18
N ALA A 295 -9.96 3.38 42.58
CA ALA A 295 -10.57 2.52 41.57
C ALA A 295 -11.73 1.67 42.08
N HIS A 296 -11.91 1.58 43.39
CA HIS A 296 -13.02 0.79 43.94
C HIS A 296 -14.32 1.58 43.97
N LEU A 297 -14.23 2.89 43.76
CA LEU A 297 -15.39 3.76 43.75
C LEU A 297 -16.16 3.53 42.45
N GLN A 298 -17.47 3.38 42.56
CA GLN A 298 -18.29 3.13 41.37
C GLN A 298 -18.30 4.28 40.37
N THR A 299 -18.26 5.52 40.86
CA THR A 299 -18.24 6.67 39.96
C THR A 299 -16.98 6.65 39.12
N VAL A 300 -15.87 6.25 39.73
CA VAL A 300 -14.60 6.15 39.02
C VAL A 300 -14.66 5.01 37.99
N GLN A 301 -15.24 3.88 38.38
CA GLN A 301 -15.35 2.76 37.46
C GLN A 301 -16.17 3.14 36.21
N HIS A 302 -17.30 3.82 36.42
CA HIS A 302 -18.13 4.21 35.30
C HIS A 302 -17.45 5.26 34.43
N LYS A 303 -16.69 6.15 35.05
CA LYS A 303 -15.98 7.18 34.30
C LYS A 303 -14.92 6.53 33.39
N LEU A 304 -14.19 5.56 33.92
CA LEU A 304 -13.18 4.87 33.14
C LEU A 304 -13.83 4.07 32.01
N ALA A 305 -15.01 3.52 32.28
CA ALA A 305 -15.73 2.75 31.27
C ALA A 305 -16.10 3.67 30.11
N GLU A 306 -16.65 4.84 30.44
CA GLU A 306 -17.04 5.83 29.42
C GLU A 306 -15.83 6.21 28.59
N LEU A 307 -14.73 6.55 29.25
CA LEU A 307 -13.50 6.92 28.57
C LEU A 307 -13.01 5.79 27.69
N LYS A 308 -12.85 4.60 28.27
CA LYS A 308 -12.38 3.46 27.47
C LYS A 308 -13.30 3.20 26.27
N THR A 309 -14.61 3.28 26.46
CA THR A 309 -15.51 3.02 25.36
C THR A 309 -15.31 4.00 24.23
N HIS A 310 -15.32 5.29 24.55
CA HIS A 310 -15.16 6.32 23.51
C HIS A 310 -13.79 6.24 22.81
N ILE A 311 -12.75 5.92 23.56
CA ILE A 311 -11.41 5.77 23.00
C ILE A 311 -11.35 4.58 22.04
N CYS A 312 -11.90 3.44 22.46
CA CYS A 312 -11.88 2.26 21.61
C CYS A 312 -12.71 2.46 20.33
N VAL A 313 -13.83 3.16 20.45
CA VAL A 313 -14.72 3.43 19.30
C VAL A 313 -14.00 4.30 18.27
N THR A 314 -13.27 5.30 18.73
CA THR A 314 -12.54 6.21 17.86
C THR A 314 -11.33 5.50 17.26
N ARG A 315 -10.70 4.64 18.06
CA ARG A 315 -9.55 3.85 17.60
C ARG A 315 -9.99 3.03 16.39
N ALA A 316 -11.18 2.46 16.46
CA ALA A 316 -11.71 1.64 15.38
C ALA A 316 -11.82 2.45 14.09
N PHE A 317 -12.32 3.68 14.20
CA PHE A 317 -12.48 4.53 13.01
C PHE A 317 -11.12 4.97 12.48
N VAL A 318 -10.20 5.32 13.38
CA VAL A 318 -8.87 5.73 12.94
C VAL A 318 -8.14 4.58 12.23
N ASP A 319 -8.24 3.37 12.76
CA ASP A 319 -7.55 2.23 12.13
C ASP A 319 -8.15 1.97 10.74
N ASN A 320 -9.46 2.18 10.63
CA ASN A 320 -10.15 2.02 9.35
C ASN A 320 -9.60 3.07 8.37
N CYS A 321 -9.28 4.26 8.89
CA CYS A 321 -8.75 5.33 8.07
C CYS A 321 -7.32 5.05 7.62
N LEU A 322 -6.53 4.41 8.49
CA LEU A 322 -5.15 4.05 8.16
C LEU A 322 -5.20 3.04 7.02
N GLN A 323 -6.08 2.05 7.15
CA GLN A 323 -6.23 1.01 6.13
C GLN A 323 -6.62 1.62 4.78
N LEU A 324 -7.54 2.57 4.80
CA LEU A 324 -7.98 3.22 3.57
C LEU A 324 -6.84 4.02 2.95
N HIS A 325 -6.08 4.72 3.78
CA HIS A 325 -4.96 5.53 3.29
C HIS A 325 -3.85 4.66 2.73
N GLU A 326 -3.58 3.53 3.38
CA GLU A 326 -2.55 2.60 2.91
C GLU A 326 -2.91 2.15 1.50
N ALA A 327 -4.22 2.11 1.21
CA ALA A 327 -4.71 1.71 -0.09
C ALA A 327 -4.87 2.89 -1.02
N LYS A 328 -4.52 4.08 -0.55
CA LYS A 328 -4.66 5.30 -1.34
C LYS A 328 -6.15 5.60 -1.57
N ARG A 329 -7.00 5.17 -0.64
CA ARG A 329 -8.44 5.38 -0.76
C ARG A 329 -9.05 6.25 0.36
N LEU A 330 -8.24 7.10 0.97
CA LEU A 330 -8.73 7.97 2.04
C LEU A 330 -8.96 9.35 1.46
N ASP A 331 -10.21 9.81 1.40
CA ASP A 331 -10.47 11.14 0.86
C ASP A 331 -10.42 12.20 1.97
N SER A 332 -10.36 13.45 1.56
CA SER A 332 -10.27 14.57 2.49
C SER A 332 -11.34 14.62 3.59
N ALA A 333 -12.59 14.40 3.23
CA ALA A 333 -13.69 14.45 4.20
C ALA A 333 -13.56 13.43 5.31
N THR A 334 -13.13 12.22 4.98
CA THR A 334 -12.97 11.17 5.97
C THR A 334 -11.77 11.52 6.85
N ALA A 335 -10.74 12.11 6.24
CA ALA A 335 -9.56 12.52 6.98
C ALA A 335 -9.94 13.60 7.99
N CYS A 336 -10.78 14.54 7.58
CA CYS A 336 -11.22 15.60 8.47
C CYS A 336 -12.05 15.09 9.64
N MET A 337 -12.83 14.04 9.42
CA MET A 337 -13.67 13.45 10.47
C MET A 337 -12.77 12.85 11.55
N ALA A 338 -11.71 12.17 11.12
CA ALA A 338 -10.79 11.55 12.06
C ALA A 338 -10.02 12.60 12.82
N LYS A 339 -9.57 13.63 12.11
CA LYS A 339 -8.80 14.70 12.75
C LYS A 339 -9.62 15.41 13.80
N TYR A 340 -10.82 15.81 13.41
CA TYR A 340 -11.72 16.51 14.30
C TYR A 340 -12.16 15.68 15.50
N TRP A 341 -12.76 14.52 15.23
CA TRP A 341 -13.27 13.69 16.32
C TRP A 341 -12.22 13.24 17.32
N ALA A 342 -11.06 12.81 16.81
CA ALA A 342 -9.98 12.34 17.67
C ALA A 342 -9.34 13.47 18.50
N SER A 343 -9.14 14.64 17.89
CA SER A 343 -8.53 15.72 18.64
C SER A 343 -9.46 16.26 19.71
N GLU A 344 -10.78 16.16 19.50
CA GLU A 344 -11.74 16.64 20.50
C GLU A 344 -11.75 15.63 21.66
N LEU A 345 -11.79 14.35 21.32
CA LEU A 345 -11.80 13.29 22.33
C LEU A 345 -10.54 13.40 23.20
N GLN A 346 -9.41 13.65 22.56
CA GLN A 346 -8.14 13.78 23.25
C GLN A 346 -8.20 14.81 24.39
N ASN A 347 -8.87 15.93 24.15
CA ASN A 347 -8.95 16.95 25.18
C ASN A 347 -9.97 16.57 26.25
N SER A 348 -11.06 15.93 25.82
CA SER A 348 -12.10 15.47 26.74
C SER A 348 -11.48 14.43 27.68
N VAL A 349 -10.70 13.51 27.10
CA VAL A 349 -10.02 12.49 27.88
C VAL A 349 -9.03 13.12 28.86
N ALA A 350 -8.21 14.03 28.35
CA ALA A 350 -7.21 14.69 29.20
C ALA A 350 -7.86 15.38 30.40
N TYR A 351 -8.96 16.09 30.16
CA TYR A 351 -9.63 16.76 31.25
C TYR A 351 -10.07 15.78 32.35
N ASP A 352 -10.75 14.71 31.96
CA ASP A 352 -11.23 13.74 32.94
C ASP A 352 -10.10 12.99 33.64
N CYS A 353 -8.99 12.83 32.94
CA CYS A 353 -7.83 12.13 33.50
C CYS A 353 -7.09 13.03 34.48
N VAL A 354 -7.08 14.32 34.23
CA VAL A 354 -6.44 15.23 35.17
C VAL A 354 -7.31 15.18 36.43
N GLN A 355 -8.62 15.24 36.25
CA GLN A 355 -9.53 15.23 37.40
C GLN A 355 -9.29 14.01 38.28
N LEU A 356 -9.14 12.84 37.66
CA LEU A 356 -8.91 11.61 38.42
C LEU A 356 -7.60 11.56 39.19
N HIS A 357 -6.65 12.43 38.84
CA HIS A 357 -5.37 12.50 39.54
C HIS A 357 -5.47 13.50 40.70
N GLY A 358 -6.59 14.22 40.76
CA GLY A 358 -6.75 15.21 41.81
C GLY A 358 -5.67 16.27 41.69
N GLY A 359 -5.16 16.73 42.84
CA GLY A 359 -4.15 17.76 42.87
C GLY A 359 -2.87 17.44 42.09
N TRP A 360 -2.46 16.18 42.16
CA TRP A 360 -1.28 15.73 41.46
C TRP A 360 -1.39 15.87 39.94
N GLY A 361 -2.63 15.95 39.45
CA GLY A 361 -2.84 16.10 38.01
C GLY A 361 -2.48 17.51 37.53
N TYR A 362 -2.27 18.43 38.46
CA TYR A 362 -1.91 19.80 38.10
C TYR A 362 -0.39 20.01 38.22
N MET A 363 0.32 19.00 38.72
CA MET A 363 1.78 19.07 38.90
C MET A 363 2.52 18.61 37.64
N TRP A 364 3.48 19.42 37.20
CA TRP A 364 4.25 19.09 36.00
C TRP A 364 5.02 17.79 36.18
N GLU A 365 5.21 17.43 37.44
CA GLU A 365 5.90 16.21 37.83
C GLU A 365 5.16 15.01 37.24
N TYR A 366 3.83 15.06 37.23
CA TYR A 366 3.02 13.97 36.69
C TYR A 366 2.78 14.14 35.19
N PRO A 367 2.95 13.06 34.42
CA PRO A 367 2.75 13.11 32.96
C PRO A 367 1.41 13.63 32.47
N ILE A 368 0.32 13.36 33.19
CA ILE A 368 -0.99 13.82 32.75
C ILE A 368 -1.07 15.35 32.63
N ALA A 369 -0.25 16.06 33.41
CA ALA A 369 -0.26 17.52 33.36
C ALA A 369 0.24 18.06 32.02
N LYS A 370 1.33 17.50 31.51
CA LYS A 370 1.83 17.96 30.24
C LYS A 370 0.98 17.41 29.10
N ALA A 371 0.31 16.28 29.36
CA ALA A 371 -0.56 15.68 28.36
C ALA A 371 -1.76 16.62 28.16
N TYR A 372 -2.25 17.17 29.27
CA TYR A 372 -3.39 18.11 29.20
C TYR A 372 -3.09 19.33 28.35
N VAL A 373 -1.98 20.02 28.61
CA VAL A 373 -1.64 21.21 27.82
C VAL A 373 -1.18 20.86 26.40
N ASP A 374 -0.55 19.70 26.23
CA ASP A 374 -0.11 19.29 24.89
C ASP A 374 -1.33 18.98 24.01
N ALA A 375 -2.35 18.36 24.61
CA ALA A 375 -3.55 18.00 23.88
C ALA A 375 -4.30 19.20 23.31
N ARG A 376 -4.22 20.34 23.98
CA ARG A 376 -4.97 21.51 23.53
C ARG A 376 -4.64 22.10 22.17
N VAL A 377 -3.46 21.82 21.65
CA VAL A 377 -3.10 22.35 20.32
C VAL A 377 -3.77 21.60 19.15
N GLN A 378 -4.01 20.32 19.33
CA GLN A 378 -4.58 19.48 18.26
C GLN A 378 -5.87 19.95 17.59
N PRO A 379 -6.85 20.45 18.36
CA PRO A 379 -8.08 20.92 17.72
C PRO A 379 -7.81 22.19 16.93
N ILE A 380 -6.63 22.78 17.13
CA ILE A 380 -6.28 24.02 16.46
C ILE A 380 -5.42 23.90 15.19
N TYR A 381 -4.29 23.20 15.27
CA TYR A 381 -3.47 23.13 14.08
C TYR A 381 -3.90 22.07 13.06
N GLY A 382 -3.29 22.13 11.88
CA GLY A 382 -3.60 21.19 10.82
C GLY A 382 -4.99 21.46 10.29
N GLY A 383 -5.49 22.65 10.56
CA GLY A 383 -6.83 23.02 10.13
C GLY A 383 -7.71 22.90 11.37
N THR A 384 -8.29 24.02 11.81
CA THR A 384 -9.12 24.03 13.01
C THR A 384 -10.30 23.09 12.85
N ASN A 385 -10.80 22.56 13.98
CA ASN A 385 -11.93 21.66 13.90
C ASN A 385 -13.14 22.34 13.27
N GLU A 386 -13.17 23.66 13.35
CA GLU A 386 -14.26 24.42 12.74
C GLU A 386 -14.14 24.28 11.22
N ILE A 387 -12.90 24.33 10.73
CA ILE A 387 -12.66 24.16 9.30
C ILE A 387 -12.94 22.73 8.90
N MET A 388 -12.69 21.77 9.80
CA MET A 388 -12.94 20.37 9.50
C MET A 388 -14.44 20.18 9.25
N LYS A 389 -15.27 20.77 10.09
CA LYS A 389 -16.71 20.66 9.95
C LYS A 389 -17.21 21.28 8.64
N GLU A 390 -16.67 22.44 8.29
CA GLU A 390 -17.08 23.09 7.06
C GLU A 390 -16.81 22.16 5.88
N LEU A 391 -15.63 21.55 5.88
CA LEU A 391 -15.24 20.64 4.81
C LEU A 391 -16.10 19.38 4.77
N ILE A 392 -16.39 18.83 5.95
CA ILE A 392 -17.23 17.65 6.06
C ILE A 392 -18.66 18.00 5.61
N ALA A 393 -19.12 19.19 5.95
CA ALA A 393 -20.48 19.63 5.58
C ALA A 393 -20.64 19.84 4.07
N ARG A 394 -19.55 20.16 3.39
CA ARG A 394 -19.59 20.41 1.96
C ARG A 394 -20.29 19.30 1.17
N GLU A 395 -19.93 18.05 1.44
CA GLU A 395 -20.55 16.94 0.72
C GLU A 395 -21.95 16.62 1.22
N ILE A 396 -22.28 17.08 2.43
CA ILE A 396 -23.60 16.82 2.99
C ILE A 396 -24.68 17.67 2.30
N VAL A 397 -24.38 18.95 2.10
CA VAL A 397 -25.34 19.86 1.51
C VAL A 397 -25.14 20.22 0.04
N PHE A 398 -23.94 20.02 -0.50
CA PHE A 398 -23.68 20.35 -1.90
C PHE A 398 -23.27 19.13 -2.73
N GLU B 4 -32.81 49.96 39.85
CA GLU B 4 -32.13 51.10 39.18
C GLU B 4 -30.77 50.64 38.63
N ARG B 5 -30.54 49.34 38.68
CA ARG B 5 -29.31 48.74 38.20
C ARG B 5 -29.64 47.61 37.23
N LEU B 6 -28.78 47.41 36.24
CA LEU B 6 -28.98 46.35 35.26
C LEU B 6 -28.28 45.06 35.69
N GLU B 7 -28.77 43.94 35.19
CA GLU B 7 -28.13 42.65 35.48
C GLU B 7 -27.14 42.40 34.34
N THR B 8 -26.14 41.55 34.58
CA THR B 8 -25.14 41.32 33.56
C THR B 8 -25.67 41.07 32.14
N PRO B 9 -26.78 40.32 32.00
CA PRO B 9 -27.30 40.07 30.65
C PRO B 9 -27.57 41.34 29.83
N SER B 10 -27.97 42.40 30.51
CA SER B 10 -28.29 43.67 29.86
C SER B 10 -27.15 44.70 29.78
N ALA B 11 -26.12 44.55 30.61
CA ALA B 11 -25.01 45.50 30.61
C ALA B 11 -24.26 45.54 29.28
N LYS B 12 -23.47 46.58 29.05
CA LYS B 12 -22.69 46.71 27.83
C LYS B 12 -21.63 45.60 27.81
N LYS B 13 -21.10 45.28 28.98
CA LYS B 13 -20.11 44.23 29.16
C LYS B 13 -20.39 43.59 30.50
N LEU B 14 -20.20 42.29 30.60
CA LEU B 14 -20.45 41.55 31.82
C LEU B 14 -19.63 42.10 32.99
N THR B 15 -18.51 42.76 32.66
CA THR B 15 -17.60 43.30 33.67
C THR B 15 -17.81 44.77 34.04
N ASP B 16 -18.83 45.41 33.47
CA ASP B 16 -19.08 46.81 33.76
C ASP B 16 -19.34 47.14 35.22
N ILE B 17 -18.91 48.34 35.62
CA ILE B 17 -19.10 48.82 36.98
C ILE B 17 -20.48 49.48 37.06
N GLY B 18 -21.16 49.27 38.18
CA GLY B 18 -22.48 49.85 38.36
C GLY B 18 -23.64 48.93 38.01
N ILE B 19 -23.37 47.63 37.91
CA ILE B 19 -24.42 46.66 37.57
C ILE B 19 -24.59 45.62 38.69
N ARG B 20 -25.61 44.77 38.56
CA ARG B 20 -25.91 43.74 39.55
C ARG B 20 -26.54 44.38 40.79
N ARG B 21 -27.77 43.95 41.09
CA ARG B 21 -28.57 44.46 42.21
C ARG B 21 -28.00 44.38 43.62
N ILE B 22 -27.04 43.50 43.88
CA ILE B 22 -26.49 43.39 45.24
C ILE B 22 -25.50 44.48 45.62
N PHE B 23 -25.07 45.28 44.66
CA PHE B 23 -24.12 46.34 44.94
C PHE B 23 -24.77 47.72 45.00
N SER B 24 -24.14 48.63 45.74
CA SER B 24 -24.63 49.99 45.91
C SER B 24 -23.65 50.97 45.26
N PRO B 25 -24.06 52.24 45.13
CA PRO B 25 -23.15 53.22 44.52
C PRO B 25 -21.84 53.36 45.30
N GLU B 26 -21.88 53.06 46.60
CA GLU B 26 -20.67 53.14 47.42
C GLU B 26 -19.73 52.02 46.96
N HIS B 27 -20.32 50.87 46.72
CA HIS B 27 -19.56 49.70 46.24
C HIS B 27 -18.92 49.99 44.89
N ASP B 28 -19.65 50.68 44.03
CA ASP B 28 -19.13 51.00 42.71
C ASP B 28 -17.88 51.86 42.81
N ILE B 29 -17.88 52.80 43.76
CA ILE B 29 -16.72 53.67 43.94
C ILE B 29 -15.52 52.85 44.39
N PHE B 30 -15.74 51.90 45.29
CA PHE B 30 -14.67 51.03 45.77
C PHE B 30 -14.21 50.12 44.63
N ARG B 31 -15.16 49.71 43.81
CA ARG B 31 -14.90 48.86 42.66
C ARG B 31 -13.93 49.52 41.68
N LYS B 32 -14.18 50.79 41.36
CA LYS B 32 -13.33 51.54 40.44
C LYS B 32 -11.92 51.65 40.99
N SER B 33 -11.83 51.82 42.30
CA SER B 33 -10.56 51.95 42.99
C SER B 33 -9.74 50.66 42.95
N VAL B 34 -10.38 49.55 43.30
CA VAL B 34 -9.70 48.26 43.31
C VAL B 34 -9.25 47.90 41.89
N ARG B 35 -10.13 48.12 40.91
CA ARG B 35 -9.80 47.82 39.52
C ARG B 35 -8.56 48.63 39.11
N LYS B 36 -8.47 49.86 39.62
CA LYS B 36 -7.34 50.72 39.30
C LYS B 36 -6.06 50.14 39.90
N PHE B 37 -6.18 49.58 41.10
CA PHE B 37 -5.02 48.98 41.77
C PHE B 37 -4.42 47.83 40.97
N PHE B 38 -5.26 46.94 40.46
CA PHE B 38 -4.74 45.81 39.70
C PHE B 38 -4.12 46.23 38.36
N GLN B 39 -4.72 47.22 37.71
CA GLN B 39 -4.19 47.69 36.43
C GLN B 39 -2.81 48.32 36.57
N GLU B 40 -2.60 49.03 37.67
CA GLU B 40 -1.36 49.73 37.91
C GLU B 40 -0.29 49.04 38.75
N GLU B 41 -0.72 48.30 39.77
CA GLU B 41 0.23 47.63 40.67
C GLU B 41 0.42 46.13 40.45
N VAL B 42 -0.45 45.51 39.67
CA VAL B 42 -0.36 44.07 39.44
C VAL B 42 -0.12 43.69 37.98
N ILE B 43 -1.05 44.04 37.11
CA ILE B 43 -0.94 43.70 35.70
C ILE B 43 0.43 43.96 35.07
N PRO B 44 1.01 45.15 35.28
CA PRO B 44 2.33 45.45 34.68
C PRO B 44 3.51 44.61 35.17
N HIS B 45 3.38 43.96 36.32
CA HIS B 45 4.49 43.18 36.87
C HIS B 45 4.27 41.66 36.91
N HIS B 46 3.06 41.21 36.59
CA HIS B 46 2.74 39.79 36.66
C HIS B 46 3.66 38.88 35.85
N SER B 47 4.03 39.31 34.65
CA SER B 47 4.90 38.50 33.80
C SER B 47 6.22 38.19 34.49
N GLU B 48 6.77 39.18 35.19
CA GLU B 48 8.03 39.01 35.89
C GLU B 48 7.82 38.03 37.05
N TRP B 49 6.67 38.13 37.71
CA TRP B 49 6.38 37.25 38.85
C TRP B 49 6.20 35.80 38.39
N GLU B 50 5.65 35.63 37.19
CA GLU B 50 5.45 34.28 36.64
C GLU B 50 6.79 33.59 36.45
N LYS B 51 7.81 34.36 36.06
CA LYS B 51 9.14 33.80 35.85
C LYS B 51 9.81 33.49 37.18
N ALA B 52 9.54 34.29 38.21
CA ALA B 52 10.14 34.07 39.52
C ALA B 52 9.34 33.03 40.29
N GLY B 53 8.15 32.69 39.78
CA GLY B 53 7.31 31.72 40.43
C GLY B 53 6.68 32.22 41.72
N GLU B 54 6.63 33.54 41.88
CA GLU B 54 6.03 34.16 43.07
C GLU B 54 6.00 35.67 42.91
N VAL B 55 5.03 36.32 43.54
CA VAL B 55 4.92 37.78 43.45
C VAL B 55 5.84 38.45 44.47
N SER B 56 5.93 39.77 44.39
CA SER B 56 6.79 40.54 45.29
C SER B 56 6.11 40.81 46.63
N ARG B 57 6.89 40.90 47.69
CA ARG B 57 6.31 41.20 48.98
C ARG B 57 5.82 42.66 48.95
N GLU B 58 6.32 43.41 47.98
CA GLU B 58 5.96 44.82 47.81
C GLU B 58 4.51 45.01 47.38
N VAL B 59 4.02 44.17 46.46
CA VAL B 59 2.65 44.30 45.99
C VAL B 59 1.69 43.97 47.14
N TRP B 60 2.13 43.10 48.04
CA TRP B 60 1.32 42.73 49.21
C TRP B 60 1.19 43.93 50.15
N GLU B 61 2.31 44.60 50.41
CA GLU B 61 2.30 45.77 51.28
C GLU B 61 1.53 46.92 50.64
N LYS B 62 1.64 47.04 49.32
CA LYS B 62 0.91 48.08 48.60
C LYS B 62 -0.58 47.79 48.72
N ALA B 63 -0.96 46.52 48.65
CA ALA B 63 -2.36 46.12 48.75
C ALA B 63 -2.85 46.43 50.17
N GLY B 64 -1.99 46.18 51.15
CA GLY B 64 -2.36 46.45 52.53
C GLY B 64 -2.60 47.93 52.76
N LYS B 65 -1.67 48.76 52.28
CA LYS B 65 -1.75 50.22 52.43
C LYS B 65 -2.98 50.84 51.78
N GLN B 66 -3.47 50.23 50.72
CA GLN B 66 -4.63 50.77 50.05
C GLN B 66 -5.93 50.14 50.52
N GLY B 67 -5.82 49.29 51.53
CA GLY B 67 -6.97 48.64 52.11
C GLY B 67 -7.65 47.53 51.33
N LEU B 68 -6.86 46.63 50.75
CA LEU B 68 -7.42 45.52 49.98
C LEU B 68 -7.34 44.21 50.76
N LEU B 69 -6.59 44.23 51.86
CA LEU B 69 -6.44 43.03 52.70
C LEU B 69 -7.22 43.20 53.99
N GLY B 70 -8.03 42.21 54.35
CA GLY B 70 -8.79 42.30 55.58
C GLY B 70 -10.17 42.91 55.38
N VAL B 71 -10.60 43.01 54.13
CA VAL B 71 -11.93 43.56 53.85
C VAL B 71 -12.87 42.52 54.44
N ASN B 72 -13.92 43.00 55.11
CA ASN B 72 -14.91 42.17 55.77
C ASN B 72 -14.39 41.52 57.05
N ILE B 73 -13.30 42.11 57.55
CA ILE B 73 -12.61 41.73 58.83
C ILE B 73 -12.84 42.91 59.77
N ALA B 74 -13.66 42.72 60.80
CA ALA B 74 -14.05 43.80 61.70
C ALA B 74 -12.95 44.81 62.01
N GLU B 75 -13.26 46.08 61.80
CA GLU B 75 -12.31 47.17 62.07
C GLU B 75 -11.78 47.23 63.50
N HIS B 76 -12.62 46.89 64.47
CA HIS B 76 -12.20 46.94 65.86
C HIS B 76 -11.37 45.69 66.15
N LEU B 77 -11.14 44.86 65.14
CA LEU B 77 -10.35 43.66 65.29
C LEU B 77 -9.00 43.77 64.57
N GLY B 78 -8.81 44.88 63.86
CA GLY B 78 -7.58 45.08 63.13
C GLY B 78 -7.76 45.04 61.61
N GLY B 79 -8.98 44.80 61.16
CA GLY B 79 -9.25 44.74 59.74
C GLY B 79 -9.79 46.04 59.17
N ILE B 80 -10.20 46.02 57.90
CA ILE B 80 -10.74 47.20 57.22
C ILE B 80 -12.23 47.37 57.47
N GLY B 81 -12.91 46.27 57.77
CA GLY B 81 -14.34 46.34 57.97
C GLY B 81 -15.02 46.18 56.62
N GLY B 82 -16.25 46.67 56.50
CA GLY B 82 -16.97 46.53 55.25
C GLY B 82 -17.72 45.22 55.24
N ASP B 83 -18.70 45.11 54.34
CA ASP B 83 -19.50 43.90 54.26
C ASP B 83 -18.89 42.85 53.33
N LEU B 84 -19.57 41.72 53.25
CA LEU B 84 -19.11 40.62 52.41
C LEU B 84 -19.02 41.06 50.94
N TYR B 85 -19.92 41.94 50.53
CA TYR B 85 -19.92 42.41 49.15
C TYR B 85 -18.63 43.14 48.78
N SER B 86 -18.09 43.88 49.73
CA SER B 86 -16.85 44.62 49.48
C SER B 86 -15.67 43.67 49.36
N ALA B 87 -15.68 42.60 50.13
CA ALA B 87 -14.60 41.63 50.07
C ALA B 87 -14.68 40.90 48.72
N ALA B 88 -15.89 40.65 48.26
CA ALA B 88 -16.13 39.96 46.98
C ALA B 88 -15.62 40.78 45.80
N ILE B 89 -15.65 42.11 45.94
CA ILE B 89 -15.19 43.01 44.89
C ILE B 89 -13.70 42.76 44.65
N VAL B 90 -12.95 42.56 45.73
CA VAL B 90 -11.53 42.32 45.59
C VAL B 90 -11.24 40.96 44.93
N TRP B 91 -12.07 39.96 45.23
CA TRP B 91 -11.91 38.62 44.63
C TRP B 91 -12.16 38.74 43.13
N GLU B 92 -13.28 39.37 42.80
CA GLU B 92 -13.73 39.57 41.42
C GLU B 92 -12.78 40.38 40.58
N GLU B 93 -12.36 41.52 41.09
CA GLU B 93 -11.44 42.39 40.37
C GLU B 93 -10.12 41.70 40.09
N GLN B 94 -9.65 40.85 41.00
CA GLN B 94 -8.40 40.17 40.72
C GLN B 94 -8.60 39.19 39.57
N ALA B 95 -9.79 38.58 39.52
CA ALA B 95 -10.12 37.63 38.46
C ALA B 95 -10.29 38.38 37.15
N TYR B 96 -10.88 39.57 37.21
CA TYR B 96 -11.05 40.36 35.98
C TYR B 96 -9.69 40.81 35.45
N SER B 97 -8.67 40.83 36.30
CA SER B 97 -7.36 41.27 35.86
C SER B 97 -6.58 40.13 35.22
N ASN B 98 -7.05 38.91 35.45
CA ASN B 98 -6.42 37.70 34.92
C ASN B 98 -5.01 37.48 35.49
N CYS B 99 -4.84 37.88 36.76
CA CYS B 99 -3.57 37.70 37.45
C CYS B 99 -3.79 36.82 38.68
N SER B 100 -3.51 35.54 38.55
CA SER B 100 -3.71 34.59 39.64
C SER B 100 -2.54 34.53 40.61
N GLY B 101 -1.53 35.37 40.39
CA GLY B 101 -0.36 35.35 41.25
C GLY B 101 -0.57 35.69 42.71
N PRO B 102 -1.08 36.90 43.01
CA PRO B 102 -1.32 37.34 44.39
C PRO B 102 -2.29 36.45 45.18
N GLY B 103 -1.78 35.83 46.24
CA GLY B 103 -2.63 34.96 47.05
C GLY B 103 -3.48 35.74 48.05
N PHE B 104 -4.05 36.85 47.61
CA PHE B 104 -4.88 37.72 48.46
C PHE B 104 -6.15 37.09 49.01
N SER B 105 -6.96 36.50 48.12
CA SER B 105 -8.22 35.90 48.53
C SER B 105 -8.07 34.90 49.66
N ILE B 106 -7.08 34.02 49.55
CA ILE B 106 -6.85 33.01 50.56
C ILE B 106 -6.50 33.65 51.90
N HIS B 107 -5.56 34.58 51.85
CA HIS B 107 -5.09 35.30 53.02
C HIS B 107 -6.23 36.05 53.73
N SER B 108 -6.95 36.87 52.98
CA SER B 108 -8.04 37.67 53.52
C SER B 108 -9.37 36.95 53.75
N GLY B 109 -9.81 36.19 52.77
CA GLY B 109 -11.09 35.49 52.87
C GLY B 109 -11.08 34.19 53.64
N ILE B 110 -9.90 33.64 53.91
CA ILE B 110 -9.83 32.38 54.64
C ILE B 110 -9.03 32.45 55.93
N VAL B 111 -7.71 32.53 55.81
CA VAL B 111 -6.83 32.57 56.98
C VAL B 111 -7.21 33.62 58.04
N MET B 112 -7.40 34.86 57.61
CA MET B 112 -7.76 35.92 58.54
C MET B 112 -9.12 35.64 59.16
N SER B 113 -9.98 34.97 58.39
CA SER B 113 -11.32 34.63 58.86
C SER B 113 -11.28 33.62 60.00
N TYR B 114 -10.42 32.61 59.86
CA TYR B 114 -10.28 31.60 60.90
C TYR B 114 -9.80 32.25 62.19
N ILE B 115 -8.76 33.06 62.08
CA ILE B 115 -8.17 33.74 63.21
C ILE B 115 -9.16 34.63 63.96
N THR B 116 -9.88 35.48 63.24
CA THR B 116 -10.83 36.38 63.87
C THR B 116 -12.11 35.70 64.37
N ASN B 117 -12.53 34.63 63.69
CA ASN B 117 -13.74 33.93 64.09
C ASN B 117 -13.54 32.89 65.18
N HIS B 118 -12.31 32.41 65.35
CA HIS B 118 -12.08 31.40 66.37
C HIS B 118 -10.83 31.62 67.21
N GLY B 119 -10.11 32.71 66.97
CA GLY B 119 -8.91 32.97 67.73
C GLY B 119 -9.14 33.73 69.02
N SER B 120 -8.12 33.76 69.86
CA SER B 120 -8.18 34.47 71.13
C SER B 120 -7.94 35.95 70.90
N GLU B 121 -8.24 36.77 71.89
CA GLU B 121 -8.04 38.20 71.77
C GLU B 121 -6.56 38.49 71.56
N GLU B 122 -5.71 37.66 72.16
CA GLU B 122 -4.28 37.83 72.04
C GLU B 122 -3.80 37.49 70.63
N GLN B 123 -4.33 36.40 70.07
CA GLN B 123 -3.95 35.98 68.73
C GLN B 123 -4.40 37.01 67.71
N ILE B 124 -5.61 37.51 67.86
CA ILE B 124 -6.15 38.51 66.96
C ILE B 124 -5.32 39.81 66.97
N LYS B 125 -4.91 40.23 68.16
CA LYS B 125 -4.12 41.45 68.31
C LYS B 125 -2.78 41.34 67.60
N HIS B 126 -2.10 40.23 67.82
CA HIS B 126 -0.80 39.98 67.24
C HIS B 126 -0.78 39.77 65.72
N PHE B 127 -1.73 39.00 65.20
CA PHE B 127 -1.77 38.70 63.78
C PHE B 127 -2.54 39.62 62.82
N ILE B 128 -3.82 39.86 63.12
CA ILE B 128 -4.67 40.66 62.24
C ILE B 128 -4.11 41.99 61.73
N PRO B 129 -3.58 42.82 62.64
CA PRO B 129 -3.03 44.11 62.21
C PRO B 129 -1.95 44.00 61.13
N GLN B 130 -0.96 43.13 61.35
CA GLN B 130 0.10 42.98 60.37
C GLN B 130 -0.35 42.24 59.11
N MET B 131 -1.43 41.46 59.22
CA MET B 131 -1.95 40.74 58.06
C MET B 131 -2.76 41.72 57.22
N THR B 132 -3.43 42.65 57.90
CA THR B 132 -4.23 43.65 57.21
C THR B 132 -3.27 44.60 56.48
N ALA B 133 -2.04 44.67 56.98
CA ALA B 133 -1.02 45.53 56.39
C ALA B 133 -0.24 44.85 55.26
N GLY B 134 -0.41 43.53 55.14
CA GLY B 134 0.31 42.81 54.09
C GLY B 134 1.73 42.54 54.51
N LYS B 135 1.98 42.66 55.81
CA LYS B 135 3.29 42.45 56.42
C LYS B 135 3.43 40.99 56.84
N CYS B 136 2.30 40.36 57.16
CA CYS B 136 2.27 38.97 57.59
C CYS B 136 1.34 38.19 56.64
N ILE B 137 1.92 37.48 55.69
CA ILE B 137 1.15 36.73 54.72
C ILE B 137 0.66 35.38 55.25
N GLY B 138 -0.64 35.12 55.09
CA GLY B 138 -1.20 33.88 55.59
C GLY B 138 -1.40 32.76 54.59
N ALA B 139 -1.40 31.53 55.11
CA ALA B 139 -1.60 30.33 54.30
C ALA B 139 -2.33 29.30 55.18
N ILE B 140 -3.06 28.39 54.55
CA ILE B 140 -3.74 27.35 55.31
C ILE B 140 -3.31 25.99 54.77
N ALA B 141 -2.97 25.08 55.69
CA ALA B 141 -2.48 23.77 55.31
C ALA B 141 -3.25 22.59 55.90
N MET B 142 -3.96 21.87 55.03
CA MET B 142 -4.73 20.69 55.42
C MET B 142 -4.26 19.44 54.67
N THR B 143 -4.12 19.58 53.35
CA THR B 143 -3.72 18.50 52.45
C THR B 143 -2.35 17.87 52.69
N GLU B 144 -2.29 16.54 52.63
CA GLU B 144 -1.04 15.82 52.80
C GLU B 144 -0.80 14.94 51.57
N PRO B 145 0.43 14.41 51.41
CA PRO B 145 0.82 13.56 50.29
C PRO B 145 -0.12 12.41 49.92
N GLY B 146 -0.55 11.65 50.94
CA GLY B 146 -1.41 10.48 50.71
C GLY B 146 -2.88 10.70 51.00
N ALA B 147 -3.32 11.94 51.19
CA ALA B 147 -4.76 12.15 51.49
C ALA B 147 -5.16 13.63 51.36
N GLY B 148 -6.08 13.92 50.44
CA GLY B 148 -6.63 15.27 50.25
C GLY B 148 -8.14 15.30 50.28
N SER B 149 -8.81 14.21 49.85
CA SER B 149 -10.27 14.20 49.85
C SER B 149 -10.67 13.30 51.03
N ASP B 150 -9.67 12.69 51.65
CA ASP B 150 -9.90 11.80 52.79
C ASP B 150 -9.37 12.45 54.07
N LEU B 151 -10.29 12.93 54.91
CA LEU B 151 -9.93 13.59 56.17
C LEU B 151 -9.16 12.66 57.12
N GLN B 152 -9.67 11.46 57.31
CA GLN B 152 -9.04 10.47 58.18
C GLN B 152 -7.62 10.15 57.74
N GLY B 153 -7.27 10.55 56.53
CA GLY B 153 -5.93 10.28 56.01
C GLY B 153 -4.84 11.19 56.54
N ILE B 154 -5.21 12.29 57.17
CA ILE B 154 -4.22 13.23 57.71
C ILE B 154 -3.30 12.53 58.71
N LYS B 155 -1.99 12.70 58.52
CA LYS B 155 -1.01 12.09 59.39
C LYS B 155 -0.30 13.10 60.30
N THR B 156 -0.29 14.37 59.91
CA THR B 156 0.36 15.39 60.75
C THR B 156 -0.30 15.32 62.12
N ASN B 157 0.52 15.33 63.17
CA ASN B 157 0.00 15.23 64.54
C ASN B 157 0.74 16.10 65.55
N ALA B 158 0.04 16.45 66.62
CA ALA B 158 0.62 17.27 67.67
C ALA B 158 0.36 16.60 69.02
N LYS B 159 1.41 16.46 69.82
CA LYS B 159 1.28 15.86 71.14
C LYS B 159 1.55 16.89 72.23
N LYS B 160 0.76 16.83 73.29
CA LYS B 160 0.91 17.75 74.39
C LYS B 160 2.12 17.40 75.24
N ASP B 161 2.99 18.38 75.46
CA ASP B 161 4.18 18.20 76.28
C ASP B 161 4.13 19.37 77.27
N GLY B 162 3.52 19.13 78.42
CA GLY B 162 3.37 20.18 79.39
C GLY B 162 2.30 21.07 78.80
N SER B 163 2.60 22.36 78.64
CA SER B 163 1.64 23.29 78.06
C SER B 163 2.01 23.54 76.59
N ASP B 164 3.07 22.86 76.15
CA ASP B 164 3.54 22.99 74.77
C ASP B 164 2.96 21.88 73.90
N TRP B 165 3.00 22.09 72.59
CA TRP B 165 2.50 21.11 71.63
C TRP B 165 3.65 20.70 70.69
N ILE B 166 3.89 19.41 70.57
CA ILE B 166 4.94 18.93 69.68
C ILE B 166 4.28 18.57 68.34
N LEU B 167 4.66 19.27 67.28
CA LEU B 167 4.05 19.05 65.95
C LEU B 167 4.94 18.33 64.96
N ASN B 168 4.41 17.26 64.37
CA ASN B 168 5.12 16.45 63.37
C ASN B 168 4.23 16.16 62.17
N GLY B 169 4.84 16.17 60.98
CA GLY B 169 4.09 15.89 59.77
C GLY B 169 4.53 16.72 58.58
N SER B 170 3.67 16.80 57.57
CA SER B 170 3.95 17.59 56.38
C SER B 170 2.68 17.82 55.57
N LYS B 171 2.68 18.89 54.80
CA LYS B 171 1.53 19.23 53.98
C LYS B 171 2.05 19.51 52.57
N VAL B 172 1.18 19.38 51.58
CA VAL B 172 1.56 19.63 50.18
C VAL B 172 0.51 20.51 49.52
N PHE B 173 0.90 21.15 48.41
CA PHE B 173 0.00 22.03 47.65
C PHE B 173 -0.38 23.33 48.38
N ILE B 174 0.46 23.77 49.32
CA ILE B 174 0.12 24.95 50.08
C ILE B 174 0.31 26.28 49.34
N SER B 175 -0.80 26.98 49.11
CA SER B 175 -0.76 28.28 48.44
C SER B 175 -0.06 29.28 49.36
N ASN B 176 0.60 30.28 48.76
CA ASN B 176 1.38 31.26 49.54
C ASN B 176 2.38 30.49 50.39
N GLY B 177 2.67 29.26 49.97
CA GLY B 177 3.59 28.42 50.72
C GLY B 177 5.01 28.94 50.90
N SER B 178 5.52 29.61 49.88
CA SER B 178 6.87 30.15 49.92
C SER B 178 7.00 31.41 50.77
N LEU B 179 6.14 32.39 50.54
CA LEU B 179 6.23 33.64 51.29
C LEU B 179 5.33 33.81 52.51
N SER B 180 4.71 32.72 52.96
CA SER B 180 3.83 32.80 54.14
C SER B 180 4.62 33.01 55.43
N ASP B 181 4.09 33.85 56.31
CA ASP B 181 4.73 34.12 57.59
C ASP B 181 3.97 33.36 58.69
N VAL B 182 2.72 33.04 58.42
CA VAL B 182 1.90 32.27 59.34
C VAL B 182 1.08 31.24 58.57
N VAL B 183 0.99 30.03 59.11
CA VAL B 183 0.25 28.95 58.48
C VAL B 183 -0.66 28.25 59.46
N ILE B 184 -1.94 28.14 59.12
CA ILE B 184 -2.88 27.43 59.98
C ILE B 184 -2.70 25.97 59.57
N VAL B 185 -2.21 25.17 60.50
CA VAL B 185 -1.97 23.77 60.21
C VAL B 185 -2.99 22.88 60.90
N VAL B 186 -3.58 21.97 60.12
CA VAL B 186 -4.57 21.05 60.65
C VAL B 186 -3.81 19.79 61.08
N ALA B 187 -3.97 19.39 62.33
CA ALA B 187 -3.27 18.21 62.83
C ALA B 187 -4.11 17.37 63.80
N VAL B 188 -3.77 16.09 63.89
CA VAL B 188 -4.48 15.16 64.78
C VAL B 188 -3.94 15.34 66.20
N THR B 189 -4.84 15.65 67.13
CA THR B 189 -4.44 15.84 68.52
C THR B 189 -5.04 14.78 69.44
N ASN B 190 -5.83 13.88 68.84
CA ASN B 190 -6.47 12.80 69.58
C ASN B 190 -6.89 11.66 68.66
N HIS B 191 -5.96 10.77 68.36
CA HIS B 191 -6.23 9.63 67.50
C HIS B 191 -7.07 8.60 68.25
N GLU B 192 -7.14 8.78 69.56
CA GLU B 192 -7.90 7.89 70.44
C GLU B 192 -9.40 8.12 70.26
N ALA B 193 -9.74 9.11 69.43
CA ALA B 193 -11.14 9.43 69.17
C ALA B 193 -11.71 8.50 68.11
N PRO B 194 -13.04 8.35 68.07
CA PRO B 194 -13.70 7.48 67.09
C PRO B 194 -13.42 7.92 65.66
N SER B 195 -13.43 9.23 65.45
CA SER B 195 -13.17 9.81 64.13
C SER B 195 -12.37 11.10 64.31
N PRO B 196 -11.51 11.44 63.32
CA PRO B 196 -10.72 12.67 63.43
C PRO B 196 -11.63 13.89 63.51
N ALA B 197 -12.90 13.70 63.21
CA ALA B 197 -13.87 14.79 63.27
C ALA B 197 -14.00 15.29 64.70
N HIS B 198 -13.40 14.55 65.64
CA HIS B 198 -13.43 14.91 67.05
C HIS B 198 -12.02 14.88 67.64
N GLY B 199 -11.04 14.59 66.79
CA GLY B 199 -9.66 14.53 67.25
C GLY B 199 -8.70 15.40 66.45
N ILE B 200 -9.21 16.54 65.96
CA ILE B 200 -8.40 17.46 65.17
C ILE B 200 -8.36 18.86 65.80
N SER B 201 -7.19 19.49 65.73
CA SER B 201 -7.00 20.84 66.26
C SER B 201 -6.23 21.68 65.23
N LEU B 202 -6.42 22.98 65.29
CA LEU B 202 -5.75 23.91 64.38
C LEU B 202 -4.62 24.59 65.14
N PHE B 203 -3.51 24.83 64.44
CA PHE B 203 -2.35 25.45 65.03
C PHE B 203 -1.80 26.58 64.17
N LEU B 204 -1.28 27.62 64.82
CA LEU B 204 -0.69 28.76 64.12
C LEU B 204 0.80 28.53 64.07
N VAL B 205 1.29 28.04 62.93
CA VAL B 205 2.72 27.82 62.78
C VAL B 205 3.29 29.05 62.11
N GLU B 206 4.39 29.56 62.66
CA GLU B 206 4.99 30.75 62.11
C GLU B 206 6.37 30.50 61.53
N ASN B 207 6.66 31.22 60.45
CA ASN B 207 7.94 31.11 59.78
C ASN B 207 9.02 31.52 60.78
N GLY B 208 10.00 30.65 60.99
CA GLY B 208 11.07 30.96 61.93
C GLY B 208 11.20 29.94 63.05
N MET B 209 10.11 29.25 63.37
CA MET B 209 10.11 28.25 64.43
C MET B 209 11.00 27.07 64.02
N LYS B 210 11.85 26.63 64.93
CA LYS B 210 12.73 25.50 64.65
C LYS B 210 11.92 24.27 64.30
N GLY B 211 12.30 23.60 63.21
CA GLY B 211 11.59 22.41 62.79
C GLY B 211 10.61 22.64 61.64
N PHE B 212 10.25 23.90 61.40
CA PHE B 212 9.32 24.25 60.32
C PHE B 212 10.10 24.49 59.03
N ILE B 213 9.96 23.58 58.07
CA ILE B 213 10.67 23.71 56.81
C ILE B 213 9.75 23.83 55.60
N LYS B 214 10.07 24.79 54.73
CA LYS B 214 9.30 25.00 53.51
C LYS B 214 10.05 24.29 52.38
N GLY B 215 9.33 23.56 51.55
CA GLY B 215 9.97 22.88 50.44
C GLY B 215 10.07 23.84 49.28
N ARG B 216 10.77 23.46 48.21
CA ARG B 216 10.90 24.34 47.06
C ARG B 216 9.58 24.45 46.32
N LYS B 217 9.39 25.55 45.60
CA LYS B 217 8.16 25.77 44.85
C LYS B 217 7.90 24.64 43.86
N LEU B 218 6.65 24.18 43.82
CA LEU B 218 6.22 23.11 42.92
C LEU B 218 6.00 23.67 41.51
N HIS B 219 6.33 22.87 40.50
CA HIS B 219 6.17 23.25 39.11
C HIS B 219 4.76 22.78 38.70
N LYS B 220 3.93 23.72 38.28
CA LYS B 220 2.54 23.43 37.92
C LYS B 220 2.23 23.78 36.47
N MET B 221 1.10 23.30 35.95
CA MET B 221 0.74 23.60 34.56
C MET B 221 0.27 25.06 34.44
N GLY B 222 -0.19 25.62 35.55
CA GLY B 222 -0.69 26.99 35.60
C GLY B 222 -0.40 27.67 36.93
N LEU B 223 -1.10 28.78 37.21
CA LEU B 223 -0.89 29.57 38.44
C LEU B 223 0.61 29.75 38.63
N LYS B 224 1.28 30.13 37.54
CA LYS B 224 2.72 30.31 37.55
C LYS B 224 3.31 31.25 38.60
N ALA B 225 2.61 32.35 38.91
CA ALA B 225 3.11 33.29 39.89
C ALA B 225 2.63 32.99 41.30
N GLN B 226 1.86 31.91 41.46
CA GLN B 226 1.38 31.54 42.79
C GLN B 226 2.38 30.55 43.38
N ASP B 227 3.04 30.97 44.45
CA ASP B 227 4.05 30.17 45.11
C ASP B 227 3.44 29.02 45.92
N THR B 228 3.21 27.90 45.26
CA THR B 228 2.65 26.73 45.92
C THR B 228 3.81 25.87 46.37
N ALA B 229 3.72 25.31 47.58
CA ALA B 229 4.82 24.49 48.07
C ALA B 229 4.42 23.47 49.11
N GLU B 230 5.33 22.55 49.41
CA GLU B 230 5.04 21.56 50.43
C GLU B 230 5.70 22.03 51.73
N LEU B 231 5.09 21.68 52.85
CA LEU B 231 5.63 22.08 54.16
C LEU B 231 5.94 20.85 55.00
N PHE B 232 6.95 20.96 55.86
CA PHE B 232 7.33 19.85 56.74
C PHE B 232 7.46 20.36 58.17
N PHE B 233 7.01 19.56 59.12
CA PHE B 233 7.09 19.90 60.53
C PHE B 233 7.92 18.81 61.19
N GLU B 234 9.04 19.19 61.81
CA GLU B 234 9.91 18.24 62.45
C GLU B 234 10.05 18.54 63.93
N ASP B 235 9.20 17.89 64.74
CA ASP B 235 9.22 18.08 66.19
C ASP B 235 9.30 19.54 66.58
N ILE B 236 8.40 20.36 66.04
CA ILE B 236 8.38 21.77 66.35
C ILE B 236 7.74 21.96 67.72
N ARG B 237 8.40 22.69 68.60
CA ARG B 237 7.84 22.93 69.93
C ARG B 237 6.97 24.18 69.85
N LEU B 238 5.66 23.97 69.82
CA LEU B 238 4.71 25.08 69.75
C LEU B 238 4.19 25.48 71.12
N PRO B 239 4.22 26.77 71.43
CA PRO B 239 3.74 27.29 72.73
C PRO B 239 2.23 27.12 72.79
N ALA B 240 1.68 27.11 74.00
CA ALA B 240 0.24 26.96 74.18
C ALA B 240 -0.53 27.96 73.34
N SER B 241 0.08 29.10 73.05
CA SER B 241 -0.55 30.15 72.26
C SER B 241 -0.72 29.79 70.79
N ALA B 242 -0.02 28.76 70.33
CA ALA B 242 -0.11 28.36 68.93
C ALA B 242 -1.43 27.66 68.62
N LEU B 243 -2.12 27.20 69.66
CA LEU B 243 -3.39 26.51 69.46
C LEU B 243 -4.51 27.50 69.12
N LEU B 244 -5.15 27.29 67.99
CA LEU B 244 -6.26 28.13 67.55
C LEU B 244 -7.56 27.47 67.97
N GLY B 245 -8.32 28.13 68.82
CA GLY B 245 -9.58 27.57 69.28
C GLY B 245 -9.35 26.49 70.32
N GLU B 246 -10.31 25.59 70.48
CA GLU B 246 -10.20 24.52 71.47
C GLU B 246 -9.60 23.23 70.92
N GLU B 247 -8.90 22.50 71.78
CA GLU B 247 -8.30 21.23 71.41
C GLU B 247 -9.39 20.25 70.97
N ASN B 248 -9.18 19.60 69.83
CA ASN B 248 -10.13 18.63 69.28
C ASN B 248 -11.39 19.23 68.67
N LYS B 249 -11.39 20.54 68.45
CA LYS B 249 -12.55 21.20 67.86
C LYS B 249 -12.22 21.76 66.47
N GLY B 250 -11.05 21.38 65.95
CA GLY B 250 -10.64 21.87 64.64
C GLY B 250 -11.66 21.61 63.54
N PHE B 251 -12.15 20.37 63.47
CA PHE B 251 -13.14 19.99 62.47
C PHE B 251 -14.35 20.91 62.52
N TYR B 252 -14.80 21.22 63.73
CA TYR B 252 -15.96 22.10 63.90
C TYR B 252 -15.73 23.45 63.24
N TYR B 253 -14.53 23.99 63.42
CA TYR B 253 -14.17 25.28 62.84
C TYR B 253 -14.03 25.17 61.32
N ILE B 254 -13.27 24.18 60.85
CA ILE B 254 -13.10 23.98 59.42
C ILE B 254 -14.48 23.90 58.78
N MET B 255 -15.36 23.16 59.44
CA MET B 255 -16.72 22.96 58.97
C MET B 255 -17.47 24.27 58.84
N LYS B 256 -17.31 25.16 59.82
CA LYS B 256 -18.00 26.44 59.77
C LYS B 256 -17.45 27.40 58.71
N GLU B 257 -16.20 27.21 58.30
CA GLU B 257 -15.56 28.08 57.31
C GLU B 257 -15.69 27.61 55.86
N LEU B 258 -15.93 26.32 55.65
CA LEU B 258 -16.02 25.79 54.29
C LEU B 258 -16.99 26.49 53.34
N PRO B 259 -18.19 26.86 53.82
CA PRO B 259 -19.07 27.53 52.86
C PRO B 259 -18.49 28.82 52.28
N GLN B 260 -17.78 29.61 53.10
CA GLN B 260 -17.20 30.85 52.60
C GLN B 260 -16.07 30.55 51.61
N GLN B 261 -15.34 29.48 51.87
CA GLN B 261 -14.26 29.07 51.01
C GLN B 261 -14.81 28.61 49.65
N ARG B 262 -15.91 27.88 49.69
CA ARG B 262 -16.50 27.39 48.45
C ARG B 262 -17.15 28.53 47.68
N LEU B 263 -17.73 29.48 48.40
CA LEU B 263 -18.38 30.61 47.75
C LEU B 263 -17.31 31.48 47.08
N LEU B 264 -16.17 31.60 47.76
CA LEU B 264 -15.05 32.38 47.25
C LEU B 264 -14.60 31.83 45.89
N ILE B 265 -14.31 30.53 45.86
CA ILE B 265 -13.88 29.87 44.63
C ILE B 265 -14.96 30.06 43.57
N ALA B 266 -16.21 29.90 43.98
CA ALA B 266 -17.33 30.04 43.08
C ALA B 266 -17.34 31.40 42.38
N ASP B 267 -17.19 32.47 43.15
CA ASP B 267 -17.22 33.82 42.59
C ASP B 267 -16.01 34.06 41.70
N VAL B 268 -14.86 33.55 42.13
CA VAL B 268 -13.64 33.71 41.34
C VAL B 268 -13.83 32.97 40.02
N ALA B 269 -14.45 31.80 40.07
CA ALA B 269 -14.72 30.99 38.88
C ALA B 269 -15.61 31.68 37.84
N ILE B 270 -16.74 32.20 38.29
CA ILE B 270 -17.67 32.86 37.39
C ILE B 270 -17.13 34.21 36.90
N SER B 271 -16.38 34.89 37.76
CA SER B 271 -15.79 36.17 37.39
C SER B 271 -14.75 35.95 36.29
N ALA B 272 -13.97 34.88 36.45
CA ALA B 272 -12.95 34.54 35.45
C ALA B 272 -13.64 34.27 34.11
N SER B 273 -14.80 33.62 34.15
CA SER B 273 -15.56 33.32 32.95
C SER B 273 -16.07 34.60 32.30
N GLU B 274 -16.48 35.58 33.10
CA GLU B 274 -16.95 36.84 32.57
C GLU B 274 -15.78 37.55 31.85
N PHE B 275 -14.59 37.50 32.45
CA PHE B 275 -13.41 38.11 31.85
C PHE B 275 -13.07 37.47 30.50
N MET B 276 -13.06 36.14 30.47
CA MET B 276 -12.75 35.40 29.25
C MET B 276 -13.74 35.71 28.15
N PHE B 277 -15.02 35.76 28.50
CA PHE B 277 -16.05 36.04 27.52
C PHE B 277 -15.85 37.40 26.84
N GLU B 278 -15.62 38.43 27.64
CA GLU B 278 -15.43 39.77 27.08
C GLU B 278 -14.13 39.86 26.29
N GLU B 279 -13.09 39.23 26.80
CA GLU B 279 -11.79 39.19 26.14
C GLU B 279 -11.94 38.57 24.75
N THR B 280 -12.64 37.44 24.71
CA THR B 280 -12.88 36.70 23.48
C THR B 280 -13.83 37.41 22.53
N ARG B 281 -14.87 38.02 23.12
CA ARG B 281 -15.86 38.77 22.36
C ARG B 281 -15.11 39.86 21.58
N ASN B 282 -14.20 40.54 22.28
CA ASN B 282 -13.39 41.60 21.69
C ASN B 282 -12.56 41.07 20.53
N TYR B 283 -11.82 39.99 20.78
CA TYR B 283 -10.96 39.39 19.77
C TYR B 283 -11.65 39.03 18.46
N VAL B 284 -12.79 38.35 18.53
CA VAL B 284 -13.49 37.96 17.31
C VAL B 284 -14.14 39.11 16.54
N LYS B 285 -14.46 40.19 17.24
CA LYS B 285 -15.05 41.34 16.56
C LYS B 285 -13.94 42.10 15.82
N GLN B 286 -12.72 41.95 16.32
CA GLN B 286 -11.54 42.60 15.75
C GLN B 286 -10.78 41.73 14.75
N ARG B 287 -10.95 40.42 14.83
CA ARG B 287 -10.25 39.50 13.94
C ARG B 287 -10.84 39.48 12.54
N LYS B 288 -10.03 39.87 11.56
CA LYS B 288 -10.48 39.89 10.17
C LYS B 288 -10.45 38.51 9.55
N ALA B 289 -11.45 38.21 8.74
CA ALA B 289 -11.55 36.93 8.07
C ALA B 289 -12.57 36.99 6.94
N PHE B 290 -12.16 36.54 5.76
CA PHE B 290 -13.05 36.53 4.55
C PHE B 290 -13.53 37.96 4.27
N GLY B 291 -12.68 38.95 4.51
CA GLY B 291 -13.02 40.37 4.27
C GLY B 291 -14.05 40.88 5.28
N LYS B 292 -14.05 40.29 6.48
CA LYS B 292 -14.99 40.70 7.56
C LYS B 292 -14.38 40.19 8.87
N THR B 293 -15.15 40.25 9.95
CA THR B 293 -14.67 39.76 11.27
C THR B 293 -15.16 38.34 11.60
N VAL B 294 -14.39 37.59 12.38
CA VAL B 294 -14.75 36.24 12.76
C VAL B 294 -16.13 36.32 13.41
N ALA B 295 -16.44 37.47 14.00
CA ALA B 295 -17.73 37.66 14.66
C ALA B 295 -18.94 37.68 13.71
N HIS B 296 -18.70 37.72 12.40
CA HIS B 296 -19.81 37.73 11.46
C HIS B 296 -20.28 36.31 11.12
N LEU B 297 -19.50 35.31 11.53
CA LEU B 297 -19.86 33.93 11.26
C LEU B 297 -20.99 33.52 12.20
N GLN B 298 -22.04 32.93 11.64
CA GLN B 298 -23.21 32.51 12.42
C GLN B 298 -22.87 31.52 13.52
N THR B 299 -21.94 30.61 13.26
CA THR B 299 -21.55 29.62 14.26
C THR B 299 -20.87 30.33 15.43
N VAL B 300 -20.04 31.32 15.13
CA VAL B 300 -19.36 32.06 16.19
C VAL B 300 -20.40 32.84 17.02
N GLN B 301 -21.39 33.41 16.35
CA GLN B 301 -22.43 34.16 17.07
C GLN B 301 -23.20 33.23 18.02
N HIS B 302 -23.63 32.08 17.51
CA HIS B 302 -24.39 31.15 18.34
C HIS B 302 -23.55 30.62 19.49
N LYS B 303 -22.28 30.34 19.22
CA LYS B 303 -21.40 29.85 20.28
C LYS B 303 -21.28 30.93 21.38
N LEU B 304 -21.12 32.19 20.98
CA LEU B 304 -21.01 33.27 21.97
C LEU B 304 -22.31 33.42 22.78
N ALA B 305 -23.46 33.25 22.13
CA ALA B 305 -24.75 33.34 22.80
C ALA B 305 -24.90 32.24 23.85
N GLU B 306 -24.42 31.04 23.50
CA GLU B 306 -24.47 29.90 24.42
C GLU B 306 -23.61 30.18 25.65
N LEU B 307 -22.39 30.65 25.41
CA LEU B 307 -21.46 30.97 26.50
C LEU B 307 -22.02 32.09 27.37
N LYS B 308 -22.53 33.12 26.74
CA LYS B 308 -23.06 34.25 27.50
C LYS B 308 -24.23 33.83 28.37
N THR B 309 -25.11 33.00 27.83
CA THR B 309 -26.28 32.56 28.55
C THR B 309 -25.91 31.76 29.80
N HIS B 310 -25.02 30.79 29.64
CA HIS B 310 -24.62 29.96 30.76
C HIS B 310 -23.89 30.75 31.83
N ILE B 311 -23.05 31.69 31.39
CA ILE B 311 -22.30 32.52 32.31
C ILE B 311 -23.27 33.38 33.12
N CYS B 312 -24.23 33.98 32.43
CA CYS B 312 -25.23 34.83 33.09
C CYS B 312 -26.14 34.06 34.04
N VAL B 313 -26.53 32.85 33.63
CA VAL B 313 -27.38 32.03 34.47
C VAL B 313 -26.65 31.67 35.75
N THR B 314 -25.36 31.36 35.62
CA THR B 314 -24.54 30.99 36.76
C THR B 314 -24.22 32.20 37.66
N ARG B 315 -24.06 33.37 37.05
CA ARG B 315 -23.79 34.59 37.82
C ARG B 315 -24.97 34.88 38.75
N ALA B 316 -26.18 34.73 38.22
CA ALA B 316 -27.40 34.96 38.98
C ALA B 316 -27.42 34.08 40.24
N PHE B 317 -27.05 32.81 40.07
CA PHE B 317 -27.02 31.90 41.22
C PHE B 317 -25.94 32.31 42.21
N VAL B 318 -24.76 32.64 41.70
CA VAL B 318 -23.65 33.05 42.57
C VAL B 318 -23.99 34.32 43.36
N ASP B 319 -24.71 35.25 42.74
CA ASP B 319 -25.07 36.48 43.45
C ASP B 319 -26.11 36.20 44.55
N ASN B 320 -26.96 35.21 44.30
CA ASN B 320 -27.98 34.83 45.28
C ASN B 320 -27.23 34.22 46.47
N CYS B 321 -26.12 33.53 46.19
CA CYS B 321 -25.30 32.93 47.23
C CYS B 321 -24.56 34.00 48.03
N LEU B 322 -24.15 35.07 47.35
CA LEU B 322 -23.46 36.16 48.02
C LEU B 322 -24.44 36.85 48.99
N GLN B 323 -25.67 37.00 48.53
CA GLN B 323 -26.72 37.64 49.33
C GLN B 323 -27.05 36.79 50.56
N LEU B 324 -27.06 35.47 50.37
CA LEU B 324 -27.35 34.54 51.46
C LEU B 324 -26.22 34.51 52.47
N HIS B 325 -24.98 34.53 51.99
CA HIS B 325 -23.85 34.51 52.88
C HIS B 325 -23.74 35.83 53.66
N GLU B 326 -24.13 36.92 53.03
CA GLU B 326 -24.11 38.22 53.68
C GLU B 326 -25.00 38.15 54.91
N ALA B 327 -26.14 37.47 54.75
CA ALA B 327 -27.11 37.30 55.83
C ALA B 327 -26.75 36.10 56.70
N LYS B 328 -25.60 35.51 56.44
CA LYS B 328 -25.15 34.34 57.19
C LYS B 328 -26.20 33.24 57.10
N ARG B 329 -26.78 33.09 55.91
CA ARG B 329 -27.79 32.08 55.66
C ARG B 329 -27.42 31.15 54.48
N LEU B 330 -26.12 31.07 54.17
CA LEU B 330 -25.65 30.21 53.09
C LEU B 330 -25.30 28.83 53.61
N ASP B 331 -26.00 27.83 53.07
CA ASP B 331 -25.80 26.42 53.41
C ASP B 331 -24.52 25.82 52.84
N SER B 332 -24.07 24.72 53.44
CA SER B 332 -22.90 24.01 52.97
C SER B 332 -23.23 23.43 51.59
N ALA B 333 -24.41 22.81 51.50
CA ALA B 333 -24.85 22.20 50.26
C ALA B 333 -24.97 23.23 49.13
N THR B 334 -25.53 24.39 49.46
CA THR B 334 -25.72 25.45 48.48
C THR B 334 -24.38 26.00 48.02
N ALA B 335 -23.45 26.17 48.96
CA ALA B 335 -22.13 26.70 48.64
C ALA B 335 -21.38 25.69 47.78
N CYS B 336 -21.65 24.40 48.00
CA CYS B 336 -21.02 23.34 47.22
C CYS B 336 -21.53 23.39 45.79
N MET B 337 -22.83 23.65 45.63
CA MET B 337 -23.42 23.74 44.30
C MET B 337 -22.74 24.84 43.50
N ALA B 338 -22.44 25.95 44.17
CA ALA B 338 -21.80 27.08 43.49
C ALA B 338 -20.36 26.78 43.12
N LYS B 339 -19.60 26.27 44.07
CA LYS B 339 -18.21 25.96 43.84
C LYS B 339 -18.07 24.98 42.68
N TYR B 340 -18.88 23.94 42.72
CA TYR B 340 -18.86 22.91 41.68
C TYR B 340 -19.28 23.42 40.32
N TRP B 341 -20.49 23.98 40.23
CA TRP B 341 -21.00 24.44 38.94
C TRP B 341 -20.20 25.55 38.27
N ALA B 342 -19.72 26.51 39.06
CA ALA B 342 -18.97 27.61 38.49
C ALA B 342 -17.58 27.19 38.01
N SER B 343 -16.90 26.35 38.78
CA SER B 343 -15.56 25.91 38.39
C SER B 343 -15.60 25.04 37.13
N GLU B 344 -16.69 24.29 36.96
CA GLU B 344 -16.83 23.44 35.80
C GLU B 344 -17.08 24.35 34.59
N LEU B 345 -18.00 25.30 34.74
CA LEU B 345 -18.31 26.24 33.67
C LEU B 345 -17.08 27.04 33.26
N GLN B 346 -16.27 27.44 34.23
CA GLN B 346 -15.06 28.21 33.96
C GLN B 346 -14.15 27.48 32.96
N ASN B 347 -13.97 26.18 33.15
CA ASN B 347 -13.12 25.39 32.26
C ASN B 347 -13.75 25.18 30.88
N SER B 348 -15.07 25.06 30.85
CA SER B 348 -15.82 24.88 29.60
C SER B 348 -15.68 26.17 28.80
N VAL B 349 -15.84 27.30 29.48
CA VAL B 349 -15.69 28.60 28.86
C VAL B 349 -14.24 28.77 28.38
N ALA B 350 -13.28 28.41 29.23
CA ALA B 350 -11.87 28.52 28.86
C ALA B 350 -11.60 27.77 27.56
N TYR B 351 -12.09 26.53 27.48
CA TYR B 351 -11.89 25.72 26.29
C TYR B 351 -12.46 26.36 25.02
N ASP B 352 -13.71 26.79 25.08
CA ASP B 352 -14.34 27.40 23.91
C ASP B 352 -13.69 28.73 23.54
N CYS B 353 -13.21 29.48 24.53
CA CYS B 353 -12.60 30.74 24.22
C CYS B 353 -11.22 30.58 23.58
N VAL B 354 -10.47 29.56 24.00
CA VAL B 354 -9.17 29.29 23.40
C VAL B 354 -9.40 28.99 21.92
N GLN B 355 -10.40 28.15 21.65
CA GLN B 355 -10.73 27.75 20.28
C GLN B 355 -11.04 28.95 19.39
N LEU B 356 -11.80 29.90 19.93
CA LEU B 356 -12.16 31.09 19.18
C LEU B 356 -10.96 31.98 18.87
N HIS B 357 -9.86 31.79 19.58
CA HIS B 357 -8.65 32.58 19.33
C HIS B 357 -7.74 31.92 18.29
N GLY B 358 -8.08 30.71 17.88
CA GLY B 358 -7.24 30.02 16.92
C GLY B 358 -5.89 29.74 17.54
N GLY B 359 -4.84 29.72 16.72
CA GLY B 359 -3.50 29.44 17.20
C GLY B 359 -3.01 30.38 18.29
N TRP B 360 -3.46 31.61 18.24
CA TRP B 360 -3.03 32.59 19.23
C TRP B 360 -3.50 32.25 20.65
N GLY B 361 -4.53 31.41 20.77
CA GLY B 361 -5.02 31.02 22.08
C GLY B 361 -4.07 30.06 22.77
N TYR B 362 -3.09 29.55 22.02
CA TYR B 362 -2.13 28.62 22.57
C TYR B 362 -0.85 29.35 22.99
N MET B 363 -0.76 30.63 22.62
CA MET B 363 0.40 31.46 22.93
C MET B 363 0.28 32.13 24.30
N TRP B 364 1.32 32.02 25.13
CA TRP B 364 1.30 32.60 26.46
C TRP B 364 1.11 34.12 26.38
N GLU B 365 1.52 34.68 25.25
CA GLU B 365 1.39 36.11 24.99
C GLU B 365 -0.04 36.58 25.22
N TYR B 366 -1.01 35.81 24.74
CA TYR B 366 -2.42 36.15 24.90
C TYR B 366 -3.01 35.73 26.24
N PRO B 367 -3.83 36.62 26.83
CA PRO B 367 -4.48 36.38 28.12
C PRO B 367 -5.20 35.04 28.23
N ILE B 368 -5.92 34.65 27.19
CA ILE B 368 -6.69 33.42 27.22
C ILE B 368 -5.89 32.14 27.51
N ALA B 369 -4.62 32.11 27.11
CA ALA B 369 -3.79 30.93 27.33
C ALA B 369 -3.56 30.66 28.81
N LYS B 370 -3.20 31.70 29.56
CA LYS B 370 -2.96 31.53 31.00
C LYS B 370 -4.28 31.30 31.72
N ALA B 371 -5.36 31.90 31.20
CA ALA B 371 -6.68 31.73 31.78
C ALA B 371 -7.12 30.27 31.66
N TYR B 372 -6.67 29.60 30.59
CA TYR B 372 -7.03 28.20 30.39
C TYR B 372 -6.37 27.30 31.43
N VAL B 373 -5.04 27.39 31.57
CA VAL B 373 -4.36 26.55 32.55
C VAL B 373 -4.65 26.98 33.99
N ASP B 374 -4.95 28.27 34.18
CA ASP B 374 -5.26 28.77 35.53
C ASP B 374 -6.62 28.22 35.98
N ALA B 375 -7.54 28.08 35.04
CA ALA B 375 -8.88 27.58 35.36
C ALA B 375 -8.89 26.12 35.78
N ARG B 376 -8.00 25.32 35.21
CA ARG B 376 -7.99 23.88 35.50
C ARG B 376 -7.81 23.50 36.97
N VAL B 377 -7.26 24.40 37.77
CA VAL B 377 -7.07 24.12 39.18
C VAL B 377 -8.38 24.15 40.02
N GLN B 378 -9.32 25.01 39.64
CA GLN B 378 -10.55 25.18 40.41
C GLN B 378 -11.46 23.95 40.68
N PRO B 379 -11.60 23.06 39.69
CA PRO B 379 -12.45 21.88 39.94
C PRO B 379 -11.77 20.90 40.91
N ILE B 380 -10.50 21.17 41.19
CA ILE B 380 -9.71 20.33 42.08
C ILE B 380 -9.60 20.80 43.52
N TYR B 381 -9.09 22.01 43.75
CA TYR B 381 -8.93 22.46 45.12
C TYR B 381 -10.18 22.97 45.84
N GLY B 382 -10.04 23.19 47.14
CA GLY B 382 -11.16 23.65 47.94
C GLY B 382 -12.19 22.54 47.98
N GLY B 383 -11.71 21.31 47.81
CA GLY B 383 -12.57 20.16 47.78
C GLY B 383 -12.94 19.85 46.34
N THR B 384 -12.52 18.71 45.82
CA THR B 384 -12.82 18.34 44.43
C THR B 384 -14.29 18.37 44.12
N ASN B 385 -14.63 18.56 42.85
CA ASN B 385 -16.01 18.59 42.44
C ASN B 385 -16.75 17.28 42.71
N GLU B 386 -16.02 16.18 42.79
CA GLU B 386 -16.62 14.90 43.10
C GLU B 386 -17.07 14.92 44.56
N ILE B 387 -16.27 15.54 45.42
CA ILE B 387 -16.64 15.65 46.83
C ILE B 387 -17.82 16.59 46.94
N MET B 388 -17.85 17.61 46.09
CA MET B 388 -18.95 18.57 46.10
C MET B 388 -20.25 17.84 45.83
N LYS B 389 -20.23 16.91 44.87
CA LYS B 389 -21.41 16.13 44.53
C LYS B 389 -21.80 15.22 45.70
N GLU B 390 -20.80 14.66 46.35
CA GLU B 390 -21.07 13.77 47.46
C GLU B 390 -21.83 14.53 48.55
N LEU B 391 -21.33 15.70 48.91
CA LEU B 391 -21.96 16.51 49.95
C LEU B 391 -23.36 16.95 49.56
N ILE B 392 -23.54 17.30 48.29
CA ILE B 392 -24.84 17.72 47.78
C ILE B 392 -25.85 16.58 47.82
N ALA B 393 -25.39 15.38 47.49
CA ALA B 393 -26.24 14.19 47.46
C ALA B 393 -26.74 13.78 48.86
N ARG B 394 -26.01 14.17 49.90
CA ARG B 394 -26.41 13.80 51.26
C ARG B 394 -27.87 14.07 51.59
N GLU B 395 -28.31 15.31 51.40
CA GLU B 395 -29.69 15.64 51.72
C GLU B 395 -30.68 15.18 50.66
N ILE B 396 -30.17 14.68 49.54
CA ILE B 396 -31.06 14.20 48.49
C ILE B 396 -31.50 12.77 48.81
N VAL B 397 -30.55 11.95 49.23
CA VAL B 397 -30.84 10.55 49.51
C VAL B 397 -30.97 10.14 50.98
N PHE B 398 -30.39 10.91 51.88
CA PHE B 398 -30.47 10.54 53.30
C PHE B 398 -31.16 11.60 54.15
N ASP B 399 -31.30 11.32 55.44
CA ASP B 399 -31.91 12.22 56.41
C ASP B 399 -32.45 11.45 57.63
N GLU C 4 -12.46 -1.23 -3.75
CA GLU C 4 -13.76 -1.51 -4.43
C GLU C 4 -14.96 -0.94 -3.70
N ARG C 5 -15.00 -1.15 -2.38
CA ARG C 5 -16.12 -0.66 -1.59
C ARG C 5 -15.78 0.57 -0.75
N LEU C 6 -16.71 1.51 -0.72
CA LEU C 6 -16.54 2.74 0.05
C LEU C 6 -17.06 2.51 1.45
N GLU C 7 -16.61 3.32 2.40
CA GLU C 7 -17.11 3.23 3.77
C GLU C 7 -18.20 4.30 3.82
N THR C 8 -19.04 4.29 4.85
CA THR C 8 -20.13 5.26 4.90
C THR C 8 -19.77 6.73 4.73
N PRO C 9 -18.65 7.19 5.30
CA PRO C 9 -18.30 8.61 5.14
C PRO C 9 -18.24 9.08 3.67
N SER C 10 -17.72 8.23 2.79
CA SER C 10 -17.58 8.58 1.37
C SER C 10 -18.77 8.21 0.49
N ALA C 11 -19.73 7.47 1.03
CA ALA C 11 -20.89 7.05 0.24
C ALA C 11 -21.81 8.24 -0.04
N LYS C 12 -22.64 8.12 -1.08
CA LYS C 12 -23.59 9.18 -1.41
C LYS C 12 -24.58 9.30 -0.24
N LYS C 13 -24.90 8.17 0.36
CA LYS C 13 -25.80 8.12 1.50
C LYS C 13 -25.34 7.03 2.47
N LEU C 14 -25.48 7.30 3.75
CA LEU C 14 -25.06 6.34 4.77
C LEU C 14 -25.78 5.00 4.59
N THR C 15 -26.94 5.05 3.96
CA THR C 15 -27.76 3.86 3.75
C THR C 15 -27.60 3.21 2.37
N ASP C 16 -26.69 3.70 1.55
CA ASP C 16 -26.49 3.13 0.22
C ASP C 16 -26.15 1.64 0.24
N ILE C 17 -26.52 0.96 -0.83
CA ILE C 17 -26.22 -0.47 -0.97
C ILE C 17 -24.86 -0.55 -1.67
N GLY C 18 -24.10 -1.60 -1.38
CA GLY C 18 -22.80 -1.76 -2.00
C GLY C 18 -21.66 -1.11 -1.25
N ILE C 19 -21.92 -0.70 -0.01
CA ILE C 19 -20.86 -0.06 0.77
C ILE C 19 -20.48 -0.89 1.99
N ARG C 20 -19.43 -0.45 2.67
CA ARG C 20 -18.93 -1.13 3.88
C ARG C 20 -18.17 -2.42 3.50
N ARG C 21 -16.92 -2.49 3.94
CA ARG C 21 -16.04 -3.60 3.64
C ARG C 21 -16.41 -5.00 4.13
N ILE C 22 -17.25 -5.11 5.16
CA ILE C 22 -17.61 -6.42 5.67
C ILE C 22 -18.59 -7.19 4.81
N PHE C 23 -19.18 -6.54 3.81
CA PHE C 23 -20.15 -7.21 2.95
C PHE C 23 -19.60 -7.61 1.57
N SER C 24 -20.26 -8.59 0.96
CA SER C 24 -19.86 -9.07 -0.36
C SER C 24 -20.93 -8.73 -1.39
N PRO C 25 -20.63 -8.90 -2.69
CA PRO C 25 -21.63 -8.59 -3.72
C PRO C 25 -22.91 -9.41 -3.53
N GLU C 26 -22.77 -10.61 -2.98
CA GLU C 26 -23.91 -11.49 -2.74
C GLU C 26 -24.77 -10.89 -1.62
N HIS C 27 -24.12 -10.22 -0.67
CA HIS C 27 -24.84 -9.60 0.41
C HIS C 27 -25.64 -8.43 -0.11
N ASP C 28 -25.07 -7.71 -1.06
CA ASP C 28 -25.74 -6.55 -1.65
C ASP C 28 -27.04 -6.95 -2.33
N ILE C 29 -27.02 -8.07 -3.03
CA ILE C 29 -28.20 -8.57 -3.72
C ILE C 29 -29.29 -8.86 -2.69
N PHE C 30 -28.93 -9.60 -1.65
CA PHE C 30 -29.87 -9.95 -0.59
C PHE C 30 -30.37 -8.66 0.06
N ARG C 31 -29.45 -7.72 0.29
CA ARG C 31 -29.80 -6.45 0.90
C ARG C 31 -30.93 -5.77 0.12
N LYS C 32 -30.75 -5.69 -1.20
CA LYS C 32 -31.75 -5.08 -2.07
C LYS C 32 -33.14 -5.71 -1.90
N SER C 33 -33.21 -7.03 -1.82
CA SER C 33 -34.48 -7.71 -1.67
C SER C 33 -35.12 -7.45 -0.30
N VAL C 34 -34.31 -7.46 0.76
CA VAL C 34 -34.84 -7.20 2.09
C VAL C 34 -35.37 -5.78 2.14
N ARG C 35 -34.63 -4.85 1.54
CA ARG C 35 -35.06 -3.46 1.53
C ARG C 35 -36.40 -3.36 0.80
N LYS C 36 -36.55 -4.14 -0.26
CA LYS C 36 -37.78 -4.12 -1.04
C LYS C 36 -38.92 -4.66 -0.19
N PHE C 37 -38.65 -5.69 0.60
CA PHE C 37 -39.67 -6.29 1.46
C PHE C 37 -40.23 -5.30 2.47
N PHE C 38 -39.35 -4.58 3.17
CA PHE C 38 -39.81 -3.61 4.15
C PHE C 38 -40.51 -2.42 3.51
N GLN C 39 -40.04 -2.03 2.34
CA GLN C 39 -40.62 -0.90 1.64
C GLN C 39 -42.05 -1.20 1.15
N GLU C 40 -42.29 -2.43 0.69
CA GLU C 40 -43.60 -2.78 0.15
C GLU C 40 -44.52 -3.60 1.07
N GLU C 41 -43.93 -4.40 1.97
CA GLU C 41 -44.74 -5.24 2.84
C GLU C 41 -44.84 -4.77 4.30
N VAL C 42 -44.06 -3.77 4.70
CA VAL C 42 -44.09 -3.30 6.08
C VAL C 42 -44.46 -1.82 6.19
N ILE C 43 -43.67 -0.98 5.54
CA ILE C 43 -43.90 0.46 5.58
C ILE C 43 -45.34 0.91 5.30
N PRO C 44 -46.00 0.33 4.29
CA PRO C 44 -47.39 0.74 4.00
C PRO C 44 -48.51 0.30 4.96
N HIS C 45 -48.23 -0.64 5.86
CA HIS C 45 -49.25 -1.10 6.83
C HIS C 45 -48.92 -0.69 8.27
N HIS C 46 -47.75 -0.10 8.46
CA HIS C 46 -47.30 0.27 9.81
C HIS C 46 -48.19 1.23 10.58
N SER C 47 -48.75 2.24 9.92
CA SER C 47 -49.61 3.21 10.60
C SER C 47 -50.82 2.52 11.23
N GLU C 48 -51.32 1.49 10.55
CA GLU C 48 -52.48 0.75 11.02
C GLU C 48 -52.08 -0.15 12.20
N TRP C 49 -50.90 -0.75 12.11
CA TRP C 49 -50.42 -1.63 13.18
C TRP C 49 -50.18 -0.82 14.44
N GLU C 50 -49.74 0.42 14.27
CA GLU C 50 -49.50 1.30 15.41
C GLU C 50 -50.82 1.51 16.12
N LYS C 51 -51.87 1.70 15.33
CA LYS C 51 -53.20 1.92 15.89
C LYS C 51 -53.69 0.67 16.62
N ALA C 52 -53.46 -0.50 16.02
CA ALA C 52 -53.87 -1.76 16.62
C ALA C 52 -52.96 -2.18 17.78
N GLY C 53 -51.75 -1.60 17.83
CA GLY C 53 -50.82 -1.94 18.89
C GLY C 53 -50.07 -3.23 18.62
N GLU C 54 -50.16 -3.72 17.39
CA GLU C 54 -49.46 -4.94 17.02
C GLU C 54 -49.51 -5.17 15.52
N VAL C 55 -48.55 -5.93 15.02
CA VAL C 55 -48.51 -6.21 13.60
C VAL C 55 -49.36 -7.45 13.32
N SER C 56 -49.59 -7.73 12.05
CA SER C 56 -50.39 -8.86 11.64
C SER C 56 -49.58 -10.15 11.57
N ARG C 57 -50.28 -11.28 11.70
CA ARG C 57 -49.65 -12.59 11.60
C ARG C 57 -49.21 -12.72 10.14
N GLU C 58 -49.95 -12.06 9.26
CA GLU C 58 -49.69 -12.09 7.82
C GLU C 58 -48.29 -11.63 7.44
N VAL C 59 -47.83 -10.53 8.03
CA VAL C 59 -46.51 -10.02 7.70
C VAL C 59 -45.44 -11.00 8.22
N TRP C 60 -45.71 -11.61 9.38
CA TRP C 60 -44.78 -12.58 9.94
C TRP C 60 -44.63 -13.77 8.98
N GLU C 61 -45.75 -14.27 8.47
CA GLU C 61 -45.70 -15.41 7.55
C GLU C 61 -45.09 -14.94 6.23
N LYS C 62 -45.32 -13.69 5.88
CA LYS C 62 -44.74 -13.14 4.65
C LYS C 62 -43.23 -13.09 4.79
N ALA C 63 -42.76 -12.58 5.92
CA ALA C 63 -41.32 -12.50 6.18
C ALA C 63 -40.74 -13.90 6.18
N GLY C 64 -41.47 -14.84 6.77
CA GLY C 64 -41.02 -16.22 6.82
C GLY C 64 -40.86 -16.81 5.44
N LYS C 65 -41.84 -16.54 4.57
CA LYS C 65 -41.81 -17.06 3.21
C LYS C 65 -40.65 -16.49 2.39
N GLN C 66 -40.37 -15.20 2.55
CA GLN C 66 -39.27 -14.59 1.80
C GLN C 66 -37.89 -14.98 2.34
N GLY C 67 -37.86 -15.61 3.51
CA GLY C 67 -36.58 -16.02 4.07
C GLY C 67 -35.87 -14.98 4.92
N LEU C 68 -36.65 -14.15 5.61
CA LEU C 68 -36.08 -13.11 6.46
C LEU C 68 -36.04 -13.53 7.94
N LEU C 69 -36.56 -14.71 8.24
CA LEU C 69 -36.57 -15.20 9.62
C LEU C 69 -35.63 -16.40 9.80
N GLY C 70 -34.82 -16.36 10.85
CA GLY C 70 -33.89 -17.44 11.13
C GLY C 70 -32.76 -17.49 10.11
N VAL C 71 -32.37 -16.33 9.59
CA VAL C 71 -31.31 -16.26 8.60
C VAL C 71 -29.99 -16.90 9.00
N ASN C 72 -29.46 -16.50 10.15
CA ASN C 72 -28.19 -17.02 10.64
C ASN C 72 -28.35 -18.30 11.48
N ILE C 73 -29.48 -18.99 11.32
CA ILE C 73 -29.71 -20.24 12.05
C ILE C 73 -29.43 -21.39 11.06
N ALA C 74 -28.54 -22.29 11.46
CA ALA C 74 -28.14 -23.44 10.64
C ALA C 74 -29.29 -24.09 9.86
N GLU C 75 -29.09 -24.24 8.56
CA GLU C 75 -30.08 -24.84 7.67
C GLU C 75 -30.47 -26.27 8.04
N HIS C 76 -29.50 -27.11 8.35
CA HIS C 76 -29.79 -28.50 8.70
C HIS C 76 -30.63 -28.61 9.97
N LEU C 77 -30.74 -27.50 10.71
CA LEU C 77 -31.52 -27.51 11.95
C LEU C 77 -32.93 -26.95 11.73
N GLY C 78 -33.16 -26.40 10.54
CA GLY C 78 -34.47 -25.84 10.25
C GLY C 78 -34.41 -24.35 9.94
N GLY C 79 -33.20 -23.79 9.94
CA GLY C 79 -33.03 -22.38 9.65
C GLY C 79 -32.70 -22.14 8.19
N ILE C 80 -32.34 -20.90 7.87
CA ILE C 80 -32.01 -20.55 6.49
C ILE C 80 -30.55 -20.80 6.17
N GLY C 81 -29.69 -20.80 7.18
CA GLY C 81 -28.28 -21.07 6.96
C GLY C 81 -27.29 -19.97 6.59
N GLY C 82 -27.73 -18.71 6.53
CA GLY C 82 -26.81 -17.65 6.18
C GLY C 82 -25.80 -17.33 7.27
N ASP C 83 -24.91 -16.38 7.02
CA ASP C 83 -23.91 -16.00 8.01
C ASP C 83 -24.45 -14.84 8.86
N LEU C 84 -23.66 -14.38 9.82
CA LEU C 84 -24.08 -13.29 10.69
C LEU C 84 -24.36 -12.01 9.89
N TYR C 85 -23.56 -11.78 8.84
CA TYR C 85 -23.72 -10.60 8.02
C TYR C 85 -25.11 -10.52 7.38
N SER C 86 -25.62 -11.65 6.91
CA SER C 86 -26.94 -11.68 6.30
C SER C 86 -28.03 -11.37 7.34
N ALA C 87 -27.87 -11.91 8.54
CA ALA C 87 -28.84 -11.68 9.60
C ALA C 87 -28.81 -10.21 10.01
N ALA C 88 -27.62 -9.62 10.01
CA ALA C 88 -27.46 -8.21 10.36
C ALA C 88 -28.19 -7.33 9.33
N ILE C 89 -28.10 -7.73 8.06
CA ILE C 89 -28.77 -6.98 7.00
C ILE C 89 -30.26 -6.87 7.28
N VAL C 90 -30.85 -7.92 7.84
CA VAL C 90 -32.27 -7.88 8.15
C VAL C 90 -32.56 -6.91 9.31
N TRP C 91 -31.66 -6.85 10.30
CA TRP C 91 -31.83 -5.92 11.43
C TRP C 91 -31.72 -4.48 10.93
N GLU C 92 -30.69 -4.25 10.12
CA GLU C 92 -30.40 -2.93 9.58
C GLU C 92 -31.52 -2.39 8.68
N GLU C 93 -31.94 -3.19 7.73
CA GLU C 93 -32.99 -2.76 6.81
C GLU C 93 -34.28 -2.44 7.57
N GLN C 94 -34.59 -3.20 8.61
CA GLN C 94 -35.78 -2.90 9.38
C GLN C 94 -35.58 -1.52 10.03
N ALA C 95 -34.38 -1.26 10.54
CA ALA C 95 -34.09 0.03 11.16
C ALA C 95 -34.18 1.16 10.15
N TYR C 96 -33.72 0.90 8.93
CA TYR C 96 -33.77 1.91 7.88
C TYR C 96 -35.20 2.20 7.43
N SER C 97 -36.13 1.31 7.74
CA SER C 97 -37.53 1.50 7.36
C SER C 97 -38.27 2.32 8.41
N ASN C 98 -37.63 2.49 9.56
CA ASN C 98 -38.18 3.23 10.69
C ASN C 98 -39.47 2.61 11.22
N CYS C 99 -39.60 1.29 11.02
CA CYS C 99 -40.74 0.52 11.48
C CYS C 99 -40.34 -0.42 12.60
N SER C 100 -40.64 -0.02 13.83
CA SER C 100 -40.27 -0.83 15.01
C SER C 100 -41.29 -1.88 15.43
N GLY C 101 -42.45 -1.93 14.76
CA GLY C 101 -43.47 -2.88 15.15
C GLY C 101 -43.11 -4.37 15.09
N PRO C 102 -42.69 -4.88 13.93
CA PRO C 102 -42.34 -6.30 13.83
C PRO C 102 -41.15 -6.72 14.71
N GLY C 103 -41.38 -7.74 15.52
CA GLY C 103 -40.33 -8.23 16.41
C GLY C 103 -39.52 -9.37 15.82
N PHE C 104 -39.13 -9.22 14.56
CA PHE C 104 -38.37 -10.23 13.86
C PHE C 104 -37.02 -10.59 14.51
N SER C 105 -36.21 -9.57 14.81
CA SER C 105 -34.87 -9.83 15.38
C SER C 105 -34.85 -10.51 16.75
N ILE C 106 -35.82 -10.23 17.61
CA ILE C 106 -35.88 -10.88 18.91
C ILE C 106 -36.19 -12.36 18.66
N HIS C 107 -37.08 -12.57 17.69
CA HIS C 107 -37.52 -13.89 17.29
C HIS C 107 -36.36 -14.68 16.68
N SER C 108 -35.77 -14.13 15.62
CA SER C 108 -34.66 -14.80 14.94
C SER C 108 -33.29 -14.66 15.62
N GLY C 109 -33.02 -13.50 16.20
CA GLY C 109 -31.73 -13.29 16.84
C GLY C 109 -31.57 -13.80 18.25
N ILE C 110 -32.65 -13.90 19.00
CA ILE C 110 -32.55 -14.39 20.36
C ILE C 110 -33.24 -15.73 20.62
N VAL C 111 -34.57 -15.77 20.48
CA VAL C 111 -35.32 -16.99 20.74
C VAL C 111 -34.90 -18.20 19.92
N MET C 112 -34.85 -18.06 18.61
CA MET C 112 -34.45 -19.18 17.77
C MET C 112 -33.03 -19.62 18.12
N SER C 113 -32.22 -18.66 18.52
CA SER C 113 -30.83 -18.92 18.89
C SER C 113 -30.72 -19.76 20.16
N TYR C 114 -31.54 -19.47 21.16
CA TYR C 114 -31.52 -20.25 22.41
C TYR C 114 -31.94 -21.68 22.11
N ILE C 115 -33.07 -21.83 21.43
CA ILE C 115 -33.59 -23.15 21.09
C ILE C 115 -32.59 -24.00 20.33
N THR C 116 -32.06 -23.48 19.22
CA THR C 116 -31.11 -24.24 18.42
C THR C 116 -29.75 -24.50 19.09
N ASN C 117 -29.30 -23.59 19.94
CA ASN C 117 -28.02 -23.77 20.62
C ASN C 117 -28.06 -24.65 21.85
N HIS C 118 -29.17 -24.61 22.60
CA HIS C 118 -29.24 -25.40 23.83
C HIS C 118 -30.42 -26.35 23.93
N GLY C 119 -31.30 -26.33 22.93
CA GLY C 119 -32.45 -27.22 22.97
C GLY C 119 -32.14 -28.63 22.53
N SER C 120 -33.06 -29.55 22.80
CA SER C 120 -32.88 -30.94 22.41
C SER C 120 -33.16 -31.06 20.92
N GLU C 121 -33.00 -32.26 20.37
CA GLU C 121 -33.27 -32.47 18.96
C GLU C 121 -34.76 -32.37 18.70
N GLU C 122 -35.56 -32.89 19.63
CA GLU C 122 -37.01 -32.87 19.48
C GLU C 122 -37.60 -31.47 19.58
N GLN C 123 -37.01 -30.63 20.44
CA GLN C 123 -37.49 -29.27 20.60
C GLN C 123 -37.16 -28.50 19.33
N ILE C 124 -35.94 -28.70 18.83
CA ILE C 124 -35.50 -28.04 17.61
C ILE C 124 -36.38 -28.43 16.42
N LYS C 125 -36.64 -29.72 16.28
CA LYS C 125 -37.46 -30.23 15.18
C LYS C 125 -38.91 -29.74 15.30
N HIS C 126 -39.39 -29.60 16.52
CA HIS C 126 -40.75 -29.15 16.75
C HIS C 126 -40.96 -27.65 16.57
N PHE C 127 -39.93 -26.86 16.85
CA PHE C 127 -40.04 -25.40 16.77
C PHE C 127 -39.43 -24.66 15.60
N ILE C 128 -38.15 -24.88 15.34
CA ILE C 128 -37.43 -24.17 14.29
C ILE C 128 -38.09 -23.99 12.93
N PRO C 129 -38.59 -25.08 12.32
CA PRO C 129 -39.21 -24.89 11.00
C PRO C 129 -40.43 -23.98 11.07
N GLN C 130 -41.23 -24.15 12.11
CA GLN C 130 -42.44 -23.36 12.33
C GLN C 130 -42.05 -21.89 12.54
N MET C 131 -40.95 -21.67 13.24
CA MET C 131 -40.47 -20.32 13.52
C MET C 131 -39.83 -19.68 12.29
N THR C 132 -39.15 -20.48 11.49
CA THR C 132 -38.52 -19.98 10.27
C THR C 132 -39.62 -19.57 9.29
N ALA C 133 -40.74 -20.30 9.33
CA ALA C 133 -41.87 -20.03 8.45
C ALA C 133 -42.66 -18.83 8.96
N GLY C 134 -42.42 -18.46 10.21
CA GLY C 134 -43.12 -17.33 10.78
C GLY C 134 -44.51 -17.69 11.26
N LYS C 135 -44.74 -18.98 11.51
CA LYS C 135 -46.05 -19.43 11.98
C LYS C 135 -46.06 -19.59 13.50
N CYS C 136 -44.87 -19.71 14.08
CA CYS C 136 -44.70 -19.83 15.53
C CYS C 136 -43.82 -18.66 15.96
N ILE C 137 -44.44 -17.63 16.54
CA ILE C 137 -43.72 -16.43 16.98
C ILE C 137 -43.10 -16.58 18.38
N GLY C 138 -41.80 -16.29 18.47
CA GLY C 138 -41.11 -16.41 19.73
C GLY C 138 -40.91 -15.12 20.53
N ALA C 139 -40.79 -15.30 21.83
CA ALA C 139 -40.58 -14.21 22.76
C ALA C 139 -39.72 -14.75 23.90
N ILE C 140 -39.02 -13.86 24.61
CA ILE C 140 -38.20 -14.29 25.74
C ILE C 140 -38.62 -13.45 26.95
N ALA C 141 -38.86 -14.12 28.08
CA ALA C 141 -39.31 -13.44 29.29
C ALA C 141 -38.42 -13.68 30.51
N MET C 142 -37.66 -12.65 30.88
CA MET C 142 -36.76 -12.70 32.03
C MET C 142 -37.22 -11.71 33.09
N THR C 143 -37.44 -10.47 32.64
CA THR C 143 -37.84 -9.36 33.49
C THR C 143 -39.16 -9.49 34.25
N GLU C 144 -39.12 -9.08 35.51
CA GLU C 144 -40.31 -9.12 36.37
C GLU C 144 -40.51 -7.74 36.99
N PRO C 145 -41.70 -7.49 37.56
CA PRO C 145 -42.01 -6.19 38.19
C PRO C 145 -40.97 -5.77 39.23
N GLY C 146 -40.41 -6.76 39.93
CA GLY C 146 -39.43 -6.44 40.95
C GLY C 146 -37.98 -6.52 40.53
N ALA C 147 -37.70 -7.18 39.41
CA ALA C 147 -36.33 -7.32 38.99
C ALA C 147 -36.02 -7.41 37.50
N GLY C 148 -35.29 -6.41 37.03
CA GLY C 148 -34.88 -6.36 35.63
C GLY C 148 -33.44 -6.19 35.19
N SER C 149 -32.59 -5.71 36.09
CA SER C 149 -31.16 -5.61 35.83
C SER C 149 -30.57 -6.66 36.75
N ASP C 150 -31.22 -6.90 37.90
CA ASP C 150 -30.76 -7.90 38.85
C ASP C 150 -31.46 -9.22 38.58
N LEU C 151 -30.96 -9.95 37.58
CA LEU C 151 -31.52 -11.23 37.18
C LEU C 151 -31.64 -12.21 38.34
N GLN C 152 -30.64 -12.22 39.22
CA GLN C 152 -30.65 -13.13 40.36
C GLN C 152 -31.79 -12.82 41.33
N GLY C 153 -32.48 -11.70 41.12
CA GLY C 153 -33.59 -11.34 41.99
C GLY C 153 -34.93 -11.89 41.52
N ILE C 154 -34.88 -12.73 40.49
CA ILE C 154 -36.06 -13.37 39.89
C ILE C 154 -36.91 -14.13 40.91
N LYS C 155 -38.23 -14.00 40.82
CA LYS C 155 -39.13 -14.69 41.74
C LYS C 155 -39.94 -15.78 41.03
N THR C 156 -40.06 -15.70 39.71
CA THR C 156 -40.78 -16.73 38.97
C THR C 156 -40.12 -18.04 39.34
N ASN C 157 -40.94 -19.06 39.61
CA ASN C 157 -40.40 -20.34 40.02
C ASN C 157 -41.13 -21.55 39.46
N ALA C 158 -40.40 -22.65 39.35
CA ALA C 158 -40.93 -23.91 38.84
C ALA C 158 -40.49 -25.02 39.78
N LYS C 159 -41.45 -25.83 40.23
CA LYS C 159 -41.16 -26.94 41.12
C LYS C 159 -41.66 -28.23 40.50
N LYS C 160 -40.78 -29.23 40.48
CA LYS C 160 -41.11 -30.52 39.89
C LYS C 160 -42.19 -31.29 40.63
N ASP C 161 -42.98 -32.04 39.87
CA ASP C 161 -44.07 -32.87 40.40
C ASP C 161 -44.01 -34.11 39.53
N GLY C 162 -43.02 -34.96 39.82
CA GLY C 162 -42.84 -36.17 39.05
C GLY C 162 -41.95 -35.81 37.87
N SER C 163 -42.49 -35.90 36.66
CA SER C 163 -41.74 -35.57 35.46
C SER C 163 -42.08 -34.14 35.04
N ASP C 164 -43.15 -33.60 35.62
CA ASP C 164 -43.60 -32.26 35.30
C ASP C 164 -42.96 -31.16 36.14
N TRP C 165 -43.27 -29.93 35.77
CA TRP C 165 -42.77 -28.75 36.48
C TRP C 165 -43.96 -27.81 36.68
N ILE C 166 -44.20 -27.40 37.91
CA ILE C 166 -45.30 -26.48 38.16
C ILE C 166 -44.72 -25.06 38.16
N LEU C 167 -45.04 -24.31 37.12
CA LEU C 167 -44.56 -22.94 36.92
C LEU C 167 -45.51 -21.86 37.45
N ASN C 168 -44.98 -20.97 38.29
CA ASN C 168 -45.75 -19.88 38.86
C ASN C 168 -44.97 -18.55 38.81
N GLY C 169 -45.69 -17.45 38.64
CA GLY C 169 -45.06 -16.14 38.59
C GLY C 169 -45.57 -15.24 37.47
N SER C 170 -44.85 -14.16 37.21
CA SER C 170 -45.22 -13.22 36.15
C SER C 170 -44.00 -12.49 35.60
N LYS C 171 -44.10 -12.07 34.34
CA LYS C 171 -43.04 -11.35 33.64
C LYS C 171 -43.65 -10.05 33.13
N VAL C 172 -42.81 -9.07 32.81
CA VAL C 172 -43.28 -7.79 32.32
C VAL C 172 -42.37 -7.26 31.21
N PHE C 173 -42.93 -6.38 30.37
CA PHE C 173 -42.18 -5.81 29.25
C PHE C 173 -41.80 -6.88 28.22
N ILE C 174 -42.62 -7.91 28.05
CA ILE C 174 -42.26 -8.95 27.10
C ILE C 174 -42.61 -8.58 25.64
N SER C 175 -41.60 -8.45 24.81
CA SER C 175 -41.81 -8.12 23.40
C SER C 175 -42.47 -9.30 22.69
N ASN C 176 -43.27 -9.00 21.66
CA ASN C 176 -44.01 -10.02 20.93
C ASN C 176 -44.94 -10.72 21.94
N GLY C 177 -45.14 -10.09 23.10
CA GLY C 177 -45.97 -10.66 24.15
C GLY C 177 -47.35 -11.14 23.74
N SER C 178 -48.05 -10.32 22.97
CA SER C 178 -49.39 -10.63 22.51
C SER C 178 -49.41 -11.70 21.42
N LEU C 179 -48.54 -11.56 20.42
CA LEU C 179 -48.52 -12.51 19.31
C LEU C 179 -47.74 -13.79 19.54
N SER C 180 -46.96 -13.86 20.62
CA SER C 180 -46.15 -15.05 20.88
C SER C 180 -46.88 -16.39 20.97
N ASP C 181 -46.29 -17.41 20.35
CA ASP C 181 -46.83 -18.78 20.37
C ASP C 181 -45.91 -19.61 21.27
N VAL C 182 -44.67 -19.17 21.42
CA VAL C 182 -43.70 -19.83 22.27
C VAL C 182 -42.91 -18.75 23.01
N VAL C 183 -42.81 -18.87 24.34
CA VAL C 183 -42.09 -17.90 25.17
C VAL C 183 -41.08 -18.61 26.06
N ILE C 184 -39.81 -18.21 25.96
CA ILE C 184 -38.77 -18.80 26.80
C ILE C 184 -38.86 -18.10 28.15
N VAL C 185 -39.16 -18.86 29.19
CA VAL C 185 -39.30 -18.29 30.53
C VAL C 185 -38.17 -18.68 31.49
N VAL C 186 -37.58 -17.66 32.11
CA VAL C 186 -36.51 -17.87 33.07
C VAL C 186 -37.16 -18.01 34.45
N ALA C 187 -36.89 -19.12 35.12
CA ALA C 187 -37.48 -19.36 36.43
C ALA C 187 -36.54 -20.03 37.40
N VAL C 188 -36.76 -19.78 38.69
CA VAL C 188 -35.94 -20.37 39.76
C VAL C 188 -36.43 -21.80 40.00
N THR C 189 -35.53 -22.77 39.83
CA THR C 189 -35.88 -24.17 40.02
C THR C 189 -35.22 -24.78 41.25
N ASN C 190 -34.28 -24.06 41.87
CA ASN C 190 -33.61 -24.59 43.04
C ASN C 190 -33.47 -23.53 44.14
N HIS C 191 -34.42 -23.50 45.06
CA HIS C 191 -34.38 -22.54 46.16
C HIS C 191 -33.30 -22.95 47.17
N GLU C 192 -32.67 -24.09 46.93
CA GLU C 192 -31.64 -24.57 47.83
C GLU C 192 -30.24 -24.29 47.32
N ALA C 193 -30.13 -23.85 46.08
CA ALA C 193 -28.84 -23.54 45.49
C ALA C 193 -28.16 -22.42 46.30
N PRO C 194 -26.81 -22.41 46.34
CA PRO C 194 -26.11 -21.38 47.11
C PRO C 194 -26.54 -19.98 46.67
N SER C 195 -26.49 -19.75 45.35
CA SER C 195 -26.87 -18.49 44.76
C SER C 195 -27.93 -18.74 43.68
N PRO C 196 -28.87 -17.81 43.51
CA PRO C 196 -29.90 -18.00 42.49
C PRO C 196 -29.30 -18.26 41.11
N ALA C 197 -28.04 -17.84 40.93
CA ALA C 197 -27.36 -18.03 39.67
C ALA C 197 -27.10 -19.52 39.39
N HIS C 198 -27.21 -20.34 40.42
CA HIS C 198 -26.99 -21.78 40.29
C HIS C 198 -28.30 -22.54 40.35
N GLY C 199 -29.41 -21.81 40.43
CA GLY C 199 -30.71 -22.45 40.51
C GLY C 199 -31.76 -21.91 39.57
N ILE C 200 -31.34 -21.58 38.35
CA ILE C 200 -32.26 -21.05 37.34
C ILE C 200 -32.31 -21.97 36.13
N SER C 201 -33.51 -22.10 35.55
CA SER C 201 -33.71 -22.93 34.36
C SER C 201 -34.51 -22.19 33.31
N LEU C 202 -34.49 -22.70 32.09
CA LEU C 202 -35.23 -22.12 30.98
C LEU C 202 -36.36 -23.09 30.62
N PHE C 203 -37.57 -22.56 30.41
CA PHE C 203 -38.72 -23.38 30.04
C PHE C 203 -39.41 -22.82 28.81
N LEU C 204 -39.77 -23.71 27.88
CA LEU C 204 -40.44 -23.29 26.67
C LEU C 204 -41.94 -23.37 26.91
N VAL C 205 -42.54 -22.23 27.22
CA VAL C 205 -43.97 -22.17 27.49
C VAL C 205 -44.73 -21.85 26.19
N GLU C 206 -45.70 -22.69 25.86
CA GLU C 206 -46.47 -22.52 24.64
C GLU C 206 -47.85 -21.95 24.87
N ASN C 207 -48.29 -21.13 23.92
CA ASN C 207 -49.60 -20.52 23.98
C ASN C 207 -50.62 -21.65 23.87
N GLY C 208 -51.42 -21.83 24.91
CA GLY C 208 -52.40 -22.89 24.89
C GLY C 208 -52.36 -23.74 26.14
N MET C 209 -51.24 -23.69 26.86
CA MET C 209 -51.11 -24.45 28.09
C MET C 209 -52.00 -23.81 29.14
N LYS C 210 -52.61 -24.64 29.98
CA LYS C 210 -53.49 -24.10 31.02
C LYS C 210 -52.70 -23.34 32.06
N GLY C 211 -53.17 -22.13 32.37
CA GLY C 211 -52.49 -21.32 33.36
C GLY C 211 -51.69 -20.18 32.74
N PHE C 212 -51.30 -20.35 31.48
CA PHE C 212 -50.54 -19.31 30.78
C PHE C 212 -51.48 -18.20 30.29
N ILE C 213 -51.43 -17.06 30.97
CA ILE C 213 -52.27 -15.92 30.65
C ILE C 213 -51.47 -14.73 30.13
N LYS C 214 -51.95 -14.10 29.07
CA LYS C 214 -51.30 -12.93 28.51
C LYS C 214 -52.02 -11.68 28.99
N GLY C 215 -51.27 -10.76 29.61
CA GLY C 215 -51.87 -9.54 30.11
C GLY C 215 -52.25 -8.60 28.98
N ARG C 216 -52.84 -7.47 29.32
CA ARG C 216 -53.24 -6.50 28.31
C ARG C 216 -51.99 -5.80 27.77
N LYS C 217 -52.02 -5.42 26.49
CA LYS C 217 -50.89 -4.76 25.88
C LYS C 217 -50.57 -3.47 26.64
N LEU C 218 -49.28 -3.24 26.86
CA LEU C 218 -48.85 -2.07 27.61
C LEU C 218 -48.81 -0.77 26.80
N HIS C 219 -49.22 0.31 27.45
CA HIS C 219 -49.22 1.63 26.82
C HIS C 219 -47.83 2.21 27.08
N LYS C 220 -47.09 2.48 26.00
CA LYS C 220 -45.73 3.01 26.11
C LYS C 220 -45.57 4.34 25.39
N MET C 221 -44.46 5.04 25.65
CA MET C 221 -44.26 6.33 24.97
C MET C 221 -43.90 6.09 23.50
N GLY C 222 -43.34 4.93 23.21
CA GLY C 222 -42.95 4.59 21.85
C GLY C 222 -43.23 3.15 21.50
N LEU C 223 -42.65 2.69 20.39
CA LEU C 223 -42.85 1.32 19.90
C LEU C 223 -44.34 0.98 19.90
N LYS C 224 -45.15 1.87 19.35
CA LYS C 224 -46.60 1.70 19.31
C LYS C 224 -47.08 0.39 18.67
N ALA C 225 -46.36 -0.10 17.67
CA ALA C 225 -46.74 -1.32 16.98
C ALA C 225 -46.09 -2.59 17.53
N GLN C 226 -45.26 -2.45 18.55
CA GLN C 226 -44.64 -3.62 19.17
C GLN C 226 -45.54 -3.99 20.34
N ASP C 227 -46.06 -5.21 20.30
CA ASP C 227 -46.97 -5.70 21.33
C ASP C 227 -46.26 -6.18 22.60
N THR C 228 -45.88 -5.23 23.44
CA THR C 228 -45.20 -5.54 24.69
C THR C 228 -46.28 -5.84 25.72
N ALA C 229 -46.13 -6.95 26.46
CA ALA C 229 -47.15 -7.31 27.44
C ALA C 229 -46.65 -8.02 28.69
N GLU C 230 -47.50 -8.06 29.72
CA GLU C 230 -47.20 -8.75 30.95
C GLU C 230 -47.61 -10.21 30.73
N LEU C 231 -46.89 -11.16 31.33
CA LEU C 231 -47.25 -12.57 31.20
C LEU C 231 -47.46 -13.14 32.60
N PHE C 232 -48.48 -13.97 32.75
CA PHE C 232 -48.79 -14.58 34.03
C PHE C 232 -48.77 -16.10 33.92
N PHE C 233 -48.27 -16.76 34.97
CA PHE C 233 -48.21 -18.22 34.99
C PHE C 233 -48.94 -18.70 36.25
N GLU C 234 -50.06 -19.38 36.06
CA GLU C 234 -50.88 -19.91 37.15
C GLU C 234 -50.85 -21.43 37.33
N ASP C 235 -49.93 -21.91 38.16
CA ASP C 235 -49.79 -23.34 38.43
C ASP C 235 -49.85 -24.14 37.13
N ILE C 236 -48.97 -23.80 36.18
CA ILE C 236 -48.95 -24.48 34.89
C ILE C 236 -48.17 -25.79 34.98
N ARG C 237 -48.81 -26.90 34.62
CA ARG C 237 -48.14 -28.20 34.63
C ARG C 237 -47.43 -28.34 33.30
N LEU C 238 -46.10 -28.23 33.35
CA LEU C 238 -45.29 -28.32 32.15
C LEU C 238 -44.67 -29.69 31.96
N PRO C 239 -44.86 -30.29 30.78
CA PRO C 239 -44.31 -31.61 30.48
C PRO C 239 -42.79 -31.56 30.61
N ALA C 240 -42.15 -32.72 30.72
CA ALA C 240 -40.70 -32.76 30.84
C ALA C 240 -40.04 -32.12 29.63
N SER C 241 -40.72 -32.16 28.50
CA SER C 241 -40.19 -31.60 27.25
C SER C 241 -40.11 -30.07 27.22
N ALA C 242 -40.74 -29.41 28.19
CA ALA C 242 -40.71 -27.95 28.25
C ALA C 242 -39.37 -27.41 28.73
N LEU C 243 -38.63 -28.22 29.49
CA LEU C 243 -37.33 -27.80 30.01
C LEU C 243 -36.31 -27.63 28.89
N LEU C 244 -35.77 -26.42 28.80
CA LEU C 244 -34.77 -26.10 27.78
C LEU C 244 -33.37 -26.21 28.37
N GLY C 245 -32.61 -27.21 27.92
CA GLY C 245 -31.26 -27.40 28.43
C GLY C 245 -31.28 -28.10 29.77
N GLU C 246 -30.11 -28.20 30.40
CA GLU C 246 -30.01 -28.87 31.69
C GLU C 246 -30.69 -28.06 32.79
N GLU C 247 -31.26 -28.77 33.75
CA GLU C 247 -31.92 -28.14 34.88
C GLU C 247 -30.88 -27.32 35.64
N ASN C 248 -31.29 -26.16 36.13
CA ASN C 248 -30.41 -25.27 36.89
C ASN C 248 -29.20 -24.67 36.17
N LYS C 249 -29.10 -24.84 34.85
CA LYS C 249 -27.99 -24.27 34.11
C LYS C 249 -28.46 -23.06 33.30
N GLY C 250 -29.66 -22.56 33.64
CA GLY C 250 -30.23 -21.44 32.93
C GLY C 250 -29.40 -20.16 32.85
N PHE C 251 -28.79 -19.78 33.96
CA PHE C 251 -27.98 -18.56 34.00
C PHE C 251 -26.83 -18.70 33.01
N TYR C 252 -26.27 -19.89 32.94
CA TYR C 252 -25.17 -20.19 32.05
C TYR C 252 -25.55 -19.96 30.59
N TYR C 253 -26.75 -20.40 30.22
CA TYR C 253 -27.20 -20.22 28.84
C TYR C 253 -27.43 -18.75 28.51
N ILE C 254 -28.00 -18.00 29.46
CA ILE C 254 -28.24 -16.58 29.23
C ILE C 254 -26.92 -15.84 28.99
N MET C 255 -25.94 -16.11 29.86
CA MET C 255 -24.62 -15.48 29.75
C MET C 255 -24.01 -15.74 28.37
N LYS C 256 -24.18 -16.94 27.84
CA LYS C 256 -23.61 -17.28 26.55
C LYS C 256 -24.28 -16.54 25.39
N GLU C 257 -25.56 -16.23 25.54
CA GLU C 257 -26.31 -15.56 24.47
C GLU C 257 -26.26 -14.04 24.53
N LEU C 258 -25.93 -13.48 25.69
CA LEU C 258 -25.91 -12.03 25.86
C LEU C 258 -25.11 -11.22 24.84
N PRO C 259 -23.88 -11.63 24.52
CA PRO C 259 -23.08 -10.89 23.55
C PRO C 259 -23.83 -10.61 22.24
N GLN C 260 -24.56 -11.60 21.74
CA GLN C 260 -25.30 -11.42 20.48
C GLN C 260 -26.44 -10.41 20.65
N GLN C 261 -27.13 -10.50 21.77
CA GLN C 261 -28.24 -9.60 22.07
C GLN C 261 -27.76 -8.16 22.09
N ARG C 262 -26.60 -7.94 22.68
CA ARG C 262 -26.05 -6.60 22.75
C ARG C 262 -25.58 -6.06 21.41
N LEU C 263 -24.96 -6.90 20.61
CA LEU C 263 -24.49 -6.45 19.30
C LEU C 263 -25.71 -6.13 18.44
N LEU C 264 -26.76 -6.94 18.58
CA LEU C 264 -28.00 -6.74 17.84
C LEU C 264 -28.53 -5.34 18.14
N ILE C 265 -28.68 -5.02 19.42
CA ILE C 265 -29.17 -3.71 19.81
C ILE C 265 -28.25 -2.61 19.27
N ALA C 266 -26.93 -2.83 19.35
CA ALA C 266 -25.96 -1.85 18.87
C ALA C 266 -26.12 -1.56 17.36
N ASP C 267 -26.23 -2.59 16.53
CA ASP C 267 -26.38 -2.36 15.09
C ASP C 267 -27.73 -1.71 14.80
N VAL C 268 -28.79 -2.11 15.52
CA VAL C 268 -30.08 -1.49 15.32
C VAL C 268 -29.97 0.00 15.61
N ALA C 269 -29.31 0.31 16.72
CA ALA C 269 -29.13 1.70 17.15
C ALA C 269 -28.38 2.58 16.14
N ILE C 270 -27.24 2.13 15.65
CA ILE C 270 -26.47 2.92 14.71
C ILE C 270 -27.15 3.00 13.33
N SER C 271 -27.92 1.97 12.99
CA SER C 271 -28.63 1.96 11.70
C SER C 271 -29.77 2.97 11.75
N ALA C 272 -30.43 3.04 12.90
CA ALA C 272 -31.53 3.99 13.08
C ALA C 272 -30.94 5.40 13.01
N SER C 273 -29.75 5.60 13.55
CA SER C 273 -29.11 6.91 13.49
C SER C 273 -28.80 7.30 12.04
N GLU C 274 -28.33 6.34 11.24
CA GLU C 274 -28.02 6.61 9.83
C GLU C 274 -29.30 7.00 9.10
N PHE C 275 -30.40 6.32 9.45
CA PHE C 275 -31.69 6.62 8.87
C PHE C 275 -32.11 8.05 9.17
N MET C 276 -32.08 8.40 10.45
CA MET C 276 -32.46 9.72 10.91
C MET C 276 -31.61 10.81 10.29
N PHE C 277 -30.31 10.57 10.21
CA PHE C 277 -29.42 11.56 9.61
C PHE C 277 -29.81 11.84 8.15
N GLU C 278 -29.96 10.80 7.35
CA GLU C 278 -30.32 10.95 5.94
C GLU C 278 -31.69 11.59 5.80
N GLU C 279 -32.62 11.18 6.65
CA GLU C 279 -33.98 11.71 6.65
C GLU C 279 -33.92 13.22 6.90
N THR C 280 -33.16 13.62 7.92
CA THR C 280 -33.00 15.02 8.30
C THR C 280 -32.21 15.82 7.26
N ARG C 281 -31.16 15.22 6.71
CA ARG C 281 -30.35 15.88 5.70
C ARG C 281 -31.31 16.32 4.59
N ASN C 282 -32.12 15.36 4.13
CA ASN C 282 -33.09 15.59 3.08
C ASN C 282 -34.08 16.71 3.43
N TYR C 283 -34.59 16.70 4.66
CA TYR C 283 -35.55 17.71 5.10
C TYR C 283 -35.03 19.14 5.04
N VAL C 284 -33.84 19.39 5.60
CA VAL C 284 -33.30 20.75 5.59
C VAL C 284 -32.86 21.24 4.21
N LYS C 285 -32.51 20.32 3.33
CA LYS C 285 -32.10 20.74 1.98
C LYS C 285 -33.35 21.07 1.16
N GLN C 286 -34.51 20.63 1.65
CA GLN C 286 -35.79 20.86 0.97
C GLN C 286 -36.56 22.00 1.60
N ARG C 287 -36.32 22.24 2.89
CA ARG C 287 -37.01 23.30 3.63
C ARG C 287 -36.57 24.71 3.26
N LYS C 288 -37.44 25.42 2.54
CA LYS C 288 -37.15 26.79 2.15
C LYS C 288 -37.20 27.73 3.35
N ALA C 289 -36.32 28.71 3.36
CA ALA C 289 -36.24 29.68 4.44
C ALA C 289 -35.31 30.83 4.09
N PHE C 290 -35.79 32.05 4.33
CA PHE C 290 -35.00 33.28 4.03
C PHE C 290 -34.61 33.31 2.56
N GLY C 291 -35.41 32.65 1.70
CA GLY C 291 -35.14 32.61 0.25
C GLY C 291 -34.41 31.33 -0.14
N LYS C 292 -33.46 30.90 0.70
CA LYS C 292 -32.67 29.67 0.42
C LYS C 292 -33.16 28.58 1.38
N THR C 293 -32.53 27.40 1.36
CA THR C 293 -32.90 26.27 2.23
C THR C 293 -32.23 26.35 3.61
N VAL C 294 -32.85 25.75 4.63
CA VAL C 294 -32.30 25.76 5.99
C VAL C 294 -30.89 25.19 5.88
N ALA C 295 -30.67 24.33 4.88
CA ALA C 295 -29.39 23.70 4.67
C ALA C 295 -28.26 24.68 4.32
N HIS C 296 -28.61 25.93 4.02
CA HIS C 296 -27.59 26.91 3.68
C HIS C 296 -27.03 27.61 4.93
N LEU C 297 -27.75 27.53 6.03
CA LEU C 297 -27.31 28.15 7.28
C LEU C 297 -26.05 27.45 7.78
N GLN C 298 -25.04 28.23 8.20
CA GLN C 298 -23.79 27.66 8.67
C GLN C 298 -23.97 26.77 9.90
N THR C 299 -24.79 27.21 10.86
CA THR C 299 -25.00 26.42 12.07
C THR C 299 -25.56 25.04 11.75
N VAL C 300 -26.46 24.97 10.77
CA VAL C 300 -27.07 23.71 10.37
C VAL C 300 -26.00 22.81 9.75
N GLN C 301 -25.14 23.39 8.93
CA GLN C 301 -24.06 22.64 8.29
C GLN C 301 -23.09 22.05 9.34
N HIS C 302 -22.70 22.85 10.31
CA HIS C 302 -21.79 22.35 11.34
C HIS C 302 -22.44 21.26 12.17
N LYS C 303 -23.73 21.45 12.47
CA LYS C 303 -24.52 20.48 13.22
C LYS C 303 -24.60 19.17 12.45
N LEU C 304 -24.89 19.25 11.16
CA LEU C 304 -24.99 18.05 10.33
C LEU C 304 -23.63 17.35 10.24
N ALA C 305 -22.55 18.12 10.26
CA ALA C 305 -21.21 17.56 10.18
C ALA C 305 -20.88 16.80 11.46
N GLU C 306 -21.29 17.37 12.59
CA GLU C 306 -21.06 16.76 13.90
C GLU C 306 -21.79 15.43 13.94
N LEU C 307 -23.06 15.45 13.53
CA LEU C 307 -23.88 14.25 13.52
C LEU C 307 -23.29 13.16 12.62
N LYS C 308 -22.95 13.52 11.40
CA LYS C 308 -22.41 12.53 10.47
C LYS C 308 -21.09 11.94 10.96
N THR C 309 -20.26 12.79 11.55
CA THR C 309 -18.97 12.30 12.03
C THR C 309 -19.18 11.27 13.12
N HIS C 310 -19.91 11.63 14.17
CA HIS C 310 -20.13 10.69 15.26
C HIS C 310 -20.80 9.40 14.77
N ILE C 311 -21.76 9.54 13.87
CA ILE C 311 -22.46 8.37 13.32
C ILE C 311 -21.48 7.45 12.57
N CYS C 312 -20.62 8.03 11.74
CA CYS C 312 -19.67 7.23 10.98
C CYS C 312 -18.61 6.61 11.89
N VAL C 313 -18.18 7.36 12.90
CA VAL C 313 -17.19 6.83 13.81
C VAL C 313 -17.73 5.59 14.50
N THR C 314 -18.97 5.69 14.98
CA THR C 314 -19.58 4.58 15.69
C THR C 314 -19.86 3.38 14.79
N ARG C 315 -20.28 3.64 13.55
CA ARG C 315 -20.54 2.56 12.61
C ARG C 315 -19.26 1.75 12.39
N ALA C 316 -18.12 2.43 12.31
CA ALA C 316 -16.84 1.73 12.11
C ALA C 316 -16.62 0.71 13.23
N PHE C 317 -16.94 1.11 14.46
CA PHE C 317 -16.75 0.22 15.60
C PHE C 317 -17.75 -0.93 15.59
N VAL C 318 -19.01 -0.64 15.27
CA VAL C 318 -20.04 -1.68 15.20
C VAL C 318 -19.72 -2.71 14.10
N ASP C 319 -19.19 -2.25 12.98
CA ASP C 319 -18.83 -3.15 11.88
C ASP C 319 -17.67 -4.05 12.28
N ASN C 320 -16.80 -3.52 13.13
CA ASN C 320 -15.65 -4.26 13.64
C ASN C 320 -16.18 -5.35 14.56
N CYS C 321 -17.25 -5.03 15.30
CA CYS C 321 -17.87 -5.98 16.22
C CYS C 321 -18.61 -7.08 15.43
N LEU C 322 -19.30 -6.69 14.36
CA LEU C 322 -19.99 -7.66 13.53
C LEU C 322 -18.96 -8.65 12.98
N GLN C 323 -17.81 -8.12 12.57
CA GLN C 323 -16.74 -8.97 12.04
C GLN C 323 -16.22 -9.93 13.10
N LEU C 324 -15.97 -9.43 14.31
CA LEU C 324 -15.49 -10.29 15.39
C LEU C 324 -16.51 -11.36 15.73
N HIS C 325 -17.77 -10.98 15.81
CA HIS C 325 -18.82 -11.93 16.14
C HIS C 325 -18.95 -13.03 15.09
N GLU C 326 -18.77 -12.66 13.83
CA GLU C 326 -18.85 -13.64 12.75
C GLU C 326 -17.79 -14.70 13.01
N ALA C 327 -16.63 -14.26 13.49
CA ALA C 327 -15.53 -15.17 13.78
C ALA C 327 -15.67 -15.76 15.18
N LYS C 328 -16.76 -15.44 15.84
CA LYS C 328 -17.02 -15.91 17.20
C LYS C 328 -15.91 -15.45 18.14
N ARG C 329 -15.45 -14.21 17.95
CA ARG C 329 -14.40 -13.63 18.78
C ARG C 329 -14.80 -12.29 19.40
N LEU C 330 -16.09 -12.11 19.65
CA LEU C 330 -16.59 -10.88 20.27
C LEU C 330 -16.92 -11.22 21.71
N ASP C 331 -16.20 -10.61 22.65
CA ASP C 331 -16.46 -10.91 24.04
C ASP C 331 -17.52 -9.99 24.64
N SER C 332 -17.95 -10.33 25.85
CA SER C 332 -18.98 -9.60 26.56
C SER C 332 -18.74 -8.09 26.65
N ALA C 333 -17.55 -7.71 27.12
CA ALA C 333 -17.21 -6.29 27.27
C ALA C 333 -17.29 -5.48 25.97
N THR C 334 -16.77 -6.04 24.89
CA THR C 334 -16.80 -5.33 23.62
C THR C 334 -18.24 -5.19 23.14
N ALA C 335 -19.06 -6.21 23.38
CA ALA C 335 -20.46 -6.19 22.99
C ALA C 335 -21.17 -5.10 23.80
N CYS C 336 -20.82 -5.00 25.08
CA CYS C 336 -21.39 -3.98 25.95
C CYS C 336 -21.02 -2.57 25.50
N MET C 337 -19.78 -2.39 25.04
CA MET C 337 -19.34 -1.08 24.57
C MET C 337 -20.20 -0.62 23.39
N ALA C 338 -20.40 -1.53 22.44
CA ALA C 338 -21.19 -1.23 21.24
C ALA C 338 -22.63 -0.88 21.60
N LYS C 339 -23.26 -1.71 22.42
CA LYS C 339 -24.64 -1.50 22.82
C LYS C 339 -24.83 -0.17 23.51
N TYR C 340 -23.96 0.12 24.48
CA TYR C 340 -24.03 1.37 25.23
C TYR C 340 -23.75 2.58 24.37
N TRP C 341 -22.61 2.62 23.69
CA TRP C 341 -22.27 3.77 22.90
C TRP C 341 -23.24 4.05 21.75
N ALA C 342 -23.70 3.01 21.07
CA ALA C 342 -24.62 3.21 19.95
C ALA C 342 -26.02 3.61 20.41
N SER C 343 -26.50 3.04 21.51
CA SER C 343 -27.84 3.37 21.97
C SER C 343 -27.88 4.81 22.49
N GLU C 344 -26.75 5.27 23.01
CA GLU C 344 -26.68 6.63 23.54
C GLU C 344 -26.66 7.60 22.35
N LEU C 345 -25.83 7.30 21.36
CA LEU C 345 -25.73 8.13 20.17
C LEU C 345 -27.08 8.26 19.46
N GLN C 346 -27.82 7.16 19.41
CA GLN C 346 -29.12 7.13 18.74
C GLN C 346 -30.05 8.19 19.33
N ASN C 347 -30.01 8.37 20.65
CA ASN C 347 -30.85 9.37 21.30
C ASN C 347 -30.32 10.79 21.13
N SER C 348 -29.00 10.95 21.05
CA SER C 348 -28.42 12.28 20.83
C SER C 348 -28.79 12.71 19.41
N VAL C 349 -28.67 11.78 18.45
CA VAL C 349 -28.98 12.06 17.05
C VAL C 349 -30.47 12.39 16.90
N ALA C 350 -31.32 11.59 17.52
CA ALA C 350 -32.76 11.80 17.45
C ALA C 350 -33.10 13.20 18.00
N TYR C 351 -32.52 13.55 19.14
CA TYR C 351 -32.79 14.86 19.71
C TYR C 351 -32.42 16.00 18.76
N ASP C 352 -31.21 15.97 18.21
CA ASP C 352 -30.80 17.02 17.29
C ASP C 352 -31.59 17.01 15.98
N CYS C 353 -31.96 15.82 15.52
CA CYS C 353 -32.72 15.71 14.27
C CYS C 353 -34.15 16.25 14.40
N VAL C 354 -34.76 16.05 15.56
CA VAL C 354 -36.10 16.59 15.78
C VAL C 354 -35.99 18.12 15.72
N GLN C 355 -34.96 18.65 16.39
CA GLN C 355 -34.73 20.09 16.44
C GLN C 355 -34.62 20.71 15.05
N LEU C 356 -33.84 20.06 14.17
CA LEU C 356 -33.66 20.54 12.81
C LEU C 356 -34.97 20.52 12.01
N HIS C 357 -35.98 19.80 12.50
CA HIS C 357 -37.28 19.74 11.82
C HIS C 357 -38.25 20.82 12.30
N GLY C 358 -37.88 21.51 13.38
CA GLY C 358 -38.77 22.52 13.91
C GLY C 358 -40.04 21.83 14.38
N GLY C 359 -41.13 22.59 14.46
CA GLY C 359 -42.40 22.06 14.90
C GLY C 359 -42.83 20.75 14.25
N TRP C 360 -42.54 20.59 12.96
CA TRP C 360 -42.92 19.38 12.26
C TRP C 360 -42.24 18.14 12.85
N GLY C 361 -41.18 18.35 13.62
CA GLY C 361 -40.49 17.23 14.24
C GLY C 361 -41.29 16.67 15.40
N TYR C 362 -42.21 17.48 15.92
CA TYR C 362 -43.07 17.08 17.03
C TYR C 362 -44.34 16.37 16.53
N MET C 363 -44.58 16.42 15.23
CA MET C 363 -45.76 15.79 14.61
C MET C 363 -45.56 14.32 14.25
N TRP C 364 -46.52 13.48 14.61
CA TRP C 364 -46.43 12.05 14.33
C TRP C 364 -46.41 11.76 12.84
N GLU C 365 -46.87 12.72 12.03
CA GLU C 365 -46.88 12.56 10.59
C GLU C 365 -45.47 12.36 10.05
N TYR C 366 -44.50 13.04 10.68
CA TYR C 366 -43.11 12.94 10.27
C TYR C 366 -42.39 11.80 10.97
N PRO C 367 -41.66 10.98 10.21
CA PRO C 367 -40.92 9.84 10.78
C PRO C 367 -40.00 10.16 11.96
N ILE C 368 -39.36 11.33 11.94
CA ILE C 368 -38.44 11.68 13.02
C ILE C 368 -39.14 11.65 14.39
N ALA C 369 -40.42 12.00 14.42
CA ALA C 369 -41.19 12.02 15.66
C ALA C 369 -41.19 10.64 16.34
N LYS C 370 -41.53 9.60 15.60
CA LYS C 370 -41.54 8.26 16.16
C LYS C 370 -40.13 7.73 16.36
N ALA C 371 -39.17 8.19 15.54
CA ALA C 371 -37.78 7.76 15.68
C ALA C 371 -37.29 8.21 17.06
N TYR C 372 -37.74 9.40 17.47
CA TYR C 372 -37.37 9.96 18.76
C TYR C 372 -37.87 9.12 19.94
N VAL C 373 -39.15 8.78 19.93
CA VAL C 373 -39.70 8.00 21.03
C VAL C 373 -39.27 6.54 20.95
N ASP C 374 -39.07 6.03 19.75
CA ASP C 374 -38.62 4.64 19.58
C ASP C 374 -37.19 4.50 20.07
N ALA C 375 -36.39 5.55 19.87
CA ALA C 375 -35.00 5.51 20.29
C ALA C 375 -34.84 5.41 21.80
N ARG C 376 -35.69 6.12 22.54
CA ARG C 376 -35.56 6.13 23.99
C ARG C 376 -35.49 4.81 24.74
N VAL C 377 -36.01 3.74 24.16
CA VAL C 377 -36.00 2.46 24.84
C VAL C 377 -34.65 1.71 24.76
N GLN C 378 -33.85 2.01 23.73
CA GLN C 378 -32.59 1.29 23.56
C GLN C 378 -31.55 1.34 24.69
N PRO C 379 -31.40 2.50 25.37
CA PRO C 379 -30.43 2.56 26.46
C PRO C 379 -30.96 1.82 27.69
N ILE C 380 -32.23 1.43 27.66
CA ILE C 380 -32.85 0.74 28.79
C ILE C 380 -32.88 -0.78 28.72
N TYR C 381 -33.42 -1.35 27.65
CA TYR C 381 -33.49 -2.80 27.58
C TYR C 381 -32.22 -3.52 27.15
N GLY C 382 -32.22 -4.84 27.32
CA GLY C 382 -31.09 -5.67 26.96
C GLY C 382 -29.90 -5.40 27.86
N GLY C 383 -30.18 -4.85 29.03
CA GLY C 383 -29.12 -4.50 29.97
C GLY C 383 -28.95 -3.00 29.86
N THR C 384 -29.38 -2.27 30.87
CA THR C 384 -29.28 -0.82 30.86
C THR C 384 -27.83 -0.42 30.63
N ASN C 385 -27.64 0.80 30.13
CA ASN C 385 -26.29 1.28 29.87
C ASN C 385 -25.50 1.43 31.17
N GLU C 386 -26.21 1.61 32.30
CA GLU C 386 -25.50 1.71 33.58
C GLU C 386 -24.83 0.35 33.80
N ILE C 387 -25.58 -0.72 33.55
CA ILE C 387 -25.05 -2.07 33.70
C ILE C 387 -23.93 -2.31 32.67
N MET C 388 -24.08 -1.78 31.46
CA MET C 388 -23.05 -1.95 30.44
C MET C 388 -21.74 -1.37 30.96
N LYS C 389 -21.82 -0.18 31.54
CA LYS C 389 -20.62 0.45 32.07
C LYS C 389 -20.04 -0.38 33.23
N GLU C 390 -20.90 -0.95 34.06
CA GLU C 390 -20.41 -1.77 35.17
C GLU C 390 -19.57 -2.93 34.62
N LEU C 391 -20.13 -3.67 33.67
CA LEU C 391 -19.43 -4.79 33.07
C LEU C 391 -18.15 -4.39 32.33
N ILE C 392 -18.15 -3.21 31.72
CA ILE C 392 -16.98 -2.74 31.01
C ILE C 392 -15.88 -2.37 31.99
N ALA C 393 -16.27 -1.86 33.15
CA ALA C 393 -15.32 -1.46 34.18
C ALA C 393 -14.63 -2.65 34.88
N ARG C 394 -15.22 -3.82 34.80
CA ARG C 394 -14.65 -5.00 35.46
C ARG C 394 -13.23 -5.31 35.00
N GLU C 395 -13.00 -5.31 33.67
CA GLU C 395 -11.67 -5.60 33.15
C GLU C 395 -10.69 -4.44 33.32
N ILE C 396 -11.22 -3.25 33.53
CA ILE C 396 -10.40 -2.07 33.71
C ILE C 396 -9.79 -2.04 35.11
N VAL C 397 -10.62 -2.29 36.13
CA VAL C 397 -10.12 -2.21 37.50
C VAL C 397 -9.89 -3.52 38.24
N PHE C 398 -10.60 -4.58 37.83
CA PHE C 398 -10.46 -5.87 38.49
C PHE C 398 -9.76 -6.91 37.60
N GLU D 4 -35.84 33.89 57.57
CA GLU D 4 -36.93 34.23 56.62
C GLU D 4 -37.37 33.07 55.71
N ARG D 5 -37.00 33.13 54.43
CA ARG D 5 -37.37 32.09 53.48
C ARG D 5 -36.13 31.38 52.90
N LEU D 6 -36.30 30.10 52.59
CA LEU D 6 -35.21 29.31 52.03
C LEU D 6 -35.35 29.26 50.51
N GLU D 7 -34.23 29.09 49.81
CA GLU D 7 -34.28 28.97 48.35
C GLU D 7 -34.35 27.47 48.08
N THR D 8 -34.73 27.08 46.88
CA THR D 8 -34.88 25.67 46.54
C THR D 8 -33.78 24.68 46.94
N PRO D 9 -32.50 25.12 46.97
CA PRO D 9 -31.44 24.17 47.34
C PRO D 9 -31.55 23.66 48.77
N SER D 10 -31.93 24.55 49.68
CA SER D 10 -32.03 24.22 51.10
C SER D 10 -33.37 23.61 51.52
N ALA D 11 -34.39 23.71 50.66
CA ALA D 11 -35.72 23.19 50.97
C ALA D 11 -35.78 21.66 51.01
N LYS D 12 -36.77 21.13 51.73
CA LYS D 12 -36.94 19.68 51.83
C LYS D 12 -37.20 19.12 50.44
N LYS D 13 -37.98 19.85 49.65
CA LYS D 13 -38.29 19.46 48.28
C LYS D 13 -38.29 20.74 47.45
N LEU D 14 -37.89 20.62 46.19
CA LEU D 14 -37.83 21.77 45.30
C LEU D 14 -39.22 22.39 45.09
N THR D 15 -40.25 21.56 45.25
CA THR D 15 -41.62 21.99 45.06
C THR D 15 -42.37 22.42 46.34
N ASP D 16 -41.69 22.46 47.47
CA ASP D 16 -42.35 22.85 48.71
C ASP D 16 -42.96 24.24 48.66
N ILE D 17 -44.09 24.40 49.32
CA ILE D 17 -44.76 25.70 49.37
C ILE D 17 -44.10 26.43 50.53
N GLY D 18 -43.80 27.71 50.34
CA GLY D 18 -43.17 28.47 51.41
C GLY D 18 -41.71 28.79 51.20
N ILE D 19 -41.22 28.59 49.97
CA ILE D 19 -39.82 28.86 49.67
C ILE D 19 -39.68 29.88 48.52
N ARG D 20 -38.45 30.37 48.34
CA ARG D 20 -38.11 31.36 47.32
C ARG D 20 -38.47 32.78 47.79
N ARG D 21 -37.44 33.62 47.87
CA ARG D 21 -37.59 34.99 48.34
C ARG D 21 -38.59 35.89 47.63
N ILE D 22 -38.91 35.59 46.37
CA ILE D 22 -39.83 36.45 45.64
C ILE D 22 -41.31 36.27 45.98
N PHE D 23 -41.62 35.40 46.93
CA PHE D 23 -43.01 35.17 47.31
C PHE D 23 -43.33 35.63 48.72
N SER D 24 -44.60 35.93 48.94
CA SER D 24 -45.09 36.40 50.24
C SER D 24 -45.97 35.33 50.90
N PRO D 25 -46.28 35.51 52.19
CA PRO D 25 -47.13 34.52 52.88
C PRO D 25 -48.48 34.42 52.18
N GLU D 26 -48.92 35.53 51.61
CA GLU D 26 -50.19 35.58 50.89
C GLU D 26 -50.08 34.74 49.63
N HIS D 27 -48.91 34.81 48.98
CA HIS D 27 -48.67 34.03 47.77
C HIS D 27 -48.76 32.53 48.07
N ASP D 28 -48.23 32.11 49.21
CA ASP D 28 -48.26 30.71 49.59
C ASP D 28 -49.70 30.20 49.70
N ILE D 29 -50.56 30.97 50.36
CA ILE D 29 -51.96 30.60 50.52
C ILE D 29 -52.59 30.39 49.16
N PHE D 30 -52.30 31.30 48.23
CA PHE D 30 -52.83 31.19 46.88
C PHE D 30 -52.25 29.91 46.26
N ARG D 31 -50.96 29.71 46.49
CA ARG D 31 -50.25 28.54 45.99
C ARG D 31 -50.97 27.27 46.43
N LYS D 32 -51.14 27.12 47.73
CA LYS D 32 -51.80 25.94 48.30
C LYS D 32 -53.17 25.68 47.66
N SER D 33 -53.97 26.73 47.48
CA SER D 33 -55.29 26.55 46.88
C SER D 33 -55.17 26.18 45.41
N VAL D 34 -54.13 26.66 44.75
CA VAL D 34 -53.94 26.33 43.35
C VAL D 34 -53.50 24.88 43.22
N ARG D 35 -52.71 24.41 44.17
CA ARG D 35 -52.24 23.03 44.16
C ARG D 35 -53.44 22.09 44.32
N LYS D 36 -54.37 22.45 45.20
CA LYS D 36 -55.55 21.63 45.41
C LYS D 36 -56.38 21.52 44.15
N PHE D 37 -56.60 22.65 43.48
CA PHE D 37 -57.38 22.66 42.25
C PHE D 37 -56.89 21.63 41.21
N PHE D 38 -55.60 21.66 40.89
CA PHE D 38 -55.05 20.74 39.90
C PHE D 38 -55.15 19.29 40.36
N GLN D 39 -54.92 19.05 41.65
CA GLN D 39 -55.01 17.70 42.18
C GLN D 39 -56.43 17.16 42.08
N GLU D 40 -57.39 17.99 42.47
CA GLU D 40 -58.79 17.58 42.46
C GLU D 40 -59.59 17.77 41.18
N GLU D 41 -59.24 18.74 40.35
CA GLU D 41 -60.01 18.97 39.14
C GLU D 41 -59.31 18.64 37.82
N VAL D 42 -58.00 18.45 37.85
CA VAL D 42 -57.27 18.17 36.62
C VAL D 42 -56.69 16.77 36.54
N ILE D 43 -55.82 16.43 37.50
CA ILE D 43 -55.17 15.13 37.53
C ILE D 43 -56.06 13.90 37.36
N PRO D 44 -57.13 13.78 38.17
CA PRO D 44 -58.02 12.62 38.07
C PRO D 44 -58.70 12.41 36.71
N HIS D 45 -58.76 13.43 35.89
CA HIS D 45 -59.42 13.30 34.59
C HIS D 45 -58.49 13.42 33.38
N HIS D 46 -57.23 13.75 33.63
CA HIS D 46 -56.29 13.95 32.53
C HIS D 46 -56.16 12.80 31.54
N SER D 47 -56.12 11.57 32.04
CA SER D 47 -56.00 10.39 31.17
C SER D 47 -57.13 10.34 30.15
N GLU D 48 -58.33 10.73 30.59
CA GLU D 48 -59.48 10.74 29.70
C GLU D 48 -59.28 11.77 28.59
N TRP D 49 -58.80 12.96 28.97
CA TRP D 49 -58.59 14.03 28.01
C TRP D 49 -57.49 13.69 27.01
N GLU D 50 -56.49 12.93 27.47
CA GLU D 50 -55.39 12.51 26.61
C GLU D 50 -55.93 11.63 25.51
N LYS D 51 -56.85 10.75 25.88
CA LYS D 51 -57.48 9.83 24.94
C LYS D 51 -58.44 10.61 24.05
N ALA D 52 -59.09 11.61 24.62
CA ALA D 52 -60.02 12.44 23.88
C ALA D 52 -59.23 13.34 22.92
N GLY D 53 -58.05 13.74 23.36
CA GLY D 53 -57.21 14.60 22.55
C GLY D 53 -57.42 16.05 22.94
N GLU D 54 -58.21 16.26 23.98
CA GLU D 54 -58.50 17.61 24.45
C GLU D 54 -59.16 17.57 25.83
N VAL D 55 -59.06 18.68 26.55
CA VAL D 55 -59.67 18.76 27.87
C VAL D 55 -61.13 19.16 27.69
N SER D 56 -61.91 19.06 28.77
CA SER D 56 -63.33 19.39 28.71
C SER D 56 -63.56 20.89 28.89
N ARG D 57 -64.63 21.41 28.28
CA ARG D 57 -64.93 22.83 28.43
C ARG D 57 -65.32 23.07 29.88
N GLU D 58 -65.67 21.99 30.58
CA GLU D 58 -66.06 22.07 31.99
C GLU D 58 -64.92 22.47 32.90
N VAL D 59 -63.73 21.90 32.68
CA VAL D 59 -62.59 22.23 33.51
C VAL D 59 -62.22 23.71 33.35
N TRP D 60 -62.41 24.25 32.14
CA TRP D 60 -62.13 25.67 31.91
C TRP D 60 -63.06 26.56 32.73
N GLU D 61 -64.33 26.20 32.78
CA GLU D 61 -65.31 26.99 33.55
C GLU D 61 -64.98 26.89 35.04
N LYS D 62 -64.55 25.72 35.48
CA LYS D 62 -64.20 25.52 36.88
C LYS D 62 -62.96 26.35 37.23
N ALA D 63 -62.03 26.45 36.29
CA ALA D 63 -60.82 27.23 36.50
C ALA D 63 -61.17 28.72 36.57
N GLY D 64 -62.03 29.16 35.65
CA GLY D 64 -62.44 30.55 35.63
C GLY D 64 -63.21 30.92 36.88
N LYS D 65 -64.22 30.13 37.21
CA LYS D 65 -65.03 30.38 38.39
C LYS D 65 -64.19 30.44 39.65
N GLN D 66 -63.12 29.67 39.70
CA GLN D 66 -62.26 29.66 40.88
C GLN D 66 -61.18 30.75 40.85
N GLY D 67 -61.17 31.53 39.78
CA GLY D 67 -60.21 32.61 39.66
C GLY D 67 -58.78 32.23 39.34
N LEU D 68 -58.61 31.36 38.35
CA LEU D 68 -57.27 30.93 37.94
C LEU D 68 -57.04 31.33 36.47
N LEU D 69 -58.02 32.01 35.89
CA LEU D 69 -57.93 32.46 34.51
C LEU D 69 -57.94 33.98 34.47
N GLY D 70 -56.83 34.57 34.04
CA GLY D 70 -56.76 36.01 33.95
C GLY D 70 -56.10 36.67 35.15
N VAL D 71 -55.23 35.93 35.85
CA VAL D 71 -54.54 36.52 36.98
C VAL D 71 -53.50 37.46 36.37
N ASN D 72 -53.16 38.53 37.08
CA ASN D 72 -52.20 39.52 36.61
C ASN D 72 -52.80 40.35 35.47
N ILE D 73 -54.12 40.25 35.31
CA ILE D 73 -54.85 41.03 34.32
C ILE D 73 -55.66 42.02 35.13
N ALA D 74 -55.50 43.32 34.82
CA ALA D 74 -56.19 44.39 35.53
C ALA D 74 -57.65 44.08 35.85
N GLU D 75 -57.98 44.15 37.14
CA GLU D 75 -59.35 43.88 37.58
C GLU D 75 -60.39 44.77 36.92
N HIS D 76 -60.16 46.08 36.93
CA HIS D 76 -61.11 47.01 36.33
C HIS D 76 -61.28 46.77 34.84
N LEU D 77 -60.48 45.86 34.28
CA LEU D 77 -60.58 45.54 32.86
C LEU D 77 -61.36 44.24 32.70
N GLY D 78 -61.81 43.69 33.82
CA GLY D 78 -62.55 42.45 33.78
C GLY D 78 -61.67 41.27 34.17
N GLY D 79 -60.42 41.58 34.53
CA GLY D 79 -59.49 40.53 34.92
C GLY D 79 -59.65 40.16 36.38
N ILE D 80 -58.67 39.43 36.90
CA ILE D 80 -58.69 38.99 38.29
C ILE D 80 -57.75 39.82 39.15
N GLY D 81 -56.85 40.56 38.50
CA GLY D 81 -55.91 41.38 39.25
C GLY D 81 -54.75 40.53 39.71
N GLY D 82 -53.98 41.03 40.67
CA GLY D 82 -52.84 40.30 41.19
C GLY D 82 -51.58 40.55 40.40
N ASP D 83 -50.44 40.49 41.07
CA ASP D 83 -49.14 40.74 40.42
C ASP D 83 -48.71 39.57 39.53
N LEU D 84 -47.51 39.70 38.97
CA LEU D 84 -46.96 38.67 38.10
C LEU D 84 -46.70 37.38 38.87
N TYR D 85 -46.23 37.51 40.11
CA TYR D 85 -45.93 36.36 40.95
C TYR D 85 -47.12 35.43 41.13
N SER D 86 -48.32 35.99 41.10
CA SER D 86 -49.54 35.21 41.26
C SER D 86 -49.85 34.46 39.97
N ALA D 87 -49.62 35.11 38.84
CA ALA D 87 -49.88 34.47 37.54
C ALA D 87 -48.91 33.31 37.35
N ALA D 88 -47.68 33.48 37.79
CA ALA D 88 -46.65 32.45 37.67
C ALA D 88 -46.99 31.23 38.50
N ILE D 89 -47.58 31.46 39.67
CA ILE D 89 -47.97 30.35 40.55
C ILE D 89 -48.88 29.38 39.82
N VAL D 90 -49.75 29.91 38.99
CA VAL D 90 -50.68 29.09 38.21
C VAL D 90 -49.93 28.33 37.12
N TRP D 91 -48.90 28.95 36.53
CA TRP D 91 -48.10 28.31 35.49
C TRP D 91 -47.33 27.15 36.12
N GLU D 92 -46.67 27.47 37.24
CA GLU D 92 -45.85 26.52 37.96
C GLU D 92 -46.64 25.33 38.48
N GLU D 93 -47.73 25.60 39.18
CA GLU D 93 -48.54 24.52 39.71
C GLU D 93 -49.08 23.62 38.62
N GLN D 94 -49.37 24.17 37.44
CA GLN D 94 -49.86 23.32 36.36
C GLN D 94 -48.72 22.40 35.91
N ALA D 95 -47.50 22.91 36.01
CA ALA D 95 -46.31 22.15 35.64
C ALA D 95 -46.08 21.07 36.69
N TYR D 96 -46.16 21.45 37.96
CA TYR D 96 -45.95 20.51 39.06
C TYR D 96 -46.96 19.36 39.09
N SER D 97 -48.07 19.51 38.36
CA SER D 97 -49.10 18.47 38.30
C SER D 97 -48.84 17.55 37.14
N ASN D 98 -47.86 17.94 36.31
CA ASN D 98 -47.49 17.17 35.14
C ASN D 98 -48.66 16.98 34.19
N CYS D 99 -49.55 17.98 34.16
CA CYS D 99 -50.73 17.96 33.30
C CYS D 99 -50.65 19.09 32.28
N SER D 100 -50.24 18.75 31.07
CA SER D 100 -50.07 19.73 30.01
C SER D 100 -51.27 19.91 29.10
N GLY D 101 -52.38 19.23 29.41
CA GLY D 101 -53.56 19.33 28.57
C GLY D 101 -54.19 20.70 28.48
N PRO D 102 -54.60 21.29 29.62
CA PRO D 102 -55.22 22.62 29.61
C PRO D 102 -54.30 23.76 29.20
N GLY D 103 -54.73 24.54 28.21
CA GLY D 103 -53.94 25.65 27.74
C GLY D 103 -54.24 26.95 28.46
N PHE D 104 -54.28 26.90 29.80
CA PHE D 104 -54.57 28.08 30.61
C PHE D 104 -53.58 29.23 30.41
N SER D 105 -52.30 28.94 30.62
CA SER D 105 -51.24 29.95 30.52
C SER D 105 -51.20 30.72 29.21
N ILE D 106 -51.50 30.07 28.09
CA ILE D 106 -51.48 30.77 26.82
C ILE D 106 -52.64 31.75 26.87
N HIS D 107 -53.82 31.21 27.16
CA HIS D 107 -55.05 31.97 27.27
C HIS D 107 -54.88 33.22 28.15
N SER D 108 -54.46 33.00 29.39
CA SER D 108 -54.27 34.08 30.36
C SER D 108 -53.00 34.90 30.24
N GLY D 109 -51.88 34.22 30.01
CA GLY D 109 -50.59 34.90 29.91
C GLY D 109 -50.30 35.51 28.56
N ILE D 110 -50.93 35.00 27.51
CA ILE D 110 -50.68 35.53 26.18
C ILE D 110 -51.89 36.25 25.55
N VAL D 111 -52.89 35.48 25.13
CA VAL D 111 -54.09 36.04 24.49
C VAL D 111 -54.76 37.18 25.25
N MET D 112 -55.03 36.97 26.54
CA MET D 112 -55.67 37.99 27.34
C MET D 112 -54.79 39.22 27.56
N SER D 113 -53.48 39.01 27.49
CA SER D 113 -52.53 40.10 27.67
C SER D 113 -52.56 41.01 26.45
N TYR D 114 -52.63 40.43 25.27
CA TYR D 114 -52.69 41.21 24.04
C TYR D 114 -53.96 42.06 24.02
N ILE D 115 -55.08 41.45 24.40
CA ILE D 115 -56.35 42.17 24.40
C ILE D 115 -56.41 43.34 25.37
N THR D 116 -55.88 43.18 26.57
CA THR D 116 -55.91 44.25 27.56
C THR D 116 -54.74 45.23 27.51
N ASN D 117 -53.82 45.03 26.57
CA ASN D 117 -52.68 45.93 26.45
C ASN D 117 -52.76 46.77 25.20
N HIS D 118 -53.28 46.18 24.12
CA HIS D 118 -53.36 46.90 22.85
C HIS D 118 -54.75 46.87 22.25
N GLY D 119 -55.75 46.57 23.07
CA GLY D 119 -57.13 46.53 22.59
C GLY D 119 -57.95 47.70 23.08
N SER D 120 -59.11 47.90 22.48
CA SER D 120 -60.00 49.00 22.86
C SER D 120 -60.94 48.56 23.97
N GLU D 121 -61.69 49.50 24.52
CA GLU D 121 -62.62 49.19 25.60
C GLU D 121 -63.75 48.31 25.08
N GLU D 122 -64.14 48.50 23.83
CA GLU D 122 -65.21 47.70 23.24
C GLU D 122 -64.78 46.25 23.09
N GLN D 123 -63.47 46.02 23.02
CA GLN D 123 -62.94 44.67 22.90
C GLN D 123 -62.67 44.16 24.31
N ILE D 124 -62.04 45.00 25.12
CA ILE D 124 -61.73 44.65 26.50
C ILE D 124 -63.01 44.32 27.27
N LYS D 125 -64.09 45.03 26.97
CA LYS D 125 -65.37 44.83 27.65
C LYS D 125 -66.07 43.56 27.16
N HIS D 126 -65.95 43.31 25.88
CA HIS D 126 -66.58 42.14 25.27
C HIS D 126 -65.92 40.80 25.62
N PHE D 127 -64.62 40.70 25.37
CA PHE D 127 -63.86 39.47 25.60
C PHE D 127 -63.37 39.16 27.01
N ILE D 128 -62.67 40.08 27.65
CA ILE D 128 -62.12 39.85 28.98
C ILE D 128 -63.02 39.23 30.04
N PRO D 129 -64.29 39.63 30.11
CA PRO D 129 -65.16 39.02 31.13
C PRO D 129 -65.39 37.53 30.95
N GLN D 130 -65.73 37.12 29.72
CA GLN D 130 -66.00 35.71 29.43
C GLN D 130 -64.75 34.84 29.30
N MET D 131 -63.59 35.48 29.14
CA MET D 131 -62.33 34.73 29.04
C MET D 131 -61.84 34.46 30.45
N THR D 132 -62.14 35.36 31.37
CA THR D 132 -61.76 35.21 32.77
C THR D 132 -62.66 34.16 33.43
N ALA D 133 -63.79 33.88 32.80
CA ALA D 133 -64.75 32.91 33.31
C ALA D 133 -64.54 31.52 32.71
N GLY D 134 -63.68 31.45 31.70
CA GLY D 134 -63.40 30.18 31.06
C GLY D 134 -64.46 29.78 30.05
N LYS D 135 -65.31 30.73 29.66
CA LYS D 135 -66.36 30.45 28.71
C LYS D 135 -65.90 30.83 27.30
N CYS D 136 -64.90 31.70 27.22
CA CYS D 136 -64.35 32.10 25.93
C CYS D 136 -62.88 31.72 25.93
N ILE D 137 -62.53 30.64 25.25
CA ILE D 137 -61.16 30.15 25.20
C ILE D 137 -60.38 30.77 24.04
N GLY D 138 -59.30 31.48 24.37
CA GLY D 138 -58.51 32.11 23.34
C GLY D 138 -57.26 31.38 22.92
N ALA D 139 -56.77 31.73 21.73
CA ALA D 139 -55.55 31.15 21.18
C ALA D 139 -54.76 32.26 20.48
N ILE D 140 -53.71 31.88 19.77
CA ILE D 140 -52.90 32.86 19.06
C ILE D 140 -52.24 32.19 17.85
N ALA D 141 -52.64 32.62 16.66
CA ALA D 141 -52.14 32.05 15.41
C ALA D 141 -51.14 32.95 14.71
N MET D 142 -49.89 32.48 14.65
CA MET D 142 -48.83 33.24 14.00
C MET D 142 -48.10 32.40 12.97
N THR D 143 -47.70 31.20 13.38
CA THR D 143 -46.95 30.26 12.55
C THR D 143 -47.73 29.75 11.34
N GLU D 144 -47.03 29.57 10.23
CA GLU D 144 -47.67 29.08 9.02
C GLU D 144 -46.91 27.89 8.45
N PRO D 145 -47.56 27.10 7.57
CA PRO D 145 -46.93 25.92 6.96
C PRO D 145 -45.62 26.26 6.26
N GLY D 146 -45.61 27.40 5.56
CA GLY D 146 -44.42 27.82 4.84
C GLY D 146 -43.24 28.16 5.72
N ALA D 147 -43.50 28.87 6.82
CA ALA D 147 -42.44 29.25 7.74
C ALA D 147 -42.93 29.59 9.14
N GLY D 148 -42.10 29.30 10.13
CA GLY D 148 -42.45 29.59 11.51
C GLY D 148 -41.52 30.71 11.92
N SER D 149 -40.24 30.54 11.59
CA SER D 149 -39.17 31.41 12.09
C SER D 149 -39.00 32.61 11.16
N ASP D 150 -39.11 32.38 9.87
CA ASP D 150 -38.98 33.43 8.87
C ASP D 150 -40.25 34.28 8.83
N LEU D 151 -40.32 35.26 9.73
CA LEU D 151 -41.48 36.15 9.84
C LEU D 151 -41.89 36.75 8.50
N GLN D 152 -40.92 37.07 7.66
CA GLN D 152 -41.20 37.65 6.36
C GLN D 152 -41.98 36.68 5.48
N GLY D 153 -42.04 35.41 5.90
CA GLY D 153 -42.74 34.41 5.11
C GLY D 153 -44.22 34.25 5.42
N ILE D 154 -44.87 35.33 5.79
CA ILE D 154 -46.29 35.29 6.12
C ILE D 154 -47.14 35.43 4.86
N LYS D 155 -48.02 34.46 4.62
CA LYS D 155 -48.90 34.45 3.45
C LYS D 155 -50.30 34.92 3.83
N THR D 156 -50.61 34.87 5.12
CA THR D 156 -51.92 35.29 5.61
C THR D 156 -52.06 36.80 5.42
N ASN D 157 -52.98 37.20 4.55
CA ASN D 157 -53.20 38.61 4.25
C ASN D 157 -54.64 39.06 4.50
N ALA D 158 -54.79 40.33 4.90
CA ALA D 158 -56.10 40.90 5.17
C ALA D 158 -56.38 42.16 4.34
N LYS D 159 -56.86 41.96 3.12
CA LYS D 159 -57.19 43.07 2.22
C LYS D 159 -58.43 43.79 2.75
N LYS D 160 -58.31 45.09 3.01
CA LYS D 160 -59.43 45.85 3.54
C LYS D 160 -60.50 46.20 2.49
N ASP D 161 -61.76 46.13 2.92
CA ASP D 161 -62.89 46.44 2.06
C ASP D 161 -63.84 47.40 2.78
N GLY D 162 -63.74 48.68 2.46
CA GLY D 162 -64.57 49.67 3.12
C GLY D 162 -64.09 49.82 4.55
N SER D 163 -64.87 49.32 5.49
CA SER D 163 -64.50 49.38 6.90
C SER D 163 -64.28 47.96 7.43
N ASP D 164 -64.46 46.98 6.55
CA ASP D 164 -64.26 45.57 6.90
C ASP D 164 -62.94 45.09 6.30
N TRP D 165 -62.57 43.84 6.60
CA TRP D 165 -61.34 43.25 6.07
C TRP D 165 -61.56 41.84 5.51
N ILE D 166 -60.96 41.56 4.36
CA ILE D 166 -61.07 40.26 3.71
C ILE D 166 -59.86 39.39 4.10
N LEU D 167 -60.07 38.49 5.06
CA LEU D 167 -59.01 37.61 5.56
C LEU D 167 -58.90 36.29 4.81
N ASN D 168 -57.67 35.93 4.46
CA ASN D 168 -57.38 34.67 3.77
C ASN D 168 -56.09 34.08 4.34
N GLY D 169 -55.80 32.83 3.99
CA GLY D 169 -54.59 32.19 4.47
C GLY D 169 -54.82 30.97 5.34
N SER D 170 -53.81 30.63 6.14
CA SER D 170 -53.89 29.48 7.04
C SER D 170 -52.78 29.51 8.08
N LYS D 171 -53.02 28.81 9.19
CA LYS D 171 -52.06 28.72 10.27
C LYS D 171 -51.85 27.25 10.63
N VAL D 172 -50.78 26.97 11.35
CA VAL D 172 -50.48 25.60 11.77
C VAL D 172 -49.94 25.56 13.20
N PHE D 173 -50.14 24.45 13.89
CA PHE D 173 -49.67 24.27 15.26
C PHE D 173 -50.39 25.17 16.26
N ILE D 174 -51.64 25.51 15.99
CA ILE D 174 -52.39 26.38 16.90
C ILE D 174 -52.90 25.67 18.15
N SER D 175 -52.29 25.99 19.29
CA SER D 175 -52.69 25.41 20.57
C SER D 175 -54.10 25.92 20.90
N ASN D 176 -54.92 25.03 21.46
CA ASN D 176 -56.32 25.34 21.79
C ASN D 176 -57.07 25.54 20.48
N GLY D 177 -56.50 25.01 19.41
CA GLY D 177 -57.09 25.14 18.09
C GLY D 177 -58.49 24.61 17.97
N SER D 178 -58.86 23.65 18.83
CA SER D 178 -60.19 23.08 18.78
C SER D 178 -61.18 23.74 19.72
N LEU D 179 -60.75 24.06 20.93
CA LEU D 179 -61.61 24.68 21.93
C LEU D 179 -61.70 26.20 21.90
N SER D 180 -60.91 26.85 21.05
CA SER D 180 -60.91 28.31 21.01
C SER D 180 -62.19 28.97 20.50
N ASP D 181 -62.57 30.08 21.15
CA ASP D 181 -63.75 30.86 20.80
C ASP D 181 -63.29 32.20 20.21
N VAL D 182 -62.01 32.50 20.41
CA VAL D 182 -61.40 33.72 19.91
C VAL D 182 -59.90 33.49 19.70
N VAL D 183 -59.44 33.75 18.48
CA VAL D 183 -58.03 33.56 18.12
C VAL D 183 -57.39 34.81 17.53
N ILE D 184 -56.33 35.29 18.17
CA ILE D 184 -55.62 36.47 17.68
C ILE D 184 -54.82 36.03 16.47
N VAL D 185 -55.19 36.53 15.29
CA VAL D 185 -54.51 36.16 14.07
C VAL D 185 -53.54 37.24 13.59
N VAL D 186 -52.39 36.79 13.09
CA VAL D 186 -51.36 37.67 12.57
C VAL D 186 -51.44 37.64 11.05
N ALA D 187 -51.68 38.79 10.43
CA ALA D 187 -51.79 38.85 8.97
C ALA D 187 -51.10 40.06 8.34
N VAL D 188 -50.69 39.89 7.09
CA VAL D 188 -50.02 40.96 6.34
C VAL D 188 -51.08 41.91 5.80
N THR D 189 -50.96 43.19 6.18
CA THR D 189 -51.89 44.21 5.72
C THR D 189 -51.21 45.12 4.70
N ASN D 190 -50.00 45.57 5.03
CA ASN D 190 -49.25 46.45 4.13
C ASN D 190 -48.12 45.69 3.44
N HIS D 191 -48.40 45.20 2.24
CA HIS D 191 -47.41 44.45 1.47
C HIS D 191 -46.23 45.24 0.93
N GLU D 192 -46.46 46.47 0.49
CA GLU D 192 -45.38 47.29 -0.03
C GLU D 192 -44.73 48.00 1.16
N ALA D 193 -44.48 47.24 2.22
CA ALA D 193 -43.84 47.78 3.42
C ALA D 193 -42.35 47.45 3.33
N PRO D 194 -41.49 48.40 3.71
CA PRO D 194 -40.04 48.17 3.64
C PRO D 194 -39.62 46.95 4.46
N SER D 195 -40.03 46.91 5.73
CA SER D 195 -39.71 45.79 6.61
C SER D 195 -41.04 45.25 7.13
N PRO D 196 -41.03 44.01 7.65
CA PRO D 196 -42.26 43.39 8.17
C PRO D 196 -42.49 43.87 9.61
N ALA D 197 -42.58 45.19 9.76
CA ALA D 197 -42.81 45.83 11.03
C ALA D 197 -43.80 46.95 10.82
N HIS D 198 -43.98 47.33 9.56
CA HIS D 198 -44.90 48.37 9.17
C HIS D 198 -45.95 47.77 8.25
N GLY D 199 -46.07 46.45 8.27
CA GLY D 199 -47.04 45.79 7.41
C GLY D 199 -47.78 44.62 8.03
N ILE D 200 -47.78 44.54 9.35
CA ILE D 200 -48.45 43.44 10.04
C ILE D 200 -49.49 43.93 11.04
N SER D 201 -50.64 43.24 11.07
CA SER D 201 -51.72 43.61 11.98
C SER D 201 -52.26 42.42 12.75
N LEU D 202 -52.89 42.69 13.89
CA LEU D 202 -53.48 41.66 14.74
C LEU D 202 -55.00 41.68 14.66
N PHE D 203 -55.60 40.55 14.30
CA PHE D 203 -57.07 40.45 14.19
C PHE D 203 -57.67 39.44 15.16
N LEU D 204 -58.91 39.69 15.57
CA LEU D 204 -59.63 38.81 16.47
C LEU D 204 -60.68 38.03 15.68
N VAL D 205 -60.36 36.78 15.35
CA VAL D 205 -61.27 35.92 14.59
C VAL D 205 -62.10 35.04 15.53
N GLU D 206 -63.32 35.47 15.83
CA GLU D 206 -64.21 34.71 16.71
C GLU D 206 -64.77 33.49 16.00
N ASN D 207 -65.07 32.47 16.78
CA ASN D 207 -65.61 31.22 16.26
C ASN D 207 -67.02 31.43 15.72
N GLY D 208 -67.25 31.02 14.47
CA GLY D 208 -68.57 31.18 13.87
C GLY D 208 -68.59 31.88 12.52
N MET D 209 -67.69 32.83 12.32
CA MET D 209 -67.61 33.58 11.07
C MET D 209 -67.43 32.62 9.90
N LYS D 210 -68.17 32.84 8.83
CA LYS D 210 -68.04 31.98 7.65
C LYS D 210 -66.62 32.10 7.12
N GLY D 211 -66.17 31.10 6.37
CA GLY D 211 -64.83 31.13 5.83
C GLY D 211 -63.79 30.66 6.83
N PHE D 212 -64.17 30.63 8.10
CA PHE D 212 -63.29 30.18 9.17
C PHE D 212 -63.43 28.66 9.30
N ILE D 213 -62.36 27.95 8.92
CA ILE D 213 -62.35 26.49 8.96
C ILE D 213 -61.33 25.93 9.94
N LYS D 214 -61.79 25.16 10.92
CA LYS D 214 -60.91 24.54 11.90
C LYS D 214 -60.56 23.13 11.44
N GLY D 215 -59.27 22.85 11.26
CA GLY D 215 -58.85 21.53 10.84
C GLY D 215 -58.92 20.56 12.00
N ARG D 216 -58.77 19.27 11.71
CA ARG D 216 -58.83 18.25 12.75
C ARG D 216 -57.56 18.24 13.61
N LYS D 217 -57.71 17.86 14.88
CA LYS D 217 -56.59 17.81 15.81
C LYS D 217 -55.37 17.09 15.25
N LEU D 218 -54.19 17.62 15.55
CA LEU D 218 -52.95 17.04 15.06
C LEU D 218 -52.43 15.94 15.99
N HIS D 219 -51.91 14.87 15.38
CA HIS D 219 -51.34 13.74 16.10
C HIS D 219 -49.87 14.06 16.37
N LYS D 220 -49.53 14.22 17.65
CA LYS D 220 -48.17 14.59 18.04
C LYS D 220 -47.52 13.50 18.90
N MET D 221 -46.23 13.66 19.22
CA MET D 221 -45.52 12.69 20.05
C MET D 221 -45.88 12.92 21.52
N GLY D 222 -46.29 14.15 21.84
CA GLY D 222 -46.65 14.50 23.21
C GLY D 222 -47.81 15.48 23.31
N LEU D 223 -48.02 16.04 24.51
CA LEU D 223 -49.13 16.98 24.75
C LEU D 223 -50.40 16.39 24.17
N LYS D 224 -50.63 15.12 24.50
CA LYS D 224 -51.78 14.39 23.99
C LYS D 224 -53.12 15.05 24.30
N ALA D 225 -53.21 15.69 25.47
CA ALA D 225 -54.43 16.35 25.90
C ALA D 225 -54.52 17.82 25.46
N GLN D 226 -53.58 18.25 24.63
CA GLN D 226 -53.58 19.63 24.16
C GLN D 226 -54.06 19.64 22.71
N ASP D 227 -55.25 20.20 22.50
CA ASP D 227 -55.82 20.27 21.17
C ASP D 227 -55.04 21.27 20.32
N THR D 228 -54.29 20.74 19.37
CA THR D 228 -53.48 21.56 18.48
C THR D 228 -54.07 21.33 17.11
N ALA D 229 -54.38 22.40 16.40
CA ALA D 229 -54.98 22.25 15.08
C ALA D 229 -54.53 23.26 14.03
N GLU D 230 -54.88 22.96 12.78
CA GLU D 230 -54.57 23.84 11.66
C GLU D 230 -55.81 24.71 11.47
N LEU D 231 -55.61 26.00 11.22
CA LEU D 231 -56.71 26.94 11.01
C LEU D 231 -56.68 27.48 9.58
N PHE D 232 -57.86 27.64 8.99
CA PHE D 232 -57.96 28.13 7.62
C PHE D 232 -58.87 29.36 7.54
N PHE D 233 -58.62 30.20 6.55
CA PHE D 233 -59.39 31.41 6.33
C PHE D 233 -59.67 31.57 4.84
N GLU D 234 -60.94 31.45 4.44
CA GLU D 234 -61.31 31.58 3.04
C GLU D 234 -62.26 32.78 3.06
N ASP D 235 -61.70 33.96 2.77
CA ASP D 235 -62.45 35.22 2.74
C ASP D 235 -63.38 35.69 3.86
N ILE D 236 -62.87 35.73 5.09
CA ILE D 236 -63.66 36.17 6.22
C ILE D 236 -63.85 37.67 6.35
N ARG D 237 -65.06 38.16 6.08
CA ARG D 237 -65.33 39.59 6.21
C ARG D 237 -65.28 39.95 7.69
N LEU D 238 -64.33 40.80 8.06
CA LEU D 238 -64.17 41.21 9.45
C LEU D 238 -64.61 42.64 9.75
N PRO D 239 -65.39 42.83 10.83
CA PRO D 239 -65.86 44.17 11.21
C PRO D 239 -64.68 45.09 11.46
N ALA D 240 -64.96 46.34 11.80
CA ALA D 240 -63.90 47.30 12.08
C ALA D 240 -63.35 47.05 13.49
N SER D 241 -64.14 46.36 14.31
CA SER D 241 -63.73 46.06 15.67
C SER D 241 -62.86 44.81 15.70
N ALA D 242 -62.86 44.06 14.59
CA ALA D 242 -62.08 42.84 14.47
C ALA D 242 -60.58 43.15 14.48
N LEU D 243 -60.24 44.40 14.19
CA LEU D 243 -58.85 44.82 14.18
C LEU D 243 -58.40 45.11 15.60
N LEU D 244 -57.28 44.51 15.99
CA LEU D 244 -56.73 44.70 17.33
C LEU D 244 -55.56 45.67 17.27
N GLY D 245 -55.70 46.81 17.94
CA GLY D 245 -54.66 47.81 17.93
C GLY D 245 -54.66 48.60 16.64
N GLU D 246 -53.52 49.23 16.34
CA GLU D 246 -53.40 50.04 15.12
C GLU D 246 -52.99 49.18 13.93
N GLU D 247 -53.56 49.49 12.77
CA GLU D 247 -53.24 48.79 11.54
C GLU D 247 -51.72 48.85 11.30
N ASN D 248 -51.16 47.76 10.77
CA ASN D 248 -49.73 47.68 10.51
C ASN D 248 -48.86 47.87 11.75
N LYS D 249 -49.47 47.76 12.93
CA LYS D 249 -48.71 47.92 14.17
C LYS D 249 -48.53 46.60 14.93
N GLY D 250 -48.96 45.50 14.32
CA GLY D 250 -48.84 44.20 14.95
C GLY D 250 -47.44 43.89 15.47
N PHE D 251 -46.45 44.01 14.58
CA PHE D 251 -45.06 43.75 14.94
C PHE D 251 -44.70 44.38 16.28
N TYR D 252 -45.08 45.63 16.45
CA TYR D 252 -44.81 46.38 17.67
C TYR D 252 -45.49 45.72 18.88
N TYR D 253 -46.69 45.21 18.65
CA TYR D 253 -47.45 44.58 19.72
C TYR D 253 -46.83 43.25 20.13
N ILE D 254 -46.46 42.45 19.13
CA ILE D 254 -45.85 41.16 19.37
C ILE D 254 -44.51 41.32 20.09
N MET D 255 -43.68 42.24 19.59
CA MET D 255 -42.38 42.49 20.19
C MET D 255 -42.46 42.87 21.67
N LYS D 256 -43.50 43.61 22.05
CA LYS D 256 -43.64 44.01 23.43
C LYS D 256 -44.14 42.88 24.31
N GLU D 257 -44.84 41.92 23.71
CA GLU D 257 -45.38 40.80 24.48
C GLU D 257 -44.45 39.59 24.53
N LEU D 258 -43.58 39.45 23.53
CA LEU D 258 -42.64 38.33 23.47
C LEU D 258 -41.92 38.00 24.77
N PRO D 259 -41.39 39.03 25.48
CA PRO D 259 -40.69 38.75 26.73
C PRO D 259 -41.50 37.89 27.70
N GLN D 260 -42.75 38.27 27.92
CA GLN D 260 -43.62 37.52 28.82
C GLN D 260 -43.80 36.07 28.36
N GLN D 261 -43.94 35.89 27.09
CA GLN D 261 -44.11 34.55 26.53
C GLN D 261 -42.87 33.68 26.79
N ARG D 262 -41.71 34.29 26.62
CA ARG D 262 -40.46 33.58 26.83
C ARG D 262 -40.26 33.25 28.31
N LEU D 263 -40.57 34.21 29.17
CA LEU D 263 -40.45 33.99 30.60
C LEU D 263 -41.40 32.87 31.01
N LEU D 264 -42.59 32.88 30.41
CA LEU D 264 -43.60 31.88 30.71
C LEU D 264 -43.10 30.48 30.37
N ILE D 265 -42.60 30.31 29.15
CA ILE D 265 -42.10 29.00 28.76
C ILE D 265 -40.95 28.59 29.69
N ALA D 266 -40.09 29.54 30.03
CA ALA D 266 -38.94 29.27 30.90
C ALA D 266 -39.34 28.79 32.30
N ASP D 267 -40.32 29.45 32.90
CA ASP D 267 -40.74 29.06 34.23
C ASP D 267 -41.42 27.69 34.19
N VAL D 268 -42.19 27.44 33.15
CA VAL D 268 -42.85 26.15 32.99
C VAL D 268 -41.80 25.06 32.81
N ALA D 269 -40.77 25.35 32.01
CA ALA D 269 -39.71 24.40 31.75
C ALA D 269 -38.94 24.07 33.03
N ILE D 270 -38.59 25.09 33.80
CA ILE D 270 -37.84 24.86 35.03
C ILE D 270 -38.72 24.20 36.10
N SER D 271 -40.01 24.51 36.11
CA SER D 271 -40.91 23.91 37.09
C SER D 271 -41.13 22.42 36.79
N ALA D 272 -41.25 22.09 35.51
CA ALA D 272 -41.42 20.70 35.11
C ALA D 272 -40.16 19.91 35.50
N SER D 273 -39.02 20.58 35.48
CA SER D 273 -37.75 19.94 35.84
C SER D 273 -37.73 19.65 37.34
N GLU D 274 -38.26 20.58 38.14
CA GLU D 274 -38.29 20.40 39.59
C GLU D 274 -39.23 19.24 39.89
N PHE D 275 -40.33 19.14 39.15
CA PHE D 275 -41.28 18.04 39.34
C PHE D 275 -40.60 16.72 39.01
N MET D 276 -40.01 16.64 37.82
CA MET D 276 -39.35 15.40 37.40
C MET D 276 -38.30 14.95 38.42
N PHE D 277 -37.55 15.90 38.96
CA PHE D 277 -36.51 15.59 39.94
C PHE D 277 -37.05 14.96 41.23
N GLU D 278 -38.09 15.56 41.80
CA GLU D 278 -38.66 15.05 43.04
C GLU D 278 -39.36 13.71 42.80
N GLU D 279 -39.95 13.56 41.61
CA GLU D 279 -40.62 12.33 41.22
C GLU D 279 -39.60 11.21 41.18
N THR D 280 -38.47 11.48 40.52
CA THR D 280 -37.39 10.52 40.37
C THR D 280 -36.63 10.25 41.67
N ARG D 281 -36.39 11.29 42.44
CA ARG D 281 -35.70 11.15 43.72
C ARG D 281 -36.51 10.15 44.56
N ASN D 282 -37.82 10.30 44.55
CA ASN D 282 -38.70 9.41 45.29
C ASN D 282 -38.67 7.98 44.74
N TYR D 283 -38.67 7.85 43.42
CA TYR D 283 -38.65 6.53 42.81
C TYR D 283 -37.40 5.71 43.15
N VAL D 284 -36.21 6.30 43.03
CA VAL D 284 -34.98 5.55 43.29
C VAL D 284 -34.77 5.23 44.77
N LYS D 285 -35.37 6.03 45.65
CA LYS D 285 -35.24 5.77 47.08
C LYS D 285 -36.14 4.59 47.50
N GLN D 286 -37.16 4.30 46.69
CA GLN D 286 -38.08 3.22 46.97
C GLN D 286 -37.87 1.98 46.10
N ARG D 287 -36.91 2.04 45.20
CA ARG D 287 -36.62 0.92 44.30
C ARG D 287 -35.37 0.19 44.76
N LYS D 288 -35.47 -1.12 44.97
CA LYS D 288 -34.30 -1.88 45.40
C LYS D 288 -33.79 -2.77 44.29
N ALA D 289 -32.49 -3.07 44.33
CA ALA D 289 -31.85 -3.92 43.34
C ALA D 289 -30.50 -4.42 43.88
N PHE D 290 -30.16 -5.66 43.52
CA PHE D 290 -28.87 -6.28 43.94
C PHE D 290 -28.63 -6.15 45.44
N GLY D 291 -29.70 -6.06 46.24
CA GLY D 291 -29.59 -5.98 47.72
C GLY D 291 -29.98 -4.70 48.46
N LYS D 292 -29.85 -3.51 47.86
CA LYS D 292 -30.04 -2.20 48.50
C LYS D 292 -30.77 -1.28 47.52
N THR D 293 -31.31 -0.19 48.03
CA THR D 293 -32.07 0.80 47.23
C THR D 293 -31.16 1.47 46.18
N VAL D 294 -31.70 1.66 44.96
CA VAL D 294 -31.00 2.31 43.86
C VAL D 294 -30.37 3.63 44.29
N ALA D 295 -31.03 4.33 45.21
CA ALA D 295 -30.53 5.62 45.71
C ALA D 295 -29.21 5.51 46.48
N HIS D 296 -28.82 4.31 46.87
CA HIS D 296 -27.56 4.14 47.61
C HIS D 296 -26.35 3.99 46.69
N LEU D 297 -26.60 3.71 45.42
CA LEU D 297 -25.51 3.58 44.46
C LEU D 297 -24.81 4.94 44.33
N GLN D 298 -23.49 4.95 44.41
CA GLN D 298 -22.75 6.20 44.30
C GLN D 298 -22.99 6.93 42.98
N THR D 299 -23.10 6.18 41.87
CA THR D 299 -23.32 6.82 40.58
C THR D 299 -24.66 7.55 40.58
N VAL D 300 -25.69 6.89 41.10
CA VAL D 300 -27.02 7.50 41.17
C VAL D 300 -26.95 8.78 42.00
N GLN D 301 -26.23 8.73 43.11
CA GLN D 301 -26.07 9.87 43.99
C GLN D 301 -25.46 11.08 43.29
N HIS D 302 -24.36 10.87 42.56
CA HIS D 302 -23.72 11.97 41.87
C HIS D 302 -24.60 12.50 40.73
N LYS D 303 -25.34 11.60 40.09
CA LYS D 303 -26.23 11.99 39.00
C LYS D 303 -27.31 12.92 39.56
N LEU D 304 -27.89 12.54 40.70
CA LEU D 304 -28.92 13.34 41.34
C LEU D 304 -28.36 14.69 41.78
N ALA D 305 -27.11 14.69 42.24
CA ALA D 305 -26.45 15.93 42.67
C ALA D 305 -26.24 16.87 41.50
N GLU D 306 -25.95 16.32 40.32
CA GLU D 306 -25.73 17.11 39.11
C GLU D 306 -27.06 17.72 38.67
N LEU D 307 -28.10 16.90 38.67
CA LEU D 307 -29.44 17.32 38.29
C LEU D 307 -29.95 18.40 39.22
N LYS D 308 -29.87 18.16 40.52
CA LYS D 308 -30.33 19.14 41.49
C LYS D 308 -29.56 20.46 41.40
N THR D 309 -28.25 20.37 41.16
CA THR D 309 -27.44 21.57 41.05
C THR D 309 -27.86 22.41 39.85
N HIS D 310 -27.91 21.79 38.67
CA HIS D 310 -28.27 22.54 37.48
C HIS D 310 -29.69 23.12 37.58
N ILE D 311 -30.59 22.34 38.17
CA ILE D 311 -31.96 22.78 38.35
C ILE D 311 -32.01 24.02 39.26
N CYS D 312 -31.32 23.96 40.39
CA CYS D 312 -31.30 25.08 41.32
C CYS D 312 -30.61 26.34 40.75
N VAL D 313 -29.52 26.14 40.01
CA VAL D 313 -28.83 27.28 39.41
C VAL D 313 -29.75 27.98 38.42
N THR D 314 -30.46 27.20 37.60
CA THR D 314 -31.35 27.75 36.60
C THR D 314 -32.60 28.41 37.21
N ARG D 315 -33.08 27.85 38.33
CA ARG D 315 -34.24 28.39 39.03
C ARG D 315 -33.90 29.80 39.52
N ALA D 316 -32.69 29.96 40.01
CA ALA D 316 -32.22 31.25 40.52
C ALA D 316 -32.28 32.29 39.41
N PHE D 317 -31.89 31.91 38.19
CA PHE D 317 -31.93 32.84 37.07
C PHE D 317 -33.36 33.19 36.70
N VAL D 318 -34.22 32.18 36.65
CA VAL D 318 -35.61 32.38 36.29
C VAL D 318 -36.34 33.28 37.27
N ASP D 319 -36.09 33.11 38.57
CA ASP D 319 -36.73 33.93 39.59
C ASP D 319 -36.25 35.38 39.49
N ASN D 320 -34.99 35.55 39.12
CA ASN D 320 -34.40 36.87 38.94
C ASN D 320 -35.15 37.51 37.77
N CYS D 321 -35.49 36.71 36.76
CA CYS D 321 -36.22 37.19 35.59
C CYS D 321 -37.67 37.54 35.93
N LEU D 322 -38.27 36.79 36.86
CA LEU D 322 -39.66 37.06 37.26
C LEU D 322 -39.70 38.41 37.97
N GLN D 323 -38.66 38.66 38.77
CA GLN D 323 -38.57 39.92 39.50
C GLN D 323 -38.45 41.07 38.50
N LEU D 324 -37.48 40.95 37.59
CA LEU D 324 -37.28 41.98 36.57
C LEU D 324 -38.57 42.28 35.80
N HIS D 325 -39.32 41.22 35.46
CA HIS D 325 -40.55 41.41 34.71
C HIS D 325 -41.64 42.06 35.55
N GLU D 326 -41.61 41.83 36.86
CA GLU D 326 -42.59 42.39 37.79
C GLU D 326 -42.40 43.91 37.76
N ALA D 327 -41.14 44.33 37.72
CA ALA D 327 -40.79 45.75 37.68
C ALA D 327 -40.83 46.24 36.24
N LYS D 328 -41.33 45.41 35.33
CA LYS D 328 -41.41 45.76 33.92
C LYS D 328 -40.05 46.13 33.35
N ARG D 329 -39.02 45.41 33.76
CA ARG D 329 -37.65 45.67 33.29
C ARG D 329 -36.94 44.44 32.75
N LEU D 330 -37.70 43.51 32.16
CA LEU D 330 -37.12 42.31 31.57
C LEU D 330 -37.01 42.55 30.08
N ASP D 331 -35.79 42.60 29.54
CA ASP D 331 -35.67 42.82 28.11
C ASP D 331 -35.77 41.52 27.31
N SER D 332 -35.82 41.67 25.99
CA SER D 332 -35.94 40.55 25.07
C SER D 332 -34.82 39.51 25.18
N ALA D 333 -33.59 40.00 25.32
CA ALA D 333 -32.42 39.13 25.42
C ALA D 333 -32.44 38.29 26.69
N THR D 334 -32.66 38.93 27.83
CA THR D 334 -32.69 38.22 29.09
C THR D 334 -33.81 37.18 29.12
N ALA D 335 -34.92 37.48 28.46
CA ALA D 335 -36.04 36.54 28.41
C ALA D 335 -35.72 35.38 27.48
N CYS D 336 -34.94 35.66 26.43
CA CYS D 336 -34.55 34.63 25.49
C CYS D 336 -33.56 33.68 26.17
N MET D 337 -32.70 34.22 27.03
CA MET D 337 -31.75 33.38 27.75
C MET D 337 -32.50 32.37 28.60
N ALA D 338 -33.48 32.86 29.35
CA ALA D 338 -34.31 32.02 30.21
C ALA D 338 -35.06 30.93 29.44
N LYS D 339 -35.73 31.28 28.35
CA LYS D 339 -36.50 30.32 27.58
C LYS D 339 -35.60 29.24 26.95
N TYR D 340 -34.46 29.69 26.43
CA TYR D 340 -33.51 28.79 25.81
C TYR D 340 -32.86 27.83 26.82
N TRP D 341 -32.27 28.37 27.87
CA TRP D 341 -31.58 27.54 28.86
C TRP D 341 -32.49 26.60 29.64
N ALA D 342 -33.63 27.11 30.09
CA ALA D 342 -34.56 26.26 30.84
C ALA D 342 -35.18 25.18 29.96
N SER D 343 -35.50 25.49 28.71
CA SER D 343 -36.12 24.47 27.83
C SER D 343 -35.17 23.33 27.49
N GLU D 344 -33.87 23.63 27.37
CA GLU D 344 -32.89 22.59 27.06
C GLU D 344 -32.67 21.76 28.33
N LEU D 345 -32.53 22.43 29.46
CA LEU D 345 -32.34 21.73 30.73
C LEU D 345 -33.50 20.76 31.01
N GLN D 346 -34.72 21.18 30.68
CA GLN D 346 -35.91 20.36 30.91
C GLN D 346 -35.80 19.01 30.22
N ASN D 347 -35.30 19.01 28.99
CA ASN D 347 -35.12 17.78 28.23
C ASN D 347 -33.94 16.96 28.76
N SER D 348 -32.91 17.64 29.20
CA SER D 348 -31.74 16.97 29.75
C SER D 348 -32.17 16.25 31.03
N VAL D 349 -32.96 16.93 31.86
CA VAL D 349 -33.44 16.35 33.11
C VAL D 349 -34.37 15.16 32.80
N ALA D 350 -35.28 15.37 31.86
CA ALA D 350 -36.22 14.33 31.48
C ALA D 350 -35.48 13.09 31.03
N TYR D 351 -34.46 13.25 30.19
CA TYR D 351 -33.72 12.09 29.72
C TYR D 351 -33.10 11.31 30.89
N ASP D 352 -32.38 11.99 31.76
CA ASP D 352 -31.74 11.29 32.88
C ASP D 352 -32.75 10.68 33.85
N CYS D 353 -33.89 11.34 34.03
CA CYS D 353 -34.93 10.84 34.92
C CYS D 353 -35.63 9.62 34.33
N VAL D 354 -35.74 9.54 33.00
CA VAL D 354 -36.35 8.37 32.41
C VAL D 354 -35.40 7.19 32.66
N GLN D 355 -34.10 7.45 32.48
CA GLN D 355 -33.09 6.43 32.66
C GLN D 355 -33.09 5.87 34.08
N LEU D 356 -33.32 6.73 35.06
CA LEU D 356 -33.33 6.29 36.45
C LEU D 356 -34.55 5.43 36.80
N HIS D 357 -35.58 5.44 35.96
CA HIS D 357 -36.76 4.61 36.20
C HIS D 357 -36.62 3.26 35.50
N GLY D 358 -35.57 3.10 34.71
CA GLY D 358 -35.39 1.85 33.99
C GLY D 358 -36.53 1.68 32.98
N GLY D 359 -36.96 0.44 32.77
CA GLY D 359 -38.03 0.16 31.84
C GLY D 359 -39.33 0.87 32.17
N TRP D 360 -39.61 1.06 33.46
CA TRP D 360 -40.83 1.72 33.86
C TRP D 360 -40.91 3.17 33.39
N GLY D 361 -39.76 3.74 33.03
CA GLY D 361 -39.73 5.11 32.55
C GLY D 361 -40.24 5.22 31.13
N TYR D 362 -40.42 4.08 30.46
CA TYR D 362 -40.92 4.04 29.09
C TYR D 362 -42.43 3.79 29.07
N MET D 363 -43.00 3.48 30.23
CA MET D 363 -44.43 3.16 30.35
C MET D 363 -45.30 4.40 30.61
N TRP D 364 -46.35 4.58 29.81
CA TRP D 364 -47.22 5.74 29.97
C TRP D 364 -47.82 5.82 31.38
N GLU D 365 -47.89 4.68 32.03
CA GLU D 365 -48.43 4.58 33.38
C GLU D 365 -47.63 5.46 34.35
N TYR D 366 -46.34 5.63 34.09
CA TYR D 366 -45.52 6.47 34.96
C TYR D 366 -45.45 7.90 34.44
N PRO D 367 -45.59 8.88 35.34
CA PRO D 367 -45.54 10.29 34.96
C PRO D 367 -44.31 10.75 34.20
N ILE D 368 -43.17 10.12 34.45
CA ILE D 368 -41.95 10.53 33.78
C ILE D 368 -42.02 10.31 32.27
N ALA D 369 -42.81 9.32 31.84
CA ALA D 369 -42.93 9.03 30.42
C ALA D 369 -43.58 10.17 29.65
N LYS D 370 -44.70 10.66 30.14
CA LYS D 370 -45.38 11.76 29.46
C LYS D 370 -44.59 13.04 29.63
N ALA D 371 -43.89 13.14 30.75
CA ALA D 371 -43.08 14.31 31.03
C ALA D 371 -41.95 14.39 29.99
N TYR D 372 -41.42 13.24 29.60
CA TYR D 372 -40.34 13.20 28.61
C TYR D 372 -40.78 13.71 27.24
N VAL D 373 -41.87 13.17 26.72
CA VAL D 373 -42.35 13.59 25.41
C VAL D 373 -42.94 15.00 25.43
N ASP D 374 -43.50 15.42 26.57
CA ASP D 374 -44.08 16.76 26.69
C ASP D 374 -42.98 17.82 26.76
N ALA D 375 -41.83 17.45 27.30
CA ALA D 375 -40.73 18.39 27.41
C ALA D 375 -40.11 18.75 26.06
N ARG D 376 -40.15 17.81 25.11
CA ARG D 376 -39.54 18.02 23.81
C ARG D 376 -40.12 19.15 22.97
N VAL D 377 -41.32 19.61 23.29
CA VAL D 377 -41.94 20.70 22.52
C VAL D 377 -41.33 22.07 22.88
N GLN D 378 -40.93 22.21 24.13
CA GLN D 378 -40.40 23.48 24.64
C GLN D 378 -39.27 24.17 23.85
N PRO D 379 -38.25 23.42 23.40
CA PRO D 379 -37.16 24.04 22.65
C PRO D 379 -37.59 24.39 21.22
N ILE D 380 -38.76 23.92 20.82
CA ILE D 380 -39.29 24.16 19.49
C ILE D 380 -40.23 25.36 19.36
N TYR D 381 -41.23 25.45 20.23
CA TYR D 381 -42.17 26.55 20.14
C TYR D 381 -41.83 27.81 20.93
N GLY D 382 -42.62 28.86 20.71
CA GLY D 382 -42.39 30.13 21.39
C GLY D 382 -41.10 30.73 20.85
N GLY D 383 -40.70 30.23 19.68
CA GLY D 383 -39.46 30.68 19.06
C GLY D 383 -38.43 29.63 19.40
N THR D 384 -37.89 28.96 18.38
CA THR D 384 -36.90 27.90 18.60
C THR D 384 -35.69 28.43 19.34
N ASN D 385 -34.97 27.54 20.03
CA ASN D 385 -33.78 27.95 20.76
C ASN D 385 -32.72 28.49 19.83
N GLU D 386 -32.79 28.10 18.56
CA GLU D 386 -31.86 28.58 17.55
C GLU D 386 -32.13 30.07 17.38
N ILE D 387 -33.41 30.44 17.34
CA ILE D 387 -33.80 31.83 17.21
C ILE D 387 -33.41 32.57 18.47
N MET D 388 -33.53 31.91 19.61
CA MET D 388 -33.17 32.53 20.87
C MET D 388 -31.69 32.94 20.83
N LYS D 389 -30.83 32.05 20.36
CA LYS D 389 -29.40 32.35 20.28
C LYS D 389 -29.14 33.51 19.34
N GLU D 390 -29.80 33.50 18.19
CA GLU D 390 -29.66 34.56 17.21
C GLU D 390 -29.97 35.88 17.90
N LEU D 391 -31.11 35.94 18.57
CA LEU D 391 -31.54 37.16 19.26
C LEU D 391 -30.57 37.56 20.35
N ILE D 392 -30.07 36.57 21.10
CA ILE D 392 -29.13 36.86 22.16
C ILE D 392 -27.79 37.35 21.58
N ALA D 393 -27.41 36.80 20.43
CA ALA D 393 -26.14 37.18 19.81
C ALA D 393 -26.10 38.61 19.25
N ARG D 394 -27.26 39.09 18.81
CA ARG D 394 -27.39 40.43 18.23
C ARG D 394 -26.69 41.55 19.02
N GLU D 395 -26.91 41.58 20.34
CA GLU D 395 -26.28 42.60 21.17
C GLU D 395 -24.82 42.29 21.50
N ILE D 396 -24.40 41.07 21.21
CA ILE D 396 -23.03 40.69 21.50
C ILE D 396 -22.07 41.17 20.41
N VAL D 397 -22.44 40.95 19.16
CA VAL D 397 -21.58 41.33 18.03
C VAL D 397 -22.03 42.56 17.24
N PHE D 398 -23.33 42.81 17.21
CA PHE D 398 -23.89 43.93 16.47
C PHE D 398 -24.35 45.09 17.36
N GLU E 4 6.22 15.47 -31.26
CA GLU E 4 4.76 15.45 -30.99
C GLU E 4 4.32 14.07 -30.46
N ARG E 5 4.91 13.01 -31.00
CA ARG E 5 4.57 11.66 -30.55
C ARG E 5 5.79 10.93 -30.00
N LEU E 6 5.60 10.19 -28.91
CA LEU E 6 6.70 9.44 -28.32
C LEU E 6 6.82 8.07 -28.99
N GLU E 7 8.05 7.56 -29.05
CA GLU E 7 8.27 6.22 -29.59
C GLU E 7 8.11 5.34 -28.34
N THR E 8 7.94 4.04 -28.53
CA THR E 8 7.70 3.14 -27.42
C THR E 8 8.65 3.13 -26.21
N PRO E 9 9.96 3.36 -26.41
CA PRO E 9 10.79 3.33 -25.20
C PRO E 9 10.47 4.45 -24.19
N SER E 10 9.90 5.55 -24.68
CA SER E 10 9.58 6.69 -23.82
C SER E 10 8.17 6.72 -23.27
N ALA E 11 7.28 5.90 -23.85
CA ALA E 11 5.89 5.86 -23.39
C ALA E 11 5.76 5.27 -22.00
N LYS E 12 4.63 5.55 -21.35
CA LYS E 12 4.37 5.04 -20.02
C LYS E 12 4.24 3.53 -20.14
N LYS E 13 3.58 3.09 -21.21
CA LYS E 13 3.37 1.67 -21.50
C LYS E 13 3.63 1.45 -22.99
N LEU E 14 4.18 0.30 -23.35
CA LEU E 14 4.47 -0.02 -24.75
C LEU E 14 3.20 -0.08 -25.59
N THR E 15 2.07 -0.29 -24.91
CA THR E 15 0.77 -0.40 -25.56
C THR E 15 -0.08 0.89 -25.51
N ASP E 16 0.50 2.00 -25.08
CA ASP E 16 -0.27 3.25 -25.00
C ASP E 16 -0.76 3.78 -26.34
N ILE E 17 -1.91 4.42 -26.30
CA ILE E 17 -2.48 5.00 -27.50
C ILE E 17 -1.87 6.38 -27.69
N GLY E 18 -1.60 6.75 -28.94
CA GLY E 18 -1.03 8.05 -29.23
C GLY E 18 0.49 8.06 -29.33
N ILE E 19 1.10 6.90 -29.51
CA ILE E 19 2.56 6.84 -29.62
C ILE E 19 2.97 6.25 -30.98
N ARG E 20 4.24 6.42 -31.34
CA ARG E 20 4.80 5.92 -32.59
C ARG E 20 4.51 6.88 -33.74
N ARG E 21 5.58 7.37 -34.36
CA ARG E 21 5.50 8.36 -35.44
C ARG E 21 4.73 8.03 -36.73
N ILE E 22 4.45 6.77 -37.00
CA ILE E 22 3.72 6.46 -38.23
C ILE E 22 2.23 6.72 -38.16
N PHE E 23 1.71 6.94 -36.95
CA PHE E 23 0.27 7.18 -36.79
C PHE E 23 -0.11 8.66 -36.67
N SER E 24 -1.38 8.95 -36.91
CA SER E 24 -1.88 10.31 -36.81
C SER E 24 -3.06 10.34 -35.84
N PRO E 25 -3.52 11.55 -35.47
CA PRO E 25 -4.64 11.65 -34.53
C PRO E 25 -5.85 10.79 -34.91
N GLU E 26 -6.11 10.68 -36.22
CA GLU E 26 -7.23 9.88 -36.71
C GLU E 26 -7.09 8.42 -36.30
N HIS E 27 -5.86 7.92 -36.40
CA HIS E 27 -5.57 6.54 -36.05
C HIS E 27 -5.78 6.29 -34.55
N ASP E 28 -5.42 7.26 -33.71
CA ASP E 28 -5.58 7.11 -32.28
C ASP E 28 -7.05 6.92 -31.91
N ILE E 29 -7.92 7.64 -32.62
CA ILE E 29 -9.36 7.55 -32.40
C ILE E 29 -9.84 6.18 -32.83
N PHE E 30 -9.40 5.73 -33.99
CA PHE E 30 -9.79 4.42 -34.50
C PHE E 30 -9.27 3.36 -33.54
N ARG E 31 -8.01 3.50 -33.14
CA ARG E 31 -7.38 2.55 -32.22
C ARG E 31 -8.19 2.40 -30.94
N LYS E 32 -8.61 3.52 -30.38
CA LYS E 32 -9.41 3.50 -29.15
C LYS E 32 -10.70 2.70 -29.37
N SER E 33 -11.30 2.85 -30.56
CA SER E 33 -12.54 2.16 -30.92
C SER E 33 -12.34 0.65 -31.02
N VAL E 34 -11.24 0.25 -31.67
CA VAL E 34 -10.92 -1.15 -31.85
C VAL E 34 -10.58 -1.80 -30.50
N ARG E 35 -9.86 -1.08 -29.65
CA ARG E 35 -9.50 -1.61 -28.34
C ARG E 35 -10.79 -1.90 -27.59
N LYS E 36 -11.72 -0.95 -27.63
CA LYS E 36 -13.01 -1.10 -26.97
C LYS E 36 -13.70 -2.37 -27.46
N PHE E 37 -13.69 -2.58 -28.77
CA PHE E 37 -14.31 -3.76 -29.36
C PHE E 37 -13.79 -5.06 -28.78
N PHE E 38 -12.48 -5.24 -28.75
CA PHE E 38 -11.92 -6.48 -28.20
C PHE E 38 -12.22 -6.66 -26.72
N GLN E 39 -12.23 -5.56 -25.98
CA GLN E 39 -12.50 -5.61 -24.55
C GLN E 39 -13.94 -6.05 -24.26
N GLU E 40 -14.90 -5.57 -25.06
CA GLU E 40 -16.31 -5.90 -24.82
C GLU E 40 -16.91 -7.05 -25.62
N GLU E 41 -16.43 -7.27 -26.84
CA GLU E 41 -16.99 -8.33 -27.68
C GLU E 41 -16.14 -9.58 -27.87
N VAL E 42 -14.88 -9.52 -27.51
CA VAL E 42 -14.02 -10.70 -27.68
C VAL E 42 -13.52 -11.30 -26.37
N ILE E 43 -12.84 -10.48 -25.58
CA ILE E 43 -12.28 -10.94 -24.31
C ILE E 43 -13.28 -11.67 -23.41
N PRO E 44 -14.48 -11.11 -23.23
CA PRO E 44 -15.48 -11.75 -22.37
C PRO E 44 -15.91 -13.16 -22.72
N HIS E 45 -15.86 -13.51 -24.01
CA HIS E 45 -16.31 -14.83 -24.44
C HIS E 45 -15.24 -15.78 -24.93
N HIS E 46 -14.00 -15.32 -25.00
CA HIS E 46 -12.91 -16.15 -25.52
C HIS E 46 -12.72 -17.48 -24.79
N SER E 47 -12.85 -17.48 -23.47
CA SER E 47 -12.69 -18.72 -22.72
C SER E 47 -13.69 -19.76 -23.23
N GLU E 48 -14.92 -19.31 -23.49
CA GLU E 48 -15.96 -20.19 -24.00
C GLU E 48 -15.53 -20.75 -25.37
N TRP E 49 -15.01 -19.88 -26.23
CA TRP E 49 -14.60 -20.32 -27.55
C TRP E 49 -13.45 -21.31 -27.51
N GLU E 50 -12.53 -21.12 -26.56
CA GLU E 50 -11.40 -22.04 -26.43
C GLU E 50 -11.92 -23.46 -26.25
N LYS E 51 -12.93 -23.60 -25.39
CA LYS E 51 -13.53 -24.91 -25.13
C LYS E 51 -14.24 -25.45 -26.35
N ALA E 52 -14.93 -24.58 -27.08
CA ALA E 52 -15.63 -24.98 -28.29
C ALA E 52 -14.64 -25.26 -29.41
N GLY E 53 -13.47 -24.61 -29.34
CA GLY E 53 -12.45 -24.79 -30.35
C GLY E 53 -12.65 -23.91 -31.57
N GLU E 54 -13.59 -22.96 -31.46
CA GLU E 54 -13.89 -22.03 -32.55
C GLU E 54 -14.70 -20.85 -32.00
N VAL E 55 -14.58 -19.69 -32.62
CA VAL E 55 -15.33 -18.53 -32.14
C VAL E 55 -16.75 -18.60 -32.72
N SER E 56 -17.61 -17.71 -32.27
CA SER E 56 -18.99 -17.70 -32.76
C SER E 56 -19.05 -16.95 -34.09
N ARG E 57 -20.07 -17.23 -34.88
CA ARG E 57 -20.21 -16.53 -36.15
C ARG E 57 -20.73 -15.14 -35.83
N GLU E 58 -21.27 -14.99 -34.62
CA GLU E 58 -21.80 -13.71 -34.16
C GLU E 58 -20.73 -12.64 -34.00
N VAL E 59 -19.61 -12.99 -33.36
CA VAL E 59 -18.58 -11.99 -33.17
C VAL E 59 -18.03 -11.60 -34.55
N TRP E 60 -18.01 -12.54 -35.49
CA TRP E 60 -17.54 -12.23 -36.83
C TRP E 60 -18.46 -11.19 -37.48
N GLU E 61 -19.77 -11.35 -37.30
CA GLU E 61 -20.71 -10.39 -37.85
C GLU E 61 -20.66 -9.07 -37.10
N LYS E 62 -20.38 -9.12 -35.80
CA LYS E 62 -20.26 -7.90 -35.01
C LYS E 62 -19.06 -7.11 -35.51
N ALA E 63 -17.96 -7.82 -35.75
CA ALA E 63 -16.74 -7.18 -36.25
C ALA E 63 -17.02 -6.57 -37.62
N GLY E 64 -17.75 -7.32 -38.45
CA GLY E 64 -18.09 -6.84 -39.78
C GLY E 64 -18.91 -5.56 -39.69
N LYS E 65 -19.94 -5.57 -38.84
CA LYS E 65 -20.79 -4.42 -38.67
C LYS E 65 -20.05 -3.18 -38.15
N GLN E 66 -19.02 -3.39 -37.33
CA GLN E 66 -18.27 -2.25 -36.80
C GLN E 66 -17.12 -1.80 -37.69
N GLY E 67 -17.01 -2.40 -38.86
CA GLY E 67 -15.96 -2.02 -39.80
C GLY E 67 -14.54 -2.51 -39.55
N LEU E 68 -14.38 -3.62 -38.84
CA LEU E 68 -13.04 -4.15 -38.56
C LEU E 68 -12.54 -5.12 -39.63
N LEU E 69 -13.43 -5.61 -40.50
CA LEU E 69 -13.03 -6.56 -41.53
C LEU E 69 -12.75 -5.90 -42.88
N GLY E 70 -13.17 -4.66 -43.03
CA GLY E 70 -12.97 -3.95 -44.28
C GLY E 70 -12.28 -2.62 -44.06
N VAL E 71 -11.35 -2.61 -43.11
CA VAL E 71 -10.60 -1.42 -42.79
C VAL E 71 -9.89 -0.83 -44.00
N ASN E 72 -9.26 -1.70 -44.78
CA ASN E 72 -8.53 -1.29 -45.97
C ASN E 72 -9.29 -1.65 -47.26
N ILE E 73 -10.62 -1.47 -47.23
CA ILE E 73 -11.47 -1.77 -48.38
C ILE E 73 -12.26 -0.51 -48.72
N ALA E 74 -12.51 -0.29 -50.00
CA ALA E 74 -13.28 0.87 -50.45
C ALA E 74 -14.68 0.87 -49.87
N GLU E 75 -15.20 2.06 -49.56
CA GLU E 75 -16.53 2.20 -48.99
C GLU E 75 -17.66 1.64 -49.87
N HIS E 76 -17.52 1.74 -51.19
CA HIS E 76 -18.58 1.24 -52.07
C HIS E 76 -18.62 -0.29 -52.14
N LEU E 77 -17.62 -0.94 -51.55
CA LEU E 77 -17.54 -2.40 -51.50
C LEU E 77 -17.83 -2.89 -50.09
N GLY E 78 -18.38 -2.01 -49.26
CA GLY E 78 -18.70 -2.37 -47.89
C GLY E 78 -17.65 -2.03 -46.84
N GLY E 79 -16.43 -1.72 -47.29
CA GLY E 79 -15.36 -1.38 -46.36
C GLY E 79 -15.51 0.00 -45.76
N ILE E 80 -14.53 0.43 -44.98
CA ILE E 80 -14.58 1.75 -44.37
C ILE E 80 -13.55 2.68 -44.99
N GLY E 81 -12.96 2.24 -46.10
CA GLY E 81 -11.97 3.04 -46.80
C GLY E 81 -10.73 3.62 -46.15
N GLY E 82 -10.12 2.87 -45.24
CA GLY E 82 -8.92 3.33 -44.57
C GLY E 82 -7.60 2.96 -45.22
N ASP E 83 -6.48 3.30 -44.57
CA ASP E 83 -5.17 2.98 -45.11
C ASP E 83 -4.58 1.73 -44.47
N LEU E 84 -3.33 1.42 -44.83
CA LEU E 84 -2.67 0.25 -44.27
C LEU E 84 -2.48 0.35 -42.76
N TYR E 85 -2.16 1.56 -42.27
CA TYR E 85 -1.93 1.73 -40.83
C TYR E 85 -3.18 1.40 -40.02
N SER E 86 -4.35 1.74 -40.56
CA SER E 86 -5.60 1.45 -39.86
C SER E 86 -5.83 -0.05 -39.81
N ALA E 87 -5.45 -0.74 -40.88
CA ALA E 87 -5.59 -2.20 -40.92
C ALA E 87 -4.65 -2.82 -39.89
N ALA E 88 -3.43 -2.29 -39.82
CA ALA E 88 -2.42 -2.77 -38.88
C ALA E 88 -2.91 -2.62 -37.46
N ILE E 89 -3.66 -1.55 -37.20
CA ILE E 89 -4.19 -1.32 -35.86
C ILE E 89 -5.08 -2.46 -35.37
N VAL E 90 -5.81 -3.10 -36.29
CA VAL E 90 -6.68 -4.21 -35.89
C VAL E 90 -5.85 -5.46 -35.54
N TRP E 91 -4.77 -5.69 -36.31
CA TRP E 91 -3.90 -6.84 -36.04
C TRP E 91 -3.26 -6.63 -34.67
N GLU E 92 -2.82 -5.41 -34.43
CA GLU E 92 -2.16 -5.05 -33.19
C GLU E 92 -3.05 -5.15 -31.97
N GLU E 93 -4.23 -4.54 -32.06
CA GLU E 93 -5.17 -4.57 -30.95
C GLU E 93 -5.66 -5.99 -30.64
N GLN E 94 -5.76 -6.84 -31.66
CA GLN E 94 -6.18 -8.20 -31.39
C GLN E 94 -5.06 -8.87 -30.59
N ALA E 95 -3.81 -8.61 -30.97
CA ALA E 95 -2.67 -9.21 -30.25
C ALA E 95 -2.61 -8.64 -28.83
N TYR E 96 -2.93 -7.36 -28.69
CA TYR E 96 -2.88 -6.76 -27.36
C TYR E 96 -3.96 -7.33 -26.43
N SER E 97 -4.97 -7.95 -27.02
CA SER E 97 -6.07 -8.53 -26.23
C SER E 97 -5.78 -9.97 -25.82
N ASN E 98 -4.70 -10.52 -26.34
CA ASN E 98 -4.28 -11.91 -26.08
C ASN E 98 -5.38 -12.91 -26.44
N CYS E 99 -6.16 -12.58 -27.47
CA CYS E 99 -7.23 -13.46 -27.93
C CYS E 99 -6.92 -13.86 -29.36
N SER E 100 -6.36 -15.06 -29.52
CA SER E 100 -5.95 -15.55 -30.84
C SER E 100 -6.99 -16.35 -31.62
N GLY E 101 -8.19 -16.49 -31.06
CA GLY E 101 -9.21 -17.28 -31.72
C GLY E 101 -9.80 -16.73 -33.00
N PRO E 102 -10.27 -15.48 -33.01
CA PRO E 102 -10.85 -14.89 -34.22
C PRO E 102 -9.83 -14.81 -35.37
N GLY E 103 -10.13 -15.47 -36.48
CA GLY E 103 -9.23 -15.43 -37.62
C GLY E 103 -9.39 -14.20 -38.49
N PHE E 104 -9.57 -13.05 -37.87
CA PHE E 104 -9.77 -11.79 -38.59
C PHE E 104 -8.65 -11.34 -39.53
N SER E 105 -7.41 -11.35 -39.05
CA SER E 105 -6.29 -10.90 -39.88
C SER E 105 -6.05 -11.75 -41.13
N ILE E 106 -6.16 -13.07 -41.01
CA ILE E 106 -5.97 -13.94 -42.16
C ILE E 106 -7.04 -13.62 -43.23
N HIS E 107 -8.28 -13.48 -42.77
CA HIS E 107 -9.43 -13.17 -43.61
C HIS E 107 -9.27 -11.81 -44.29
N SER E 108 -9.06 -10.77 -43.50
CA SER E 108 -8.92 -9.40 -43.99
C SER E 108 -7.57 -9.06 -44.61
N GLY E 109 -6.50 -9.44 -43.92
CA GLY E 109 -5.16 -9.13 -44.39
C GLY E 109 -4.59 -10.01 -45.48
N ILE E 110 -5.16 -11.19 -45.69
CA ILE E 110 -4.63 -12.07 -46.72
C ILE E 110 -5.64 -12.48 -47.80
N VAL E 111 -6.70 -13.18 -47.41
CA VAL E 111 -7.69 -13.64 -48.38
C VAL E 111 -8.35 -12.51 -49.18
N MET E 112 -8.96 -11.55 -48.49
CA MET E 112 -9.61 -10.45 -49.18
C MET E 112 -8.60 -9.69 -50.03
N SER E 113 -7.33 -9.78 -49.64
CA SER E 113 -6.26 -9.10 -50.35
C SER E 113 -5.96 -9.76 -51.71
N TYR E 114 -5.94 -11.09 -51.74
CA TYR E 114 -5.71 -11.80 -52.99
C TYR E 114 -6.85 -11.45 -53.97
N ILE E 115 -8.08 -11.51 -53.48
CA ILE E 115 -9.25 -11.22 -54.30
C ILE E 115 -9.27 -9.82 -54.91
N THR E 116 -9.07 -8.79 -54.08
CA THR E 116 -9.07 -7.42 -54.56
C THR E 116 -7.90 -7.12 -55.49
N ASN E 117 -6.75 -7.73 -55.21
CA ASN E 117 -5.56 -7.49 -56.02
C ASN E 117 -5.43 -8.29 -57.30
N HIS E 118 -5.95 -9.51 -57.32
CA HIS E 118 -5.83 -10.33 -58.51
C HIS E 118 -7.15 -10.88 -59.00
N GLY E 119 -8.25 -10.44 -58.40
CA GLY E 119 -9.54 -10.93 -58.81
C GLY E 119 -10.22 -10.09 -59.88
N SER E 120 -11.22 -10.68 -60.53
CA SER E 120 -11.97 -10.00 -61.58
C SER E 120 -12.92 -9.04 -60.88
N GLU E 121 -13.49 -8.13 -61.64
CA GLU E 121 -14.43 -7.17 -61.09
C GLU E 121 -15.65 -7.89 -60.55
N GLU E 122 -15.98 -9.02 -61.16
CA GLU E 122 -17.14 -9.79 -60.74
C GLU E 122 -16.89 -10.59 -59.45
N GLN E 123 -15.67 -11.09 -59.30
CA GLN E 123 -15.31 -11.86 -58.10
C GLN E 123 -15.28 -10.90 -56.92
N ILE E 124 -14.74 -9.71 -57.15
CA ILE E 124 -14.63 -8.68 -56.14
C ILE E 124 -16.02 -8.24 -55.64
N LYS E 125 -16.94 -7.97 -56.55
CA LYS E 125 -18.29 -7.54 -56.16
C LYS E 125 -19.05 -8.70 -55.51
N HIS E 126 -18.73 -9.92 -55.90
CA HIS E 126 -19.38 -11.10 -55.37
C HIS E 126 -18.93 -11.44 -53.93
N PHE E 127 -17.62 -11.41 -53.71
CA PHE E 127 -17.06 -11.77 -52.41
C PHE E 127 -16.75 -10.70 -51.38
N ILE E 128 -16.05 -9.65 -51.79
CA ILE E 128 -15.66 -8.59 -50.88
C ILE E 128 -16.75 -8.03 -49.99
N PRO E 129 -17.90 -7.65 -50.57
CA PRO E 129 -18.99 -7.11 -49.73
C PRO E 129 -19.46 -8.05 -48.62
N GLN E 130 -19.64 -9.33 -48.92
CA GLN E 130 -20.10 -10.27 -47.90
C GLN E 130 -18.99 -10.64 -46.90
N MET E 131 -17.73 -10.53 -47.33
CA MET E 131 -16.58 -10.81 -46.48
C MET E 131 -16.34 -9.63 -45.52
N THR E 132 -16.59 -8.42 -46.01
CA THR E 132 -16.44 -7.22 -45.19
C THR E 132 -17.50 -7.19 -44.12
N ALA E 133 -18.63 -7.84 -44.40
CA ALA E 133 -19.74 -7.91 -43.47
C ALA E 133 -19.60 -9.04 -42.45
N GLY E 134 -18.57 -9.87 -42.62
CA GLY E 134 -18.35 -10.97 -41.69
C GLY E 134 -19.33 -12.11 -41.88
N LYS E 135 -19.99 -12.13 -43.04
CA LYS E 135 -20.98 -13.16 -43.32
C LYS E 135 -20.38 -14.28 -44.18
N CYS E 136 -19.22 -14.01 -44.76
CA CYS E 136 -18.51 -14.96 -45.60
C CYS E 136 -17.07 -14.98 -45.10
N ILE E 137 -16.73 -16.02 -44.32
CA ILE E 137 -15.39 -16.14 -43.75
C ILE E 137 -14.37 -16.78 -44.69
N GLY E 138 -13.23 -16.11 -44.87
CA GLY E 138 -12.21 -16.64 -45.76
C GLY E 138 -11.03 -17.38 -45.15
N ALA E 139 -10.46 -18.28 -45.94
CA ALA E 139 -9.31 -19.06 -45.54
C ALA E 139 -8.45 -19.26 -46.78
N ILE E 140 -7.16 -19.51 -46.58
CA ILE E 140 -6.26 -19.77 -47.70
C ILE E 140 -5.59 -21.12 -47.50
N ALA E 141 -5.60 -21.95 -48.54
CA ALA E 141 -5.05 -23.29 -48.44
C ALA E 141 -3.99 -23.63 -49.48
N MET E 142 -2.75 -23.69 -49.01
CA MET E 142 -1.63 -24.01 -49.88
C MET E 142 -0.93 -25.28 -49.38
N THR E 143 -0.69 -25.32 -48.08
CA THR E 143 0.01 -26.42 -47.42
C THR E 143 -0.65 -27.78 -47.59
N GLU E 144 0.19 -28.78 -47.85
CA GLU E 144 -0.29 -30.15 -48.01
C GLU E 144 0.44 -31.09 -47.06
N PRO E 145 -0.16 -32.26 -46.73
CA PRO E 145 0.47 -33.23 -45.82
C PRO E 145 1.87 -33.61 -46.29
N GLY E 146 2.11 -33.51 -47.60
CA GLY E 146 3.40 -33.86 -48.22
C GLY E 146 4.45 -32.80 -48.02
N ALA E 147 4.08 -31.51 -48.12
CA ALA E 147 5.11 -30.45 -47.95
C ALA E 147 4.45 -29.07 -47.82
N GLY E 148 5.10 -28.19 -47.06
CA GLY E 148 4.67 -26.80 -46.84
C GLY E 148 5.79 -25.84 -47.21
N SER E 149 7.03 -26.28 -47.06
CA SER E 149 8.23 -25.47 -47.41
C SER E 149 8.65 -25.81 -48.84
N ASP E 150 8.26 -26.99 -49.32
CA ASP E 150 8.59 -27.43 -50.68
C ASP E 150 7.40 -27.19 -51.62
N LEU E 151 7.40 -26.03 -52.27
CA LEU E 151 6.33 -25.65 -53.19
C LEU E 151 6.09 -26.73 -54.25
N GLN E 152 7.16 -27.19 -54.86
CA GLN E 152 7.11 -28.22 -55.90
C GLN E 152 6.27 -29.47 -55.61
N GLY E 153 6.22 -29.86 -54.33
CA GLY E 153 5.47 -31.04 -53.93
C GLY E 153 3.97 -30.88 -53.89
N ILE E 154 3.44 -29.74 -54.34
CA ILE E 154 1.99 -29.54 -54.35
C ILE E 154 1.34 -30.61 -55.24
N LYS E 155 0.43 -31.40 -54.67
CA LYS E 155 -0.24 -32.47 -55.41
C LYS E 155 -1.69 -32.13 -55.76
N THR E 156 -2.30 -31.21 -55.00
CA THR E 156 -3.66 -30.80 -55.29
C THR E 156 -3.62 -30.32 -56.74
N ASN E 157 -4.59 -30.74 -57.54
CA ASN E 157 -4.60 -30.37 -58.95
C ASN E 157 -5.98 -30.17 -59.53
N ALA E 158 -6.05 -29.35 -60.58
CA ALA E 158 -7.31 -29.07 -61.26
C ALA E 158 -7.14 -29.34 -62.75
N LYS E 159 -8.11 -30.04 -63.32
CA LYS E 159 -8.11 -30.41 -64.73
C LYS E 159 -9.32 -29.76 -65.40
N LYS E 160 -9.12 -29.23 -66.59
CA LYS E 160 -10.23 -28.59 -67.29
C LYS E 160 -11.25 -29.60 -67.81
N ASP E 161 -12.51 -29.21 -67.78
CA ASP E 161 -13.62 -30.04 -68.25
C ASP E 161 -14.57 -29.07 -68.95
N GLY E 162 -14.30 -28.82 -70.23
CA GLY E 162 -15.12 -27.88 -70.95
C GLY E 162 -14.76 -26.53 -70.38
N SER E 163 -15.72 -25.85 -69.77
CA SER E 163 -15.44 -24.56 -69.17
C SER E 163 -15.26 -24.74 -67.66
N ASP E 164 -15.60 -25.94 -67.17
CA ASP E 164 -15.46 -26.24 -65.75
C ASP E 164 -14.08 -26.75 -65.37
N TRP E 165 -13.77 -26.70 -64.07
CA TRP E 165 -12.51 -27.19 -63.56
C TRP E 165 -12.78 -28.31 -62.57
N ILE E 166 -11.99 -29.38 -62.65
CA ILE E 166 -12.15 -30.52 -61.75
C ILE E 166 -11.01 -30.49 -60.74
N LEU E 167 -11.36 -30.19 -59.49
CA LEU E 167 -10.37 -30.09 -58.42
C LEU E 167 -10.27 -31.33 -57.55
N ASN E 168 -9.05 -31.80 -57.35
CA ASN E 168 -8.77 -32.98 -56.52
C ASN E 168 -7.54 -32.74 -55.66
N GLY E 169 -7.59 -33.18 -54.41
CA GLY E 169 -6.45 -33.01 -53.52
C GLY E 169 -6.85 -32.82 -52.07
N SER E 170 -5.89 -32.41 -51.25
CA SER E 170 -6.14 -32.16 -49.83
C SER E 170 -5.14 -31.13 -49.30
N LYS E 171 -5.55 -30.42 -48.25
CA LYS E 171 -4.69 -29.42 -47.65
C LYS E 171 -4.78 -29.61 -46.14
N VAL E 172 -3.77 -29.14 -45.40
CA VAL E 172 -3.77 -29.29 -43.95
C VAL E 172 -3.34 -28.01 -43.24
N PHE E 173 -3.69 -27.90 -41.96
CA PHE E 173 -3.37 -26.72 -41.15
C PHE E 173 -4.10 -25.46 -41.63
N ILE E 174 -5.31 -25.62 -42.17
CA ILE E 174 -6.03 -24.45 -42.65
C ILE E 174 -6.75 -23.65 -41.56
N SER E 175 -6.27 -22.44 -41.33
CA SER E 175 -6.86 -21.53 -40.35
C SER E 175 -8.23 -21.10 -40.84
N ASN E 176 -9.17 -20.94 -39.90
CA ASN E 176 -10.55 -20.60 -40.23
C ASN E 176 -11.13 -21.76 -41.03
N GLY E 177 -10.43 -22.90 -41.01
CA GLY E 177 -10.87 -24.06 -41.77
C GLY E 177 -12.29 -24.50 -41.53
N SER E 178 -12.65 -24.65 -40.27
CA SER E 178 -14.00 -25.08 -39.93
C SER E 178 -15.10 -24.08 -40.30
N LEU E 179 -14.89 -22.81 -39.99
CA LEU E 179 -15.89 -21.77 -40.25
C LEU E 179 -15.91 -21.17 -41.67
N SER E 180 -14.82 -21.31 -42.40
CA SER E 180 -14.69 -20.74 -43.74
C SER E 180 -15.87 -20.98 -44.70
N ASP E 181 -16.24 -19.94 -45.42
CA ASP E 181 -17.32 -20.03 -46.40
C ASP E 181 -16.70 -20.02 -47.78
N VAL E 182 -15.47 -19.50 -47.86
CA VAL E 182 -14.73 -19.47 -49.12
C VAL E 182 -13.26 -19.72 -48.83
N VAL E 183 -12.63 -20.52 -49.68
CA VAL E 183 -11.23 -20.85 -49.51
C VAL E 183 -10.45 -20.64 -50.80
N ILE E 184 -9.27 -20.05 -50.70
CA ILE E 184 -8.42 -19.88 -51.87
C ILE E 184 -7.53 -21.11 -51.84
N VAL E 185 -7.63 -21.92 -52.89
CA VAL E 185 -6.89 -23.17 -53.00
C VAL E 185 -5.81 -23.12 -54.05
N VAL E 186 -4.58 -23.47 -53.66
CA VAL E 186 -3.46 -23.49 -54.59
C VAL E 186 -3.41 -24.89 -55.20
N ALA E 187 -3.42 -24.98 -56.53
CA ALA E 187 -3.40 -26.26 -57.23
C ALA E 187 -2.65 -26.26 -58.55
N VAL E 188 -2.06 -27.40 -58.88
CA VAL E 188 -1.30 -27.56 -60.12
C VAL E 188 -2.23 -27.66 -61.34
N THR E 189 -2.06 -26.74 -62.29
CA THR E 189 -2.89 -26.75 -63.50
C THR E 189 -2.07 -27.06 -64.75
N ASN E 190 -0.77 -27.22 -64.59
CA ASN E 190 0.10 -27.54 -65.72
C ASN E 190 1.22 -28.47 -65.28
N HIS E 191 0.94 -29.77 -65.33
CA HIS E 191 1.90 -30.79 -64.94
C HIS E 191 3.13 -30.81 -65.85
N GLU E 192 2.98 -30.34 -67.09
CA GLU E 192 4.10 -30.35 -68.02
C GLU E 192 4.91 -29.05 -68.06
N ALA E 193 4.77 -28.24 -67.02
CA ALA E 193 5.49 -26.97 -66.94
C ALA E 193 6.95 -27.22 -66.59
N PRO E 194 7.86 -26.35 -67.07
CA PRO E 194 9.30 -26.51 -66.79
C PRO E 194 9.57 -26.68 -65.31
N SER E 195 8.86 -25.89 -64.49
CA SER E 195 9.00 -25.93 -63.04
C SER E 195 7.61 -25.68 -62.45
N PRO E 196 7.31 -26.29 -61.29
CA PRO E 196 6.01 -26.11 -60.65
C PRO E 196 5.65 -24.64 -60.43
N ALA E 197 6.66 -23.77 -60.49
CA ALA E 197 6.45 -22.35 -60.30
C ALA E 197 5.67 -21.75 -61.47
N HIS E 198 5.56 -22.51 -62.55
CA HIS E 198 4.84 -22.03 -63.72
C HIS E 198 3.65 -22.91 -64.09
N GLY E 199 3.19 -23.71 -63.14
CA GLY E 199 2.06 -24.58 -63.40
C GLY E 199 1.04 -24.58 -62.28
N ILE E 200 0.94 -23.46 -61.56
CA ILE E 200 0.02 -23.33 -60.45
C ILE E 200 -1.05 -22.27 -60.70
N SER E 201 -2.25 -22.53 -60.19
CA SER E 201 -3.37 -21.61 -60.30
C SER E 201 -4.11 -21.53 -58.95
N LEU E 202 -4.85 -20.44 -58.77
CA LEU E 202 -5.62 -20.24 -57.56
C LEU E 202 -7.09 -20.42 -57.88
N PHE E 203 -7.79 -21.08 -56.97
CA PHE E 203 -9.21 -21.35 -57.12
C PHE E 203 -10.02 -20.94 -55.90
N LEU E 204 -11.15 -20.29 -56.16
CA LEU E 204 -12.03 -19.88 -55.10
C LEU E 204 -13.02 -21.03 -54.93
N VAL E 205 -12.85 -21.79 -53.85
CA VAL E 205 -13.72 -22.93 -53.56
C VAL E 205 -14.69 -22.51 -52.47
N GLU E 206 -15.98 -22.79 -52.68
CA GLU E 206 -17.01 -22.41 -51.72
C GLU E 206 -17.61 -23.55 -50.92
N ASN E 207 -17.88 -23.27 -49.66
CA ASN E 207 -18.48 -24.23 -48.75
C ASN E 207 -19.83 -24.64 -49.29
N GLY E 208 -20.06 -25.94 -49.43
CA GLY E 208 -21.33 -26.41 -49.95
C GLY E 208 -21.15 -27.13 -51.26
N MET E 209 -20.14 -26.73 -52.04
CA MET E 209 -19.88 -27.39 -53.31
C MET E 209 -19.72 -28.89 -53.07
N LYS E 210 -20.20 -29.69 -54.01
CA LYS E 210 -20.11 -31.13 -53.92
C LYS E 210 -18.65 -31.54 -53.99
N GLY E 211 -18.23 -32.44 -53.11
CA GLY E 211 -16.85 -32.89 -53.11
C GLY E 211 -15.93 -32.10 -52.19
N PHE E 212 -16.43 -31.02 -51.62
CA PHE E 212 -15.62 -30.19 -50.71
C PHE E 212 -15.93 -30.60 -49.27
N ILE E 213 -15.02 -31.34 -48.67
CA ILE E 213 -15.20 -31.82 -47.30
C ILE E 213 -14.19 -31.22 -46.31
N LYS E 214 -14.70 -30.87 -45.14
CA LYS E 214 -13.86 -30.30 -44.08
C LYS E 214 -13.57 -31.37 -43.03
N GLY E 215 -12.29 -31.57 -42.71
CA GLY E 215 -11.94 -32.55 -41.69
C GLY E 215 -12.29 -32.06 -40.30
N ARG E 216 -12.04 -32.85 -39.28
CA ARG E 216 -12.33 -32.42 -37.91
C ARG E 216 -11.31 -31.38 -37.45
N LYS E 217 -11.70 -30.47 -36.57
CA LYS E 217 -10.76 -29.46 -36.08
C LYS E 217 -9.54 -30.14 -35.45
N LEU E 218 -8.34 -29.69 -35.82
CA LEU E 218 -7.11 -30.27 -35.29
C LEU E 218 -6.87 -29.93 -33.81
N HIS E 219 -6.29 -30.87 -33.06
CA HIS E 219 -5.97 -30.66 -31.64
C HIS E 219 -4.55 -30.10 -31.65
N LYS E 220 -4.40 -28.89 -31.13
CA LYS E 220 -3.10 -28.22 -31.12
C LYS E 220 -2.61 -27.86 -29.72
N MET E 221 -1.33 -27.52 -29.60
CA MET E 221 -0.79 -27.14 -28.29
C MET E 221 -1.25 -25.75 -27.88
N GLY E 222 -1.62 -24.92 -28.86
CA GLY E 222 -2.07 -23.56 -28.60
C GLY E 222 -3.16 -23.11 -29.58
N LEU E 223 -3.46 -21.81 -29.62
CA LEU E 223 -4.50 -21.29 -30.50
C LEU E 223 -5.75 -22.16 -30.36
N LYS E 224 -6.12 -22.42 -29.11
CA LYS E 224 -7.26 -23.28 -28.80
C LYS E 224 -8.59 -22.86 -29.43
N ALA E 225 -8.78 -21.57 -29.65
CA ALA E 225 -10.03 -21.11 -30.23
C ALA E 225 -9.96 -20.86 -31.74
N GLN E 226 -8.81 -21.13 -32.35
CA GLN E 226 -8.67 -20.96 -33.80
C GLN E 226 -9.02 -22.31 -34.42
N ASP E 227 -10.05 -22.34 -35.25
CA ASP E 227 -10.51 -23.59 -35.87
C ASP E 227 -9.66 -24.08 -37.06
N THR E 228 -8.50 -24.66 -36.77
CA THR E 228 -7.59 -25.16 -37.79
C THR E 228 -8.07 -26.54 -38.22
N ALA E 229 -8.04 -26.82 -39.53
CA ALA E 229 -8.50 -28.12 -40.00
C ALA E 229 -7.96 -28.56 -41.36
N GLU E 230 -8.20 -29.82 -41.69
CA GLU E 230 -7.79 -30.37 -42.97
C GLU E 230 -8.94 -30.18 -43.94
N LEU E 231 -8.63 -30.00 -45.21
CA LEU E 231 -9.66 -29.84 -46.24
C LEU E 231 -9.42 -30.91 -47.30
N PHE E 232 -10.51 -31.42 -47.86
CA PHE E 232 -10.44 -32.46 -48.88
C PHE E 232 -11.25 -32.07 -50.11
N PHE E 233 -10.68 -32.29 -51.29
CA PHE E 233 -11.36 -31.97 -52.54
C PHE E 233 -11.46 -33.27 -53.30
N GLU E 234 -12.69 -33.74 -53.51
CA GLU E 234 -12.92 -34.98 -54.24
C GLU E 234 -13.71 -34.71 -55.51
N ASP E 235 -13.00 -34.63 -56.63
CA ASP E 235 -13.62 -34.35 -57.92
C ASP E 235 -14.66 -33.23 -57.83
N ILE E 236 -14.24 -32.07 -57.30
CA ILE E 236 -15.17 -30.94 -57.20
C ILE E 236 -15.27 -30.31 -58.60
N ARG E 237 -16.49 -30.14 -59.09
CA ARG E 237 -16.69 -29.54 -60.40
C ARG E 237 -16.83 -28.04 -60.21
N LEU E 238 -15.76 -27.30 -60.53
CA LEU E 238 -15.74 -25.86 -60.37
C LEU E 238 -16.08 -25.08 -61.64
N PRO E 239 -16.87 -24.00 -61.51
CA PRO E 239 -17.26 -23.20 -62.66
C PRO E 239 -16.01 -22.44 -63.12
N ALA E 240 -16.05 -21.92 -64.34
CA ALA E 240 -14.92 -21.18 -64.86
C ALA E 240 -14.62 -19.99 -63.95
N SER E 241 -15.67 -19.41 -63.35
CA SER E 241 -15.52 -18.25 -62.46
C SER E 241 -14.76 -18.57 -61.17
N ALA E 242 -14.40 -19.82 -60.97
CA ALA E 242 -13.68 -20.24 -59.78
C ALA E 242 -12.19 -19.90 -59.88
N LEU E 243 -11.70 -19.79 -61.12
CA LEU E 243 -10.30 -19.44 -61.32
C LEU E 243 -10.09 -18.01 -60.89
N LEU E 244 -9.11 -17.81 -60.01
CA LEU E 244 -8.76 -16.48 -59.51
C LEU E 244 -7.51 -16.04 -60.27
N GLY E 245 -7.65 -15.00 -61.08
CA GLY E 245 -6.50 -14.55 -61.86
C GLY E 245 -6.31 -15.45 -63.06
N GLU E 246 -5.15 -15.37 -63.70
CA GLU E 246 -4.90 -16.18 -64.87
C GLU E 246 -4.33 -17.57 -64.58
N GLU E 247 -4.69 -18.51 -65.45
CA GLU E 247 -4.26 -19.90 -65.35
C GLU E 247 -2.73 -19.96 -65.40
N ASN E 248 -2.14 -20.75 -64.52
CA ASN E 248 -0.69 -20.92 -64.45
C ASN E 248 0.12 -19.75 -63.89
N LYS E 249 -0.55 -18.71 -63.43
CA LYS E 249 0.17 -17.57 -62.86
C LYS E 249 -0.05 -17.53 -61.35
N GLY E 250 -0.51 -18.64 -60.78
CA GLY E 250 -0.78 -18.70 -59.37
C GLY E 250 0.40 -18.37 -58.48
N PHE E 251 1.56 -18.91 -58.82
CA PHE E 251 2.78 -18.69 -58.06
C PHE E 251 3.18 -17.21 -58.06
N TYR E 252 2.88 -16.53 -59.15
CA TYR E 252 3.22 -15.12 -59.27
C TYR E 252 2.37 -14.28 -58.31
N TYR E 253 1.09 -14.60 -58.18
CA TYR E 253 0.22 -13.85 -57.28
C TYR E 253 0.64 -14.09 -55.83
N ILE E 254 1.02 -15.33 -55.52
CA ILE E 254 1.47 -15.68 -54.17
C ILE E 254 2.72 -14.87 -53.85
N MET E 255 3.68 -14.87 -54.76
CA MET E 255 4.91 -14.11 -54.55
C MET E 255 4.63 -12.63 -54.30
N LYS E 256 3.60 -12.09 -54.93
CA LYS E 256 3.27 -10.69 -54.75
C LYS E 256 2.59 -10.42 -53.41
N GLU E 257 2.00 -11.46 -52.82
CA GLU E 257 1.29 -11.29 -51.56
C GLU E 257 2.08 -11.69 -50.30
N LEU E 258 3.16 -12.43 -50.49
CA LEU E 258 3.97 -12.89 -49.36
C LEU E 258 4.51 -11.79 -48.43
N PRO E 259 5.01 -10.68 -49.00
CA PRO E 259 5.52 -9.64 -48.10
C PRO E 259 4.45 -9.14 -47.10
N GLN E 260 3.22 -8.95 -47.57
CA GLN E 260 2.18 -8.50 -46.67
C GLN E 260 1.88 -9.56 -45.59
N GLN E 261 1.88 -10.82 -45.99
CA GLN E 261 1.61 -11.90 -45.04
C GLN E 261 2.68 -11.94 -43.96
N ARG E 262 3.92 -11.76 -44.37
CA ARG E 262 5.04 -11.78 -43.47
C ARG E 262 5.08 -10.56 -42.56
N LEU E 263 4.70 -9.40 -43.09
CA LEU E 263 4.65 -8.18 -42.30
C LEU E 263 3.56 -8.32 -41.24
N LEU E 264 2.44 -8.93 -41.64
CA LEU E 264 1.32 -9.13 -40.74
C LEU E 264 1.76 -9.98 -39.55
N ILE E 265 2.42 -11.10 -39.84
CA ILE E 265 2.92 -11.98 -38.80
C ILE E 265 3.93 -11.24 -37.94
N ALA E 266 4.80 -10.45 -38.58
CA ALA E 266 5.80 -9.68 -37.85
C ALA E 266 5.15 -8.72 -36.85
N ASP E 267 4.19 -7.93 -37.30
CA ASP E 267 3.53 -6.98 -36.42
C ASP E 267 2.74 -7.68 -35.33
N VAL E 268 2.12 -8.81 -35.64
CA VAL E 268 1.37 -9.53 -34.62
C VAL E 268 2.35 -10.01 -33.54
N ALA E 269 3.51 -10.50 -33.99
CA ALA E 269 4.56 -11.00 -33.12
C ALA E 269 5.14 -9.95 -32.18
N ILE E 270 5.49 -8.78 -32.70
CA ILE E 270 6.06 -7.74 -31.85
C ILE E 270 4.97 -7.17 -30.94
N SER E 271 3.74 -7.12 -31.44
CA SER E 271 2.65 -6.60 -30.62
C SER E 271 2.33 -7.54 -29.45
N ALA E 272 2.41 -8.85 -29.71
CA ALA E 272 2.15 -9.82 -28.66
C ALA E 272 3.21 -9.67 -27.57
N SER E 273 4.45 -9.39 -28.01
CA SER E 273 5.59 -9.20 -27.12
C SER E 273 5.38 -7.99 -26.21
N GLU E 274 4.88 -6.90 -26.79
CA GLU E 274 4.60 -5.68 -26.03
C GLU E 274 3.52 -5.99 -24.98
N PHE E 275 2.52 -6.80 -25.35
CA PHE E 275 1.46 -7.19 -24.43
C PHE E 275 2.08 -7.98 -23.28
N MET E 276 2.84 -9.03 -23.63
CA MET E 276 3.48 -9.87 -22.63
C MET E 276 4.36 -9.09 -21.67
N PHE E 277 5.15 -8.16 -22.22
CA PHE E 277 6.03 -7.35 -21.39
C PHE E 277 5.27 -6.54 -20.36
N GLU E 278 4.26 -5.81 -20.80
CA GLU E 278 3.47 -5.00 -19.88
C GLU E 278 2.71 -5.86 -18.88
N GLU E 279 2.22 -7.02 -19.31
CA GLU E 279 1.49 -7.91 -18.41
C GLU E 279 2.40 -8.43 -17.28
N THR E 280 3.64 -8.75 -17.63
CA THR E 280 4.65 -9.25 -16.69
C THR E 280 5.21 -8.14 -15.81
N ARG E 281 5.38 -6.97 -16.41
CA ARG E 281 5.87 -5.81 -15.68
C ARG E 281 4.89 -5.56 -14.53
N ASN E 282 3.59 -5.61 -14.84
CA ASN E 282 2.58 -5.39 -13.82
C ASN E 282 2.63 -6.48 -12.76
N TYR E 283 2.76 -7.72 -13.20
CA TYR E 283 2.81 -8.84 -12.27
C TYR E 283 3.95 -8.76 -11.24
N VAL E 284 5.18 -8.49 -11.66
CA VAL E 284 6.27 -8.45 -10.71
C VAL E 284 6.21 -7.24 -9.77
N LYS E 285 5.59 -6.16 -10.22
CA LYS E 285 5.48 -4.97 -9.39
C LYS E 285 4.44 -5.20 -8.28
N GLN E 286 3.53 -6.15 -8.48
CA GLN E 286 2.51 -6.43 -7.48
C GLN E 286 2.79 -7.70 -6.66
N ARG E 287 3.69 -8.55 -7.14
CA ARG E 287 4.03 -9.79 -6.45
C ARG E 287 4.98 -9.54 -5.28
N LYS E 288 4.49 -9.77 -4.06
CA LYS E 288 5.28 -9.57 -2.86
C LYS E 288 6.26 -10.72 -2.64
N ALA E 289 7.41 -10.42 -2.04
CA ALA E 289 8.43 -11.47 -1.80
C ALA E 289 9.58 -10.91 -0.95
N PHE E 290 10.00 -11.67 0.06
CA PHE E 290 11.10 -11.30 0.94
C PHE E 290 10.94 -9.88 1.49
N GLY E 291 9.69 -9.50 1.78
CA GLY E 291 9.39 -8.18 2.36
C GLY E 291 9.20 -7.05 1.36
N LYS E 292 9.57 -7.32 0.11
CA LYS E 292 9.39 -6.32 -0.96
C LYS E 292 8.77 -7.05 -2.15
N THR E 293 8.79 -6.38 -3.30
CA THR E 293 8.27 -6.99 -4.55
C THR E 293 9.30 -7.61 -5.50
N VAL E 294 8.88 -8.62 -6.27
CA VAL E 294 9.78 -9.27 -7.20
C VAL E 294 10.49 -8.21 -8.05
N ALA E 295 9.79 -7.13 -8.34
CA ALA E 295 10.36 -6.07 -9.14
C ALA E 295 11.54 -5.36 -8.46
N HIS E 296 11.73 -5.58 -7.16
CA HIS E 296 12.85 -4.95 -6.47
C HIS E 296 14.18 -5.70 -6.61
N LEU E 297 14.10 -6.94 -7.08
CA LEU E 297 15.29 -7.75 -7.27
C LEU E 297 16.07 -7.20 -8.47
N GLN E 298 17.37 -7.04 -8.32
CA GLN E 298 18.18 -6.49 -9.40
C GLN E 298 18.21 -7.38 -10.65
N THR E 299 18.19 -8.70 -10.47
CA THR E 299 18.20 -9.61 -11.61
C THR E 299 16.91 -9.44 -12.41
N VAL E 300 15.80 -9.24 -11.71
CA VAL E 300 14.52 -9.02 -12.36
C VAL E 300 14.52 -7.70 -13.12
N GLN E 301 15.08 -6.65 -12.53
CA GLN E 301 15.13 -5.36 -13.21
C GLN E 301 15.97 -5.43 -14.49
N HIS E 302 17.11 -6.11 -14.43
CA HIS E 302 17.96 -6.22 -15.60
C HIS E 302 17.33 -7.10 -16.68
N LYS E 303 16.60 -8.13 -16.24
CA LYS E 303 15.91 -9.01 -17.18
C LYS E 303 14.85 -8.20 -17.91
N LEU E 304 14.09 -7.38 -17.19
CA LEU E 304 13.07 -6.54 -17.81
C LEU E 304 13.71 -5.51 -18.75
N ALA E 305 14.89 -5.01 -18.38
CA ALA E 305 15.59 -4.03 -19.21
C ALA E 305 15.97 -4.70 -20.53
N GLU E 306 16.51 -5.92 -20.45
CA GLU E 306 16.89 -6.66 -21.65
C GLU E 306 15.67 -6.90 -22.56
N LEU E 307 14.56 -7.32 -21.97
CA LEU E 307 13.33 -7.58 -22.73
C LEU E 307 12.80 -6.31 -23.39
N LYS E 308 12.70 -5.23 -22.61
CA LYS E 308 12.19 -3.98 -23.16
C LYS E 308 13.07 -3.44 -24.29
N THR E 309 14.38 -3.54 -24.15
CA THR E 309 15.28 -3.04 -25.17
C THR E 309 15.07 -3.78 -26.49
N HIS E 310 15.11 -5.12 -26.42
CA HIS E 310 14.94 -5.93 -27.62
C HIS E 310 13.57 -5.74 -28.28
N ILE E 311 12.54 -5.63 -27.46
CA ILE E 311 11.20 -5.40 -27.99
C ILE E 311 11.11 -4.01 -28.68
N CYS E 312 11.71 -2.99 -28.06
CA CYS E 312 11.67 -1.65 -28.66
C CYS E 312 12.49 -1.58 -29.95
N VAL E 313 13.62 -2.27 -29.96
CA VAL E 313 14.49 -2.30 -31.13
C VAL E 313 13.74 -2.94 -32.30
N THR E 314 13.08 -4.06 -32.04
CA THR E 314 12.35 -4.75 -33.08
C THR E 314 11.14 -3.95 -33.57
N ARG E 315 10.46 -3.28 -32.63
CA ARG E 315 9.30 -2.46 -32.94
C ARG E 315 9.70 -1.38 -33.96
N ALA E 316 10.85 -0.77 -33.73
CA ALA E 316 11.34 0.26 -34.64
C ALA E 316 11.48 -0.30 -36.08
N PHE E 317 12.02 -1.52 -36.18
CA PHE E 317 12.20 -2.13 -37.50
C PHE E 317 10.87 -2.47 -38.16
N VAL E 318 9.94 -3.03 -37.38
CA VAL E 318 8.63 -3.38 -37.90
C VAL E 318 7.86 -2.14 -38.38
N ASP E 319 7.98 -1.05 -37.62
CA ASP E 319 7.29 0.18 -37.99
C ASP E 319 7.91 0.75 -39.27
N ASN E 320 9.20 0.53 -39.46
CA ASN E 320 9.87 0.98 -40.66
C ASN E 320 9.28 0.19 -41.83
N CYS E 321 9.11 -1.11 -41.63
CA CYS E 321 8.54 -1.99 -42.64
C CYS E 321 7.08 -1.61 -42.97
N LEU E 322 6.29 -1.24 -41.95
CA LEU E 322 4.91 -0.82 -42.18
C LEU E 322 4.91 0.43 -43.07
N GLN E 323 5.85 1.33 -42.81
CA GLN E 323 5.97 2.56 -43.59
C GLN E 323 6.27 2.22 -45.06
N LEU E 324 7.28 1.39 -45.29
CA LEU E 324 7.65 1.00 -46.64
C LEU E 324 6.48 0.31 -47.34
N HIS E 325 5.75 -0.53 -46.62
CA HIS E 325 4.63 -1.22 -47.25
C HIS E 325 3.53 -0.24 -47.65
N GLU E 326 3.29 0.77 -46.83
CA GLU E 326 2.28 1.78 -47.14
C GLU E 326 2.66 2.44 -48.46
N ALA E 327 3.96 2.47 -48.73
CA ALA E 327 4.50 3.07 -49.94
C ALA E 327 4.62 2.05 -51.07
N LYS E 328 4.28 0.80 -50.77
CA LYS E 328 4.39 -0.28 -51.74
C LYS E 328 5.85 -0.46 -52.11
N ARG E 329 6.72 -0.29 -51.12
CA ARG E 329 8.16 -0.43 -51.31
C ARG E 329 8.77 -1.44 -50.33
N LEU E 330 7.99 -2.42 -49.91
CA LEU E 330 8.48 -3.43 -49.00
C LEU E 330 8.93 -4.69 -49.72
N ASP E 331 10.22 -4.97 -49.61
CA ASP E 331 10.87 -6.14 -50.22
C ASP E 331 10.45 -7.46 -49.63
N SER E 332 10.65 -8.51 -50.41
CA SER E 332 10.37 -9.87 -49.95
C SER E 332 11.33 -10.18 -48.81
N ALA E 333 12.61 -9.88 -49.05
CA ALA E 333 13.66 -10.13 -48.07
C ALA E 333 13.48 -9.29 -46.81
N THR E 334 13.04 -8.05 -46.98
CA THR E 334 12.82 -7.18 -45.82
C THR E 334 11.67 -7.71 -44.99
N ALA E 335 10.58 -8.13 -45.65
CA ALA E 335 9.44 -8.69 -44.93
C ALA E 335 9.86 -9.96 -44.20
N CYS E 336 10.71 -10.77 -44.83
CA CYS E 336 11.19 -12.01 -44.22
C CYS E 336 12.00 -11.73 -42.96
N MET E 337 12.80 -10.66 -42.98
CA MET E 337 13.60 -10.29 -41.81
C MET E 337 12.69 -9.96 -40.65
N ALA E 338 11.61 -9.22 -40.92
CA ALA E 338 10.66 -8.85 -39.89
C ALA E 338 9.91 -10.06 -39.31
N LYS E 339 9.42 -10.93 -40.19
CA LYS E 339 8.69 -12.13 -39.77
C LYS E 339 9.54 -13.05 -38.90
N TYR E 340 10.77 -13.26 -39.35
CA TYR E 340 11.69 -14.14 -38.65
C TYR E 340 12.16 -13.55 -37.33
N TRP E 341 12.64 -12.31 -37.34
CA TRP E 341 13.16 -11.72 -36.12
C TRP E 341 12.12 -11.52 -35.03
N ALA E 342 10.94 -11.02 -35.43
CA ALA E 342 9.87 -10.78 -34.48
C ALA E 342 9.26 -12.05 -33.92
N SER E 343 9.08 -13.07 -34.76
CA SER E 343 8.48 -14.30 -34.27
C SER E 343 9.45 -15.02 -33.32
N GLU E 344 10.75 -14.88 -33.56
CA GLU E 344 11.74 -15.50 -32.68
C GLU E 344 11.73 -14.75 -31.34
N LEU E 345 11.70 -13.42 -31.41
CA LEU E 345 11.68 -12.59 -30.22
C LEU E 345 10.44 -12.90 -29.37
N GLN E 346 9.29 -13.04 -30.03
CA GLN E 346 8.03 -13.34 -29.35
C GLN E 346 8.16 -14.57 -28.44
N ASN E 347 8.84 -15.59 -28.94
CA ASN E 347 9.01 -16.80 -28.14
C ASN E 347 10.03 -16.63 -27.01
N SER E 348 11.12 -15.88 -27.26
CA SER E 348 12.12 -15.63 -26.23
C SER E 348 11.46 -14.86 -25.09
N VAL E 349 10.66 -13.85 -25.45
CA VAL E 349 9.94 -13.02 -24.49
C VAL E 349 8.96 -13.85 -23.69
N ALA E 350 8.16 -14.65 -24.41
CA ALA E 350 7.17 -15.50 -23.77
C ALA E 350 7.83 -16.40 -22.71
N TYR E 351 8.95 -17.00 -23.06
CA TYR E 351 9.64 -17.89 -22.13
C TYR E 351 10.07 -17.15 -20.85
N ASP E 352 10.68 -15.99 -21.02
CA ASP E 352 11.14 -15.20 -19.87
C ASP E 352 9.99 -14.67 -19.03
N CYS E 353 8.91 -14.28 -19.70
CA CYS E 353 7.75 -13.76 -19.00
C CYS E 353 7.05 -14.86 -18.21
N VAL E 354 7.03 -16.07 -18.78
CA VAL E 354 6.46 -17.19 -18.07
C VAL E 354 7.29 -17.39 -16.78
N GLN E 355 8.62 -17.40 -16.93
CA GLN E 355 9.51 -17.61 -15.79
C GLN E 355 9.30 -16.58 -14.67
N LEU E 356 9.04 -15.33 -15.04
CA LEU E 356 8.83 -14.28 -14.06
C LEU E 356 7.52 -14.40 -13.28
N HIS E 357 6.60 -15.23 -13.77
CA HIS E 357 5.33 -15.45 -13.08
C HIS E 357 5.44 -16.65 -12.15
N GLY E 358 6.56 -17.37 -12.24
CA GLY E 358 6.72 -18.55 -11.42
C GLY E 358 5.69 -19.60 -11.79
N GLY E 359 5.23 -20.36 -10.80
CA GLY E 359 4.25 -21.41 -11.05
C GLY E 359 2.97 -20.93 -11.70
N TRP E 360 2.57 -19.71 -11.37
CA TRP E 360 1.35 -19.18 -11.94
C TRP E 360 1.43 -19.01 -13.46
N GLY E 361 2.65 -18.89 -13.98
CA GLY E 361 2.82 -18.72 -15.42
C GLY E 361 2.52 -20.00 -16.18
N TYR E 362 2.30 -21.09 -15.43
CA TYR E 362 2.00 -22.39 -16.03
C TYR E 362 0.49 -22.66 -16.00
N MET E 363 -0.25 -21.81 -15.27
CA MET E 363 -1.70 -21.95 -15.13
C MET E 363 -2.46 -21.25 -16.26
N TRP E 364 -3.40 -21.97 -16.88
CA TRP E 364 -4.17 -21.40 -17.97
C TRP E 364 -4.91 -20.14 -17.52
N GLU E 365 -5.13 -20.05 -16.22
CA GLU E 365 -5.81 -18.91 -15.60
C GLU E 365 -5.11 -17.60 -15.95
N TYR E 366 -3.78 -17.63 -16.03
CA TYR E 366 -3.01 -16.42 -16.35
C TYR E 366 -2.78 -16.23 -17.83
N PRO E 367 -2.96 -15.00 -18.33
CA PRO E 367 -2.75 -14.65 -19.74
C PRO E 367 -1.44 -15.15 -20.34
N ILE E 368 -0.36 -15.12 -19.56
CA ILE E 368 0.95 -15.53 -20.08
C ILE E 368 1.04 -16.99 -20.51
N ALA E 369 0.25 -17.86 -19.87
CA ALA E 369 0.28 -19.29 -20.21
C ALA E 369 -0.19 -19.52 -21.66
N LYS E 370 -1.32 -18.93 -22.03
CA LYS E 370 -1.80 -19.11 -23.40
C LYS E 370 -0.96 -18.30 -24.40
N ALA E 371 -0.33 -17.22 -23.95
CA ALA E 371 0.49 -16.40 -24.82
C ALA E 371 1.73 -17.20 -25.22
N TYR E 372 2.22 -18.02 -24.27
CA TYR E 372 3.39 -18.86 -24.50
C TYR E 372 3.14 -19.94 -25.56
N VAL E 373 2.03 -20.68 -25.43
CA VAL E 373 1.75 -21.72 -26.42
C VAL E 373 1.28 -21.11 -27.75
N ASP E 374 0.62 -19.95 -27.69
CA ASP E 374 0.15 -19.27 -28.90
C ASP E 374 1.34 -18.73 -29.68
N ALA E 375 2.37 -18.26 -28.97
CA ALA E 375 3.54 -17.72 -29.62
C ALA E 375 4.31 -18.74 -30.42
N ARG E 376 4.30 -19.99 -29.96
CA ARG E 376 5.08 -21.02 -30.64
C ARG E 376 4.74 -21.32 -32.10
N VAL E 377 3.57 -20.90 -32.55
CA VAL E 377 3.17 -21.16 -33.95
C VAL E 377 3.78 -20.20 -34.97
N GLN E 378 4.12 -18.98 -34.54
CA GLN E 378 4.61 -17.96 -35.46
C GLN E 378 5.91 -18.25 -36.22
N PRO E 379 6.90 -18.89 -35.58
CA PRO E 379 8.13 -19.18 -36.32
C PRO E 379 7.90 -20.32 -37.32
N ILE E 380 6.72 -20.94 -37.24
CA ILE E 380 6.41 -22.05 -38.10
C ILE E 380 5.55 -21.71 -39.31
N TYR E 381 4.43 -21.04 -39.11
CA TYR E 381 3.57 -20.76 -40.23
C TYR E 381 3.93 -19.51 -41.01
N GLY E 382 3.31 -19.38 -42.19
CA GLY E 382 3.57 -18.25 -43.06
C GLY E 382 4.98 -18.36 -43.60
N GLY E 383 5.50 -19.57 -43.65
CA GLY E 383 6.87 -19.79 -44.10
C GLY E 383 7.76 -19.92 -42.86
N THR E 384 8.29 -21.10 -42.60
CA THR E 384 9.15 -21.33 -41.43
C THR E 384 10.33 -20.38 -41.41
N ASN E 385 10.81 -20.07 -40.21
CA ASN E 385 11.94 -19.17 -40.08
C ASN E 385 13.17 -19.65 -40.82
N GLU E 386 13.27 -20.95 -41.04
CA GLU E 386 14.40 -21.49 -41.80
C GLU E 386 14.28 -21.06 -43.27
N ILE E 387 13.05 -21.01 -43.77
CA ILE E 387 12.80 -20.57 -45.15
C ILE E 387 13.07 -19.05 -45.24
N MET E 388 12.78 -18.34 -44.16
CA MET E 388 13.03 -16.90 -44.14
C MET E 388 14.52 -16.64 -44.36
N LYS E 389 15.36 -17.40 -43.65
CA LYS E 389 16.80 -17.23 -43.78
C LYS E 389 17.27 -17.57 -45.21
N GLU E 390 16.73 -18.63 -45.78
CA GLU E 390 17.06 -19.03 -47.13
C GLU E 390 16.79 -17.87 -48.09
N LEU E 391 15.61 -17.28 -47.97
CA LEU E 391 15.22 -16.16 -48.83
C LEU E 391 16.07 -14.91 -48.58
N ILE E 392 16.40 -14.66 -47.32
CA ILE E 392 17.21 -13.49 -46.97
C ILE E 392 18.64 -13.69 -47.51
N ALA E 393 19.12 -14.93 -47.44
CA ALA E 393 20.47 -15.25 -47.90
C ALA E 393 20.64 -15.17 -49.42
N ARG E 394 19.56 -15.33 -50.16
CA ARG E 394 19.66 -15.30 -51.62
C ARG E 394 20.32 -14.03 -52.15
N GLU E 395 19.91 -12.87 -51.65
CA GLU E 395 20.50 -11.62 -52.10
C GLU E 395 21.90 -11.42 -51.53
N ILE E 396 22.26 -12.21 -50.51
CA ILE E 396 23.57 -12.07 -49.91
C ILE E 396 24.67 -12.78 -50.69
N VAL E 397 24.40 -14.00 -51.13
CA VAL E 397 25.40 -14.79 -51.85
C VAL E 397 25.19 -14.92 -53.35
N PHE E 398 23.94 -15.00 -53.78
CA PHE E 398 23.61 -15.16 -55.19
C PHE E 398 23.15 -13.85 -55.80
N GLU F 4 33.76 -52.16 -21.85
CA GLU F 4 32.59 -53.01 -21.52
C GLU F 4 31.28 -52.31 -21.89
N ARG F 5 31.14 -51.04 -21.48
CA ARG F 5 29.93 -50.28 -21.78
C ARG F 5 30.22 -48.93 -22.46
N LEU F 6 29.39 -48.58 -23.42
CA LEU F 6 29.54 -47.32 -24.14
C LEU F 6 28.81 -46.19 -23.42
N GLU F 7 29.22 -44.95 -23.68
CA GLU F 7 28.55 -43.79 -23.10
C GLU F 7 27.61 -43.28 -24.18
N THR F 8 26.62 -42.46 -23.81
CA THR F 8 25.63 -42.02 -24.79
C THR F 8 26.12 -41.52 -26.15
N PRO F 9 27.24 -40.77 -26.19
CA PRO F 9 27.72 -40.28 -27.48
C PRO F 9 27.98 -41.35 -28.54
N SER F 10 28.45 -42.52 -28.10
CA SER F 10 28.77 -43.62 -29.01
C SER F 10 27.67 -44.66 -29.26
N ALA F 11 26.61 -44.62 -28.45
CA ALA F 11 25.52 -45.56 -28.61
C ALA F 11 24.79 -45.30 -29.93
N LYS F 12 24.04 -46.30 -30.41
CA LYS F 12 23.29 -46.12 -31.65
C LYS F 12 22.18 -45.12 -31.39
N LYS F 13 21.65 -45.14 -30.17
CA LYS F 13 20.60 -44.22 -29.74
C LYS F 13 20.90 -43.84 -28.30
N LEU F 14 20.63 -42.59 -27.95
CA LEU F 14 20.87 -42.11 -26.60
C LEU F 14 20.06 -42.89 -25.57
N THR F 15 18.98 -43.51 -26.05
CA THR F 15 18.08 -44.28 -25.18
C THR F 15 18.31 -45.78 -25.15
N ASP F 16 19.35 -46.26 -25.83
CA ASP F 16 19.63 -47.70 -25.86
C ASP F 16 19.87 -48.31 -24.48
N ILE F 17 19.52 -49.59 -24.34
CA ILE F 17 19.73 -50.30 -23.08
C ILE F 17 21.11 -50.93 -23.17
N GLY F 18 21.83 -50.94 -22.05
CA GLY F 18 23.15 -51.53 -22.03
C GLY F 18 24.28 -50.54 -22.13
N ILE F 19 23.97 -49.25 -21.95
CA ILE F 19 24.98 -48.19 -22.02
C ILE F 19 25.11 -47.42 -20.72
N ARG F 20 26.18 -46.64 -20.61
CA ARG F 20 26.46 -45.81 -19.43
C ARG F 20 27.10 -46.61 -18.28
N ARG F 21 28.27 -46.16 -17.86
CA ARG F 21 29.07 -46.77 -16.79
C ARG F 21 28.34 -47.23 -15.54
N ILE F 22 27.63 -46.29 -14.93
CA ILE F 22 26.92 -46.53 -13.69
C ILE F 22 25.98 -47.72 -13.61
N PHE F 23 25.60 -48.29 -14.75
CA PHE F 23 24.67 -49.42 -14.73
C PHE F 23 25.32 -50.78 -14.94
N SER F 24 24.76 -51.79 -14.29
CA SER F 24 25.26 -53.16 -14.38
C SER F 24 24.34 -54.01 -15.26
N PRO F 25 24.77 -55.21 -15.65
CA PRO F 25 23.92 -56.06 -16.49
C PRO F 25 22.56 -56.40 -15.86
N GLU F 26 22.49 -56.41 -14.53
CA GLU F 26 21.23 -56.69 -13.85
C GLU F 26 20.31 -55.47 -14.01
N HIS F 27 20.91 -54.29 -14.01
CA HIS F 27 20.12 -53.07 -14.19
C HIS F 27 19.48 -53.09 -15.57
N ASP F 28 20.21 -53.58 -16.57
CA ASP F 28 19.69 -53.64 -17.93
C ASP F 28 18.44 -54.50 -18.02
N ILE F 29 18.42 -55.62 -17.31
CA ILE F 29 17.27 -56.52 -17.31
C ILE F 29 16.06 -55.78 -16.74
N PHE F 30 16.28 -55.11 -15.61
CA PHE F 30 15.22 -54.37 -14.95
C PHE F 30 14.75 -53.27 -15.91
N ARG F 31 15.72 -52.59 -16.51
CA ARG F 31 15.46 -51.52 -17.47
C ARG F 31 14.51 -52.00 -18.57
N LYS F 32 14.82 -53.15 -19.15
CA LYS F 32 13.99 -53.70 -20.22
C LYS F 32 12.57 -54.02 -19.78
N SER F 33 12.41 -54.49 -18.54
CA SER F 33 11.08 -54.81 -18.04
C SER F 33 10.29 -53.54 -17.77
N VAL F 34 10.95 -52.55 -17.18
CA VAL F 34 10.28 -51.29 -16.89
C VAL F 34 9.82 -50.62 -18.19
N ARG F 35 10.69 -50.61 -19.19
CA ARG F 35 10.35 -50.01 -20.47
C ARG F 35 9.13 -50.70 -21.08
N LYS F 36 9.04 -52.01 -20.87
CA LYS F 36 7.93 -52.80 -21.38
C LYS F 36 6.64 -52.41 -20.67
N PHE F 37 6.73 -52.16 -19.36
CA PHE F 37 5.55 -51.78 -18.59
C PHE F 37 4.94 -50.45 -19.06
N PHE F 38 5.78 -49.48 -19.41
CA PHE F 38 5.26 -48.19 -19.87
C PHE F 38 4.64 -48.33 -21.26
N GLN F 39 5.28 -49.11 -22.13
CA GLN F 39 4.79 -49.34 -23.49
C GLN F 39 3.42 -49.99 -23.48
N GLU F 40 3.19 -50.91 -22.55
CA GLU F 40 1.93 -51.65 -22.48
C GLU F 40 0.88 -51.16 -21.50
N GLU F 41 1.30 -50.64 -20.36
CA GLU F 41 0.35 -50.19 -19.34
C GLU F 41 0.12 -48.68 -19.26
N VAL F 42 1.03 -47.89 -19.82
CA VAL F 42 0.90 -46.44 -19.75
C VAL F 42 0.64 -45.77 -21.09
N ILE F 43 1.57 -45.90 -22.02
CA ILE F 43 1.44 -45.28 -23.33
C ILE F 43 0.09 -45.42 -24.03
N PRO F 44 -0.48 -46.64 -24.08
CA PRO F 44 -1.78 -46.79 -24.75
C PRO F 44 -3.01 -46.14 -24.12
N HIS F 45 -2.94 -45.77 -22.85
CA HIS F 45 -4.10 -45.15 -22.20
C HIS F 45 -3.90 -43.68 -21.85
N HIS F 46 -2.70 -43.16 -22.10
CA HIS F 46 -2.38 -41.80 -21.73
C HIS F 46 -3.26 -40.70 -22.33
N SER F 47 -3.68 -40.85 -23.60
CA SER F 47 -4.53 -39.85 -24.22
C SER F 47 -5.84 -39.74 -23.45
N GLU F 48 -6.37 -40.88 -23.03
CA GLU F 48 -7.62 -40.89 -22.27
C GLU F 48 -7.45 -40.16 -20.94
N TRP F 49 -6.32 -40.39 -20.27
CA TRP F 49 -6.05 -39.76 -18.99
C TRP F 49 -5.88 -38.24 -19.14
N GLU F 50 -5.31 -37.82 -20.24
CA GLU F 50 -5.13 -36.39 -20.48
C GLU F 50 -6.49 -35.70 -20.50
N LYS F 51 -7.45 -36.33 -21.14
CA LYS F 51 -8.81 -35.79 -21.25
C LYS F 51 -9.48 -35.75 -19.88
N ALA F 52 -9.25 -36.79 -19.07
CA ALA F 52 -9.81 -36.88 -17.73
C ALA F 52 -9.07 -35.95 -16.76
N GLY F 53 -7.83 -35.61 -17.10
CA GLY F 53 -7.05 -34.74 -16.25
C GLY F 53 -6.35 -35.48 -15.12
N GLU F 54 -6.35 -36.82 -15.19
CA GLU F 54 -5.69 -37.63 -14.18
C GLU F 54 -5.64 -39.08 -14.66
N VAL F 55 -4.64 -39.84 -14.20
CA VAL F 55 -4.52 -41.23 -14.60
C VAL F 55 -5.45 -42.06 -13.71
N SER F 56 -5.53 -43.35 -13.98
CA SER F 56 -6.39 -44.25 -13.22
C SER F 56 -5.68 -44.82 -12.00
N ARG F 57 -6.44 -45.18 -10.97
CA ARG F 57 -5.84 -45.78 -9.79
C ARG F 57 -5.34 -47.16 -10.21
N GLU F 58 -5.94 -47.67 -11.28
CA GLU F 58 -5.58 -48.98 -11.82
C GLU F 58 -4.11 -49.06 -12.25
N VAL F 59 -3.62 -48.06 -12.97
CA VAL F 59 -2.22 -48.09 -13.41
C VAL F 59 -1.28 -47.98 -12.22
N TRP F 60 -1.72 -47.29 -11.17
CA TRP F 60 -0.90 -47.16 -9.97
C TRP F 60 -0.75 -48.54 -9.31
N GLU F 61 -1.86 -49.24 -9.15
CA GLU F 61 -1.81 -50.58 -8.52
C GLU F 61 -1.02 -51.53 -9.42
N LYS F 62 -1.16 -51.34 -10.72
CA LYS F 62 -0.45 -52.16 -11.69
C LYS F 62 1.05 -51.88 -11.51
N ALA F 63 1.40 -50.62 -11.27
CA ALA F 63 2.80 -50.24 -11.07
C ALA F 63 3.28 -50.88 -9.77
N GLY F 64 2.42 -50.86 -8.76
CA GLY F 64 2.76 -51.44 -7.48
C GLY F 64 3.02 -52.94 -7.57
N LYS F 65 2.13 -53.65 -8.25
CA LYS F 65 2.26 -55.10 -8.40
C LYS F 65 3.50 -55.52 -9.17
N GLN F 66 3.98 -54.65 -10.07
CA GLN F 66 5.17 -54.95 -10.87
C GLN F 66 6.46 -54.62 -10.13
N GLY F 67 6.35 -53.92 -9.01
CA GLY F 67 7.54 -53.55 -8.26
C GLY F 67 8.22 -52.30 -8.79
N LEU F 68 7.42 -51.33 -9.26
CA LEU F 68 7.97 -50.07 -9.79
C LEU F 68 7.85 -48.91 -8.79
N LEU F 69 7.06 -49.12 -7.73
CA LEU F 69 6.87 -48.10 -6.71
C LEU F 69 7.69 -48.50 -5.46
N GLY F 70 8.44 -47.57 -4.91
CA GLY F 70 9.22 -47.86 -3.73
C GLY F 70 10.59 -48.45 -4.01
N VAL F 71 11.06 -48.33 -5.25
CA VAL F 71 12.38 -48.82 -5.61
C VAL F 71 13.35 -47.91 -4.87
N ASN F 72 14.39 -48.50 -4.28
CA ASN F 72 15.39 -47.78 -3.51
C ASN F 72 14.88 -47.40 -2.12
N ILE F 73 13.78 -48.02 -1.71
CA ILE F 73 13.24 -47.79 -0.37
C ILE F 73 13.67 -49.11 0.28
N ALA F 74 14.05 -49.04 1.55
CA ALA F 74 14.51 -50.21 2.30
C ALA F 74 13.46 -51.31 2.24
N GLU F 75 13.84 -52.45 1.68
CA GLU F 75 12.95 -53.58 1.55
C GLU F 75 12.43 -54.05 2.91
N HIS F 76 13.29 -54.04 3.93
CA HIS F 76 12.85 -54.45 5.25
C HIS F 76 11.88 -53.44 5.85
N LEU F 77 11.77 -52.27 5.22
CA LEU F 77 10.86 -51.26 5.72
C LEU F 77 9.55 -51.31 4.92
N GLY F 78 9.47 -52.25 3.99
CA GLY F 78 8.27 -52.40 3.18
C GLY F 78 8.44 -51.94 1.74
N GLY F 79 9.67 -51.59 1.37
CA GLY F 79 9.93 -51.15 0.01
C GLY F 79 10.40 -52.27 -0.88
N ILE F 80 10.74 -51.92 -2.12
CA ILE F 80 11.22 -52.90 -3.10
C ILE F 80 12.71 -53.16 -2.94
N GLY F 81 13.41 -52.22 -2.30
CA GLY F 81 14.85 -52.39 -2.15
C GLY F 81 15.51 -51.96 -3.45
N GLY F 82 16.82 -52.14 -3.55
CA GLY F 82 17.52 -51.75 -4.75
C GLY F 82 18.24 -50.43 -4.53
N ASP F 83 19.31 -50.20 -5.30
CA ASP F 83 20.08 -48.97 -5.15
C ASP F 83 19.42 -47.79 -5.88
N LEU F 84 20.07 -46.64 -5.80
CA LEU F 84 19.57 -45.43 -6.43
C LEU F 84 19.47 -45.61 -7.95
N TYR F 85 20.43 -46.31 -8.55
CA TYR F 85 20.41 -46.50 -9.99
C TYR F 85 19.14 -47.19 -10.46
N SER F 86 18.63 -48.11 -9.64
CA SER F 86 17.41 -48.82 -9.98
C SER F 86 16.22 -47.86 -9.95
N ALA F 87 16.20 -46.97 -8.97
CA ALA F 87 15.13 -46.00 -8.85
C ALA F 87 15.17 -45.04 -10.04
N ALA F 88 16.38 -44.63 -10.41
CA ALA F 88 16.59 -43.72 -11.54
C ALA F 88 16.07 -44.31 -12.84
N ILE F 89 16.15 -45.64 -12.96
CA ILE F 89 15.67 -46.34 -14.15
C ILE F 89 14.19 -46.05 -14.39
N VAL F 90 13.42 -46.09 -13.31
CA VAL F 90 12.00 -45.84 -13.42
C VAL F 90 11.73 -44.40 -13.82
N TRP F 91 12.49 -43.46 -13.25
CA TRP F 91 12.32 -42.05 -13.57
C TRP F 91 12.60 -41.84 -15.05
N GLU F 92 13.72 -42.41 -15.50
CA GLU F 92 14.16 -42.27 -16.89
C GLU F 92 13.27 -42.93 -17.91
N GLU F 93 12.74 -44.10 -17.58
CA GLU F 93 11.89 -44.80 -18.51
C GLU F 93 10.56 -44.08 -18.67
N GLN F 94 10.07 -43.43 -17.62
CA GLN F 94 8.82 -42.69 -17.74
C GLN F 94 9.06 -41.48 -18.66
N ALA F 95 10.22 -40.86 -18.50
CA ALA F 95 10.58 -39.73 -19.34
C ALA F 95 10.70 -40.19 -20.80
N TYR F 96 11.26 -41.38 -21.00
CA TYR F 96 11.42 -41.93 -22.34
C TYR F 96 10.10 -42.28 -23.01
N SER F 97 9.06 -42.50 -22.20
CA SER F 97 7.75 -42.85 -22.73
C SER F 97 6.94 -41.61 -23.08
N ASN F 98 7.43 -40.45 -22.65
CA ASN F 98 6.79 -39.15 -22.88
C ASN F 98 5.40 -39.06 -22.25
N CYS F 99 5.23 -39.77 -21.14
CA CYS F 99 3.96 -39.78 -20.41
C CYS F 99 4.18 -39.20 -19.03
N SER F 100 3.82 -37.93 -18.87
CA SER F 100 4.01 -37.23 -17.61
C SER F 100 2.82 -37.31 -16.66
N GLY F 101 1.80 -38.08 -17.02
CA GLY F 101 0.63 -38.20 -16.17
C GLY F 101 0.89 -38.85 -14.82
N PRO F 102 1.38 -40.10 -14.80
CA PRO F 102 1.67 -40.86 -13.58
C PRO F 102 2.63 -40.15 -12.65
N GLY F 103 2.16 -39.80 -11.46
CA GLY F 103 3.01 -39.11 -10.49
C GLY F 103 3.86 -40.07 -9.67
N PHE F 104 4.38 -41.11 -10.31
CA PHE F 104 5.20 -42.11 -9.63
C PHE F 104 6.45 -41.57 -8.93
N SER F 105 7.22 -40.74 -9.64
CA SER F 105 8.47 -40.17 -9.11
C SER F 105 8.33 -39.38 -7.82
N ILE F 106 7.32 -38.53 -7.75
CA ILE F 106 7.10 -37.74 -6.54
C ILE F 106 6.72 -38.66 -5.40
N HIS F 107 5.94 -39.68 -5.72
CA HIS F 107 5.47 -40.67 -4.74
C HIS F 107 6.59 -41.54 -4.18
N SER F 108 7.38 -42.16 -5.06
CA SER F 108 8.45 -43.06 -4.64
C SER F 108 9.77 -42.39 -4.28
N GLY F 109 10.11 -41.34 -5.01
CA GLY F 109 11.37 -40.64 -4.78
C GLY F 109 11.34 -39.52 -3.77
N ILE F 110 10.15 -39.03 -3.43
CA ILE F 110 10.05 -37.95 -2.46
C ILE F 110 9.24 -38.30 -1.21
N VAL F 111 7.93 -38.53 -1.39
CA VAL F 111 7.08 -38.84 -0.24
C VAL F 111 7.53 -40.07 0.55
N MET F 112 7.68 -41.20 -0.14
CA MET F 112 8.11 -42.43 0.53
C MET F 112 9.46 -42.26 1.19
N SER F 113 10.30 -41.42 0.60
CA SER F 113 11.64 -41.17 1.12
C SER F 113 11.54 -40.41 2.44
N TYR F 114 10.66 -39.43 2.51
CA TYR F 114 10.49 -38.67 3.74
C TYR F 114 10.05 -39.57 4.90
N ILE F 115 8.99 -40.33 4.68
CA ILE F 115 8.44 -41.22 5.68
C ILE F 115 9.45 -42.27 6.14
N THR F 116 10.19 -42.83 5.20
CA THR F 116 11.18 -43.85 5.50
C THR F 116 12.41 -43.32 6.22
N ASN F 117 12.83 -42.12 5.86
CA ASN F 117 14.03 -41.51 6.46
C ASN F 117 13.81 -40.73 7.75
N HIS F 118 12.60 -40.23 7.97
CA HIS F 118 12.34 -39.45 9.19
C HIS F 118 11.06 -39.86 9.91
N GLY F 119 10.45 -40.96 9.48
CA GLY F 119 9.23 -41.42 10.11
C GLY F 119 9.44 -42.46 11.19
N SER F 120 8.37 -42.75 11.92
CA SER F 120 8.42 -43.74 13.00
C SER F 120 8.15 -45.14 12.45
N GLU F 121 8.45 -46.16 13.26
CA GLU F 121 8.22 -47.55 12.87
C GLU F 121 6.72 -47.73 12.65
N GLU F 122 5.94 -46.97 13.41
CA GLU F 122 4.48 -47.02 13.33
C GLU F 122 4.01 -46.48 11.98
N GLN F 123 4.47 -45.28 11.65
CA GLN F 123 4.12 -44.63 10.39
C GLN F 123 4.64 -45.45 9.21
N ILE F 124 5.88 -45.90 9.31
CA ILE F 124 6.49 -46.69 8.25
C ILE F 124 5.73 -48.00 8.00
N LYS F 125 5.34 -48.67 9.07
CA LYS F 125 4.61 -49.92 8.96
C LYS F 125 3.23 -49.68 8.35
N HIS F 126 2.61 -48.57 8.71
CA HIS F 126 1.28 -48.25 8.20
C HIS F 126 1.24 -47.78 6.74
N PHE F 127 2.13 -46.87 6.38
CA PHE F 127 2.14 -46.30 5.03
C PHE F 127 2.93 -46.98 3.93
N ILE F 128 4.21 -47.25 4.17
CA ILE F 128 5.08 -47.85 3.16
C ILE F 128 4.56 -49.06 2.39
N PRO F 129 3.98 -50.06 3.10
CA PRO F 129 3.47 -51.24 2.41
C PRO F 129 2.43 -50.93 1.33
N GLN F 130 1.40 -50.18 1.70
CA GLN F 130 0.34 -49.82 0.77
C GLN F 130 0.78 -48.82 -0.31
N MET F 131 1.79 -48.00 0.01
CA MET F 131 2.31 -47.03 -0.95
C MET F 131 3.13 -47.80 -1.99
N THR F 132 3.84 -48.82 -1.55
CA THR F 132 4.65 -49.65 -2.44
C THR F 132 3.72 -50.44 -3.35
N ALA F 133 2.52 -50.72 -2.86
CA ALA F 133 1.51 -51.47 -3.60
C ALA F 133 0.68 -50.56 -4.50
N GLY F 134 0.89 -49.26 -4.38
CA GLY F 134 0.16 -48.31 -5.19
C GLY F 134 -1.29 -48.10 -4.83
N LYS F 135 -1.66 -48.48 -3.60
CA LYS F 135 -3.04 -48.31 -3.15
C LYS F 135 -3.17 -47.07 -2.28
N CYS F 136 -2.03 -46.54 -1.85
CA CYS F 136 -1.98 -45.32 -1.05
C CYS F 136 -1.06 -44.36 -1.83
N ILE F 137 -1.67 -43.42 -2.58
CA ILE F 137 -0.90 -42.46 -3.38
C ILE F 137 -0.45 -41.24 -2.57
N GLY F 138 0.85 -40.97 -2.59
CA GLY F 138 1.37 -39.84 -1.82
C GLY F 138 1.67 -38.55 -2.56
N ALA F 139 1.59 -37.44 -1.81
CA ALA F 139 1.86 -36.11 -2.35
C ALA F 139 2.61 -35.30 -1.29
N ILE F 140 3.28 -34.23 -1.72
CA ILE F 140 3.98 -33.37 -0.77
C ILE F 140 3.53 -31.93 -1.00
N ALA F 141 3.11 -31.26 0.08
CA ALA F 141 2.62 -29.90 -0.03
C ALA F 141 3.38 -28.87 0.77
N MET F 142 4.12 -28.00 0.07
CA MET F 142 4.89 -26.95 0.71
C MET F 142 4.41 -25.58 0.24
N THR F 143 4.34 -25.42 -1.08
CA THR F 143 3.92 -24.17 -1.71
C THR F 143 2.53 -23.65 -1.34
N GLU F 144 2.44 -22.33 -1.18
CA GLU F 144 1.17 -21.69 -0.84
C GLU F 144 0.91 -20.54 -1.81
N PRO F 145 -0.33 -20.04 -1.85
CA PRO F 145 -0.72 -18.94 -2.73
C PRO F 145 0.18 -17.71 -2.65
N GLY F 146 0.43 -17.24 -1.43
CA GLY F 146 1.24 -16.05 -1.24
C GLY F 146 2.74 -16.25 -1.19
N ALA F 147 3.21 -17.49 -1.32
CA ALA F 147 4.64 -17.74 -1.26
C ALA F 147 5.18 -19.12 -1.61
N GLY F 148 5.96 -19.16 -2.70
CA GLY F 148 6.53 -20.40 -3.17
C GLY F 148 7.99 -20.55 -3.51
N SER F 149 8.69 -19.42 -3.59
CA SER F 149 10.14 -19.32 -3.53
C SER F 149 10.60 -18.73 -2.20
N ASP F 150 9.67 -18.60 -1.26
CA ASP F 150 9.98 -18.04 0.05
C ASP F 150 9.20 -18.94 1.01
N LEU F 151 9.93 -19.83 1.68
CA LEU F 151 9.32 -20.77 2.64
C LEU F 151 9.43 -20.07 3.98
N GLN F 152 9.62 -18.76 3.94
CA GLN F 152 9.73 -17.95 5.14
C GLN F 152 8.36 -17.36 5.43
N GLY F 153 7.59 -17.16 4.36
CA GLY F 153 6.27 -16.57 4.52
C GLY F 153 5.08 -17.51 4.42
N ILE F 154 5.27 -18.80 4.67
CA ILE F 154 4.14 -19.72 4.61
C ILE F 154 3.26 -19.49 5.82
N LYS F 155 1.95 -19.58 5.61
CA LYS F 155 0.98 -19.35 6.68
C LYS F 155 0.44 -20.62 7.31
N THR F 156 0.23 -21.67 6.52
CA THR F 156 -0.30 -22.93 7.05
C THR F 156 0.34 -23.20 8.41
N ASN F 157 -0.51 -23.44 9.42
CA ASN F 157 -0.01 -23.66 10.77
C ASN F 157 -0.73 -24.75 11.53
N ALA F 158 -0.01 -25.37 12.46
CA ALA F 158 -0.55 -26.43 13.29
C ALA F 158 -0.44 -26.00 14.76
N LYS F 159 -1.58 -25.99 15.45
CA LYS F 159 -1.65 -25.57 16.84
C LYS F 159 -1.90 -26.81 17.71
N LYS F 160 -1.20 -26.88 18.83
CA LYS F 160 -1.35 -28.02 19.72
C LYS F 160 -2.56 -27.88 20.65
N ASP F 161 -3.30 -28.97 20.78
CA ASP F 161 -4.49 -29.06 21.66
C ASP F 161 -4.43 -30.46 22.27
N GLY F 162 -3.92 -30.55 23.49
CA GLY F 162 -3.79 -31.85 24.11
C GLY F 162 -2.68 -32.54 23.35
N SER F 163 -2.91 -33.79 22.94
CA SER F 163 -1.89 -34.50 22.18
C SER F 163 -2.22 -34.42 20.69
N ASP F 164 -3.25 -33.65 20.37
CA ASP F 164 -3.66 -33.48 18.98
C ASP F 164 -3.09 -32.20 18.39
N TRP F 165 -3.04 -32.15 17.07
CA TRP F 165 -2.55 -30.96 16.36
C TRP F 165 -3.69 -30.45 15.49
N ILE F 166 -4.03 -29.19 15.65
CA ILE F 166 -5.10 -28.59 14.83
C ILE F 166 -4.44 -27.85 13.67
N LEU F 167 -4.67 -28.34 12.46
CA LEU F 167 -4.08 -27.76 11.24
C LEU F 167 -5.00 -26.86 10.43
N ASN F 168 -4.49 -25.69 10.08
CA ASN F 168 -5.23 -24.70 9.28
C ASN F 168 -4.35 -24.09 8.21
N GLY F 169 -4.88 -23.96 7.00
CA GLY F 169 -4.13 -23.36 5.92
C GLY F 169 -4.55 -23.86 4.55
N SER F 170 -3.68 -23.65 3.56
CA SER F 170 -3.95 -24.10 2.21
C SER F 170 -2.65 -24.14 1.41
N LYS F 171 -2.61 -25.01 0.41
CA LYS F 171 -1.45 -25.17 -0.45
C LYS F 171 -1.91 -25.14 -1.91
N VAL F 172 -1.01 -24.81 -2.82
CA VAL F 172 -1.34 -24.74 -4.24
C VAL F 172 -0.31 -25.49 -5.07
N PHE F 173 -0.72 -25.89 -6.28
CA PHE F 173 0.15 -26.62 -7.20
C PHE F 173 0.55 -28.01 -6.74
N ILE F 174 -0.30 -28.67 -5.96
CA ILE F 174 0.02 -30.00 -5.46
C ILE F 174 -0.16 -31.14 -6.47
N SER F 175 0.96 -31.75 -6.85
CA SER F 175 0.95 -32.88 -7.78
C SER F 175 0.33 -34.09 -7.10
N ASN F 176 -0.37 -34.92 -7.86
CA ASN F 176 -1.06 -36.07 -7.29
C ASN F 176 -2.09 -35.52 -6.31
N GLY F 177 -2.39 -34.23 -6.44
CA GLY F 177 -3.33 -33.57 -5.56
C GLY F 177 -4.71 -34.19 -5.48
N SER F 178 -5.26 -34.60 -6.62
CA SER F 178 -6.59 -35.18 -6.63
C SER F 178 -6.66 -36.64 -6.19
N LEU F 179 -5.65 -37.43 -6.55
CA LEU F 179 -5.63 -38.86 -6.21
C LEU F 179 -4.95 -39.22 -4.90
N SER F 180 -4.25 -38.27 -4.29
CA SER F 180 -3.53 -38.54 -3.05
C SER F 180 -4.39 -39.06 -1.90
N ASP F 181 -3.83 -40.02 -1.18
CA ASP F 181 -4.48 -40.64 -0.03
C ASP F 181 -3.74 -40.13 1.22
N VAL F 182 -2.50 -39.69 0.99
CA VAL F 182 -1.67 -39.14 2.06
C VAL F 182 -0.82 -38.00 1.52
N VAL F 183 -0.85 -36.86 2.21
CA VAL F 183 -0.11 -35.68 1.82
C VAL F 183 0.80 -35.18 2.95
N ILE F 184 2.10 -35.03 2.68
CA ILE F 184 3.01 -34.50 3.67
C ILE F 184 2.82 -32.98 3.63
N VAL F 185 2.35 -32.40 4.72
CA VAL F 185 2.09 -30.97 4.79
C VAL F 185 3.07 -30.18 5.64
N VAL F 186 3.66 -29.15 5.03
CA VAL F 186 4.62 -28.29 5.72
C VAL F 186 3.87 -27.17 6.41
N ALA F 187 4.03 -27.05 7.73
CA ALA F 187 3.32 -26.02 8.48
C ALA F 187 4.14 -25.40 9.63
N VAL F 188 3.73 -24.21 10.04
CA VAL F 188 4.40 -23.50 11.13
C VAL F 188 3.88 -23.98 12.48
N THR F 189 4.78 -24.46 13.33
CA THR F 189 4.42 -24.96 14.65
C THR F 189 4.96 -24.10 15.80
N ASN F 190 5.89 -23.20 15.48
CA ASN F 190 6.47 -22.30 16.48
C ASN F 190 6.64 -20.90 15.91
N HIS F 191 5.64 -20.05 16.10
CA HIS F 191 5.66 -18.67 15.61
C HIS F 191 6.79 -17.86 16.25
N GLU F 192 6.98 -18.05 17.55
CA GLU F 192 7.99 -17.33 18.33
C GLU F 192 9.40 -17.42 17.76
N ALA F 193 9.67 -18.47 17.00
CA ALA F 193 10.98 -18.69 16.40
C ALA F 193 11.60 -17.42 15.82
N PRO F 194 12.94 -17.23 15.92
CA PRO F 194 13.60 -16.05 15.39
C PRO F 194 13.52 -16.04 13.86
N SER F 195 13.05 -17.15 13.27
CA SER F 195 12.91 -17.29 11.81
C SER F 195 12.01 -18.49 11.48
N PRO F 196 10.99 -18.36 10.60
CA PRO F 196 10.17 -19.57 10.41
C PRO F 196 11.00 -20.81 10.13
N ALA F 197 12.24 -20.64 9.65
CA ALA F 197 13.14 -21.77 9.40
C ALA F 197 13.37 -22.63 10.66
N HIS F 198 12.99 -22.13 11.82
CA HIS F 198 13.18 -22.86 13.07
C HIS F 198 11.91 -23.40 13.70
N GLY F 199 10.77 -22.96 13.20
CA GLY F 199 9.50 -23.38 13.76
C GLY F 199 8.56 -24.04 12.75
N ILE F 200 9.09 -25.01 12.03
CA ILE F 200 8.29 -25.72 11.03
C ILE F 200 8.28 -27.21 11.30
N SER F 201 7.12 -27.83 11.07
CA SER F 201 6.96 -29.26 11.26
C SER F 201 6.28 -29.86 10.02
N LEU F 202 6.43 -31.17 9.84
CA LEU F 202 5.82 -31.88 8.72
C LEU F 202 4.70 -32.79 9.24
N PHE F 203 3.54 -32.73 8.59
CA PHE F 203 2.41 -33.56 9.00
C PHE F 203 1.93 -34.52 7.91
N LEU F 204 1.42 -35.67 8.36
CA LEU F 204 0.89 -36.67 7.46
C LEU F 204 -0.62 -36.54 7.47
N VAL F 205 -1.14 -35.85 6.46
CA VAL F 205 -2.58 -35.65 6.33
C VAL F 205 -3.13 -36.74 5.42
N GLU F 206 -4.26 -37.31 5.80
CA GLU F 206 -4.85 -38.39 5.02
C GLU F 206 -6.21 -38.06 4.45
N ASN F 207 -6.46 -38.55 3.24
CA ASN F 207 -7.72 -38.33 2.58
C ASN F 207 -8.81 -38.89 3.50
N GLY F 208 -9.83 -38.09 3.78
CA GLY F 208 -10.90 -38.55 4.64
C GLY F 208 -11.01 -37.70 5.90
N MET F 209 -9.86 -37.33 6.47
CA MET F 209 -9.85 -36.52 7.69
C MET F 209 -10.78 -35.33 7.50
N LYS F 210 -11.54 -35.01 8.54
CA LYS F 210 -12.48 -33.89 8.50
C LYS F 210 -11.75 -32.55 8.44
N GLY F 211 -12.18 -31.69 7.53
CA GLY F 211 -11.53 -30.40 7.38
C GLY F 211 -10.48 -30.40 6.28
N PHE F 212 -10.23 -31.55 5.68
CA PHE F 212 -9.26 -31.66 4.59
C PHE F 212 -10.02 -31.60 3.27
N ILE F 213 -9.97 -30.44 2.61
CA ILE F 213 -10.68 -30.27 1.34
C ILE F 213 -9.76 -30.11 0.14
N LYS F 214 -10.06 -30.87 -0.91
CA LYS F 214 -9.28 -30.82 -2.16
C LYS F 214 -10.00 -29.95 -3.17
N GLY F 215 -9.28 -29.00 -3.76
CA GLY F 215 -9.88 -28.13 -4.76
C GLY F 215 -10.01 -28.87 -6.07
N ARG F 216 -10.60 -28.22 -7.07
CA ARG F 216 -10.75 -28.86 -8.37
C ARG F 216 -9.42 -28.84 -9.12
N LYS F 217 -9.22 -29.81 -10.00
CA LYS F 217 -7.99 -29.89 -10.76
C LYS F 217 -7.74 -28.58 -11.49
N LEU F 218 -6.49 -28.12 -11.49
CA LEU F 218 -6.14 -26.88 -12.16
C LEU F 218 -5.86 -27.10 -13.64
N HIS F 219 -6.26 -26.13 -14.45
CA HIS F 219 -6.04 -26.19 -15.90
C HIS F 219 -4.66 -25.58 -16.16
N LYS F 220 -3.75 -26.40 -16.70
CA LYS F 220 -2.38 -25.96 -16.97
C LYS F 220 -2.07 -25.98 -18.48
N MET F 221 -0.93 -25.44 -18.89
CA MET F 221 -0.60 -25.45 -20.32
C MET F 221 -0.11 -26.83 -20.75
N GLY F 222 0.34 -27.62 -19.77
CA GLY F 222 0.84 -28.96 -20.04
C GLY F 222 0.60 -29.90 -18.86
N LEU F 223 1.28 -31.05 -18.84
CA LEU F 223 1.11 -32.05 -17.78
C LEU F 223 -0.40 -32.31 -17.62
N LYS F 224 -1.08 -32.36 -18.76
CA LYS F 224 -2.51 -32.57 -18.81
C LYS F 224 -3.10 -33.73 -18.00
N ALA F 225 -2.35 -34.82 -17.91
CA ALA F 225 -2.83 -35.99 -17.16
C ALA F 225 -2.32 -35.99 -15.70
N GLN F 226 -1.57 -34.96 -15.33
CA GLN F 226 -1.06 -34.86 -13.96
C GLN F 226 -2.05 -34.02 -13.16
N ASP F 227 -2.78 -34.68 -12.27
CA ASP F 227 -3.78 -34.03 -11.45
C ASP F 227 -3.16 -33.09 -10.42
N THR F 228 -3.09 -31.81 -10.76
CA THR F 228 -2.53 -30.81 -9.86
C THR F 228 -3.70 -30.07 -9.22
N ALA F 229 -3.67 -29.89 -7.91
CA ALA F 229 -4.76 -29.22 -7.23
C ALA F 229 -4.38 -28.37 -6.04
N GLU F 230 -5.30 -27.55 -5.60
CA GLU F 230 -5.09 -26.71 -4.43
C GLU F 230 -5.65 -27.53 -3.26
N LEU F 231 -5.05 -27.40 -2.08
CA LEU F 231 -5.53 -28.13 -0.91
C LEU F 231 -5.92 -27.14 0.18
N PHE F 232 -6.96 -27.47 0.94
CA PHE F 232 -7.42 -26.60 2.01
C PHE F 232 -7.52 -27.38 3.32
N PHE F 233 -7.04 -26.77 4.41
CA PHE F 233 -7.09 -27.41 5.72
C PHE F 233 -7.89 -26.48 6.64
N GLU F 234 -9.07 -26.94 7.04
CA GLU F 234 -9.93 -26.14 7.90
C GLU F 234 -10.15 -26.83 9.24
N ASP F 235 -9.35 -26.44 10.24
CA ASP F 235 -9.42 -27.00 11.59
C ASP F 235 -9.38 -28.52 11.62
N ILE F 236 -8.36 -29.10 11.02
CA ILE F 236 -8.26 -30.55 11.02
C ILE F 236 -7.62 -31.03 12.32
N ARG F 237 -8.33 -31.89 13.04
CA ARG F 237 -7.81 -32.42 14.30
C ARG F 237 -6.94 -33.64 14.00
N LEU F 238 -5.63 -33.45 14.06
CA LEU F 238 -4.69 -34.53 13.78
C LEU F 238 -4.20 -35.24 15.03
N PRO F 239 -4.17 -36.59 15.00
CA PRO F 239 -3.68 -37.34 16.17
C PRO F 239 -2.18 -37.10 16.29
N ALA F 240 -1.62 -37.35 17.47
CA ALA F 240 -0.20 -37.16 17.69
C ALA F 240 0.58 -37.94 16.63
N SER F 241 -0.07 -38.96 16.08
CA SER F 241 0.54 -39.80 15.06
C SER F 241 0.77 -39.09 13.72
N ALA F 242 0.15 -37.93 13.55
CA ALA F 242 0.28 -37.17 12.30
C ALA F 242 1.59 -36.41 12.15
N LEU F 243 2.30 -36.21 13.26
CA LEU F 243 3.57 -35.50 13.22
C LEU F 243 4.67 -36.39 12.68
N LEU F 244 5.26 -35.98 11.56
CA LEU F 244 6.33 -36.75 10.94
C LEU F 244 7.66 -36.24 11.48
N GLY F 245 8.36 -37.08 12.23
CA GLY F 245 9.62 -36.66 12.79
C GLY F 245 9.43 -35.76 14.01
N GLU F 246 10.45 -34.99 14.35
CA GLU F 246 10.38 -34.11 15.52
C GLU F 246 9.76 -32.76 15.27
N GLU F 247 9.05 -32.27 16.27
CA GLU F 247 8.39 -30.97 16.22
C GLU F 247 9.42 -29.87 15.96
N ASN F 248 9.09 -28.95 15.05
CA ASN F 248 9.96 -27.83 14.69
C ASN F 248 11.26 -28.18 13.98
N LYS F 249 11.45 -29.44 13.60
CA LYS F 249 12.66 -29.84 12.89
C LYS F 249 12.36 -30.11 11.40
N GLY F 250 11.14 -29.75 10.99
CA GLY F 250 10.75 -29.95 9.60
C GLY F 250 11.70 -29.39 8.57
N PHE F 251 12.14 -28.15 8.79
CA PHE F 251 13.07 -27.49 7.88
C PHE F 251 14.31 -28.35 7.65
N TYR F 252 14.83 -28.92 8.74
CA TYR F 252 16.01 -29.76 8.68
C TYR F 252 15.76 -31.00 7.82
N TYR F 253 14.56 -31.57 7.92
CA TYR F 253 14.24 -32.76 7.13
C TYR F 253 14.12 -32.38 5.65
N ILE F 254 13.54 -31.22 5.37
CA ILE F 254 13.39 -30.79 3.99
C ILE F 254 14.76 -30.56 3.38
N MET F 255 15.66 -29.91 4.14
CA MET F 255 17.00 -29.63 3.66
C MET F 255 17.73 -30.93 3.32
N LYS F 256 17.47 -31.97 4.10
CA LYS F 256 18.12 -33.25 3.85
C LYS F 256 17.63 -33.91 2.58
N GLU F 257 16.36 -33.69 2.23
CA GLU F 257 15.78 -34.32 1.05
C GLU F 257 15.90 -33.54 -0.27
N LEU F 258 16.17 -32.24 -0.19
CA LEU F 258 16.27 -31.43 -1.39
C LEU F 258 17.25 -31.91 -2.47
N PRO F 259 18.43 -32.41 -2.08
CA PRO F 259 19.34 -32.88 -3.12
C PRO F 259 18.73 -33.98 -3.99
N GLN F 260 18.03 -34.93 -3.34
CA GLN F 260 17.39 -36.02 -4.07
C GLN F 260 16.35 -35.50 -5.05
N GLN F 261 15.55 -34.55 -4.59
CA GLN F 261 14.51 -33.96 -5.39
C GLN F 261 15.08 -33.24 -6.62
N ARG F 262 16.17 -32.50 -6.42
CA ARG F 262 16.79 -31.76 -7.50
C ARG F 262 17.41 -32.70 -8.52
N LEU F 263 18.01 -33.78 -8.03
CA LEU F 263 18.63 -34.77 -8.90
C LEU F 263 17.56 -35.47 -9.74
N LEU F 264 16.43 -35.77 -9.10
CA LEU F 264 15.32 -36.43 -9.77
C LEU F 264 14.84 -35.57 -10.94
N ILE F 265 14.68 -34.27 -10.70
CA ILE F 265 14.23 -33.37 -11.75
C ILE F 265 15.29 -33.29 -12.85
N ALA F 266 16.56 -33.30 -12.44
CA ALA F 266 17.66 -33.23 -13.38
C ALA F 266 17.67 -34.43 -14.33
N ASP F 267 17.47 -35.62 -13.77
CA ASP F 267 17.48 -36.83 -14.57
C ASP F 267 16.25 -36.90 -15.47
N VAL F 268 15.10 -36.47 -14.95
CA VAL F 268 13.88 -36.48 -15.75
C VAL F 268 14.11 -35.51 -16.93
N ALA F 269 14.68 -34.35 -16.62
CA ALA F 269 14.98 -33.32 -17.62
C ALA F 269 15.91 -33.77 -18.74
N ILE F 270 17.06 -34.36 -18.38
CA ILE F 270 17.98 -34.80 -19.40
C ILE F 270 17.41 -36.01 -20.14
N SER F 271 16.68 -36.86 -19.43
CA SER F 271 16.07 -38.03 -20.07
C SER F 271 15.03 -37.62 -21.11
N ALA F 272 14.21 -36.62 -20.78
CA ALA F 272 13.20 -36.14 -21.72
C ALA F 272 13.91 -35.59 -22.95
N SER F 273 15.05 -34.92 -22.74
CA SER F 273 15.82 -34.36 -23.83
C SER F 273 16.33 -35.46 -24.76
N GLU F 274 16.80 -36.56 -24.19
CA GLU F 274 17.28 -37.68 -25.00
C GLU F 274 16.11 -38.24 -25.82
N PHE F 275 14.94 -38.34 -25.20
CA PHE F 275 13.76 -38.83 -25.90
C PHE F 275 13.42 -37.90 -27.07
N MET F 276 13.41 -36.59 -26.80
CA MET F 276 13.08 -35.62 -27.84
C MET F 276 14.06 -35.68 -29.00
N PHE F 277 15.35 -35.77 -28.70
CA PHE F 277 16.38 -35.85 -29.71
C PHE F 277 16.19 -37.07 -30.64
N GLU F 278 16.07 -38.25 -30.06
CA GLU F 278 15.88 -39.44 -30.87
C GLU F 278 14.57 -39.39 -31.66
N GLU F 279 13.50 -38.87 -31.05
CA GLU F 279 12.21 -38.73 -31.71
C GLU F 279 12.31 -37.78 -32.91
N THR F 280 13.04 -36.68 -32.74
CA THR F 280 13.22 -35.70 -33.80
C THR F 280 14.19 -36.22 -34.88
N ARG F 281 15.24 -36.89 -34.43
CA ARG F 281 16.24 -37.47 -35.33
C ARG F 281 15.53 -38.40 -36.32
N ASN F 282 14.67 -39.27 -35.79
CA ASN F 282 13.93 -40.21 -36.60
C ASN F 282 12.97 -39.49 -37.56
N TYR F 283 12.33 -38.43 -37.08
CA TYR F 283 11.39 -37.69 -37.91
C TYR F 283 12.04 -37.05 -39.15
N VAL F 284 13.15 -36.34 -38.96
CA VAL F 284 13.81 -35.67 -40.07
C VAL F 284 14.43 -36.62 -41.09
N LYS F 285 14.86 -37.80 -40.64
CA LYS F 285 15.44 -38.79 -41.54
C LYS F 285 14.32 -39.46 -42.36
N GLN F 286 13.09 -39.35 -41.87
CA GLN F 286 11.93 -39.94 -42.51
C GLN F 286 11.10 -38.94 -43.33
N ARG F 287 11.31 -37.65 -43.07
CA ARG F 287 10.57 -36.60 -43.76
C ARG F 287 11.20 -36.29 -45.12
N LYS F 288 10.46 -36.52 -46.19
CA LYS F 288 10.96 -36.28 -47.54
C LYS F 288 10.88 -34.81 -47.92
N ALA F 289 11.90 -34.34 -48.63
CA ALA F 289 11.92 -32.94 -49.06
C ALA F 289 12.97 -32.68 -50.13
N PHE F 290 12.58 -31.94 -51.16
CA PHE F 290 13.47 -31.55 -52.23
C PHE F 290 14.20 -32.73 -52.88
N GLY F 291 13.51 -33.86 -52.97
CA GLY F 291 14.09 -35.05 -53.59
C GLY F 291 14.89 -35.93 -52.65
N LYS F 292 14.99 -35.54 -51.39
CA LYS F 292 15.72 -36.32 -50.40
C LYS F 292 15.04 -35.95 -49.09
N THR F 293 15.62 -36.39 -47.97
CA THR F 293 15.04 -36.05 -46.68
C THR F 293 15.52 -34.78 -45.97
N VAL F 294 14.75 -34.33 -44.99
CA VAL F 294 15.11 -33.13 -44.24
C VAL F 294 16.48 -33.32 -43.59
N ALA F 295 16.82 -34.55 -43.24
CA ALA F 295 18.11 -34.83 -42.62
C ALA F 295 19.30 -34.63 -43.55
N HIS F 296 19.06 -34.49 -44.85
CA HIS F 296 20.16 -34.27 -45.80
C HIS F 296 20.56 -32.80 -45.84
N LEU F 297 19.78 -31.96 -45.17
CA LEU F 297 20.09 -30.53 -45.15
C LEU F 297 21.22 -30.29 -44.16
N GLN F 298 22.26 -29.57 -44.59
CA GLN F 298 23.39 -29.30 -43.73
C GLN F 298 23.03 -28.54 -42.44
N THR F 299 22.11 -27.59 -42.53
CA THR F 299 21.73 -26.83 -41.33
C THR F 299 21.06 -27.76 -40.34
N VAL F 300 20.23 -28.67 -40.83
CA VAL F 300 19.56 -29.62 -39.95
C VAL F 300 20.61 -30.52 -39.30
N GLN F 301 21.62 -30.90 -40.07
CA GLN F 301 22.70 -31.73 -39.58
C GLN F 301 23.47 -31.03 -38.46
N HIS F 302 23.88 -29.79 -38.70
CA HIS F 302 24.62 -29.06 -37.68
C HIS F 302 23.75 -28.79 -36.45
N LYS F 303 22.46 -28.56 -36.66
CA LYS F 303 21.59 -28.32 -35.51
C LYS F 303 21.49 -29.58 -34.65
N LEU F 304 21.38 -30.74 -35.29
CA LEU F 304 21.31 -31.99 -34.55
C LEU F 304 22.61 -32.26 -33.80
N ALA F 305 23.75 -31.92 -34.40
CA ALA F 305 25.04 -32.12 -33.76
C ALA F 305 25.15 -31.23 -32.52
N GLU F 306 24.59 -30.02 -32.61
CA GLU F 306 24.59 -29.08 -31.49
C GLU F 306 23.79 -29.64 -30.33
N LEU F 307 22.58 -30.10 -30.64
CA LEU F 307 21.67 -30.69 -29.66
C LEU F 307 22.27 -31.94 -29.04
N LYS F 308 22.76 -32.84 -29.88
CA LYS F 308 23.35 -34.08 -29.37
C LYS F 308 24.53 -33.80 -28.46
N THR F 309 25.36 -32.83 -28.83
CA THR F 309 26.54 -32.53 -28.02
C THR F 309 26.13 -32.03 -26.63
N HIS F 310 25.23 -31.06 -26.58
CA HIS F 310 24.80 -30.48 -25.30
C HIS F 310 24.10 -31.51 -24.40
N ILE F 311 23.27 -32.35 -25.01
CA ILE F 311 22.55 -33.38 -24.27
C ILE F 311 23.56 -34.40 -23.71
N CYS F 312 24.57 -34.75 -24.51
CA CYS F 312 25.57 -35.71 -24.06
C CYS F 312 26.48 -35.14 -22.97
N VAL F 313 26.86 -33.88 -23.12
CA VAL F 313 27.70 -33.25 -22.11
C VAL F 313 26.94 -33.17 -20.79
N THR F 314 25.66 -32.84 -20.86
CA THR F 314 24.84 -32.72 -19.66
C THR F 314 24.56 -34.07 -19.02
N ARG F 315 24.36 -35.09 -19.84
CA ARG F 315 24.11 -36.44 -19.35
C ARG F 315 25.31 -36.90 -18.52
N ALA F 316 26.52 -36.59 -18.99
CA ALA F 316 27.73 -36.96 -18.28
C ALA F 316 27.72 -36.37 -16.86
N PHE F 317 27.30 -35.12 -16.74
CA PHE F 317 27.24 -34.45 -15.45
C PHE F 317 26.20 -35.09 -14.53
N VAL F 318 25.01 -35.35 -15.08
CA VAL F 318 23.94 -35.94 -14.29
C VAL F 318 24.29 -37.36 -13.83
N ASP F 319 24.99 -38.12 -14.67
CA ASP F 319 25.39 -39.47 -14.29
C ASP F 319 26.41 -39.39 -13.16
N ASN F 320 27.24 -38.36 -13.23
CA ASN F 320 28.26 -38.12 -12.22
C ASN F 320 27.53 -37.81 -10.91
N CYS F 321 26.44 -37.04 -10.99
CA CYS F 321 25.65 -36.69 -9.80
C CYS F 321 24.91 -37.92 -9.26
N LEU F 322 24.53 -38.84 -10.14
CA LEU F 322 23.84 -40.05 -9.68
C LEU F 322 24.84 -40.91 -8.90
N GLN F 323 26.08 -40.96 -9.38
CA GLN F 323 27.13 -41.73 -8.74
C GLN F 323 27.38 -41.16 -7.35
N LEU F 324 27.59 -39.85 -7.29
CA LEU F 324 27.83 -39.18 -6.01
C LEU F 324 26.70 -39.42 -5.03
N HIS F 325 25.46 -39.31 -5.50
CA HIS F 325 24.31 -39.48 -4.64
C HIS F 325 24.18 -40.91 -4.12
N GLU F 326 24.54 -41.89 -4.95
CA GLU F 326 24.49 -43.28 -4.56
C GLU F 326 25.41 -43.48 -3.35
N ALA F 327 26.55 -42.78 -3.37
CA ALA F 327 27.53 -42.84 -2.30
C ALA F 327 27.19 -41.82 -1.22
N LYS F 328 25.99 -41.26 -1.31
CA LYS F 328 25.55 -40.26 -0.36
C LYS F 328 26.54 -39.10 -0.24
N ARG F 329 27.12 -38.71 -1.36
CA ARG F 329 28.08 -37.60 -1.39
C ARG F 329 27.67 -36.50 -2.37
N LEU F 330 26.37 -36.37 -2.62
CA LEU F 330 25.87 -35.34 -3.52
C LEU F 330 25.53 -34.07 -2.76
N ASP F 331 26.28 -33.02 -3.09
CA ASP F 331 26.17 -31.68 -2.53
C ASP F 331 24.82 -31.03 -2.86
N SER F 332 24.42 -30.06 -2.04
CA SER F 332 23.19 -29.34 -2.30
C SER F 332 23.46 -28.47 -3.53
N ALA F 333 24.59 -27.78 -3.50
CA ALA F 333 25.02 -26.90 -4.59
C ALA F 333 25.14 -27.65 -5.91
N THR F 334 25.69 -28.85 -5.85
CA THR F 334 25.86 -29.67 -7.04
C THR F 334 24.50 -30.13 -7.56
N ALA F 335 23.61 -30.52 -6.66
CA ALA F 335 22.27 -30.94 -7.06
C ALA F 335 21.56 -29.79 -7.79
N CYS F 336 21.78 -28.56 -7.30
CA CYS F 336 21.16 -27.39 -7.90
C CYS F 336 21.67 -27.15 -9.31
N MET F 337 22.97 -27.34 -9.53
CA MET F 337 23.55 -27.15 -10.87
C MET F 337 22.86 -28.07 -11.85
N ALA F 338 22.69 -29.33 -11.45
CA ALA F 338 22.06 -30.34 -12.29
C ALA F 338 20.62 -30.00 -12.64
N LYS F 339 19.84 -29.64 -11.63
CA LYS F 339 18.44 -29.31 -11.82
C LYS F 339 18.27 -28.10 -12.74
N TYR F 340 19.05 -27.07 -12.48
CA TYR F 340 19.00 -25.85 -13.27
C TYR F 340 19.46 -26.05 -14.73
N TRP F 341 20.66 -26.57 -14.91
CA TRP F 341 21.20 -26.76 -16.25
C TRP F 341 20.42 -27.73 -17.13
N ALA F 342 19.96 -28.82 -16.54
CA ALA F 342 19.20 -29.83 -17.26
C ALA F 342 17.79 -29.32 -17.62
N SER F 343 17.10 -28.66 -16.70
CA SER F 343 15.76 -28.18 -17.01
C SER F 343 15.78 -27.07 -18.08
N GLU F 344 16.81 -26.23 -18.08
CA GLU F 344 16.92 -25.19 -19.10
C GLU F 344 17.20 -25.85 -20.44
N LEU F 345 18.10 -26.82 -20.44
CA LEU F 345 18.46 -27.53 -21.66
C LEU F 345 17.25 -28.28 -22.21
N GLN F 346 16.42 -28.82 -21.32
CA GLN F 346 15.22 -29.54 -21.74
C GLN F 346 14.32 -28.65 -22.60
N ASN F 347 14.20 -27.39 -22.19
CA ASN F 347 13.36 -26.44 -22.92
C ASN F 347 14.00 -25.94 -24.21
N SER F 348 15.32 -25.78 -24.23
CA SER F 348 16.04 -25.35 -25.44
C SER F 348 15.90 -26.44 -26.49
N VAL F 349 16.05 -27.68 -26.05
CA VAL F 349 15.92 -28.84 -26.93
C VAL F 349 14.49 -28.95 -27.45
N ALA F 350 13.52 -28.80 -26.55
CA ALA F 350 12.11 -28.87 -26.92
C ALA F 350 11.77 -27.88 -28.03
N TYR F 351 12.27 -26.65 -27.88
CA TYR F 351 12.03 -25.60 -28.87
C TYR F 351 12.61 -25.96 -30.23
N ASP F 352 13.86 -26.41 -30.24
CA ASP F 352 14.51 -26.77 -31.49
C ASP F 352 13.89 -27.98 -32.17
N CYS F 353 13.45 -28.95 -31.37
CA CYS F 353 12.82 -30.16 -31.92
C CYS F 353 11.42 -29.89 -32.48
N VAL F 354 10.69 -28.96 -31.87
CA VAL F 354 9.37 -28.63 -32.39
C VAL F 354 9.58 -27.99 -33.77
N GLN F 355 10.58 -27.11 -33.85
CA GLN F 355 10.88 -26.40 -35.09
C GLN F 355 11.19 -27.35 -36.23
N LEU F 356 11.97 -28.38 -35.93
CA LEU F 356 12.35 -29.37 -36.92
C LEU F 356 11.19 -30.21 -37.42
N HIS F 357 10.09 -30.23 -36.66
CA HIS F 357 8.90 -30.98 -37.07
C HIS F 357 8.00 -30.13 -37.97
N GLY F 358 8.26 -28.83 -38.04
CA GLY F 358 7.42 -27.97 -38.84
C GLY F 358 6.06 -27.84 -38.19
N GLY F 359 5.03 -27.64 -39.02
CA GLY F 359 3.69 -27.48 -38.51
C GLY F 359 3.22 -28.64 -37.66
N TRP F 360 3.72 -29.83 -37.98
CA TRP F 360 3.32 -31.01 -37.25
C TRP F 360 3.78 -30.97 -35.78
N GLY F 361 4.79 -30.16 -35.50
CA GLY F 361 5.30 -30.08 -34.13
C GLY F 361 4.38 -29.31 -33.21
N TYR F 362 3.36 -28.70 -33.80
CA TYR F 362 2.39 -27.91 -33.06
C TYR F 362 1.12 -28.74 -32.84
N MET F 363 1.04 -29.89 -33.51
CA MET F 363 -0.11 -30.78 -33.41
C MET F 363 0.00 -31.71 -32.19
N TRP F 364 -1.05 -31.77 -31.38
CA TRP F 364 -1.02 -32.62 -30.19
C TRP F 364 -0.79 -34.09 -30.55
N GLU F 365 -1.15 -34.46 -31.78
CA GLU F 365 -0.99 -35.82 -32.29
C GLU F 365 0.47 -36.30 -32.19
N TYR F 366 1.41 -35.38 -32.37
CA TYR F 366 2.82 -35.73 -32.29
C TYR F 366 3.38 -35.54 -30.88
N PRO F 367 4.17 -36.51 -30.41
CA PRO F 367 4.72 -36.40 -29.06
C PRO F 367 5.56 -35.17 -28.74
N ILE F 368 6.16 -34.55 -29.74
CA ILE F 368 6.99 -33.38 -29.46
C ILE F 368 6.19 -32.19 -28.93
N ALA F 369 4.91 -32.11 -29.30
CA ALA F 369 4.06 -31.01 -28.86
C ALA F 369 3.80 -31.05 -27.35
N LYS F 370 3.45 -32.22 -26.83
CA LYS F 370 3.19 -32.32 -25.39
C LYS F 370 4.51 -32.26 -24.61
N ALA F 371 5.59 -32.69 -25.25
CA ALA F 371 6.91 -32.67 -24.63
C ALA F 371 7.31 -31.21 -24.44
N TYR F 372 6.93 -30.37 -25.41
CA TYR F 372 7.25 -28.95 -25.34
C TYR F 372 6.57 -28.28 -24.14
N VAL F 373 5.25 -28.47 -23.99
CA VAL F 373 4.58 -27.82 -22.86
C VAL F 373 4.86 -28.51 -21.52
N ASP F 374 5.16 -29.80 -21.57
CA ASP F 374 5.48 -30.54 -20.35
C ASP F 374 6.83 -30.07 -19.81
N ALA F 375 7.76 -29.77 -20.72
CA ALA F 375 9.09 -29.33 -20.32
C ALA F 375 9.12 -27.97 -19.64
N ARG F 376 8.21 -27.08 -20.03
CA ARG F 376 8.20 -25.72 -19.46
C ARG F 376 8.00 -25.65 -17.95
N VAL F 377 7.48 -26.70 -17.33
CA VAL F 377 7.26 -26.67 -15.89
C VAL F 377 8.51 -26.94 -15.06
N GLN F 378 9.50 -27.62 -15.65
CA GLN F 378 10.71 -27.98 -14.90
C GLN F 378 11.61 -26.86 -14.37
N PRO F 379 11.75 -25.74 -15.11
CA PRO F 379 12.59 -24.63 -14.63
C PRO F 379 11.88 -23.86 -13.51
N ILE F 380 10.62 -24.21 -13.28
CA ILE F 380 9.79 -23.57 -12.28
C ILE F 380 9.63 -24.31 -10.96
N TYR F 381 9.29 -25.60 -11.01
CA TYR F 381 9.12 -26.31 -9.75
C TYR F 381 10.37 -26.96 -9.19
N GLY F 382 10.24 -27.48 -7.97
CA GLY F 382 11.36 -28.11 -7.29
C GLY F 382 12.41 -27.05 -7.01
N GLY F 383 11.96 -25.82 -6.89
CA GLY F 383 12.84 -24.69 -6.66
C GLY F 383 13.13 -24.05 -8.01
N THR F 384 12.70 -22.81 -8.22
CA THR F 384 12.94 -22.16 -9.51
C THR F 384 14.41 -22.07 -9.84
N ASN F 385 14.71 -21.98 -11.13
CA ASN F 385 16.10 -21.90 -11.55
C ASN F 385 16.78 -20.65 -11.01
N GLU F 386 16.00 -19.63 -10.69
CA GLU F 386 16.55 -18.40 -10.12
C GLU F 386 17.02 -18.75 -8.70
N ILE F 387 16.22 -19.52 -7.97
CA ILE F 387 16.60 -19.94 -6.63
C ILE F 387 17.83 -20.85 -6.72
N MET F 388 17.91 -21.67 -7.76
CA MET F 388 19.07 -22.54 -7.94
C MET F 388 20.34 -21.71 -8.02
N LYS F 389 20.31 -20.66 -8.84
CA LYS F 389 21.47 -19.78 -9.00
C LYS F 389 21.85 -19.10 -7.69
N GLU F 390 20.82 -18.74 -6.92
CA GLU F 390 21.01 -18.09 -5.64
C GLU F 390 21.79 -19.04 -4.73
N LEU F 391 21.37 -20.29 -4.67
CA LEU F 391 22.02 -21.29 -3.84
C LEU F 391 23.43 -21.63 -4.30
N ILE F 392 23.63 -21.66 -5.62
CA ILE F 392 24.93 -21.98 -6.17
C ILE F 392 25.92 -20.83 -5.92
N ALA F 393 25.42 -19.61 -5.98
CA ALA F 393 26.24 -18.42 -5.78
C ALA F 393 26.75 -18.27 -4.33
N ARG F 394 26.00 -18.81 -3.36
CA ARG F 394 26.40 -18.71 -1.96
C ARG F 394 27.85 -19.06 -1.68
N GLU F 395 28.26 -20.26 -2.05
CA GLU F 395 29.63 -20.70 -1.81
C GLU F 395 30.65 -20.02 -2.73
N ILE F 396 30.15 -19.33 -3.76
CA ILE F 396 31.06 -18.64 -4.68
C ILE F 396 31.52 -17.32 -4.09
N VAL F 397 30.56 -16.55 -3.59
CA VAL F 397 30.84 -15.22 -3.08
C VAL F 397 30.89 -15.09 -1.56
N PHE F 398 30.37 -16.06 -0.83
CA PHE F 398 30.37 -15.96 0.62
C PHE F 398 31.09 -17.11 1.30
N ASP F 399 31.02 -17.12 2.63
CA ASP F 399 31.67 -18.14 3.43
C ASP F 399 33.15 -18.15 3.12
N GLU G 4 12.27 6.67 -53.08
CA GLU G 4 13.35 7.68 -53.26
C GLU G 4 14.66 7.20 -52.61
N ARG G 5 14.55 6.48 -51.49
CA ARG G 5 15.74 5.95 -50.82
C ARG G 5 15.49 4.57 -50.21
N LEU G 6 16.45 3.67 -50.39
CA LEU G 6 16.35 2.32 -49.87
C LEU G 6 16.89 2.23 -48.43
N GLU G 7 16.36 1.29 -47.66
CA GLU G 7 16.85 1.08 -46.31
C GLU G 7 17.91 0.00 -46.48
N THR G 8 18.79 -0.16 -45.48
CA THR G 8 19.88 -1.12 -45.61
C THR G 8 19.54 -2.53 -46.06
N PRO G 9 18.41 -3.10 -45.60
CA PRO G 9 18.10 -4.47 -46.04
C PRO G 9 18.05 -4.65 -47.57
N SER G 10 17.54 -3.62 -48.26
CA SER G 10 17.37 -3.67 -49.71
C SER G 10 18.58 -3.19 -50.54
N ALA G 11 19.51 -2.51 -49.91
CA ALA G 11 20.68 -2.00 -50.62
C ALA G 11 21.59 -3.11 -51.12
N LYS G 12 22.48 -2.78 -52.06
CA LYS G 12 23.42 -3.75 -52.61
C LYS G 12 24.41 -4.10 -51.50
N LYS G 13 24.82 -3.07 -50.76
CA LYS G 13 25.74 -3.21 -49.63
C LYS G 13 25.18 -2.39 -48.48
N LEU G 14 25.35 -2.88 -47.25
CA LEU G 14 24.86 -2.15 -46.08
C LEU G 14 25.57 -0.81 -45.95
N THR G 15 26.75 -0.70 -46.56
CA THR G 15 27.54 0.51 -46.51
C THR G 15 27.40 1.46 -47.71
N ASP G 16 26.49 1.15 -48.64
CA ASP G 16 26.30 2.00 -49.81
C ASP G 16 25.85 3.42 -49.50
N ILE G 17 26.30 4.35 -50.33
CA ILE G 17 25.93 5.75 -50.19
C ILE G 17 24.58 5.95 -50.88
N GLY G 18 23.75 6.84 -50.34
CA GLY G 18 22.46 7.08 -50.97
C GLY G 18 21.30 6.31 -50.39
N ILE G 19 21.54 5.60 -49.29
CA ILE G 19 20.50 4.83 -48.64
C ILE G 19 20.15 5.40 -47.26
N ARG G 20 19.04 4.94 -46.72
CA ARG G 20 18.54 5.38 -45.40
C ARG G 20 17.79 6.70 -45.51
N ARG G 21 16.51 6.65 -45.13
CA ARG G 21 15.62 7.79 -45.20
C ARG G 21 15.97 9.04 -44.41
N ILE G 22 16.81 8.95 -43.38
CA ILE G 22 17.14 10.16 -42.62
C ILE G 22 18.15 11.09 -43.32
N PHE G 23 18.77 10.64 -44.40
CA PHE G 23 19.77 11.46 -45.10
C PHE G 23 19.22 12.10 -46.38
N SER G 24 19.76 13.26 -46.75
CA SER G 24 19.35 13.98 -47.96
C SER G 24 20.46 13.88 -49.00
N PRO G 25 20.16 14.23 -50.27
CA PRO G 25 21.18 14.15 -51.32
C PRO G 25 22.46 14.92 -50.97
N GLU G 26 22.33 16.01 -50.23
CA GLU G 26 23.49 16.80 -49.82
C GLU G 26 24.36 15.99 -48.86
N HIS G 27 23.70 15.25 -47.98
CA HIS G 27 24.41 14.42 -47.02
C HIS G 27 25.23 13.40 -47.79
N ASP G 28 24.64 12.88 -48.87
CA ASP G 28 25.31 11.89 -49.68
C ASP G 28 26.62 12.41 -50.26
N ILE G 29 26.59 13.65 -50.75
CA ILE G 29 27.78 14.28 -51.32
C ILE G 29 28.83 14.44 -50.24
N PHE G 30 28.40 14.78 -49.04
CA PHE G 30 29.31 14.94 -47.92
C PHE G 30 29.88 13.57 -47.51
N ARG G 31 29.02 12.55 -47.46
CA ARG G 31 29.48 11.22 -47.08
C ARG G 31 30.56 10.74 -48.02
N LYS G 32 30.37 10.98 -49.31
CA LYS G 32 31.34 10.56 -50.32
C LYS G 32 32.71 11.19 -50.07
N SER G 33 32.73 12.49 -49.75
CA SER G 33 33.99 13.17 -49.49
C SER G 33 34.63 12.71 -48.19
N VAL G 34 33.83 12.40 -47.17
CA VAL G 34 34.39 11.93 -45.91
C VAL G 34 34.97 10.53 -46.12
N ARG G 35 34.29 9.72 -46.92
CA ARG G 35 34.75 8.36 -47.19
C ARG G 35 36.09 8.38 -47.93
N LYS G 36 36.21 9.28 -48.91
CA LYS G 36 37.45 9.40 -49.67
C LYS G 36 38.57 9.80 -48.72
N PHE G 37 38.27 10.67 -47.77
CA PHE G 37 39.27 11.11 -46.80
C PHE G 37 39.83 9.94 -46.00
N PHE G 38 38.97 9.10 -45.48
CA PHE G 38 39.46 7.95 -44.70
C PHE G 38 40.21 6.94 -45.56
N GLN G 39 39.80 6.79 -46.81
CA GLN G 39 40.46 5.85 -47.72
C GLN G 39 41.87 6.33 -48.06
N GLU G 40 42.00 7.63 -48.25
CA GLU G 40 43.27 8.23 -48.65
C GLU G 40 44.16 8.82 -47.58
N GLU G 41 43.59 9.29 -46.48
CA GLU G 41 44.41 9.92 -45.44
C GLU G 41 44.56 9.11 -44.15
N VAL G 42 43.70 8.11 -43.94
CA VAL G 42 43.78 7.34 -42.70
C VAL G 42 44.21 5.90 -42.95
N ILE G 43 43.41 5.16 -43.71
CA ILE G 43 43.70 3.77 -44.00
C ILE G 43 45.15 3.43 -44.40
N PRO G 44 45.77 4.25 -45.27
CA PRO G 44 47.16 3.99 -45.69
C PRO G 44 48.27 4.12 -44.65
N HIS G 45 48.00 4.78 -43.54
CA HIS G 45 49.01 4.98 -42.50
C HIS G 45 48.65 4.34 -41.16
N HIS G 46 47.49 3.69 -41.10
CA HIS G 46 47.03 3.11 -39.84
C HIS G 46 47.90 2.02 -39.22
N SER G 47 48.48 1.15 -40.05
CA SER G 47 49.33 0.10 -39.52
C SER G 47 50.55 0.73 -38.85
N GLU G 48 51.04 1.81 -39.44
CA GLU G 48 52.17 2.53 -38.90
C GLU G 48 51.80 3.15 -37.55
N TRP G 49 50.65 3.82 -37.49
CA TRP G 49 50.21 4.45 -36.25
C TRP G 49 49.97 3.41 -35.16
N GLU G 50 49.58 2.21 -35.57
CA GLU G 50 49.35 1.12 -34.63
C GLU G 50 50.67 0.77 -33.95
N LYS G 51 51.75 0.73 -34.71
CA LYS G 51 53.04 0.43 -34.13
C LYS G 51 53.47 1.53 -33.18
N ALA G 52 53.20 2.79 -33.53
CA ALA G 52 53.57 3.92 -32.67
C ALA G 52 52.65 4.04 -31.46
N GLY G 53 51.43 3.53 -31.57
CA GLY G 53 50.50 3.61 -30.45
C GLY G 53 49.70 4.90 -30.45
N GLU G 54 49.81 5.69 -31.50
CA GLU G 54 49.08 6.94 -31.62
C GLU G 54 49.14 7.42 -33.06
N VAL G 55 48.13 8.19 -33.47
CA VAL G 55 48.12 8.72 -34.84
C VAL G 55 48.98 9.99 -34.90
N SER G 56 49.25 10.45 -36.10
CA SER G 56 50.07 11.64 -36.29
C SER G 56 49.26 12.90 -36.04
N ARG G 57 49.94 13.98 -35.67
CA ARG G 57 49.24 15.23 -35.45
C ARG G 57 48.87 15.77 -36.82
N GLU G 58 49.57 15.30 -37.85
CA GLU G 58 49.29 15.77 -39.21
C GLU G 58 47.91 15.37 -39.69
N VAL G 59 47.51 14.14 -39.39
CA VAL G 59 46.20 13.67 -39.83
C VAL G 59 45.10 14.52 -39.19
N TRP G 60 45.28 14.91 -37.93
CA TRP G 60 44.30 15.74 -37.24
C TRP G 60 44.14 17.10 -37.91
N GLU G 61 45.26 17.65 -38.36
CA GLU G 61 45.22 18.96 -39.03
C GLU G 61 44.57 18.80 -40.39
N LYS G 62 44.82 17.68 -41.05
CA LYS G 62 44.21 17.42 -42.35
C LYS G 62 42.70 17.28 -42.20
N ALA G 63 42.30 16.64 -41.11
CA ALA G 63 40.89 16.42 -40.81
C ALA G 63 40.23 17.77 -40.56
N GLY G 64 40.90 18.60 -39.76
CA GLY G 64 40.36 19.91 -39.45
C GLY G 64 40.28 20.80 -40.68
N LYS G 65 41.30 20.73 -41.52
CA LYS G 65 41.33 21.53 -42.74
C LYS G 65 40.23 21.13 -43.72
N GLN G 66 39.91 19.84 -43.77
CA GLN G 66 38.87 19.37 -44.69
C GLN G 66 37.45 19.51 -44.17
N GLY G 67 37.28 20.03 -42.96
CA GLY G 67 35.95 20.22 -42.39
C GLY G 67 35.35 19.00 -41.72
N LEU G 68 36.19 18.07 -41.25
CA LEU G 68 35.70 16.86 -40.59
C LEU G 68 35.63 16.98 -39.07
N LEU G 69 36.13 18.09 -38.52
CA LEU G 69 36.11 18.26 -37.07
C LEU G 69 35.18 19.40 -36.66
N GLY G 70 34.48 19.22 -35.54
CA GLY G 70 33.59 20.25 -35.07
C GLY G 70 32.32 20.36 -35.90
N VAL G 71 31.95 19.27 -36.58
CA VAL G 71 30.74 19.27 -37.38
C VAL G 71 29.59 19.18 -36.38
N ASN G 72 28.56 19.97 -36.64
CA ASN G 72 27.38 20.05 -35.79
C ASN G 72 27.67 20.89 -34.55
N ILE G 73 28.70 21.72 -34.66
CA ILE G 73 29.05 22.65 -33.60
C ILE G 73 28.67 23.94 -34.32
N ALA G 74 28.01 24.85 -33.61
CA ALA G 74 27.55 26.12 -34.18
C ALA G 74 28.65 26.82 -34.98
N GLU G 75 28.33 27.15 -36.23
CA GLU G 75 29.26 27.81 -37.12
C GLU G 75 29.69 29.18 -36.59
N HIS G 76 28.74 29.94 -36.06
CA HIS G 76 29.06 31.27 -35.53
C HIS G 76 29.92 31.16 -34.27
N LEU G 77 30.01 29.95 -33.71
CA LEU G 77 30.80 29.74 -32.51
C LEU G 77 32.20 29.22 -32.82
N GLY G 78 32.47 28.98 -34.10
CA GLY G 78 33.78 28.49 -34.49
C GLY G 78 33.81 27.09 -35.08
N GLY G 79 32.64 26.47 -35.23
CA GLY G 79 32.58 25.13 -35.79
C GLY G 79 32.34 25.13 -37.29
N ILE G 80 31.95 23.98 -37.83
CA ILE G 80 31.67 23.86 -39.25
C ILE G 80 30.19 24.09 -39.50
N GLY G 81 29.39 23.85 -38.47
CA GLY G 81 27.96 23.98 -38.61
C GLY G 81 27.45 22.61 -39.04
N GLY G 82 26.28 22.57 -39.65
CA GLY G 82 25.74 21.30 -40.08
C GLY G 82 24.84 20.68 -39.02
N ASP G 83 24.02 19.72 -39.43
CA ASP G 83 23.11 19.07 -38.48
C ASP G 83 23.75 17.85 -37.84
N LEU G 84 22.99 17.18 -36.99
CA LEU G 84 23.48 16.00 -36.30
C LEU G 84 23.78 14.88 -37.28
N TYR G 85 23.05 14.85 -38.39
CA TYR G 85 23.24 13.80 -39.39
C TYR G 85 24.62 13.89 -40.04
N SER G 86 25.07 15.12 -40.26
CA SER G 86 26.39 15.35 -40.88
C SER G 86 27.50 14.89 -39.93
N ALA G 87 27.34 15.13 -38.64
CA ALA G 87 28.32 14.71 -37.67
C ALA G 87 28.34 13.18 -37.63
N ALA G 88 27.16 12.57 -37.69
CA ALA G 88 27.04 11.11 -37.65
C ALA G 88 27.74 10.45 -38.84
N ILE G 89 27.71 11.12 -39.99
CA ILE G 89 28.36 10.61 -41.19
C ILE G 89 29.85 10.42 -40.95
N VAL G 90 30.43 11.30 -40.14
CA VAL G 90 31.86 11.21 -39.84
C VAL G 90 32.13 10.04 -38.91
N TRP G 91 31.27 9.87 -37.89
CA TRP G 91 31.43 8.74 -36.96
C TRP G 91 31.38 7.43 -37.73
N GLU G 92 30.35 7.30 -38.56
CA GLU G 92 30.09 6.11 -39.35
C GLU G 92 31.16 5.77 -40.37
N GLU G 93 31.62 6.77 -41.12
CA GLU G 93 32.65 6.50 -42.11
C GLU G 93 33.94 6.08 -41.44
N GLN G 94 34.22 6.62 -40.24
CA GLN G 94 35.42 6.17 -39.58
C GLN G 94 35.26 4.69 -39.24
N ALA G 95 34.07 4.30 -38.79
CA ALA G 95 33.80 2.89 -38.47
C ALA G 95 33.89 2.04 -39.72
N TYR G 96 33.36 2.54 -40.83
CA TYR G 96 33.41 1.79 -42.09
C TYR G 96 34.85 1.60 -42.59
N SER G 97 35.77 2.42 -42.10
CA SER G 97 37.16 2.30 -42.54
C SER G 97 37.95 1.32 -41.69
N ASN G 98 37.38 0.93 -40.55
CA ASN G 98 38.02 0.02 -39.61
C ASN G 98 39.31 0.58 -39.01
N CYS G 99 39.34 1.90 -38.81
CA CYS G 99 40.50 2.56 -38.24
C CYS G 99 40.08 3.27 -36.95
N SER G 100 40.30 2.61 -35.81
CA SER G 100 39.92 3.18 -34.51
C SER G 100 40.96 4.14 -33.93
N GLY G 101 42.12 4.26 -34.57
CA GLY G 101 43.15 5.14 -34.07
C GLY G 101 42.74 6.57 -33.78
N PRO G 102 42.32 7.33 -34.80
CA PRO G 102 41.90 8.73 -34.68
C PRO G 102 40.77 8.92 -33.66
N GLY G 103 41.02 9.73 -32.65
CA GLY G 103 40.02 10.00 -31.64
C GLY G 103 39.20 11.23 -31.99
N PHE G 104 38.82 11.33 -33.27
CA PHE G 104 38.03 12.44 -33.78
C PHE G 104 36.66 12.62 -33.09
N SER G 105 35.92 11.53 -32.93
CA SER G 105 34.59 11.57 -32.30
C SER G 105 34.54 12.15 -30.91
N ILE G 106 35.43 11.68 -30.02
CA ILE G 106 35.46 12.19 -28.66
C ILE G 106 35.74 13.68 -28.71
N HIS G 107 36.69 14.06 -29.57
CA HIS G 107 37.08 15.45 -29.76
C HIS G 107 35.87 16.31 -30.19
N SER G 108 35.29 15.98 -31.33
CA SER G 108 34.17 16.74 -31.89
C SER G 108 32.77 16.48 -31.30
N GLY G 109 32.49 15.23 -30.95
CA GLY G 109 31.18 14.91 -30.41
C GLY G 109 30.98 15.09 -28.91
N ILE G 110 32.06 15.15 -28.15
CA ILE G 110 31.93 15.31 -26.71
C ILE G 110 32.61 16.56 -26.15
N VAL G 111 33.94 16.61 -26.21
CA VAL G 111 34.68 17.75 -25.68
C VAL G 111 34.22 19.09 -26.26
N MET G 112 34.14 19.18 -27.59
CA MET G 112 33.71 20.42 -28.24
C MET G 112 32.27 20.77 -27.87
N SER G 113 31.47 19.75 -27.57
CA SER G 113 30.09 19.98 -27.19
C SER G 113 30.02 20.61 -25.80
N TYR G 114 30.79 20.08 -24.86
CA TYR G 114 30.80 20.62 -23.50
C TYR G 114 31.18 22.10 -23.52
N ILE G 115 32.27 22.39 -24.23
CA ILE G 115 32.78 23.76 -24.34
C ILE G 115 31.81 24.74 -24.99
N THR G 116 31.22 24.36 -26.11
CA THR G 116 30.29 25.25 -26.79
C THR G 116 28.94 25.31 -26.09
N ASN G 117 28.55 24.21 -25.45
CA ASN G 117 27.26 24.17 -24.74
C ASN G 117 27.26 24.83 -23.38
N HIS G 118 28.36 24.72 -22.64
CA HIS G 118 28.38 25.31 -21.31
C HIS G 118 29.57 26.22 -20.99
N GLY G 119 30.43 26.44 -21.97
CA GLY G 119 31.58 27.30 -21.73
C GLY G 119 31.29 28.77 -21.94
N SER G 120 32.07 29.61 -21.24
CA SER G 120 31.90 31.05 -21.36
C SER G 120 32.13 31.48 -22.80
N GLU G 121 31.86 32.75 -23.10
CA GLU G 121 32.04 33.28 -24.44
C GLU G 121 33.52 33.37 -24.78
N GLU G 122 34.34 33.62 -23.77
CA GLU G 122 35.78 33.74 -23.98
C GLU G 122 36.44 32.39 -24.19
N GLN G 123 35.97 31.37 -23.48
CA GLN G 123 36.53 30.02 -23.61
C GLN G 123 36.25 29.49 -25.01
N ILE G 124 35.05 29.76 -25.52
CA ILE G 124 34.67 29.30 -26.84
C ILE G 124 35.59 29.91 -27.91
N LYS G 125 35.98 31.16 -27.71
CA LYS G 125 36.83 31.85 -28.67
C LYS G 125 38.28 31.37 -28.60
N HIS G 126 38.72 30.99 -27.41
CA HIS G 126 40.08 30.53 -27.22
C HIS G 126 40.31 29.07 -27.63
N PHE G 127 39.26 28.27 -27.62
CA PHE G 127 39.39 26.85 -27.96
C PHE G 127 38.75 26.22 -29.19
N ILE G 128 37.50 26.57 -29.44
CA ILE G 128 36.74 26.02 -30.57
C ILE G 128 37.41 26.24 -31.91
N PRO G 129 37.91 27.46 -32.18
CA PRO G 129 38.57 27.73 -33.46
C PRO G 129 39.71 26.77 -33.79
N GLN G 130 40.64 26.58 -32.86
CA GLN G 130 41.77 25.69 -33.09
C GLN G 130 41.44 24.20 -32.95
N MET G 131 40.29 23.89 -32.34
CA MET G 131 39.88 22.51 -32.20
C MET G 131 39.27 22.10 -33.53
N THR G 132 38.58 23.05 -34.15
CA THR G 132 37.95 22.83 -35.44
C THR G 132 39.04 22.62 -36.49
N ALA G 133 40.15 23.32 -36.34
CA ALA G 133 41.28 23.22 -37.27
C ALA G 133 42.07 21.95 -37.00
N GLY G 134 41.95 21.41 -35.78
CA GLY G 134 42.67 20.21 -35.44
C GLY G 134 44.04 20.51 -34.84
N LYS G 135 44.25 21.75 -34.43
CA LYS G 135 45.52 22.15 -33.83
C LYS G 135 45.48 21.90 -32.32
N CYS G 136 44.27 21.88 -31.78
CA CYS G 136 44.06 21.66 -30.35
C CYS G 136 43.20 20.41 -30.20
N ILE G 137 43.82 19.31 -29.77
CA ILE G 137 43.11 18.05 -29.60
C ILE G 137 42.48 17.93 -28.20
N GLY G 138 41.20 17.60 -28.15
CA GLY G 138 40.50 17.48 -26.87
C GLY G 138 40.31 16.07 -26.32
N ALA G 139 40.20 16.01 -25.00
CA ALA G 139 39.97 14.75 -24.29
C ALA G 139 39.07 15.05 -23.09
N ILE G 140 38.48 14.00 -22.52
CA ILE G 140 37.63 14.17 -21.34
C ILE G 140 38.03 13.13 -20.29
N ALA G 141 38.27 13.58 -19.06
CA ALA G 141 38.73 12.66 -18.01
C ALA G 141 37.85 12.61 -16.75
N MET G 142 37.16 11.48 -16.58
CA MET G 142 36.28 11.28 -15.43
C MET G 142 36.72 10.08 -14.60
N THR G 143 36.97 8.97 -15.29
CA THR G 143 37.34 7.73 -14.64
C THR G 143 38.63 7.74 -13.84
N GLU G 144 38.59 7.12 -12.66
CA GLU G 144 39.75 7.03 -11.79
C GLU G 144 40.00 5.54 -11.51
N PRO G 145 41.20 5.21 -10.99
CA PRO G 145 41.56 3.82 -10.69
C PRO G 145 40.56 3.08 -9.79
N GLY G 146 39.99 3.82 -8.83
CA GLY G 146 39.01 3.24 -7.89
C GLY G 146 37.61 3.76 -8.16
N ALA G 147 37.40 4.40 -9.32
CA ALA G 147 36.07 4.94 -9.64
C ALA G 147 35.67 4.92 -11.12
N GLY G 148 34.84 3.97 -11.54
CA GLY G 148 34.35 4.01 -12.91
C GLY G 148 32.85 4.19 -12.98
N SER G 149 32.11 3.09 -12.96
CA SER G 149 30.65 3.14 -13.02
C SER G 149 30.09 3.99 -11.90
N ASP G 150 30.78 4.01 -10.77
CA ASP G 150 30.27 4.76 -9.58
C ASP G 150 30.91 6.15 -9.59
N LEU G 151 30.55 6.96 -10.59
CA LEU G 151 31.10 8.31 -10.76
C LEU G 151 31.08 9.18 -9.51
N GLN G 152 29.99 9.11 -8.74
CA GLN G 152 29.91 9.93 -7.53
C GLN G 152 31.01 9.60 -6.53
N GLY G 153 31.63 8.43 -6.68
CA GLY G 153 32.69 8.04 -5.77
C GLY G 153 34.03 8.54 -6.30
N ILE G 154 33.99 9.69 -6.97
CA ILE G 154 35.18 10.33 -7.55
C ILE G 154 36.08 10.94 -6.46
N LYS G 155 37.38 10.71 -6.56
CA LYS G 155 38.32 11.23 -5.55
C LYS G 155 39.12 12.46 -5.98
N THR G 156 39.24 12.70 -7.28
CA THR G 156 39.97 13.87 -7.76
C THR G 156 39.27 15.08 -7.16
N ASN G 157 40.05 16.11 -6.82
CA ASN G 157 39.46 17.28 -6.19
C ASN G 157 40.19 18.59 -6.47
N ALA G 158 39.44 19.68 -6.41
CA ALA G 158 39.99 21.02 -6.64
C ALA G 158 39.67 21.91 -5.43
N LYS G 159 40.70 22.57 -4.93
CA LYS G 159 40.59 23.47 -3.80
C LYS G 159 40.50 24.88 -4.33
N LYS G 160 39.73 25.74 -3.65
CA LYS G 160 39.61 27.12 -4.10
C LYS G 160 40.59 27.99 -3.32
N ASP G 161 41.70 28.33 -3.96
CA ASP G 161 42.73 29.17 -3.36
C ASP G 161 42.49 30.59 -3.85
N GLY G 162 41.62 31.30 -3.15
CA GLY G 162 41.32 32.67 -3.54
C GLY G 162 40.52 32.68 -4.83
N SER G 163 41.12 33.17 -5.90
CA SER G 163 40.45 33.24 -7.19
C SER G 163 40.95 32.12 -8.09
N ASP G 164 41.66 31.17 -7.48
CA ASP G 164 42.21 30.04 -8.22
C ASP G 164 41.79 28.71 -7.64
N TRP G 165 42.04 27.64 -8.39
CA TRP G 165 41.69 26.30 -7.94
C TRP G 165 42.92 25.40 -7.90
N ILE G 166 43.10 24.68 -6.79
CA ILE G 166 44.23 23.78 -6.66
C ILE G 166 43.70 22.37 -6.94
N LEU G 167 44.07 21.84 -8.10
CA LEU G 167 43.62 20.52 -8.53
C LEU G 167 44.57 19.38 -8.19
N ASN G 168 44.04 18.34 -7.57
CA ASN G 168 44.82 17.16 -7.19
C ASN G 168 44.09 15.84 -7.46
N GLY G 169 44.82 14.87 -8.02
CA GLY G 169 44.23 13.58 -8.32
C GLY G 169 44.79 12.96 -9.58
N SER G 170 44.14 11.89 -10.05
CA SER G 170 44.55 11.20 -11.27
C SER G 170 43.35 10.56 -11.97
N LYS G 171 43.50 10.34 -13.27
CA LYS G 171 42.45 9.74 -14.08
C LYS G 171 43.07 8.60 -14.89
N VAL G 172 42.24 7.61 -15.23
CA VAL G 172 42.70 6.45 -16.01
C VAL G 172 41.87 6.25 -17.26
N PHE G 173 42.42 5.53 -18.24
CA PHE G 173 41.75 5.23 -19.50
C PHE G 173 41.37 6.48 -20.30
N ILE G 174 42.23 7.48 -20.35
CA ILE G 174 41.86 8.68 -21.09
C ILE G 174 42.21 8.63 -22.58
N SER G 175 41.20 8.59 -23.43
CA SER G 175 41.42 8.56 -24.88
C SER G 175 42.06 9.89 -25.30
N ASN G 176 42.87 9.84 -26.35
CA ASN G 176 43.61 11.01 -26.83
C ASN G 176 44.50 11.48 -25.68
N GLY G 177 44.70 10.62 -24.69
CA GLY G 177 45.49 10.97 -23.53
C GLY G 177 46.85 11.56 -23.84
N SER G 178 47.55 10.94 -24.78
CA SER G 178 48.89 11.39 -25.17
C SER G 178 48.91 12.64 -26.04
N LEU G 179 48.03 12.70 -27.04
CA LEU G 179 48.02 13.83 -27.96
C LEU G 179 47.24 15.06 -27.49
N SER G 180 46.37 14.90 -26.49
CA SER G 180 45.55 16.01 -26.01
C SER G 180 46.29 17.30 -25.65
N ASP G 181 45.67 18.42 -26.00
CA ASP G 181 46.21 19.73 -25.70
C ASP G 181 45.32 20.31 -24.60
N VAL G 182 44.07 19.87 -24.58
CA VAL G 182 43.10 20.33 -23.60
C VAL G 182 42.27 19.15 -23.10
N VAL G 183 42.14 19.04 -21.79
CA VAL G 183 41.39 17.94 -21.18
C VAL G 183 40.33 18.45 -20.21
N ILE G 184 39.10 18.01 -20.38
CA ILE G 184 38.03 18.41 -19.46
C ILE G 184 38.10 17.43 -18.30
N VAL G 185 38.43 17.95 -17.12
CA VAL G 185 38.58 17.10 -15.94
C VAL G 185 37.45 17.27 -14.94
N VAL G 186 36.97 16.14 -14.42
CA VAL G 186 35.89 16.14 -13.44
C VAL G 186 36.50 16.04 -12.05
N ALA G 187 36.22 17.03 -11.20
CA ALA G 187 36.77 17.03 -9.84
C ALA G 187 35.78 17.45 -8.76
N VAL G 188 35.93 16.87 -7.58
CA VAL G 188 35.07 17.18 -6.43
C VAL G 188 35.43 18.55 -5.86
N THR G 189 34.53 19.51 -6.01
CA THR G 189 34.76 20.86 -5.52
C THR G 189 34.00 21.20 -4.25
N ASN G 190 33.32 20.21 -3.67
CA ASN G 190 32.57 20.41 -2.43
C ASN G 190 32.32 19.08 -1.75
N HIS G 191 33.25 18.66 -0.90
CA HIS G 191 33.10 17.40 -0.18
C HIS G 191 31.98 17.50 0.84
N GLU G 192 31.43 18.70 1.01
CA GLU G 192 30.37 18.92 1.99
C GLU G 192 28.96 18.76 1.39
N ALA G 193 28.86 18.81 0.07
CA ALA G 193 27.57 18.66 -0.59
C ALA G 193 26.89 17.37 -0.13
N PRO G 194 25.63 17.47 0.31
CA PRO G 194 24.91 16.28 0.77
C PRO G 194 24.91 15.20 -0.29
N SER G 195 24.77 15.62 -1.54
CA SER G 195 24.78 14.69 -2.66
C SER G 195 26.14 14.97 -3.27
N PRO G 196 26.92 13.92 -3.56
CA PRO G 196 28.24 14.14 -4.16
C PRO G 196 27.99 14.46 -5.63
N ALA G 197 26.71 14.44 -6.01
CA ALA G 197 26.31 14.76 -7.37
C ALA G 197 26.18 16.27 -7.51
N HIS G 198 26.21 16.98 -6.39
CA HIS G 198 26.08 18.44 -6.39
C HIS G 198 27.42 19.15 -6.14
N GLY G 199 28.43 18.39 -5.74
CA GLY G 199 29.73 19.00 -5.47
C GLY G 199 30.81 18.72 -6.49
N ILE G 200 30.42 18.62 -7.76
CA ILE G 200 31.37 18.35 -8.85
C ILE G 200 31.46 19.53 -9.82
N SER G 201 32.64 19.76 -10.37
CA SER G 201 32.85 20.85 -11.31
C SER G 201 33.72 20.37 -12.48
N LEU G 202 33.67 21.12 -13.59
CA LEU G 202 34.46 20.78 -14.76
C LEU G 202 35.56 21.83 -14.94
N PHE G 203 36.78 21.38 -15.19
CA PHE G 203 37.91 22.29 -15.40
C PHE G 203 38.61 22.01 -16.72
N LEU G 204 39.06 23.06 -17.39
CA LEU G 204 39.77 22.90 -18.66
C LEU G 204 41.27 22.91 -18.40
N VAL G 205 41.83 21.73 -18.16
CA VAL G 205 43.26 21.60 -17.91
C VAL G 205 43.97 21.61 -19.25
N GLU G 206 45.01 22.43 -19.35
CA GLU G 206 45.77 22.57 -20.60
C GLU G 206 47.16 21.95 -20.55
N ASN G 207 47.55 21.34 -21.66
CA ASN G 207 48.86 20.72 -21.78
C ASN G 207 49.91 21.80 -21.60
N GLY G 208 50.73 21.66 -20.57
CA GLY G 208 51.77 22.64 -20.30
C GLY G 208 51.70 23.23 -18.90
N MET G 209 50.55 23.07 -18.24
CA MET G 209 50.39 23.60 -16.90
C MET G 209 51.30 22.85 -15.93
N LYS G 210 51.83 23.57 -14.95
CA LYS G 210 52.72 23.00 -13.95
C LYS G 210 51.94 22.04 -13.05
N GLY G 211 52.32 20.76 -13.08
CA GLY G 211 51.62 19.78 -12.26
C GLY G 211 50.78 18.82 -13.07
N PHE G 212 50.62 19.11 -14.35
CA PHE G 212 49.84 18.24 -15.24
C PHE G 212 50.80 17.27 -15.90
N ILE G 213 50.76 16.03 -15.44
CA ILE G 213 51.65 14.99 -15.95
C ILE G 213 50.90 13.90 -16.71
N LYS G 214 51.34 13.62 -17.94
CA LYS G 214 50.73 12.59 -18.76
C LYS G 214 51.47 11.28 -18.58
N GLY G 215 50.76 10.26 -18.12
CA GLY G 215 51.39 8.96 -17.93
C GLY G 215 51.70 8.37 -19.30
N ARG G 216 52.35 7.21 -19.31
CA ARG G 216 52.69 6.58 -20.57
C ARG G 216 51.49 5.85 -21.19
N LYS G 217 51.53 5.64 -22.50
CA LYS G 217 50.44 4.96 -23.20
C LYS G 217 50.20 3.56 -22.63
N LEU G 218 48.93 3.27 -22.36
CA LEU G 218 48.51 1.98 -21.82
C LEU G 218 48.50 0.91 -22.90
N HIS G 219 48.91 -0.29 -22.51
CA HIS G 219 48.93 -1.45 -23.39
C HIS G 219 47.55 -2.12 -23.28
N LYS G 220 46.82 -2.18 -24.39
CA LYS G 220 45.47 -2.73 -24.42
C LYS G 220 45.36 -3.92 -25.40
N MET G 221 44.26 -4.67 -25.34
CA MET G 221 44.10 -5.80 -26.27
C MET G 221 43.75 -5.31 -27.66
N GLY G 222 43.20 -4.10 -27.75
CA GLY G 222 42.81 -3.52 -29.02
C GLY G 222 43.01 -2.02 -29.08
N LEU G 223 42.39 -1.34 -30.04
CA LEU G 223 42.56 0.12 -30.19
C LEU G 223 44.06 0.46 -30.11
N LYS G 224 44.85 -0.30 -30.86
CA LYS G 224 46.30 -0.13 -30.88
C LYS G 224 46.78 1.27 -31.26
N ALA G 225 46.07 1.95 -32.15
CA ALA G 225 46.47 3.29 -32.55
C ALA G 225 45.81 4.42 -31.75
N GLN G 226 45.01 4.07 -30.75
CA GLN G 226 44.36 5.08 -29.91
C GLN G 226 45.22 5.26 -28.66
N ASP G 227 45.77 6.46 -28.47
CA ASP G 227 46.62 6.74 -27.32
C ASP G 227 45.87 6.94 -26.01
N THR G 228 45.66 5.86 -25.29
CA THR G 228 44.95 5.91 -24.01
C THR G 228 46.00 6.05 -22.91
N ALA G 229 45.80 7.00 -21.99
CA ALA G 229 46.77 7.20 -20.95
C ALA G 229 46.21 7.63 -19.60
N GLU G 230 47.01 7.43 -18.57
CA GLU G 230 46.63 7.84 -17.22
C GLU G 230 47.09 9.29 -17.09
N LEU G 231 46.29 10.12 -16.42
CA LEU G 231 46.64 11.52 -16.22
C LEU G 231 46.78 11.82 -14.73
N PHE G 232 47.73 12.70 -14.40
CA PHE G 232 47.99 13.08 -13.02
C PHE G 232 47.96 14.59 -12.84
N PHE G 233 47.39 15.02 -11.72
CA PHE G 233 47.30 16.43 -11.39
C PHE G 233 47.93 16.59 -10.01
N GLU G 234 49.07 17.25 -9.96
CA GLU G 234 49.78 17.48 -8.71
C GLU G 234 49.83 18.96 -8.39
N ASP G 235 48.91 19.40 -7.53
CA ASP G 235 48.82 20.79 -7.13
C ASP G 235 48.92 21.73 -8.31
N ILE G 236 48.05 21.54 -9.30
CA ILE G 236 48.04 22.41 -10.46
C ILE G 236 47.28 23.66 -10.07
N ARG G 237 47.91 24.82 -10.24
CA ARG G 237 47.25 26.06 -9.90
C ARG G 237 46.50 26.54 -11.13
N LEU G 238 45.18 26.45 -11.08
CA LEU G 238 44.33 26.85 -12.21
C LEU G 238 43.68 28.21 -12.00
N PRO G 239 43.72 29.06 -13.03
CA PRO G 239 43.11 30.39 -12.95
C PRO G 239 41.59 30.26 -13.06
N ALA G 240 40.87 31.27 -12.60
CA ALA G 240 39.41 31.25 -12.65
C ALA G 240 38.87 30.86 -14.03
N SER G 241 39.63 31.17 -15.08
CA SER G 241 39.23 30.88 -16.45
C SER G 241 39.16 29.38 -16.77
N ALA G 242 39.74 28.56 -15.90
CA ALA G 242 39.76 27.11 -16.11
C ALA G 242 38.42 26.46 -15.80
N LEU G 243 37.70 26.98 -14.80
CA LEU G 243 36.41 26.44 -14.43
C LEU G 243 35.44 26.49 -15.61
N LEU G 244 34.91 25.33 -15.99
CA LEU G 244 33.97 25.22 -17.09
C LEU G 244 32.54 25.24 -16.56
N GLY G 245 31.77 26.25 -16.96
CA GLY G 245 30.40 26.37 -16.50
C GLY G 245 30.38 26.83 -15.05
N GLU G 246 29.28 26.56 -14.36
CA GLU G 246 29.12 26.95 -12.97
C GLU G 246 29.76 25.98 -11.99
N GLU G 247 30.20 26.51 -10.86
CA GLU G 247 30.82 25.71 -9.82
C GLU G 247 29.82 24.73 -9.21
N ASN G 248 30.23 23.49 -9.05
CA ASN G 248 29.40 22.44 -8.49
C ASN G 248 28.22 22.02 -9.37
N LYS G 249 28.20 22.50 -10.61
CA LYS G 249 27.15 22.15 -11.57
C LYS G 249 27.68 21.20 -12.63
N GLY G 250 28.79 20.53 -12.34
CA GLY G 250 29.39 19.61 -13.29
C GLY G 250 28.52 18.41 -13.63
N PHE G 251 28.07 17.72 -12.59
CA PHE G 251 27.23 16.53 -12.75
C PHE G 251 26.08 16.85 -13.69
N TYR G 252 25.56 18.07 -13.57
CA TYR G 252 24.44 18.54 -14.39
C TYR G 252 24.80 18.57 -15.87
N TYR G 253 25.95 19.17 -16.19
CA TYR G 253 26.39 19.28 -17.58
C TYR G 253 26.64 17.90 -18.18
N ILE G 254 27.20 16.99 -17.38
CA ILE G 254 27.49 15.64 -17.84
C ILE G 254 26.18 14.92 -18.19
N MET G 255 25.25 14.92 -17.24
CA MET G 255 23.95 14.27 -17.43
C MET G 255 23.28 14.73 -18.71
N LYS G 256 23.46 16.01 -19.03
CA LYS G 256 22.86 16.59 -20.22
C LYS G 256 23.58 16.17 -21.51
N GLU G 257 24.85 15.82 -21.39
CA GLU G 257 25.62 15.42 -22.56
C GLU G 257 25.66 13.92 -22.77
N LEU G 258 25.38 13.16 -21.72
CA LEU G 258 25.44 11.70 -21.80
C LEU G 258 24.65 11.05 -22.94
N PRO G 259 23.41 11.50 -23.20
CA PRO G 259 22.65 10.90 -24.29
C PRO G 259 23.39 10.94 -25.62
N GLN G 260 24.04 12.06 -25.91
CA GLN G 260 24.79 12.19 -27.15
C GLN G 260 25.97 11.23 -27.17
N GLN G 261 26.59 11.04 -26.01
CA GLN G 261 27.72 10.14 -25.89
C GLN G 261 27.29 8.71 -26.16
N ARG G 262 26.20 8.28 -25.53
CA ARG G 262 25.67 6.94 -25.72
C ARG G 262 25.23 6.71 -27.17
N LEU G 263 24.64 7.73 -27.78
CA LEU G 263 24.19 7.59 -29.17
C LEU G 263 25.40 7.45 -30.09
N LEU G 264 26.43 8.25 -29.83
CA LEU G 264 27.66 8.20 -30.61
C LEU G 264 28.21 6.78 -30.61
N ILE G 265 28.33 6.18 -29.43
CA ILE G 265 28.85 4.82 -29.32
C ILE G 265 27.95 3.83 -30.04
N ALA G 266 26.64 4.04 -29.92
CA ALA G 266 25.68 3.16 -30.56
C ALA G 266 25.83 3.15 -32.08
N ASP G 267 25.95 4.32 -32.69
CA ASP G 267 26.07 4.38 -34.14
C ASP G 267 27.42 3.81 -34.56
N VAL G 268 28.46 4.08 -33.77
CA VAL G 268 29.77 3.56 -34.09
C VAL G 268 29.72 2.03 -34.10
N ALA G 269 29.03 1.48 -33.11
CA ALA G 269 28.89 0.03 -32.96
C ALA G 269 28.15 -0.66 -34.10
N ILE G 270 26.99 -0.12 -34.48
CA ILE G 270 26.21 -0.72 -35.56
C ILE G 270 26.88 -0.53 -36.91
N SER G 271 27.62 0.59 -37.06
CA SER G 271 28.32 0.87 -38.30
C SER G 271 29.48 -0.10 -38.47
N ALA G 272 30.17 -0.38 -37.35
CA ALA G 272 31.28 -1.32 -37.38
C ALA G 272 30.77 -2.69 -37.78
N SER G 273 29.58 -3.03 -37.30
CA SER G 273 28.95 -4.33 -37.60
C SER G 273 28.62 -4.41 -39.10
N GLU G 274 28.13 -3.32 -39.68
CA GLU G 274 27.81 -3.31 -41.10
C GLU G 274 29.12 -3.53 -41.87
N PHE G 275 30.21 -2.92 -41.41
CA PHE G 275 31.52 -3.09 -42.05
C PHE G 275 31.98 -4.55 -41.98
N MET G 276 31.89 -5.14 -40.79
CA MET G 276 32.32 -6.53 -40.60
C MET G 276 31.48 -7.46 -41.46
N PHE G 277 30.19 -7.18 -41.55
CA PHE G 277 29.30 -8.01 -42.36
C PHE G 277 29.72 -8.02 -43.83
N GLU G 278 29.88 -6.83 -44.41
CA GLU G 278 30.27 -6.75 -45.82
C GLU G 278 31.67 -7.30 -46.05
N GLU G 279 32.56 -7.09 -45.08
CA GLU G 279 33.92 -7.60 -45.20
C GLU G 279 33.89 -9.14 -45.27
N THR G 280 33.11 -9.74 -44.37
CA THR G 280 32.99 -11.19 -44.27
C THR G 280 32.22 -11.77 -45.46
N ARG G 281 31.14 -11.10 -45.86
CA ARG G 281 30.35 -11.53 -47.01
C ARG G 281 31.30 -11.70 -48.20
N ASN G 282 32.12 -10.68 -48.44
CA ASN G 282 33.06 -10.70 -49.55
C ASN G 282 34.08 -11.81 -49.41
N TYR G 283 34.54 -12.05 -48.19
CA TYR G 283 35.52 -13.10 -47.96
C TYR G 283 35.01 -14.50 -48.28
N VAL G 284 33.81 -14.85 -47.82
CA VAL G 284 33.29 -16.18 -48.07
C VAL G 284 32.87 -16.41 -49.51
N LYS G 285 32.47 -15.35 -50.20
CA LYS G 285 32.07 -15.51 -51.60
C LYS G 285 33.29 -15.74 -52.48
N GLN G 286 34.47 -15.42 -51.94
CA GLN G 286 35.74 -15.55 -52.65
C GLN G 286 36.61 -16.75 -52.24
N ARG G 287 36.43 -17.24 -51.01
CA ARG G 287 37.21 -18.37 -50.52
C ARG G 287 36.77 -19.69 -51.15
N LYS G 288 37.71 -20.37 -51.80
CA LYS G 288 37.42 -21.63 -52.46
C LYS G 288 37.38 -22.77 -51.47
N ALA G 289 36.49 -23.73 -51.75
CA ALA G 289 36.35 -24.89 -50.89
C ALA G 289 35.41 -25.91 -51.54
N PHE G 290 35.85 -27.17 -51.54
CA PHE G 290 35.05 -28.25 -52.09
C PHE G 290 34.51 -27.95 -53.49
N GLY G 291 35.40 -27.53 -54.38
CA GLY G 291 35.00 -27.24 -55.76
C GLY G 291 34.05 -26.07 -55.94
N LYS G 292 33.86 -25.29 -54.89
CA LYS G 292 32.98 -24.11 -54.98
C LYS G 292 33.44 -23.21 -53.83
N THR G 293 32.64 -22.21 -53.49
CA THR G 293 32.98 -21.33 -52.38
C THR G 293 32.28 -21.55 -51.04
N VAL G 294 32.91 -21.10 -49.97
CA VAL G 294 32.34 -21.25 -48.62
C VAL G 294 30.92 -20.71 -48.60
N ALA G 295 30.67 -19.69 -49.42
CA ALA G 295 29.35 -19.08 -49.49
C ALA G 295 28.29 -20.04 -50.02
N HIS G 296 28.72 -21.14 -50.65
CA HIS G 296 27.79 -22.12 -51.18
C HIS G 296 27.24 -23.06 -50.11
N LEU G 297 27.89 -23.10 -48.94
CA LEU G 297 27.44 -23.96 -47.86
C LEU G 297 26.16 -23.37 -47.26
N GLN G 298 25.16 -24.22 -47.03
CA GLN G 298 23.89 -23.74 -46.48
C GLN G 298 24.02 -23.12 -45.09
N THR G 299 24.89 -23.71 -44.26
CA THR G 299 25.11 -23.18 -42.90
C THR G 299 25.68 -21.78 -42.91
N VAL G 300 26.61 -21.52 -43.83
CA VAL G 300 27.22 -20.21 -43.98
C VAL G 300 26.15 -19.22 -44.45
N GLN G 301 25.29 -19.66 -45.36
CA GLN G 301 24.21 -18.82 -45.88
C GLN G 301 23.23 -18.39 -44.77
N HIS G 302 22.86 -19.34 -43.92
CA HIS G 302 21.92 -19.06 -42.84
C HIS G 302 22.55 -18.21 -41.76
N LYS G 303 23.85 -18.39 -41.53
CA LYS G 303 24.55 -17.60 -40.53
C LYS G 303 24.64 -16.15 -41.01
N LEU G 304 24.90 -15.97 -42.31
CA LEU G 304 24.97 -14.62 -42.85
C LEU G 304 23.60 -13.96 -42.78
N ALA G 305 22.54 -14.73 -43.04
CA ALA G 305 21.18 -14.22 -42.98
C ALA G 305 20.83 -13.79 -41.55
N GLU G 306 21.28 -14.58 -40.56
CA GLU G 306 21.02 -14.23 -39.17
C GLU G 306 21.71 -12.92 -38.83
N LEU G 307 22.99 -12.82 -39.20
CA LEU G 307 23.76 -11.61 -38.94
C LEU G 307 23.13 -10.39 -39.63
N LYS G 308 22.82 -10.52 -40.92
CA LYS G 308 22.26 -9.39 -41.64
C LYS G 308 20.94 -8.93 -41.03
N THR G 309 20.13 -9.86 -40.59
CA THR G 309 18.85 -9.47 -40.02
C THR G 309 19.03 -8.66 -38.76
N HIS G 310 19.80 -9.19 -37.81
CA HIS G 310 20.00 -8.48 -36.56
C HIS G 310 20.64 -7.12 -36.77
N ILE G 311 21.61 -7.05 -37.66
CA ILE G 311 22.27 -5.79 -37.98
C ILE G 311 21.28 -4.79 -38.58
N CYS G 312 20.40 -5.24 -39.48
CA CYS G 312 19.43 -4.33 -40.11
C CYS G 312 18.36 -3.87 -39.14
N VAL G 313 17.94 -4.77 -38.26
CA VAL G 313 16.94 -4.46 -37.25
C VAL G 313 17.49 -3.37 -36.33
N THR G 314 18.72 -3.56 -35.86
CA THR G 314 19.36 -2.60 -34.97
C THR G 314 19.63 -1.25 -35.64
N ARG G 315 20.04 -1.28 -36.91
CA ARG G 315 20.29 -0.05 -37.65
C ARG G 315 18.98 0.77 -37.64
N ALA G 316 17.85 0.09 -37.82
CA ALA G 316 16.55 0.76 -37.79
C ALA G 316 16.35 1.52 -36.48
N PHE G 317 16.65 0.88 -35.35
CA PHE G 317 16.50 1.54 -34.06
C PHE G 317 17.46 2.72 -33.94
N VAL G 318 18.72 2.50 -34.31
CA VAL G 318 19.72 3.56 -34.23
C VAL G 318 19.37 4.80 -35.08
N ASP G 319 18.83 4.60 -36.28
CA ASP G 319 18.47 5.73 -37.13
C ASP G 319 17.31 6.49 -36.50
N ASN G 320 16.41 5.75 -35.87
CA ASN G 320 15.26 6.34 -35.20
C ASN G 320 15.83 7.23 -34.08
N CYS G 321 16.87 6.75 -33.40
CA CYS G 321 17.50 7.52 -32.32
C CYS G 321 18.21 8.77 -32.86
N LEU G 322 18.90 8.63 -34.00
CA LEU G 322 19.58 9.78 -34.62
C LEU G 322 18.52 10.85 -34.97
N GLN G 323 17.36 10.40 -35.46
CA GLN G 323 16.27 11.30 -35.83
C GLN G 323 15.74 12.05 -34.59
N LEU G 324 15.49 11.31 -33.51
CA LEU G 324 15.02 11.92 -32.26
C LEU G 324 16.03 12.93 -31.73
N HIS G 325 17.31 12.56 -31.73
CA HIS G 325 18.34 13.46 -31.22
C HIS G 325 18.45 14.73 -32.05
N GLU G 326 18.29 14.61 -33.36
CA GLU G 326 18.37 15.77 -34.23
C GLU G 326 17.28 16.75 -33.80
N ALA G 327 16.15 16.23 -33.35
CA ALA G 327 15.04 17.05 -32.89
C ALA G 327 15.17 17.32 -31.39
N LYS G 328 16.28 16.86 -30.80
CA LYS G 328 16.50 17.06 -29.38
C LYS G 328 15.41 16.39 -28.54
N ARG G 329 14.94 15.23 -28.97
CA ARG G 329 13.92 14.48 -28.25
C ARG G 329 14.38 13.06 -27.91
N LEU G 330 15.69 12.87 -27.77
CA LEU G 330 16.25 11.57 -27.42
C LEU G 330 16.52 11.61 -25.93
N ASP G 331 15.77 10.85 -25.14
CA ASP G 331 16.00 10.84 -23.70
C ASP G 331 17.08 9.83 -23.31
N SER G 332 17.52 9.92 -22.06
CA SER G 332 18.57 9.06 -21.53
C SER G 332 18.31 7.56 -21.71
N ALA G 333 17.12 7.11 -21.31
CA ALA G 333 16.78 5.69 -21.41
C ALA G 333 16.87 5.16 -22.83
N THR G 334 16.36 5.92 -23.79
CA THR G 334 16.40 5.48 -25.18
C THR G 334 17.84 5.42 -25.69
N ALA G 335 18.64 6.41 -25.28
CA ALA G 335 20.05 6.45 -25.68
C ALA G 335 20.79 5.24 -25.10
N CYS G 336 20.47 4.89 -23.86
CA CYS G 336 21.09 3.73 -23.21
C CYS G 336 20.72 2.43 -23.96
N MET G 337 19.48 2.33 -24.42
CA MET G 337 19.06 1.14 -25.17
C MET G 337 19.94 0.96 -26.39
N ALA G 338 20.13 2.04 -27.14
CA ALA G 338 20.95 1.99 -28.36
C ALA G 338 22.40 1.57 -28.07
N LYS G 339 23.03 2.23 -27.11
CA LYS G 339 24.41 1.95 -26.74
C LYS G 339 24.59 0.50 -26.33
N TYR G 340 23.73 0.03 -25.44
CA TYR G 340 23.83 -1.34 -24.96
C TYR G 340 23.52 -2.37 -26.06
N TRP G 341 22.37 -2.27 -26.72
CA TRP G 341 22.05 -3.25 -27.74
C TRP G 341 23.05 -3.28 -28.89
N ALA G 342 23.46 -2.12 -29.38
CA ALA G 342 24.42 -2.08 -30.49
C ALA G 342 25.81 -2.55 -30.10
N SER G 343 26.32 -2.14 -28.94
CA SER G 343 27.68 -2.58 -28.56
C SER G 343 27.70 -4.10 -28.37
N GLU G 344 26.59 -4.66 -27.91
CA GLU G 344 26.50 -6.10 -27.71
C GLU G 344 26.48 -6.81 -29.06
N LEU G 345 25.69 -6.26 -29.98
CA LEU G 345 25.59 -6.84 -31.32
C LEU G 345 26.95 -6.82 -32.00
N GLN G 346 27.64 -5.69 -31.91
CA GLN G 346 28.95 -5.55 -32.53
C GLN G 346 29.92 -6.67 -32.14
N ASN G 347 29.88 -7.09 -30.87
CA ASN G 347 30.76 -8.16 -30.43
C ASN G 347 30.32 -9.55 -30.88
N SER G 348 29.01 -9.76 -30.93
CA SER G 348 28.45 -11.03 -31.38
C SER G 348 28.76 -11.19 -32.88
N VAL G 349 28.62 -10.10 -33.64
CA VAL G 349 28.91 -10.13 -35.08
C VAL G 349 30.39 -10.36 -35.31
N ALA G 350 31.23 -9.63 -34.57
CA ALA G 350 32.66 -9.77 -34.72
C ALA G 350 33.06 -11.23 -34.51
N TYR G 351 32.51 -11.84 -33.48
CA TYR G 351 32.83 -13.22 -33.18
C TYR G 351 32.45 -14.19 -34.31
N ASP G 352 31.26 -14.04 -34.85
CA ASP G 352 30.81 -14.90 -35.92
C ASP G 352 31.59 -14.65 -37.21
N CYS G 353 32.01 -13.41 -37.42
CA CYS G 353 32.76 -13.09 -38.63
C CYS G 353 34.20 -13.64 -38.57
N VAL G 354 34.81 -13.64 -37.39
CA VAL G 354 36.15 -14.20 -37.25
C VAL G 354 36.07 -15.69 -37.60
N GLN G 355 35.01 -16.34 -37.12
CA GLN G 355 34.80 -17.76 -37.36
C GLN G 355 34.68 -18.07 -38.85
N LEU G 356 33.97 -17.22 -39.59
CA LEU G 356 33.79 -17.42 -41.03
C LEU G 356 35.10 -17.21 -41.82
N HIS G 357 36.08 -16.55 -41.23
CA HIS G 357 37.38 -16.33 -41.87
C HIS G 357 38.34 -17.48 -41.55
N GLY G 358 37.98 -18.31 -40.58
CA GLY G 358 38.84 -19.42 -40.20
C GLY G 358 40.12 -18.89 -39.60
N GLY G 359 41.21 -19.62 -39.82
CA GLY G 359 42.51 -19.21 -39.28
C GLY G 359 42.96 -17.80 -39.64
N TRP G 360 42.55 -17.32 -40.82
CA TRP G 360 42.93 -15.99 -41.24
C TRP G 360 42.29 -14.90 -40.41
N GLY G 361 41.14 -15.22 -39.80
CA GLY G 361 40.44 -14.25 -38.97
C GLY G 361 41.23 -13.95 -37.69
N TYR G 362 42.25 -14.75 -37.43
CA TYR G 362 43.07 -14.58 -36.22
C TYR G 362 44.36 -13.84 -36.58
N MET G 363 44.58 -13.60 -37.87
CA MET G 363 45.78 -12.89 -38.34
C MET G 363 45.53 -11.38 -38.37
N TRP G 364 46.44 -10.62 -37.76
CA TRP G 364 46.30 -9.17 -37.72
C TRP G 364 46.26 -8.59 -39.13
N GLU G 365 46.77 -9.37 -40.09
CA GLU G 365 46.80 -8.96 -41.49
C GLU G 365 45.38 -8.73 -42.01
N TYR G 366 44.42 -9.50 -41.50
CA TYR G 366 43.04 -9.35 -41.93
C TYR G 366 42.25 -8.35 -41.09
N PRO G 367 41.47 -7.48 -41.74
CA PRO G 367 40.66 -6.47 -41.06
C PRO G 367 39.81 -7.02 -39.88
N ILE G 368 39.20 -8.19 -40.06
CA ILE G 368 38.34 -8.76 -39.01
C ILE G 368 39.06 -8.99 -37.67
N ALA G 369 40.35 -9.30 -37.71
CA ALA G 369 41.12 -9.53 -36.48
C ALA G 369 41.14 -8.27 -35.60
N LYS G 370 41.44 -7.13 -36.21
CA LYS G 370 41.47 -5.85 -35.50
C LYS G 370 40.07 -5.48 -35.05
N ALA G 371 39.09 -5.76 -35.90
CA ALA G 371 37.69 -5.45 -35.61
C ALA G 371 37.22 -6.19 -34.36
N TYR G 372 37.70 -7.42 -34.21
CA TYR G 372 37.33 -8.25 -33.06
C TYR G 372 37.79 -7.64 -31.73
N VAL G 373 39.07 -7.31 -31.62
CA VAL G 373 39.59 -6.74 -30.38
C VAL G 373 39.15 -5.29 -30.16
N ASP G 374 38.91 -4.57 -31.26
CA ASP G 374 38.47 -3.19 -31.16
C ASP G 374 37.03 -3.14 -30.67
N ALA G 375 36.23 -4.12 -31.08
CA ALA G 375 34.84 -4.16 -30.69
C ALA G 375 34.64 -4.41 -29.20
N ARG G 376 35.56 -5.16 -28.60
CA ARG G 376 35.40 -5.51 -27.19
C ARG G 376 35.34 -4.38 -26.18
N VAL G 377 35.86 -3.21 -26.53
CA VAL G 377 35.83 -2.07 -25.61
C VAL G 377 34.47 -1.39 -25.49
N GLN G 378 33.67 -1.46 -26.54
CA GLN G 378 32.38 -0.76 -26.53
C GLN G 378 31.36 -1.11 -25.45
N PRO G 379 31.22 -2.39 -25.08
CA PRO G 379 30.24 -2.69 -24.03
C PRO G 379 30.75 -2.21 -22.66
N ILE G 380 32.00 -1.77 -22.60
CA ILE G 380 32.59 -1.31 -21.34
C ILE G 380 32.62 0.20 -21.14
N TYR G 381 33.11 0.95 -22.13
CA TYR G 381 33.17 2.38 -21.93
C TYR G 381 31.89 3.16 -22.22
N GLY G 382 31.89 4.43 -21.80
CA GLY G 382 30.74 5.30 -21.99
C GLY G 382 29.60 4.84 -21.11
N GLY G 383 29.92 4.08 -20.06
CA GLY G 383 28.90 3.55 -19.16
C GLY G 383 28.74 2.07 -19.51
N THR G 384 29.17 1.16 -18.64
CA THR G 384 29.06 -0.27 -18.95
C THR G 384 27.63 -0.66 -19.29
N ASN G 385 27.48 -1.72 -20.07
CA ASN G 385 26.14 -2.15 -20.45
C ASN G 385 25.32 -2.53 -19.22
N GLU G 386 26.01 -2.91 -18.14
CA GLU G 386 25.32 -3.26 -16.91
C GLU G 386 24.65 -2.00 -16.37
N ILE G 387 25.37 -0.88 -16.42
CA ILE G 387 24.81 0.38 -15.97
C ILE G 387 23.68 0.81 -16.91
N MET G 388 23.83 0.51 -18.20
CA MET G 388 22.80 0.86 -19.19
C MET G 388 21.48 0.18 -18.78
N LYS G 389 21.57 -1.10 -18.40
CA LYS G 389 20.37 -1.84 -17.99
C LYS G 389 19.80 -1.27 -16.70
N GLU G 390 20.67 -0.83 -15.80
CA GLU G 390 20.22 -0.24 -14.55
C GLU G 390 19.37 0.98 -14.91
N LEU G 391 19.92 1.83 -15.77
CA LEU G 391 19.23 3.04 -16.20
C LEU G 391 17.92 2.76 -16.93
N ILE G 392 17.90 1.73 -17.78
CA ILE G 392 16.70 1.39 -18.53
C ILE G 392 15.60 0.85 -17.62
N ALA G 393 15.98 0.07 -16.61
CA ALA G 393 15.03 -0.51 -15.66
C ALA G 393 14.32 0.50 -14.75
N ARG G 394 14.98 1.62 -14.47
CA ARG G 394 14.45 2.66 -13.61
C ARG G 394 12.98 3.02 -13.89
N GLU G 395 12.69 3.41 -15.13
CA GLU G 395 11.35 3.79 -15.52
C GLU G 395 10.40 2.60 -15.63
N ILE G 396 10.95 1.40 -15.73
CA ILE G 396 10.14 0.20 -15.81
C ILE G 396 9.55 -0.17 -14.45
N VAL G 397 10.39 -0.17 -13.43
CA VAL G 397 9.94 -0.55 -12.10
C VAL G 397 9.69 0.60 -11.13
N PHE G 398 10.35 1.74 -11.34
CA PHE G 398 10.20 2.90 -10.46
C PHE G 398 9.54 4.12 -11.09
N ASP G 399 8.62 3.92 -12.01
CA ASP G 399 7.93 5.04 -12.64
C ASP G 399 6.90 5.58 -11.65
N GLU H 4 35.90 -39.31 -0.22
CA GLU H 4 37.26 -39.43 -0.80
C GLU H 4 37.69 -38.13 -1.47
N ARG H 5 37.46 -38.02 -2.77
CA ARG H 5 37.82 -36.82 -3.53
C ARG H 5 36.58 -36.06 -3.98
N LEU H 6 36.62 -34.74 -3.88
CA LEU H 6 35.51 -33.90 -4.28
C LEU H 6 35.64 -33.60 -5.78
N GLU H 7 34.53 -33.26 -6.42
CA GLU H 7 34.57 -32.89 -7.83
C GLU H 7 34.60 -31.37 -7.79
N THR H 8 34.94 -30.73 -8.91
CA THR H 8 35.05 -29.28 -8.94
C THR H 8 33.92 -28.46 -8.31
N PRO H 9 32.66 -28.86 -8.49
CA PRO H 9 31.58 -28.07 -7.88
C PRO H 9 31.70 -27.87 -6.38
N SER H 10 32.12 -28.91 -5.67
CA SER H 10 32.24 -28.86 -4.21
C SER H 10 33.58 -28.38 -3.67
N ALA H 11 34.58 -28.24 -4.54
CA ALA H 11 35.91 -27.79 -4.10
C ALA H 11 35.95 -26.30 -3.77
N LYS H 12 36.97 -25.90 -3.00
CA LYS H 12 37.16 -24.51 -2.60
C LYS H 12 37.36 -23.63 -3.83
N LYS H 13 38.09 -24.16 -4.81
CA LYS H 13 38.36 -23.47 -6.06
C LYS H 13 38.39 -24.54 -7.13
N LEU H 14 37.97 -24.19 -8.35
CA LEU H 14 37.95 -25.16 -9.44
C LEU H 14 39.34 -25.71 -9.74
N THR H 15 40.36 -24.94 -9.36
CA THR H 15 41.75 -25.31 -9.62
C THR H 15 42.51 -25.96 -8.45
N ASP H 16 41.84 -26.29 -7.35
CA ASP H 16 42.52 -26.88 -6.21
C ASP H 16 43.15 -28.23 -6.53
N ILE H 17 44.21 -28.58 -5.79
CA ILE H 17 44.89 -29.86 -5.98
C ILE H 17 44.24 -30.87 -5.04
N GLY H 18 44.02 -32.08 -5.53
CA GLY H 18 43.41 -33.11 -4.72
C GLY H 18 41.94 -33.34 -5.01
N ILE H 19 41.47 -32.84 -6.17
CA ILE H 19 40.08 -33.02 -6.54
C ILE H 19 39.96 -33.80 -7.85
N ARG H 20 38.74 -34.26 -8.14
CA ARG H 20 38.44 -35.04 -9.35
C ARG H 20 38.83 -36.51 -9.17
N ARG H 21 37.84 -37.39 -9.28
CA ARG H 21 38.03 -38.81 -9.10
C ARG H 21 39.04 -39.51 -10.03
N ILE H 22 39.34 -38.94 -11.19
CA ILE H 22 40.28 -39.59 -12.10
C ILE H 22 41.76 -39.53 -11.69
N PHE H 23 42.10 -38.67 -10.74
CA PHE H 23 43.49 -38.55 -10.30
C PHE H 23 43.76 -39.25 -8.97
N SER H 24 45.00 -39.70 -8.79
CA SER H 24 45.39 -40.39 -7.56
C SER H 24 46.28 -39.47 -6.75
N PRO H 25 46.53 -39.82 -5.48
CA PRO H 25 47.39 -38.97 -4.65
C PRO H 25 48.80 -38.78 -5.25
N GLU H 26 49.23 -39.73 -6.08
CA GLU H 26 50.54 -39.62 -6.72
C GLU H 26 50.48 -38.52 -7.77
N HIS H 27 49.33 -38.44 -8.45
CA HIS H 27 49.14 -37.42 -9.47
C HIS H 27 49.21 -36.05 -8.80
N ASP H 28 48.57 -35.93 -7.64
CA ASP H 28 48.56 -34.67 -6.90
C ASP H 28 49.98 -34.18 -6.62
N ILE H 29 50.85 -35.10 -6.21
CA ILE H 29 52.23 -34.75 -5.93
C ILE H 29 52.86 -34.22 -7.20
N PHE H 30 52.57 -34.88 -8.31
CA PHE H 30 53.10 -34.45 -9.60
C PHE H 30 52.55 -33.08 -9.99
N ARG H 31 51.24 -32.89 -9.81
CA ARG H 31 50.61 -31.62 -10.16
C ARG H 31 51.26 -30.47 -9.42
N LYS H 32 51.47 -30.63 -8.11
CA LYS H 32 52.08 -29.57 -7.32
C LYS H 32 53.43 -29.20 -7.92
N SER H 33 54.18 -30.22 -8.32
CA SER H 33 55.49 -30.02 -8.92
C SER H 33 55.44 -29.24 -10.23
N VAL H 34 54.48 -29.59 -11.09
CA VAL H 34 54.33 -28.90 -12.38
C VAL H 34 53.83 -27.48 -12.17
N ARG H 35 52.98 -27.28 -11.16
CA ARG H 35 52.44 -25.97 -10.85
C ARG H 35 53.59 -25.04 -10.50
N LYS H 36 54.49 -25.54 -9.65
CA LYS H 36 55.65 -24.78 -9.22
C LYS H 36 56.50 -24.39 -10.42
N PHE H 37 56.66 -25.33 -11.36
CA PHE H 37 57.46 -25.07 -12.55
C PHE H 37 56.94 -23.87 -13.36
N PHE H 38 55.64 -23.80 -13.58
CA PHE H 38 55.09 -22.69 -14.34
C PHE H 38 55.17 -21.36 -13.60
N GLN H 39 54.93 -21.41 -12.29
CA GLN H 39 55.00 -20.20 -11.47
C GLN H 39 56.40 -19.61 -11.44
N GLU H 40 57.41 -20.49 -11.33
CA GLU H 40 58.80 -20.06 -11.25
C GLU H 40 59.59 -20.01 -12.56
N GLU H 41 59.33 -20.94 -13.46
CA GLU H 41 60.08 -20.97 -14.72
C GLU H 41 59.40 -20.40 -15.95
N VAL H 42 58.11 -20.11 -15.87
CA VAL H 42 57.38 -19.60 -17.03
C VAL H 42 56.76 -18.22 -16.83
N ILE H 43 55.86 -18.12 -15.86
CA ILE H 43 55.16 -16.87 -15.58
C ILE H 43 56.04 -15.62 -15.51
N PRO H 44 57.12 -15.65 -14.72
CA PRO H 44 58.01 -14.49 -14.60
C PRO H 44 58.66 -13.98 -15.88
N HIS H 45 58.84 -14.86 -16.87
CA HIS H 45 59.47 -14.48 -18.13
C HIS H 45 58.53 -14.34 -19.31
N HIS H 46 57.26 -14.67 -19.13
CA HIS H 46 56.31 -14.64 -20.23
C HIS H 46 56.12 -13.30 -20.94
N SER H 47 56.15 -12.20 -20.19
CA SER H 47 55.98 -10.88 -20.79
C SER H 47 57.09 -10.59 -21.77
N GLU H 48 58.31 -11.01 -21.44
CA GLU H 48 59.45 -10.79 -22.32
C GLU H 48 59.29 -11.62 -23.59
N TRP H 49 58.82 -12.85 -23.43
CA TRP H 49 58.63 -13.72 -24.56
C TRP H 49 57.51 -13.22 -25.49
N GLU H 50 56.54 -12.51 -24.93
CA GLU H 50 55.45 -11.98 -25.73
C GLU H 50 56.02 -10.92 -26.66
N LYS H 51 56.91 -10.08 -26.13
CA LYS H 51 57.52 -9.03 -26.92
C LYS H 51 58.41 -9.64 -28.01
N ALA H 52 59.12 -10.71 -27.66
CA ALA H 52 60.00 -11.37 -28.61
C ALA H 52 59.20 -12.20 -29.61
N GLY H 53 57.99 -12.59 -29.23
CA GLY H 53 57.16 -13.38 -30.11
C GLY H 53 57.47 -14.86 -30.11
N GLU H 54 58.27 -15.29 -29.14
CA GLU H 54 58.65 -16.69 -29.02
C GLU H 54 59.28 -16.88 -27.63
N VAL H 55 59.17 -18.08 -27.08
CA VAL H 55 59.77 -18.33 -25.78
C VAL H 55 61.24 -18.68 -26.01
N SER H 56 61.97 -18.89 -24.93
CA SER H 56 63.39 -19.20 -25.02
C SER H 56 63.65 -20.70 -25.13
N ARG H 57 64.76 -21.05 -25.78
CA ARG H 57 65.12 -22.45 -25.93
C ARG H 57 65.44 -22.95 -24.52
N GLU H 58 65.80 -22.01 -23.66
CA GLU H 58 66.16 -22.32 -22.28
C GLU H 58 65.01 -22.89 -21.45
N VAL H 59 63.80 -22.37 -21.64
CA VAL H 59 62.66 -22.87 -20.87
C VAL H 59 62.27 -24.26 -21.37
N TRP H 60 62.54 -24.54 -22.65
CA TRP H 60 62.23 -25.84 -23.20
C TRP H 60 63.16 -26.91 -22.61
N GLU H 61 64.42 -26.54 -22.40
CA GLU H 61 65.38 -27.48 -21.84
C GLU H 61 65.17 -27.67 -20.35
N LYS H 62 64.66 -26.66 -19.66
CA LYS H 62 64.38 -26.79 -18.23
C LYS H 62 63.19 -27.74 -18.08
N ALA H 63 62.19 -27.55 -18.94
CA ALA H 63 61.01 -28.39 -18.90
C ALA H 63 61.44 -29.81 -19.23
N GLY H 64 62.33 -29.94 -20.21
CA GLY H 64 62.81 -31.24 -20.62
C GLY H 64 63.58 -31.99 -19.54
N LYS H 65 64.41 -31.27 -18.80
CA LYS H 65 65.18 -31.90 -17.74
C LYS H 65 64.34 -32.03 -16.47
N GLN H 66 63.19 -31.35 -16.47
CA GLN H 66 62.29 -31.40 -15.33
C GLN H 66 61.33 -32.57 -15.49
N GLY H 67 61.37 -33.20 -16.66
CA GLY H 67 60.50 -34.34 -16.92
C GLY H 67 59.06 -33.93 -17.21
N LEU H 68 58.88 -32.86 -17.97
CA LEU H 68 57.55 -32.39 -18.34
C LEU H 68 57.25 -32.61 -19.81
N LEU H 69 58.26 -33.01 -20.57
CA LEU H 69 58.07 -33.26 -21.99
C LEU H 69 58.10 -34.77 -22.21
N GLY H 70 57.32 -35.24 -23.17
CA GLY H 70 57.28 -36.66 -23.46
C GLY H 70 56.54 -37.52 -22.45
N VAL H 71 55.73 -36.91 -21.60
CA VAL H 71 54.96 -37.69 -20.62
C VAL H 71 53.94 -38.51 -21.41
N ASN H 72 53.58 -39.67 -20.87
CA ASN H 72 52.63 -40.57 -21.55
C ASN H 72 53.26 -41.15 -22.81
N ILE H 73 54.58 -40.97 -22.96
CA ILE H 73 55.31 -41.54 -24.09
C ILE H 73 56.11 -42.66 -23.44
N ALA H 74 55.98 -43.87 -23.97
CA ALA H 74 56.67 -45.04 -23.44
C ALA H 74 58.12 -44.81 -23.01
N GLU H 75 58.42 -45.15 -21.77
CA GLU H 75 59.76 -44.97 -21.21
C GLU H 75 60.84 -45.70 -22.01
N HIS H 76 60.59 -46.97 -22.35
CA HIS H 76 61.56 -47.75 -23.10
C HIS H 76 61.80 -47.18 -24.50
N LEU H 77 60.95 -46.25 -24.92
CA LEU H 77 61.11 -45.64 -26.23
C LEU H 77 61.89 -44.34 -26.11
N GLY H 78 62.10 -43.89 -24.87
CA GLY H 78 62.84 -42.67 -24.64
C GLY H 78 62.03 -41.57 -23.96
N GLY H 79 60.81 -41.88 -23.56
CA GLY H 79 59.97 -40.89 -22.91
C GLY H 79 59.96 -41.01 -21.40
N ILE H 80 59.13 -40.19 -20.75
CA ILE H 80 59.03 -40.18 -19.29
C ILE H 80 58.12 -41.30 -18.78
N GLY H 81 57.25 -41.80 -19.65
CA GLY H 81 56.33 -42.84 -19.24
C GLY H 81 55.13 -42.15 -18.63
N GLY H 82 54.44 -42.83 -17.72
CA GLY H 82 53.27 -42.24 -17.10
C GLY H 82 52.03 -42.43 -17.95
N ASP H 83 50.86 -42.36 -17.32
CA ASP H 83 49.60 -42.53 -18.03
C ASP H 83 49.08 -41.22 -18.65
N LEU H 84 47.93 -41.30 -19.29
CA LEU H 84 47.32 -40.12 -19.93
C LEU H 84 47.07 -39.01 -18.91
N TYR H 85 46.61 -39.37 -17.72
CA TYR H 85 46.31 -38.37 -16.69
C TYR H 85 47.52 -37.49 -16.35
N SER H 86 48.71 -38.07 -16.36
CA SER H 86 49.93 -37.33 -16.05
C SER H 86 50.22 -36.34 -17.16
N ALA H 87 49.92 -36.73 -18.39
CA ALA H 87 50.14 -35.85 -19.52
C ALA H 87 49.15 -34.68 -19.46
N ALA H 88 47.92 -35.00 -19.06
CA ALA H 88 46.85 -34.00 -18.97
C ALA H 88 47.15 -32.95 -17.90
N ILE H 89 47.81 -33.37 -16.83
CA ILE H 89 48.18 -32.46 -15.76
C ILE H 89 49.10 -31.35 -16.25
N VAL H 90 49.96 -31.66 -17.22
CA VAL H 90 50.87 -30.66 -17.78
C VAL H 90 50.11 -29.68 -18.68
N TRP H 91 49.15 -30.18 -19.46
CA TRP H 91 48.36 -29.30 -20.33
C TRP H 91 47.55 -28.38 -19.43
N GLU H 92 46.92 -28.97 -18.43
CA GLU H 92 46.08 -28.24 -17.48
C GLU H 92 46.83 -27.17 -16.71
N GLU H 93 47.98 -27.54 -16.14
CA GLU H 93 48.76 -26.57 -15.39
C GLU H 93 49.24 -25.42 -16.27
N GLN H 94 49.52 -25.68 -17.54
CA GLN H 94 49.96 -24.60 -18.40
C GLN H 94 48.77 -23.65 -18.56
N ALA H 95 47.58 -24.22 -18.75
CA ALA H 95 46.37 -23.42 -18.90
C ALA H 95 46.09 -22.60 -17.63
N TYR H 96 46.26 -23.21 -16.46
CA TYR H 96 46.03 -22.50 -15.21
C TYR H 96 47.01 -21.35 -14.99
N SER H 97 48.17 -21.41 -15.64
CA SER H 97 49.17 -20.35 -15.51
C SER H 97 48.89 -19.19 -16.47
N ASN H 98 48.00 -19.43 -17.43
CA ASN H 98 47.62 -18.43 -18.43
C ASN H 98 48.78 -17.97 -19.31
N CYS H 99 49.70 -18.89 -19.60
CA CYS H 99 50.87 -18.63 -20.45
C CYS H 99 50.75 -19.55 -21.65
N SER H 100 50.30 -19.02 -22.77
CA SER H 100 50.13 -19.82 -23.97
C SER H 100 51.35 -19.83 -24.88
N GLY H 101 52.44 -19.22 -24.43
CA GLY H 101 53.63 -19.16 -25.25
C GLY H 101 54.28 -20.49 -25.54
N PRO H 102 54.61 -21.28 -24.50
CA PRO H 102 55.25 -22.60 -24.66
C PRO H 102 54.40 -23.61 -25.45
N GLY H 103 54.95 -24.13 -26.54
CA GLY H 103 54.24 -25.12 -27.33
C GLY H 103 54.53 -26.55 -26.89
N PHE H 104 54.60 -26.75 -25.57
CA PHE H 104 54.88 -28.06 -24.98
C PHE H 104 53.89 -29.16 -25.36
N SER H 105 52.61 -28.81 -25.45
CA SER H 105 51.57 -29.77 -25.77
C SER H 105 51.60 -30.32 -27.19
N ILE H 106 51.72 -29.44 -28.17
CA ILE H 106 51.78 -29.89 -29.56
C ILE H 106 53.00 -30.81 -29.72
N HIS H 107 54.05 -30.49 -28.98
CA HIS H 107 55.30 -31.25 -28.99
C HIS H 107 55.11 -32.65 -28.43
N SER H 108 54.80 -32.72 -27.14
CA SER H 108 54.60 -33.99 -26.43
C SER H 108 53.35 -34.77 -26.82
N GLY H 109 52.20 -34.08 -26.83
CA GLY H 109 50.95 -34.73 -27.13
C GLY H 109 50.63 -35.07 -28.57
N ILE H 110 51.32 -34.44 -29.52
CA ILE H 110 51.04 -34.74 -30.92
C ILE H 110 52.28 -35.22 -31.68
N VAL H 111 53.25 -34.34 -31.89
CA VAL H 111 54.45 -34.71 -32.63
C VAL H 111 55.13 -35.98 -32.11
N MET H 112 55.38 -36.04 -30.81
CA MET H 112 56.02 -37.20 -30.21
C MET H 112 55.16 -38.46 -30.28
N SER H 113 53.84 -38.26 -30.20
CA SER H 113 52.90 -39.37 -30.26
C SER H 113 52.95 -40.00 -31.64
N TYR H 114 53.00 -39.16 -32.67
CA TYR H 114 53.06 -39.65 -34.05
C TYR H 114 54.31 -40.48 -34.28
N ILE H 115 55.44 -39.99 -33.81
CA ILE H 115 56.71 -40.69 -33.99
C ILE H 115 56.78 -42.00 -33.23
N THR H 116 56.47 -41.98 -31.94
CA THR H 116 56.53 -43.21 -31.14
C THR H 116 55.48 -44.25 -31.52
N ASN H 117 54.34 -43.83 -32.05
CA ASN H 117 53.29 -44.77 -32.43
C ASN H 117 53.40 -45.34 -33.84
N HIS H 118 53.95 -44.58 -34.78
CA HIS H 118 54.04 -45.08 -36.15
C HIS H 118 55.45 -44.99 -36.74
N GLY H 119 56.42 -44.59 -35.92
CA GLY H 119 57.78 -44.45 -36.40
C GLY H 119 58.63 -45.70 -36.28
N SER H 120 59.72 -45.73 -37.04
CA SER H 120 60.65 -46.86 -37.05
C SER H 120 61.41 -46.89 -35.72
N GLU H 121 62.23 -47.92 -35.53
CA GLU H 121 63.02 -48.04 -34.31
C GLU H 121 64.13 -47.00 -34.42
N GLU H 122 64.53 -46.72 -35.64
CA GLU H 122 65.58 -45.75 -35.94
C GLU H 122 65.10 -44.34 -35.63
N GLN H 123 64.01 -43.94 -36.27
CA GLN H 123 63.44 -42.61 -36.05
C GLN H 123 63.21 -42.38 -34.57
N ILE H 124 62.65 -43.39 -33.89
CA ILE H 124 62.39 -43.28 -32.47
C ILE H 124 63.66 -42.99 -31.67
N LYS H 125 64.65 -43.86 -31.81
CA LYS H 125 65.92 -43.69 -31.10
C LYS H 125 66.57 -42.35 -31.40
N HIS H 126 66.47 -41.92 -32.65
CA HIS H 126 67.07 -40.67 -33.08
C HIS H 126 66.38 -39.40 -32.60
N PHE H 127 65.05 -39.35 -32.71
CA PHE H 127 64.29 -38.18 -32.32
C PHE H 127 63.80 -38.05 -30.87
N ILE H 128 63.18 -39.10 -30.36
CA ILE H 128 62.61 -39.10 -29.02
C ILE H 128 63.48 -38.63 -27.86
N PRO H 129 64.69 -39.21 -27.71
CA PRO H 129 65.52 -38.76 -26.59
C PRO H 129 65.76 -37.25 -26.50
N GLN H 130 66.06 -36.62 -27.62
CA GLN H 130 66.32 -35.19 -27.62
C GLN H 130 65.04 -34.34 -27.50
N MET H 131 63.90 -34.91 -27.83
CA MET H 131 62.65 -34.18 -27.72
C MET H 131 62.21 -34.21 -26.26
N THR H 132 62.48 -35.34 -25.60
CA THR H 132 62.14 -35.51 -24.20
C THR H 132 63.02 -34.57 -23.37
N ALA H 133 64.23 -34.32 -23.87
CA ALA H 133 65.18 -33.44 -23.21
C ALA H 133 64.89 -31.99 -23.53
N GLY H 134 64.13 -31.76 -24.60
CA GLY H 134 63.77 -30.42 -25.00
C GLY H 134 64.81 -29.79 -25.91
N LYS H 135 65.68 -30.63 -26.47
CA LYS H 135 66.72 -30.16 -27.36
C LYS H 135 66.22 -30.14 -28.80
N CYS H 136 65.21 -30.96 -29.07
CA CYS H 136 64.63 -31.04 -30.39
C CYS H 136 63.16 -30.65 -30.27
N ILE H 137 62.79 -29.48 -30.75
CA ILE H 137 61.41 -29.01 -30.69
C ILE H 137 60.63 -29.44 -31.93
N GLY H 138 59.50 -30.11 -31.72
CA GLY H 138 58.70 -30.57 -32.83
C GLY H 138 57.43 -29.78 -33.14
N ALA H 139 57.04 -29.80 -34.41
CA ALA H 139 55.84 -29.11 -34.87
C ALA H 139 55.13 -30.00 -35.88
N ILE H 140 53.89 -29.68 -36.22
CA ILE H 140 53.11 -30.46 -37.18
C ILE H 140 52.60 -29.52 -38.25
N ALA H 141 52.78 -29.89 -39.51
CA ALA H 141 52.35 -29.03 -40.61
C ALA H 141 51.39 -29.72 -41.58
N MET H 142 50.11 -29.34 -41.49
CA MET H 142 49.08 -29.86 -42.37
C MET H 142 48.45 -28.75 -43.20
N THR H 143 47.86 -27.78 -42.51
CA THR H 143 47.17 -26.65 -43.13
C THR H 143 47.87 -25.99 -44.33
N GLU H 144 47.10 -25.80 -45.40
CA GLU H 144 47.59 -25.18 -46.61
C GLU H 144 47.08 -23.75 -46.75
N PRO H 145 47.86 -22.88 -47.41
CA PRO H 145 47.48 -21.47 -47.61
C PRO H 145 46.09 -21.34 -48.23
N GLY H 146 45.80 -22.19 -49.20
CA GLY H 146 44.51 -22.14 -49.87
C GLY H 146 43.49 -23.16 -49.39
N ALA H 147 43.88 -24.02 -48.44
CA ALA H 147 43.00 -25.11 -47.96
C ALA H 147 43.28 -25.62 -46.55
N GLY H 148 42.36 -25.44 -45.61
CA GLY H 148 42.55 -25.89 -44.25
C GLY H 148 41.50 -26.64 -43.47
N SER H 149 40.29 -26.69 -44.02
CA SER H 149 39.23 -27.64 -43.66
C SER H 149 39.03 -28.64 -44.79
N ASP H 150 39.59 -28.31 -45.95
CA ASP H 150 39.48 -29.17 -47.12
C ASP H 150 40.75 -30.01 -46.95
N LEU H 151 40.57 -31.29 -46.63
CA LEU H 151 41.68 -32.22 -46.43
C LEU H 151 41.97 -32.85 -47.78
N GLN H 152 41.42 -32.26 -48.83
CA GLN H 152 41.61 -32.77 -50.18
C GLN H 152 42.32 -31.74 -51.04
N GLY H 153 42.32 -30.50 -50.59
CA GLY H 153 42.96 -29.43 -51.33
C GLY H 153 44.45 -29.29 -51.06
N ILE H 154 45.02 -30.27 -50.36
CA ILE H 154 46.44 -30.26 -50.05
C ILE H 154 47.25 -30.32 -51.34
N LYS H 155 48.19 -29.40 -51.50
CA LYS H 155 49.03 -29.36 -52.70
C LYS H 155 50.47 -29.81 -52.46
N THR H 156 50.93 -29.69 -51.22
CA THR H 156 52.28 -30.11 -50.88
C THR H 156 52.41 -31.57 -51.33
N ASN H 157 53.47 -31.90 -52.05
CA ASN H 157 53.67 -33.25 -52.56
C ASN H 157 55.11 -33.75 -52.44
N ALA H 158 55.27 -35.07 -52.55
CA ALA H 158 56.57 -35.70 -52.46
C ALA H 158 56.75 -36.71 -53.59
N LYS H 159 57.43 -36.30 -54.65
CA LYS H 159 57.69 -37.16 -55.81
C LYS H 159 58.86 -38.09 -55.52
N LYS H 160 58.64 -39.38 -55.70
CA LYS H 160 59.69 -40.36 -55.45
C LYS H 160 60.80 -40.20 -56.48
N ASP H 161 62.03 -40.11 -56.00
CA ASP H 161 63.20 -39.98 -56.88
C ASP H 161 64.21 -41.01 -56.41
N GLY H 162 64.12 -42.21 -57.01
CA GLY H 162 65.03 -43.26 -56.62
C GLY H 162 64.70 -43.70 -55.21
N SER H 163 65.67 -43.56 -54.30
CA SER H 163 65.48 -43.95 -52.92
C SER H 163 65.07 -42.74 -52.05
N ASP H 164 65.15 -41.55 -52.63
CA ASP H 164 64.79 -40.34 -51.89
C ASP H 164 63.48 -39.76 -52.38
N TRP H 165 62.95 -38.79 -51.63
CA TRP H 165 61.70 -38.12 -51.98
C TRP H 165 61.99 -36.64 -52.21
N ILE H 166 61.34 -36.06 -53.21
CA ILE H 166 61.52 -34.64 -53.51
C ILE H 166 60.29 -33.89 -53.02
N LEU H 167 60.42 -33.28 -51.85
CA LEU H 167 59.31 -32.54 -51.24
C LEU H 167 59.20 -31.11 -51.76
N ASN H 168 57.99 -30.71 -52.12
CA ASN H 168 57.73 -29.38 -52.62
C ASN H 168 56.38 -28.87 -52.11
N GLY H 169 56.35 -27.62 -51.62
CA GLY H 169 55.10 -27.07 -51.14
C GLY H 169 55.18 -25.95 -50.12
N SER H 170 54.05 -25.65 -49.49
CA SER H 170 53.96 -24.60 -48.49
C SER H 170 52.94 -24.96 -47.41
N LYS H 171 53.17 -24.45 -46.20
CA LYS H 171 52.29 -24.68 -45.07
C LYS H 171 52.12 -23.38 -44.29
N VAL H 172 50.93 -23.15 -43.76
CA VAL H 172 50.65 -21.93 -43.00
C VAL H 172 50.15 -22.21 -41.59
N PHE H 173 50.31 -21.22 -40.72
CA PHE H 173 49.87 -21.31 -39.33
C PHE H 173 50.56 -22.41 -38.53
N ILE H 174 51.84 -22.63 -38.78
CA ILE H 174 52.52 -23.68 -38.04
C ILE H 174 53.02 -23.25 -36.66
N SER H 175 52.43 -23.84 -35.61
CA SER H 175 52.80 -23.56 -34.24
C SER H 175 54.22 -24.09 -34.01
N ASN H 176 54.99 -23.41 -33.15
CA ASN H 176 56.38 -23.79 -32.89
C ASN H 176 57.15 -23.71 -34.21
N GLY H 177 56.59 -22.99 -35.18
CA GLY H 177 57.21 -22.86 -36.48
C GLY H 177 58.62 -22.28 -36.53
N SER H 178 58.97 -21.42 -35.57
CA SER H 178 60.28 -20.81 -35.55
C SER H 178 61.34 -21.65 -34.84
N LEU H 179 61.03 -22.11 -33.63
CA LEU H 179 61.98 -22.90 -32.88
C LEU H 179 61.98 -24.41 -33.15
N SER H 180 61.14 -24.87 -34.06
CA SER H 180 61.06 -26.30 -34.35
C SER H 180 62.31 -26.83 -35.06
N ASP H 181 62.77 -27.99 -34.60
CA ASP H 181 63.94 -28.63 -35.19
C ASP H 181 63.48 -29.74 -36.14
N VAL H 182 62.29 -30.28 -35.88
CA VAL H 182 61.71 -31.32 -36.71
C VAL H 182 60.21 -31.03 -36.89
N VAL H 183 59.74 -31.14 -38.12
CA VAL H 183 58.35 -30.88 -38.45
C VAL H 183 57.74 -32.03 -39.23
N ILE H 184 56.60 -32.54 -38.78
CA ILE H 184 55.92 -33.61 -39.48
C ILE H 184 55.13 -32.90 -40.57
N VAL H 185 55.46 -33.19 -41.82
CA VAL H 185 54.79 -32.58 -42.95
C VAL H 185 53.87 -33.56 -43.66
N VAL H 186 52.64 -33.12 -43.91
CA VAL H 186 51.65 -33.93 -44.62
C VAL H 186 51.75 -33.58 -46.10
N ALA H 187 52.02 -34.57 -46.94
CA ALA H 187 52.14 -34.32 -48.37
C ALA H 187 51.44 -35.39 -49.22
N VAL H 188 50.92 -34.97 -50.36
CA VAL H 188 50.25 -35.89 -51.27
C VAL H 188 51.31 -36.69 -52.01
N THR H 189 51.31 -38.00 -51.83
CA THR H 189 52.29 -38.85 -52.51
C THR H 189 51.67 -39.69 -53.62
N ASN H 190 50.38 -39.95 -53.53
CA ASN H 190 49.67 -40.73 -54.55
C ASN H 190 48.58 -39.87 -55.16
N HIS H 191 48.92 -39.19 -56.25
CA HIS H 191 47.99 -38.31 -56.94
C HIS H 191 46.87 -39.04 -57.69
N GLU H 192 47.02 -40.34 -57.87
CA GLU H 192 46.00 -41.12 -58.57
C GLU H 192 45.03 -41.77 -57.59
N ALA H 193 45.31 -41.62 -56.30
CA ALA H 193 44.46 -42.21 -55.26
C ALA H 193 42.98 -41.94 -55.55
N PRO H 194 42.12 -42.93 -55.31
CA PRO H 194 40.68 -42.76 -55.54
C PRO H 194 40.15 -41.63 -54.68
N SER H 195 40.75 -41.48 -53.50
CA SER H 195 40.38 -40.42 -52.57
C SER H 195 41.64 -39.97 -51.85
N PRO H 196 41.83 -38.65 -51.67
CA PRO H 196 43.01 -38.13 -50.99
C PRO H 196 43.24 -38.81 -49.64
N ALA H 197 42.22 -39.53 -49.17
CA ALA H 197 42.32 -40.24 -47.90
C ALA H 197 43.23 -41.45 -48.04
N HIS H 198 43.82 -41.63 -49.22
CA HIS H 198 44.72 -42.75 -49.49
C HIS H 198 45.89 -42.28 -50.36
N GLY H 199 46.08 -40.97 -50.44
CA GLY H 199 47.15 -40.44 -51.26
C GLY H 199 48.15 -39.52 -50.58
N ILE H 200 48.28 -39.63 -49.26
CA ILE H 200 49.22 -38.79 -48.53
C ILE H 200 50.11 -39.57 -47.57
N SER H 201 51.29 -39.02 -47.30
CA SER H 201 52.23 -39.64 -46.38
C SER H 201 52.72 -38.59 -45.40
N LEU H 202 53.39 -39.03 -44.35
CA LEU H 202 53.94 -38.12 -43.35
C LEU H 202 55.46 -38.13 -43.51
N PHE H 203 56.07 -36.95 -43.41
CA PHE H 203 57.52 -36.83 -43.57
C PHE H 203 58.15 -36.01 -42.46
N LEU H 204 59.26 -36.51 -41.94
CA LEU H 204 59.99 -35.82 -40.89
C LEU H 204 61.01 -34.88 -41.52
N VAL H 205 60.61 -33.61 -41.66
CA VAL H 205 61.49 -32.59 -42.23
C VAL H 205 62.28 -31.97 -41.09
N GLU H 206 63.59 -31.87 -41.26
CA GLU H 206 64.43 -31.31 -40.21
C GLU H 206 65.02 -29.94 -40.51
N ASN H 207 65.22 -29.15 -39.47
CA ASN H 207 65.77 -27.82 -39.62
C ASN H 207 67.21 -28.00 -40.05
N GLY H 208 67.56 -27.40 -41.19
CA GLY H 208 68.93 -27.54 -41.66
C GLY H 208 69.00 -28.23 -43.01
N MET H 209 67.95 -28.96 -43.36
CA MET H 209 67.91 -29.64 -44.65
C MET H 209 67.82 -28.57 -45.72
N LYS H 210 68.64 -28.72 -46.76
CA LYS H 210 68.65 -27.77 -47.86
C LYS H 210 67.24 -27.71 -48.46
N GLY H 211 66.73 -26.49 -48.64
CA GLY H 211 65.40 -26.33 -49.23
C GLY H 211 64.28 -26.06 -48.23
N PHE H 212 64.56 -26.25 -46.94
CA PHE H 212 63.57 -26.01 -45.90
C PHE H 212 63.65 -24.53 -45.49
N ILE H 213 62.61 -23.77 -45.86
CA ILE H 213 62.54 -22.35 -45.57
C ILE H 213 61.46 -21.97 -44.56
N LYS H 214 61.88 -21.39 -43.43
CA LYS H 214 60.94 -20.96 -42.40
C LYS H 214 60.61 -19.49 -42.59
N GLY H 215 59.32 -19.19 -42.74
CA GLY H 215 58.90 -17.81 -42.94
C GLY H 215 58.98 -17.00 -41.66
N ARG H 216 58.71 -15.70 -41.79
CA ARG H 216 58.74 -14.77 -40.66
C ARG H 216 57.58 -15.07 -39.70
N LYS H 217 57.76 -14.80 -38.41
CA LYS H 217 56.69 -15.06 -37.45
C LYS H 217 55.44 -14.23 -37.78
N LEU H 218 54.28 -14.86 -37.70
CA LEU H 218 53.01 -14.20 -38.03
C LEU H 218 52.45 -13.34 -36.90
N HIS H 219 51.91 -12.17 -37.26
CA HIS H 219 51.32 -11.25 -36.29
C HIS H 219 49.85 -11.66 -36.11
N LYS H 220 49.50 -12.05 -34.90
CA LYS H 220 48.16 -12.53 -34.57
C LYS H 220 47.45 -11.65 -33.53
N MET H 221 46.15 -11.86 -33.33
CA MET H 221 45.44 -11.07 -32.34
C MET H 221 45.77 -11.56 -30.92
N GLY H 222 46.29 -12.78 -30.83
CA GLY H 222 46.66 -13.35 -29.53
C GLY H 222 47.81 -14.34 -29.64
N LEU H 223 48.02 -15.15 -28.59
CA LEU H 223 49.11 -16.11 -28.58
C LEU H 223 50.41 -15.42 -28.94
N LYS H 224 50.61 -14.24 -28.36
CA LYS H 224 51.79 -13.42 -28.62
C LYS H 224 53.14 -14.12 -28.48
N ALA H 225 53.24 -15.04 -27.52
CA ALA H 225 54.48 -15.76 -27.29
C ALA H 225 54.60 -17.04 -28.10
N GLN H 226 53.52 -17.45 -28.77
CA GLN H 226 53.57 -18.67 -29.57
C GLN H 226 54.09 -18.32 -30.96
N ASP H 227 55.27 -18.81 -31.28
CA ASP H 227 55.87 -18.53 -32.57
C ASP H 227 55.15 -19.32 -33.65
N THR H 228 54.29 -18.65 -34.41
CA THR H 228 53.52 -19.29 -35.47
C THR H 228 54.15 -18.84 -36.78
N ALA H 229 54.41 -19.78 -37.69
CA ALA H 229 55.02 -19.40 -38.94
C ALA H 229 54.56 -20.14 -40.18
N GLU H 230 54.93 -19.56 -41.32
CA GLU H 230 54.63 -20.14 -42.61
C GLU H 230 55.89 -20.94 -42.95
N LEU H 231 55.74 -22.09 -43.59
CA LEU H 231 56.87 -22.93 -43.97
C LEU H 231 56.87 -23.22 -45.46
N PHE H 232 58.06 -23.28 -46.04
CA PHE H 232 58.18 -23.56 -47.47
C PHE H 232 59.13 -24.71 -47.74
N PHE H 233 58.82 -25.46 -48.79
CA PHE H 233 59.63 -26.61 -49.20
C PHE H 233 60.05 -26.41 -50.65
N GLU H 234 61.34 -26.18 -50.86
CA GLU H 234 61.89 -25.95 -52.20
C GLU H 234 62.72 -27.16 -52.65
N ASP H 235 62.07 -28.07 -53.38
CA ASP H 235 62.73 -29.27 -53.88
C ASP H 235 63.69 -29.87 -52.86
N ILE H 236 63.16 -30.25 -51.71
CA ILE H 236 63.98 -30.84 -50.65
C ILE H 236 64.22 -32.31 -50.93
N ARG H 237 65.48 -32.67 -51.17
CA ARG H 237 65.82 -34.07 -51.40
C ARG H 237 65.81 -34.75 -50.04
N LEU H 238 64.72 -35.45 -49.74
CA LEU H 238 64.58 -36.14 -48.47
C LEU H 238 65.11 -37.57 -48.51
N PRO H 239 65.98 -37.92 -47.55
CA PRO H 239 66.53 -39.27 -47.49
C PRO H 239 65.37 -40.24 -47.30
N ALA H 240 65.58 -41.51 -47.59
CA ALA H 240 64.53 -42.50 -47.44
C ALA H 240 63.94 -42.47 -46.03
N SER H 241 64.81 -42.29 -45.05
CA SER H 241 64.40 -42.26 -43.64
C SER H 241 63.49 -41.09 -43.26
N ALA H 242 63.21 -40.21 -44.21
CA ALA H 242 62.35 -39.06 -43.94
C ALA H 242 60.88 -39.48 -43.79
N LEU H 243 60.50 -40.56 -44.47
CA LEU H 243 59.14 -41.07 -44.44
C LEU H 243 58.77 -41.67 -43.09
N LEU H 244 57.65 -41.22 -42.53
CA LEU H 244 57.18 -41.72 -41.24
C LEU H 244 56.06 -42.70 -41.54
N GLY H 245 56.25 -43.95 -41.11
CA GLY H 245 55.23 -44.95 -41.35
C GLY H 245 55.31 -45.42 -42.79
N GLU H 246 54.22 -45.99 -43.28
CA GLU H 246 54.20 -46.50 -44.65
C GLU H 246 53.66 -45.51 -45.67
N GLU H 247 54.18 -45.61 -46.89
CA GLU H 247 53.78 -44.75 -47.99
C GLU H 247 52.26 -44.80 -48.15
N ASN H 248 51.68 -43.62 -48.40
CA ASN H 248 50.24 -43.47 -48.62
C ASN H 248 49.33 -43.84 -47.46
N LYS H 249 49.89 -44.07 -46.28
CA LYS H 249 49.06 -44.37 -45.12
C LYS H 249 48.97 -43.19 -44.15
N GLY H 250 49.35 -42.01 -44.63
CA GLY H 250 49.31 -40.82 -43.80
C GLY H 250 47.94 -40.51 -43.22
N PHE H 251 46.90 -40.62 -44.05
CA PHE H 251 45.54 -40.37 -43.61
C PHE H 251 45.17 -41.28 -42.45
N TYR H 252 45.60 -42.52 -42.53
CA TYR H 252 45.33 -43.50 -41.49
C TYR H 252 45.94 -43.07 -40.16
N TYR H 253 47.18 -42.59 -40.20
CA TYR H 253 47.85 -42.17 -38.98
C TYR H 253 47.20 -40.93 -38.37
N ILE H 254 46.83 -39.98 -39.22
CA ILE H 254 46.20 -38.76 -38.75
C ILE H 254 44.87 -39.07 -38.07
N MET H 255 44.13 -40.03 -38.61
CA MET H 255 42.84 -40.42 -38.06
C MET H 255 42.99 -41.09 -36.70
N LYS H 256 44.11 -41.77 -36.50
CA LYS H 256 44.36 -42.44 -35.23
C LYS H 256 44.70 -41.42 -34.14
N GLU H 257 45.46 -40.40 -34.53
CA GLU H 257 45.91 -39.36 -33.61
C GLU H 257 44.92 -38.24 -33.31
N LEU H 258 44.01 -37.95 -34.24
CA LEU H 258 43.05 -36.86 -34.05
C LEU H 258 42.33 -36.84 -32.70
N PRO H 259 41.69 -37.94 -32.31
CA PRO H 259 41.00 -37.92 -31.02
C PRO H 259 41.83 -37.37 -29.87
N GLN H 260 43.12 -37.70 -29.85
CA GLN H 260 43.98 -37.21 -28.78
C GLN H 260 44.14 -35.69 -28.90
N GLN H 261 44.27 -35.20 -30.13
CA GLN H 261 44.43 -33.77 -30.39
C GLN H 261 43.17 -33.01 -30.00
N ARG H 262 42.01 -33.58 -30.30
CA ARG H 262 40.75 -32.94 -29.96
C ARG H 262 40.59 -32.91 -28.44
N LEU H 263 40.92 -34.02 -27.77
CA LEU H 263 40.81 -34.07 -26.30
C LEU H 263 41.76 -33.07 -25.66
N LEU H 264 42.96 -32.95 -26.22
CA LEU H 264 43.95 -32.02 -25.69
C LEU H 264 43.36 -30.62 -25.73
N ILE H 265 42.89 -30.18 -26.91
CA ILE H 265 42.30 -28.86 -27.04
C ILE H 265 41.14 -28.68 -26.06
N ALA H 266 40.30 -29.70 -25.94
CA ALA H 266 39.15 -29.64 -25.03
C ALA H 266 39.57 -29.44 -23.57
N ASP H 267 40.59 -30.16 -23.11
CA ASP H 267 41.03 -30.01 -21.73
C ASP H 267 41.67 -28.65 -21.53
N VAL H 268 42.47 -28.20 -22.49
CA VAL H 268 43.08 -26.87 -22.36
C VAL H 268 41.97 -25.82 -22.26
N ALA H 269 40.95 -25.97 -23.08
CA ALA H 269 39.82 -25.02 -23.12
C ALA H 269 39.05 -24.95 -21.82
N ILE H 270 38.68 -26.10 -21.27
CA ILE H 270 37.94 -26.10 -20.03
C ILE H 270 38.82 -25.62 -18.88
N SER H 271 40.10 -26.00 -18.92
CA SER H 271 41.04 -25.60 -17.87
C SER H 271 41.23 -24.08 -17.86
N ALA H 272 41.35 -23.48 -19.05
CA ALA H 272 41.50 -22.04 -19.16
C ALA H 272 40.24 -21.39 -18.59
N SER H 273 39.09 -22.04 -18.77
CA SER H 273 37.83 -21.52 -18.26
C SER H 273 37.83 -21.52 -16.74
N GLU H 274 38.38 -22.57 -16.15
CA GLU H 274 38.43 -22.69 -14.70
C GLU H 274 39.35 -21.60 -14.15
N PHE H 275 40.45 -21.35 -14.84
CA PHE H 275 41.37 -20.31 -14.44
C PHE H 275 40.66 -18.96 -14.50
N MET H 276 40.05 -18.67 -15.65
CA MET H 276 39.35 -17.41 -15.83
C MET H 276 38.28 -17.22 -14.78
N PHE H 277 37.54 -18.27 -14.48
CA PHE H 277 36.50 -18.17 -13.48
C PHE H 277 37.06 -17.79 -12.09
N GLU H 278 38.11 -18.46 -11.66
CA GLU H 278 38.68 -18.15 -10.34
C GLU H 278 39.33 -16.76 -10.33
N GLU H 279 39.94 -16.37 -11.44
CA GLU H 279 40.58 -15.07 -11.55
C GLU H 279 39.51 -13.99 -11.37
N THR H 280 38.39 -14.15 -12.08
CA THR H 280 37.31 -13.19 -12.04
C THR H 280 36.55 -13.21 -10.71
N ARG H 281 36.37 -14.40 -10.15
CA ARG H 281 35.67 -14.53 -8.87
C ARG H 281 36.42 -13.70 -7.82
N ASN H 282 37.74 -13.85 -7.82
CA ASN H 282 38.60 -13.13 -6.89
C ASN H 282 38.52 -11.63 -7.14
N TYR H 283 38.50 -11.23 -8.40
CA TYR H 283 38.44 -9.81 -8.73
C TYR H 283 37.20 -9.10 -8.20
N VAL H 284 36.02 -9.67 -8.39
CA VAL H 284 34.81 -8.99 -7.94
C VAL H 284 34.63 -9.00 -6.41
N LYS H 285 35.23 -9.97 -5.75
CA LYS H 285 35.12 -10.05 -4.29
C LYS H 285 36.00 -8.98 -3.62
N GLN H 286 36.97 -8.45 -4.36
CA GLN H 286 37.85 -7.42 -3.82
C GLN H 286 37.58 -6.04 -4.44
N ARG H 287 36.85 -6.01 -5.55
CA ARG H 287 36.52 -4.75 -6.22
C ARG H 287 35.31 -4.09 -5.56
N LYS H 288 35.52 -2.92 -4.97
CA LYS H 288 34.44 -2.24 -4.30
C LYS H 288 33.78 -1.18 -5.19
N ALA H 289 32.49 -0.96 -4.95
CA ALA H 289 31.71 0.02 -5.70
C ALA H 289 30.39 0.28 -4.97
N PHE H 290 30.00 1.55 -4.93
CA PHE H 290 28.74 1.97 -4.25
C PHE H 290 28.78 1.56 -2.77
N GLY H 291 29.98 1.23 -2.27
CA GLY H 291 30.16 0.82 -0.87
C GLY H 291 30.26 -0.62 -0.40
N LYS H 292 29.55 -1.53 -1.07
CA LYS H 292 29.77 -3.00 -1.01
C LYS H 292 30.52 -3.46 -2.27
N THR H 293 31.10 -4.66 -2.23
CA THR H 293 31.84 -5.19 -3.37
C THR H 293 30.95 -5.63 -4.53
N VAL H 294 31.53 -5.61 -5.73
CA VAL H 294 30.81 -6.00 -6.94
C VAL H 294 30.16 -7.37 -6.73
N ALA H 295 30.86 -8.26 -6.03
CA ALA H 295 30.36 -9.61 -5.76
C ALA H 295 29.05 -9.65 -4.99
N HIS H 296 28.71 -8.56 -4.32
CA HIS H 296 27.47 -8.50 -3.54
C HIS H 296 26.26 -8.23 -4.43
N LEU H 297 26.50 -7.80 -5.67
CA LEU H 297 25.40 -7.51 -6.58
C LEU H 297 24.72 -8.81 -7.00
N GLN H 298 23.40 -8.84 -6.91
CA GLN H 298 22.68 -10.05 -7.27
C GLN H 298 22.94 -10.49 -8.71
N THR H 299 22.99 -9.54 -9.64
CA THR H 299 23.25 -9.88 -11.04
C THR H 299 24.62 -10.54 -11.19
N VAL H 300 25.60 -10.04 -10.45
CA VAL H 300 26.94 -10.63 -10.52
C VAL H 300 26.88 -12.03 -9.92
N GLN H 301 26.18 -12.18 -8.81
CA GLN H 301 26.05 -13.49 -8.19
C GLN H 301 25.45 -14.52 -9.14
N HIS H 302 24.38 -14.15 -9.84
CA HIS H 302 23.73 -15.08 -10.76
C HIS H 302 24.59 -15.35 -12.00
N LYS H 303 25.33 -14.35 -12.42
CA LYS H 303 26.22 -14.49 -13.58
C LYS H 303 27.30 -15.52 -13.22
N LEU H 304 27.88 -15.40 -12.02
CA LEU H 304 28.90 -16.34 -11.59
C LEU H 304 28.37 -17.76 -11.46
N ALA H 305 27.12 -17.88 -10.99
CA ALA H 305 26.51 -19.20 -10.84
C ALA H 305 26.34 -19.82 -12.21
N GLU H 306 25.93 -19.01 -13.18
CA GLU H 306 25.74 -19.50 -14.55
C GLU H 306 27.08 -20.01 -15.11
N LEU H 307 28.13 -19.22 -14.93
CA LEU H 307 29.47 -19.59 -15.41
C LEU H 307 30.00 -20.84 -14.74
N LYS H 308 29.94 -20.88 -13.42
CA LYS H 308 30.42 -22.02 -12.67
C LYS H 308 29.66 -23.29 -13.06
N THR H 309 28.34 -23.17 -13.20
CA THR H 309 27.52 -24.31 -13.55
C THR H 309 27.94 -24.88 -14.90
N HIS H 310 27.98 -24.03 -15.91
CA HIS H 310 28.35 -24.50 -17.24
C HIS H 310 29.77 -25.03 -17.24
N ILE H 311 30.66 -24.39 -16.49
CA ILE H 311 32.04 -24.85 -16.43
C ILE H 311 32.17 -26.22 -15.76
N CYS H 312 31.47 -26.45 -14.66
CA CYS H 312 31.55 -27.75 -13.99
C CYS H 312 30.88 -28.86 -14.81
N VAL H 313 29.81 -28.51 -15.51
CA VAL H 313 29.09 -29.49 -16.33
C VAL H 313 30.05 -29.96 -17.43
N THR H 314 30.73 -29.03 -18.08
CA THR H 314 31.65 -29.38 -19.15
C THR H 314 32.90 -30.13 -18.64
N ARG H 315 33.35 -29.80 -17.44
CA ARG H 315 34.51 -30.47 -16.84
C ARG H 315 34.16 -31.95 -16.64
N ALA H 316 32.94 -32.22 -16.19
CA ALA H 316 32.51 -33.61 -15.98
C ALA H 316 32.60 -34.39 -17.28
N PHE H 317 32.14 -33.78 -18.37
CA PHE H 317 32.19 -34.45 -19.65
C PHE H 317 33.63 -34.67 -20.11
N VAL H 318 34.48 -33.65 -19.93
CA VAL H 318 35.87 -33.77 -20.35
C VAL H 318 36.62 -34.83 -19.56
N ASP H 319 36.33 -34.93 -18.25
CA ASP H 319 36.98 -35.92 -17.41
C ASP H 319 36.56 -37.33 -17.80
N ASN H 320 35.34 -37.44 -18.31
CA ASN H 320 34.79 -38.70 -18.77
C ASN H 320 35.56 -39.08 -20.04
N CYS H 321 35.89 -38.07 -20.85
CA CYS H 321 36.65 -38.31 -22.07
C CYS H 321 38.09 -38.71 -21.78
N LEU H 322 38.69 -38.11 -20.74
CA LEU H 322 40.06 -38.44 -20.37
C LEU H 322 40.14 -39.91 -19.95
N GLN H 323 39.13 -40.35 -19.19
CA GLN H 323 39.07 -41.72 -18.72
C GLN H 323 38.91 -42.69 -19.90
N LEU H 324 37.98 -42.39 -20.80
CA LEU H 324 37.77 -43.22 -21.97
C LEU H 324 39.05 -43.30 -22.79
N HIS H 325 39.76 -42.18 -22.91
CA HIS H 325 40.99 -42.17 -23.70
C HIS H 325 42.10 -42.94 -22.99
N GLU H 326 42.06 -42.95 -21.66
CA GLU H 326 43.04 -43.69 -20.88
C GLU H 326 42.93 -45.16 -21.27
N ALA H 327 41.70 -45.64 -21.39
CA ALA H 327 41.44 -47.03 -21.77
C ALA H 327 41.41 -47.24 -23.28
N LYS H 328 41.85 -46.23 -24.03
CA LYS H 328 41.87 -46.33 -25.49
C LYS H 328 40.46 -46.51 -26.08
N ARG H 329 39.47 -45.97 -25.38
CA ARG H 329 38.09 -46.07 -25.83
C ARG H 329 37.46 -44.72 -26.19
N LEU H 330 38.29 -43.69 -26.37
CA LEU H 330 37.76 -42.39 -26.74
C LEU H 330 37.42 -42.41 -28.21
N ASP H 331 36.14 -42.28 -28.49
CA ASP H 331 35.62 -42.28 -29.85
C ASP H 331 35.97 -40.94 -30.55
N SER H 332 36.01 -40.97 -31.88
CA SER H 332 36.33 -39.78 -32.66
C SER H 332 35.24 -38.72 -32.52
N ALA H 333 33.99 -39.15 -32.61
CA ALA H 333 32.85 -38.26 -32.50
C ALA H 333 32.79 -37.68 -31.09
N THR H 334 33.10 -38.50 -30.08
CA THR H 334 33.07 -38.05 -28.71
C THR H 334 34.16 -37.01 -28.49
N ALA H 335 35.32 -37.21 -29.09
CA ALA H 335 36.42 -36.26 -28.96
C ALA H 335 36.03 -34.94 -29.59
N CYS H 336 35.35 -34.99 -30.73
CA CYS H 336 34.90 -33.78 -31.41
C CYS H 336 33.93 -33.01 -30.51
N MET H 337 33.05 -33.75 -29.83
CA MET H 337 32.08 -33.11 -28.94
C MET H 337 32.81 -32.27 -27.89
N ALA H 338 33.84 -32.85 -27.28
CA ALA H 338 34.61 -32.16 -26.26
C ALA H 338 35.32 -30.91 -26.78
N LYS H 339 36.02 -31.06 -27.89
CA LYS H 339 36.77 -29.94 -28.46
C LYS H 339 35.83 -28.78 -28.82
N TYR H 340 34.72 -29.09 -29.48
CA TYR H 340 33.74 -28.07 -29.86
C TYR H 340 33.07 -27.40 -28.67
N TRP H 341 32.45 -28.19 -27.79
CA TRP H 341 31.75 -27.61 -26.67
C TRP H 341 32.63 -26.80 -25.72
N ALA H 342 33.80 -27.33 -25.39
CA ALA H 342 34.71 -26.65 -24.48
C ALA H 342 35.36 -25.42 -25.08
N SER H 343 35.69 -25.45 -26.37
CA SER H 343 36.31 -24.28 -26.99
C SER H 343 35.31 -23.14 -27.09
N GLU H 344 34.05 -23.49 -27.30
CA GLU H 344 32.99 -22.50 -27.41
C GLU H 344 32.78 -21.88 -26.04
N LEU H 345 32.66 -22.72 -25.02
CA LEU H 345 32.47 -22.25 -23.64
C LEU H 345 33.60 -21.34 -23.20
N GLN H 346 34.83 -21.68 -23.57
CA GLN H 346 35.99 -20.89 -23.19
C GLN H 346 35.83 -19.44 -23.66
N ASN H 347 35.30 -19.27 -24.86
CA ASN H 347 35.10 -17.93 -25.39
C ASN H 347 33.93 -17.20 -24.74
N SER H 348 32.87 -17.94 -24.42
CA SER H 348 31.71 -17.37 -23.76
C SER H 348 32.14 -16.89 -22.35
N VAL H 349 32.93 -17.72 -21.68
CA VAL H 349 33.43 -17.40 -20.34
C VAL H 349 34.36 -16.19 -20.40
N ALA H 350 35.24 -16.18 -21.39
CA ALA H 350 36.18 -15.09 -21.52
C ALA H 350 35.45 -13.78 -21.71
N TYR H 351 34.39 -13.80 -22.51
CA TYR H 351 33.65 -12.58 -22.77
C TYR H 351 33.00 -12.06 -21.48
N ASP H 352 32.34 -12.93 -20.75
CA ASP H 352 31.68 -12.53 -19.51
C ASP H 352 32.68 -12.10 -18.42
N CYS H 353 33.85 -12.72 -18.40
CA CYS H 353 34.86 -12.36 -17.41
C CYS H 353 35.49 -11.01 -17.74
N VAL H 354 35.69 -10.73 -19.02
CA VAL H 354 36.26 -9.44 -19.39
C VAL H 354 35.28 -8.36 -18.89
N GLN H 355 34.00 -8.59 -19.15
CA GLN H 355 32.96 -7.66 -18.74
C GLN H 355 32.98 -7.41 -17.23
N LEU H 356 33.18 -8.47 -16.46
CA LEU H 356 33.22 -8.32 -15.01
C LEU H 356 34.39 -7.49 -14.49
N HIS H 357 35.45 -7.36 -15.28
CA HIS H 357 36.61 -6.56 -14.88
C HIS H 357 36.44 -5.08 -15.27
N GLY H 358 35.38 -4.77 -16.00
CA GLY H 358 35.19 -3.40 -16.44
C GLY H 358 36.30 -3.01 -17.40
N GLY H 359 36.72 -1.75 -17.37
CA GLY H 359 37.79 -1.29 -18.24
C GLY H 359 39.11 -2.00 -18.04
N TRP H 360 39.36 -2.46 -16.82
CA TRP H 360 40.60 -3.16 -16.54
C TRP H 360 40.68 -4.47 -17.33
N GLY H 361 39.52 -5.00 -17.71
CA GLY H 361 39.49 -6.23 -18.48
C GLY H 361 40.04 -6.05 -19.88
N TYR H 362 40.21 -4.80 -20.29
CA TYR H 362 40.73 -4.49 -21.62
C TYR H 362 42.22 -4.15 -21.55
N MET H 363 42.79 -4.15 -20.35
CA MET H 363 44.21 -3.82 -20.18
C MET H 363 45.11 -5.06 -20.19
N TRP H 364 46.13 -5.05 -21.05
CA TRP H 364 47.04 -6.20 -21.15
C TRP H 364 47.64 -6.56 -19.80
N GLU H 365 47.69 -5.58 -18.90
CA GLU H 365 48.21 -5.74 -17.54
C GLU H 365 47.45 -6.83 -16.79
N TYR H 366 46.16 -6.93 -17.06
CA TYR H 366 45.34 -7.95 -16.39
C TYR H 366 45.32 -9.27 -17.17
N PRO H 367 45.47 -10.39 -16.46
CA PRO H 367 45.46 -11.73 -17.06
C PRO H 367 44.29 -11.99 -18.01
N ILE H 368 43.12 -11.53 -17.61
CA ILE H 368 41.91 -11.75 -18.41
C ILE H 368 41.97 -11.21 -19.84
N ALA H 369 42.71 -10.13 -20.06
CA ALA H 369 42.80 -9.55 -21.40
C ALA H 369 43.49 -10.50 -22.38
N LYS H 370 44.61 -11.08 -21.98
CA LYS H 370 45.31 -12.01 -22.87
C LYS H 370 44.53 -13.31 -22.96
N ALA H 371 43.85 -13.68 -21.88
CA ALA H 371 43.07 -14.92 -21.88
C ALA H 371 41.94 -14.79 -22.89
N TYR H 372 41.44 -13.57 -23.07
CA TYR H 372 40.36 -13.32 -24.03
C TYR H 372 40.82 -13.58 -25.46
N VAL H 373 41.90 -12.92 -25.88
CA VAL H 373 42.39 -13.09 -27.25
C VAL H 373 43.02 -14.47 -27.50
N ASP H 374 43.56 -15.07 -26.45
CA ASP H 374 44.16 -16.39 -26.57
C ASP H 374 43.06 -17.43 -26.78
N ALA H 375 41.91 -17.20 -26.15
CA ALA H 375 40.78 -18.11 -26.24
C ALA H 375 40.20 -18.19 -27.64
N ARG H 376 40.21 -17.07 -28.35
CA ARG H 376 39.62 -17.05 -29.69
C ARG H 376 40.21 -18.02 -30.70
N VAL H 377 41.43 -18.48 -30.48
CA VAL H 377 42.04 -19.40 -31.45
C VAL H 377 41.48 -20.82 -31.39
N GLN H 378 41.09 -21.26 -30.20
CA GLN H 378 40.61 -22.63 -30.02
C GLN H 378 39.44 -23.14 -30.87
N PRO H 379 38.41 -22.30 -31.10
CA PRO H 379 37.32 -22.82 -31.93
C PRO H 379 37.72 -22.94 -33.40
N ILE H 380 38.91 -22.43 -33.72
CA ILE H 380 39.42 -22.44 -35.09
C ILE H 380 40.39 -23.56 -35.42
N TYR H 381 41.43 -23.76 -34.61
CA TYR H 381 42.38 -24.82 -34.95
C TYR H 381 42.02 -26.20 -34.43
N GLY H 382 42.79 -27.19 -34.86
CA GLY H 382 42.56 -28.56 -34.46
C GLY H 382 41.24 -29.01 -35.07
N GLY H 383 40.86 -28.38 -36.17
CA GLY H 383 39.59 -28.67 -36.82
C GLY H 383 38.58 -27.66 -36.33
N THR H 384 38.12 -26.76 -37.20
CA THR H 384 37.15 -25.74 -36.80
C THR H 384 35.92 -26.39 -36.18
N ASN H 385 35.23 -25.66 -35.31
CA ASN H 385 34.04 -26.22 -34.69
C ASN H 385 32.96 -26.57 -35.70
N GLU H 386 32.99 -25.91 -36.86
CA GLU H 386 32.01 -26.22 -37.91
C GLU H 386 32.31 -27.63 -38.41
N ILE H 387 33.60 -27.96 -38.49
CA ILE H 387 34.04 -29.29 -38.92
C ILE H 387 33.69 -30.32 -37.84
N MET H 388 33.81 -29.91 -36.57
CA MET H 388 33.48 -30.81 -35.47
C MET H 388 32.01 -31.25 -35.58
N LYS H 389 31.12 -30.29 -35.86
CA LYS H 389 29.70 -30.60 -35.99
C LYS H 389 29.46 -31.53 -37.16
N GLU H 390 30.17 -31.30 -38.26
CA GLU H 390 30.01 -32.12 -39.45
C GLU H 390 30.32 -33.57 -39.07
N LEU H 391 31.46 -33.77 -38.42
CA LEU H 391 31.87 -35.10 -38.00
C LEU H 391 30.90 -35.72 -37.00
N ILE H 392 30.37 -34.92 -36.09
CA ILE H 392 29.42 -35.42 -35.10
C ILE H 392 28.11 -35.81 -35.76
N ALA H 393 27.72 -35.05 -36.77
CA ALA H 393 26.46 -35.29 -37.48
C ALA H 393 26.46 -36.57 -38.31
N ARG H 394 27.64 -37.00 -38.72
CA ARG H 394 27.79 -38.20 -39.54
C ARG H 394 27.05 -39.43 -39.00
N GLU H 395 27.31 -39.80 -37.75
CA GLU H 395 26.64 -40.95 -37.16
C GLU H 395 25.20 -40.69 -36.75
N ILE H 396 24.77 -39.43 -36.79
CA ILE H 396 23.39 -39.10 -36.43
C ILE H 396 22.46 -39.38 -37.60
N VAL H 397 22.84 -38.91 -38.78
CA VAL H 397 22.02 -39.03 -39.97
C VAL H 397 22.47 -40.09 -40.97
N PHE H 398 23.76 -40.39 -41.00
CA PHE H 398 24.31 -41.37 -41.92
C PHE H 398 24.78 -42.66 -41.26
PA FAD I . -7.92 31.82 12.61
O1A FAD I . -7.83 33.25 12.99
O2A FAD I . -7.98 31.37 11.20
O5B FAD I . -9.31 31.31 13.27
C5B FAD I . -9.76 31.89 14.50
C4B FAD I . -11.11 31.31 14.91
O4B FAD I . -12.06 31.52 13.85
C3B FAD I . -11.02 29.80 15.10
O3B FAD I . -12.04 29.37 15.99
C2B FAD I . -11.33 29.33 13.69
O2B FAD I . -11.74 27.96 13.74
C1B FAD I . -12.53 30.22 13.45
N9A FAD I . -12.97 30.20 12.03
C8A FAD I . -12.20 30.47 10.98
N7A FAD I . -12.90 30.19 9.88
C5A FAD I . -14.10 29.77 10.25
C6A FAD I . -15.16 29.41 9.54
N6A FAD I . -15.08 29.61 8.22
N1A FAD I . -16.31 29.03 10.11
C2A FAD I . -16.39 29.01 11.51
N3A FAD I . -15.26 29.40 12.24
C4A FAD I . -14.14 29.76 11.58
N1 FAD I . 1.00 26.39 10.67
C2 FAD I . 1.97 26.23 9.70
O2 FAD I . 1.82 26.72 8.57
N3 FAD I . 3.11 25.45 9.97
C4 FAD I . 3.22 24.80 11.20
O4 FAD I . 4.21 24.09 11.41
C4X FAD I . 2.24 24.96 12.16
N5 FAD I . 2.46 24.47 13.45
C5X FAD I . 1.60 24.86 14.48
C6 FAD I . 1.98 24.65 15.81
C7 FAD I . 1.30 25.29 16.84
C7M FAD I . 1.76 25.17 18.14
C8 FAD I . 0.21 26.11 16.55
C8M FAD I . -0.49 26.74 17.57
C9 FAD I . -0.18 26.30 15.23
C9A FAD I . 0.52 25.69 14.18
N10 FAD I . 0.29 26.09 12.92
C10 FAD I . 1.13 25.76 11.92
C1' FAD I . -0.74 27.11 12.68
C2' FAD I . -2.16 26.52 12.68
O2' FAD I . -2.36 25.70 11.52
C3' FAD I . -3.19 27.64 12.71
O3' FAD I . -3.14 28.31 13.97
C4' FAD I . -4.60 27.07 12.51
O4' FAD I . -4.79 26.73 11.14
C5' FAD I . -5.65 28.11 12.92
O5' FAD I . -5.48 29.34 12.20
P FAD I . -5.38 30.72 13.01
O1P FAD I . -4.53 30.48 14.21
O2P FAD I . -4.98 31.79 12.08
O3P FAD I . -6.89 30.96 13.50
O1 DAO J . 0.62 22.88 8.84
O2 DAO J . -0.58 23.08 10.71
C1 DAO J . 0.22 22.49 9.97
C2 DAO J . 0.78 21.15 10.46
C3 DAO J . 1.13 21.26 11.95
C4 DAO J . 1.72 19.94 12.43
C5 DAO J . 0.67 18.83 12.36
C6 DAO J . 1.31 17.49 12.72
C7 DAO J . 1.91 17.53 14.11
C8 DAO J . 2.60 16.20 14.41
C9 DAO J . 3.27 16.24 15.79
C10 DAO J . 2.23 16.40 16.88
C11 DAO J . 2.93 16.40 18.26
C12 DAO J . 1.89 16.59 19.37
PA FAD K . -7.47 12.81 46.05
O1A FAD K . -6.47 11.72 45.95
O2A FAD K . -8.28 13.03 47.27
O5B FAD K . -8.54 12.49 44.89
C5B FAD K . -8.12 11.94 43.65
C4B FAD K . -9.31 11.65 42.73
O4B FAD K . -10.22 10.78 43.41
C3B FAD K . -10.08 12.92 42.45
O3B FAD K . -10.80 12.79 41.22
C2B FAD K . -11.06 12.93 43.62
O2B FAD K . -12.17 13.78 43.30
C1B FAD K . -11.48 11.47 43.52
N9A FAD K . -12.25 11.02 44.69
C8A FAD K . -11.81 11.07 45.95
N7A FAD K . -12.82 10.74 46.75
C5A FAD K . -13.88 10.49 45.99
C6A FAD K . -15.11 10.09 46.32
N6A FAD K . -15.40 10.03 47.61
N1A FAD K . -16.04 9.83 45.38
C2A FAD K . -15.70 9.99 44.03
N3A FAD K . -14.41 10.43 43.73
C4A FAD K . -13.54 10.67 44.72
N1 FAD K . -4.72 22.28 49.99
C2 FAD K . -4.41 22.89 51.21
O2 FAD K . -4.43 22.24 52.25
N3 FAD K . -3.99 24.23 51.23
C4 FAD K . -3.91 24.94 50.02
O4 FAD K . -3.49 26.10 50.04
C4X FAD K . -4.22 24.33 48.82
N5 FAD K . -3.89 24.97 47.62
C5X FAD K . -3.91 24.23 46.44
C6 FAD K . -3.33 24.77 45.29
C7 FAD K . -3.15 23.98 44.16
C7M FAD K . -2.46 24.49 43.07
C8 FAD K . -3.59 22.66 44.17
C8M FAD K . -3.47 21.87 43.03
C9 FAD K . -4.16 22.13 45.32
C9A FAD K . -4.32 22.91 46.46
N10 FAD K . -4.67 22.33 47.63
C10 FAD K . -4.62 23.00 48.79
C1' FAD K . -4.89 20.87 47.65
C2' FAD K . -6.30 20.48 47.17
O2' FAD K . -7.27 20.84 48.16
C3' FAD K . -6.34 18.97 46.92
O3' FAD K . -5.49 18.65 45.82
C4' FAD K . -7.76 18.52 46.57
O4' FAD K . -8.59 18.56 47.74
C5' FAD K . -7.73 17.10 46.01
O5' FAD K . -7.08 16.20 46.90
P FAD K . -5.98 15.17 46.33
O1P FAD K . -5.07 15.93 45.44
O2P FAD K . -5.39 14.43 47.47
O3P FAD K . -6.84 14.17 45.44
O1 DAO L . -7.57 24.06 49.25
O2 DAO L . -7.89 24.69 51.35
C1 DAO L . -7.88 24.89 50.13
C2 DAO L . -8.24 26.30 49.65
C3 DAO L . -7.31 26.73 48.52
C4 DAO L . -7.63 28.16 48.10
C5 DAO L . -9.05 28.23 47.53
C6 DAO L . -9.40 29.68 47.18
C7 DAO L . -8.42 30.22 46.13
C8 DAO L . -8.73 31.70 45.87
C9 DAO L . -7.75 32.29 44.85
C10 DAO L . -7.94 31.61 43.48
C11 DAO L . -6.99 32.26 42.47
C12 DAO L . -7.18 31.61 41.10
PA FAD M . -33.95 -1.68 37.16
O1A FAD M . -34.85 -1.43 38.32
O2A FAD M . -33.05 -2.84 37.09
O5B FAD M . -32.99 -0.39 37.11
C5B FAD M . -33.53 0.90 37.35
C4B FAD M . -32.43 1.96 37.36
O4B FAD M . -31.43 1.55 38.30
C3B FAD M . -31.75 2.02 36.00
O3B FAD M . -31.15 3.31 35.81
C2B FAD M . -30.65 0.98 36.20
O2B FAD M . -29.61 1.21 35.25
C1B FAD M . -30.19 1.45 37.57
N9A FAD M . -29.27 0.48 38.22
C8A FAD M . -29.60 -0.73 38.66
N7A FAD M . -28.47 -1.35 39.00
C5A FAD M . -27.45 -0.53 38.78
C6A FAD M . -26.15 -0.66 39.02
N6A FAD M . -25.74 -1.84 39.47
N1A FAD M . -25.29 0.34 38.80
C2A FAD M . -25.77 1.55 38.29
N3A FAD M . -27.14 1.65 38.04
C4A FAD M . -27.94 0.61 38.28
N1 FAD M . -37.35 -7.83 29.21
C2 FAD M . -37.55 -9.18 28.90
O2 FAD M . -37.43 -10.03 29.79
N3 FAD M . -37.95 -9.54 27.62
C4 FAD M . -38.18 -8.56 26.64
O4 FAD M . -38.68 -8.89 25.57
C4X FAD M . -37.97 -7.21 26.95
N5 FAD M . -38.41 -6.23 26.06
C5X FAD M . -38.48 -4.91 26.51
C6 FAD M . -39.21 -3.97 25.77
C7 FAD M . -39.49 -2.72 26.31
C7M FAD M . -40.31 -1.83 25.62
C8 FAD M . -39.03 -2.40 27.58
C8M FAD M . -39.19 -1.11 28.08
C9 FAD M . -38.29 -3.33 28.31
C9A FAD M . -38.03 -4.60 27.79
N10 FAD M . -37.57 -5.55 28.59
C10 FAD M . -37.56 -6.84 28.23
C1' FAD M . -37.19 -5.20 29.99
C2' FAD M . -35.83 -4.48 30.07
O2' FAD M . -34.77 -5.37 29.75
C3' FAD M . -35.65 -3.91 31.47
O3' FAD M . -36.49 -2.77 31.64
C4' FAD M . -34.20 -3.47 31.69
O4' FAD M . -33.38 -4.64 31.84
C5' FAD M . -34.09 -2.60 32.95
O5' FAD M . -34.59 -3.30 34.10
P FAD M . -35.64 -2.57 35.09
O1P FAD M . -36.67 -1.93 34.25
O2P FAD M . -36.07 -3.55 36.12
O3P FAD M . -34.76 -1.42 35.78
O1 DAO N . -33.76 -9.13 26.73
O2 DAO N . -34.26 -6.95 26.77
C1 DAO N . -33.93 -8.01 26.19
C2 DAO N . -33.78 -7.95 24.67
C3 DAO N . -34.81 -6.98 24.09
C4 DAO N . -34.73 -6.96 22.56
C5 DAO N . -33.35 -6.45 22.13
C6 DAO N . -33.28 -6.45 20.60
C7 DAO N . -34.40 -5.57 20.02
C8 DAO N . -34.28 -5.54 18.50
C9 DAO N . -35.44 -4.72 17.92
C10 DAO N . -35.41 -3.30 18.46
C11 DAO N . -36.59 -2.50 17.89
C12 DAO N . -36.58 -1.08 18.46
PA FAD O . -38.68 26.32 11.17
O1A FAD O . -38.86 25.54 9.92
O2A FAD O . -38.69 27.79 11.18
O5B FAD O . -37.21 25.92 11.69
C5B FAD O . -36.67 24.63 11.39
C4B FAD O . -35.20 24.53 11.83
O4B FAD O . -34.47 25.60 11.19
C3B FAD O . -35.09 24.78 13.32
O3B FAD O . -33.88 24.19 13.81
C2B FAD O . -34.95 26.29 13.34
O2B FAD O . -34.40 26.71 14.60
C1B FAD O . -33.89 26.38 12.26
N9A FAD O . -33.62 27.77 11.83
C8A FAD O . -34.53 28.60 11.32
N7A FAD O . -34.05 29.84 11.39
C5A FAD O . -32.83 29.77 11.93
C6A FAD O . -31.93 30.73 12.17
N6A FAD O . -32.24 31.95 11.74
N1A FAD O . -30.72 30.44 12.68
C2A FAD O . -30.40 29.11 12.95
N3A FAD O . -31.38 28.14 12.70
C4A FAD O . -32.57 28.49 12.19
N1 FAD O . -47.28 28.81 16.98
C2 FAD O . -48.27 29.78 17.13
O2 FAD O . -48.33 30.75 16.37
N3 FAD O . -49.26 29.61 18.11
C4 FAD O . -49.24 28.48 18.94
O4 FAD O . -50.17 28.29 19.72
C4X FAD O . -48.24 27.53 18.79
N5 FAD O . -48.31 26.32 19.50
C5X FAD O . -47.41 25.30 19.19
C6 FAD O . -47.60 24.03 19.72
C7 FAD O . -46.82 22.97 19.27
C7M FAD O . -47.11 21.68 19.71
C8 FAD O . -45.85 23.18 18.30
C8M FAD O . -45.06 22.13 17.85
C9 FAD O . -45.67 24.46 17.78
C9A FAD O . -46.45 25.52 18.21
N10 FAD O . -46.39 26.69 17.55
C10 FAD O . -47.26 27.68 17.81
C1' FAD O . -45.49 26.80 16.39
C2' FAD O . -44.06 27.10 16.83
O2' FAD O . -43.96 28.44 17.33
C3' FAD O . -43.12 26.94 15.63
O3' FAD O . -43.06 25.55 15.25
C4' FAD O . -41.71 27.42 15.97
O4' FAD O . -41.68 28.85 15.95
C5' FAD O . -40.70 26.87 14.97
O5' FAD O . -41.11 27.17 13.63
P FAD O . -41.12 26.00 12.52
O1P FAD O . -41.78 24.82 13.13
O2P FAD O . -41.65 26.53 11.24
O3P FAD O . -39.56 25.66 12.35
O1 DAO P . -45.83 29.53 19.87
O2 DAO P . -46.95 31.45 19.94
C1 DAO P . -46.47 30.42 20.46
C2 DAO P . -46.74 30.20 21.94
C3 DAO P . -46.99 28.72 22.22
C4 DAO P . -47.35 28.52 23.69
C5 DAO P . -46.17 28.92 24.57
C6 DAO P . -46.58 28.84 26.05
C7 DAO P . -47.05 27.42 26.38
C8 DAO P . -47.47 27.36 27.85
C9 DAO P . -48.03 25.97 28.17
C10 DAO P . -46.95 24.92 27.96
C11 DAO P . -47.50 23.53 28.30
C12 DAO P . -46.41 22.48 28.09
PA FAD Q . 8.17 -28.86 -43.48
O1A FAD Q . 8.12 -30.34 -43.45
O2A FAD Q . 8.22 -28.09 -44.75
O5B FAD Q . 9.53 -28.48 -42.72
C5B FAD Q . 10.01 -29.31 -41.67
C4B FAD Q . 11.32 -28.78 -41.08
O4B FAD Q . 12.32 -28.74 -42.12
C3B FAD Q . 11.14 -27.34 -40.62
O3B FAD Q . 12.12 -27.03 -39.62
C2B FAD Q . 11.47 -26.60 -41.90
O2B FAD Q . 11.83 -25.24 -41.59
C1B FAD Q . 12.71 -27.37 -42.29
N9A FAD Q . 13.14 -27.07 -43.67
C8A FAD Q . 12.36 -27.16 -44.75
N7A FAD Q . 13.00 -26.61 -45.78
C5A FAD Q . 14.20 -26.20 -45.34
C6A FAD Q . 15.21 -25.62 -45.98
N6A FAD Q . 15.10 -25.53 -47.30
N1A FAD Q . 16.35 -25.31 -45.35
C2A FAD Q . 16.47 -25.59 -43.99
N3A FAD Q . 15.39 -26.20 -43.34
C4A FAD Q . 14.29 -26.48 -44.04
N1 FAD Q . -0.80 -23.21 -44.23
C2 FAD Q . -1.78 -22.84 -45.16
O2 FAD Q . -1.67 -23.16 -46.34
N3 FAD Q . -2.91 -22.13 -44.72
C4 FAD Q . -3.03 -21.78 -43.38
O4 FAD Q . -4.09 -21.28 -42.99
C4X FAD Q . -2.05 -22.14 -42.47
N5 FAD Q . -2.29 -21.98 -41.10
C5X FAD Q . -1.46 -22.64 -40.19
C6 FAD Q . -1.86 -22.74 -38.86
C7 FAD Q . -1.16 -23.56 -37.99
C7M FAD Q . -1.63 -23.75 -36.70
C8 FAD Q . -0.05 -24.26 -38.44
C8M FAD Q . 0.69 -25.07 -37.57
C9 FAD Q . 0.35 -24.15 -39.78
C9A FAD Q . -0.37 -23.36 -40.66
N10 FAD Q . -0.12 -23.44 -41.97
C10 FAD Q . -0.93 -22.86 -42.88
C1' FAD Q . 0.93 -24.38 -42.44
C2' FAD Q . 2.34 -23.79 -42.35
O2' FAD Q . 2.54 -22.81 -43.37
C3' FAD Q . 3.37 -24.91 -42.50
O3' FAD Q . 3.35 -25.73 -41.32
C4' FAD Q . 4.77 -24.33 -42.65
O4' FAD Q . 4.91 -23.76 -43.97
C5' FAD Q . 5.81 -25.44 -42.47
O5' FAD Q . 5.58 -26.51 -43.39
P FAD Q . 5.57 -28.02 -42.86
O1P FAD Q . 4.72 -28.08 -41.64
O2P FAD Q . 5.24 -28.91 -43.99
O3P FAD Q . 7.10 -28.26 -42.43
O1 DAO R . 0.62 -20.25 -43.75
O2 DAO R . -0.24 -19.41 -45.62
C1 DAO R . 0.00 -19.38 -44.40
C2 DAO R . -0.47 -18.14 -43.63
C3 DAO R . -1.02 -18.56 -42.26
C4 DAO R . -1.50 -17.33 -41.50
C5 DAO R . -0.31 -16.40 -41.23
C6 DAO R . -0.80 -15.09 -40.61
C7 DAO R . -1.53 -15.36 -39.30
C8 DAO R . -2.07 -14.03 -38.75
C9 DAO R . -2.91 -14.27 -37.49
C10 DAO R . -2.02 -14.77 -36.35
C11 DAO R . -2.88 -14.97 -35.10
C12 DAO R . -2.00 -15.47 -33.95
PA FAD S . 7.36 -17.12 -6.89
O1A FAD S . 6.33 -16.06 -6.87
O2A FAD S . 8.15 -17.48 -5.69
O5B FAD S . 8.46 -16.60 -7.95
C5B FAD S . 8.06 -15.83 -9.09
C4B FAD S . 9.26 -15.35 -9.89
O4B FAD S . 10.11 -14.58 -9.02
C3B FAD S . 10.09 -16.53 -10.35
O3B FAD S . 10.87 -16.17 -11.51
C2B FAD S . 11.03 -16.69 -9.16
O2B FAD S . 12.20 -17.43 -9.57
C1B FAD S . 11.40 -15.24 -8.99
N9A FAD S . 12.12 -14.97 -7.74
C8A FAD S . 11.67 -15.29 -6.52
N7A FAD S . 12.68 -15.20 -5.67
C5A FAD S . 13.76 -14.80 -6.34
C6A FAD S . 14.99 -14.49 -5.94
N6A FAD S . 15.18 -14.48 -4.61
N1A FAD S . 15.93 -14.05 -6.78
C2A FAD S . 15.60 -13.90 -8.14
N3A FAD S . 14.30 -14.23 -8.53
C4A FAD S . 13.41 -14.66 -7.63
N1 FAD S . 4.73 -27.29 -4.91
C2 FAD S . 4.42 -28.16 -3.86
O2 FAD S . 4.50 -27.78 -2.69
N3 FAD S . 4.06 -29.48 -4.13
C4 FAD S . 4.02 -29.94 -5.45
O4 FAD S . 3.70 -31.10 -5.68
C4X FAD S . 4.32 -29.07 -6.50
N5 FAD S . 4.05 -29.45 -7.82
C5X FAD S . 4.09 -28.48 -8.82
C6 FAD S . 3.49 -28.75 -10.05
C7 FAD S . 3.29 -27.73 -10.97
C7M FAD S . 2.53 -27.97 -12.11
C8 FAD S . 3.73 -26.44 -10.67
C8M FAD S . 3.59 -25.42 -11.61
C9 FAD S . 4.33 -26.18 -9.44
C9A FAD S . 4.49 -27.19 -8.50
N10 FAD S . 4.79 -26.86 -7.23
C10 FAD S . 4.68 -27.75 -6.24
C1' FAD S . 5.00 -25.42 -6.91
C2' FAD S . 6.39 -24.92 -7.30
O2' FAD S . 7.37 -25.47 -6.40
C3' FAD S . 6.41 -23.40 -7.24
O3' FAD S . 5.59 -22.88 -8.28
C4' FAD S . 7.83 -22.87 -7.43
O4' FAD S . 8.61 -23.12 -6.26
C5' FAD S . 7.79 -21.36 -7.69
O5' FAD S . 7.12 -20.66 -6.63
P FAD S . 5.98 -19.57 -6.97
O1P FAD S . 5.06 -20.18 -7.96
O2P FAD S . 5.43 -19.04 -5.70
O3P FAD S . 6.82 -18.39 -7.70
O1 DAO T . 8.19 -29.03 -4.05
O2 DAO T . 8.01 -28.14 -6.08
C1 DAO T . 8.20 -29.10 -5.29
C2 DAO T . 8.51 -30.46 -5.92
C3 DAO T . 7.55 -30.73 -7.07
C4 DAO T . 7.89 -32.08 -7.72
C5 DAO T . 9.30 -32.03 -8.31
C6 DAO T . 9.67 -33.40 -8.88
C7 DAO T . 8.71 -33.78 -10.01
C8 DAO T . 9.09 -35.16 -10.54
C9 DAO T . 8.10 -35.62 -11.62
C10 DAO T . 8.18 -34.68 -12.83
C11 DAO T . 7.21 -35.18 -13.91
C12 DAO T . 7.29 -34.26 -15.14
PA FAD U . 33.73 -0.81 -12.64
O1A FAD U . 34.72 -1.34 -11.67
O2A FAD U . 32.83 0.31 -12.31
O5B FAD U . 32.75 -2.06 -12.95
C5B FAD U . 33.29 -3.38 -13.01
C4B FAD U . 32.20 -4.40 -13.31
O4B FAD U . 31.15 -4.25 -12.33
C3B FAD U . 31.55 -4.08 -14.65
O3B FAD U . 30.92 -5.27 -15.17
C2B FAD U . 30.50 -3.09 -14.23
O2B FAD U . 29.48 -3.01 -15.24
C1B FAD U . 29.95 -3.87 -13.04
N9A FAD U . 29.02 -3.07 -12.21
C8A FAD U . 29.26 -1.86 -11.74
N7A FAD U . 28.11 -1.38 -11.27
C5A FAD U . 27.17 -2.29 -11.43
C6A FAD U . 25.88 -2.30 -11.11
N6A FAD U . 25.39 -1.17 -10.62
N1A FAD U . 25.08 -3.36 -11.37
C2A FAD U . 25.64 -4.47 -11.99
N3A FAD U . 27.00 -4.45 -12.31
C4A FAD U . 27.73 -3.35 -12.03
N1 FAD U . 36.83 7.13 -19.27
C2 FAD U . 37.00 8.52 -19.32
O2 FAD U . 36.87 9.21 -18.30
N3 FAD U . 37.42 9.14 -20.51
C4 FAD U . 37.68 8.34 -21.64
O4 FAD U . 38.20 8.87 -22.62
C4X FAD U . 37.52 6.96 -21.57
N5 FAD U . 38.03 6.18 -22.61
C5X FAD U . 38.15 4.80 -22.42
C6 FAD U . 38.92 4.04 -23.30
C7 FAD U . 39.21 2.72 -23.01
C7M FAD U . 40.02 1.98 -23.87
C8 FAD U . 38.71 2.14 -21.84
C8M FAD U . 38.95 0.80 -21.57
C9 FAD U . 37.95 2.90 -20.96
C9A FAD U . 37.68 4.23 -21.24
N10 FAD U . 37.17 5.01 -20.27
C10 FAD U . 37.10 6.35 -20.40
C1' FAD U . 36.82 4.40 -18.97
C2' FAD U . 35.52 3.60 -19.03
O2' FAD U . 34.40 4.46 -19.22
C3' FAD U . 35.36 2.79 -17.73
O3' FAD U . 36.23 1.66 -17.77
C4' FAD U . 33.92 2.29 -17.58
O4' FAD U . 33.11 3.36 -17.09
C5' FAD U . 33.88 1.12 -16.59
O5' FAD U . 34.34 1.55 -15.30
P FAD U . 35.34 0.60 -14.46
O1P FAD U . 36.41 0.15 -15.37
O2P FAD U . 35.71 1.31 -13.21
O3P FAD U . 34.41 -0.67 -14.09
O1 DAO V . 33.99 6.94 -21.51
O2 DAO V . 34.18 9.15 -21.34
C1 DAO V . 33.98 8.09 -21.98
C2 DAO V . 33.76 8.23 -23.49
C3 DAO V . 34.70 7.28 -24.24
C4 DAO V . 34.58 7.51 -25.74
C5 DAO V . 33.16 7.15 -26.21
C6 DAO V . 33.01 7.51 -27.69
C7 DAO V . 34.06 6.78 -28.53
C8 DAO V . 33.89 7.19 -30.00
C9 DAO V . 35.00 6.57 -30.86
C10 DAO V . 34.89 5.05 -30.86
C11 DAO V . 35.99 4.47 -31.75
C12 DAO V . 35.88 2.94 -31.76
PA FAD W . 38.90 -22.73 -43.95
O1A FAD W . 39.13 -21.73 -45.02
O2A FAD W . 38.98 -24.18 -44.20
O5B FAD W . 37.38 -22.48 -43.48
C5B FAD W . 36.86 -21.15 -43.47
C4B FAD W . 35.43 -21.13 -42.91
O4B FAD W . 34.63 -22.04 -43.69
C3B FAD W . 35.42 -21.68 -41.49
O3B FAD W . 34.29 -21.15 -40.78
C2B FAD W . 35.21 -23.16 -41.76
O2B FAD W . 34.71 -23.79 -40.58
C1B FAD W . 34.10 -23.01 -42.78
N9A FAD W . 33.79 -24.29 -43.46
C8A FAD W . 34.67 -24.99 -44.17
N7A FAD W . 34.18 -26.23 -44.33
C5A FAD W . 32.99 -26.27 -43.73
C6A FAD W . 32.08 -27.24 -43.66
N6A FAD W . 32.36 -28.35 -44.33
N1A FAD W . 30.89 -27.05 -43.07
C2A FAD W . 30.60 -25.82 -42.51
N3A FAD W . 31.58 -24.82 -42.58
C4A FAD W . 32.75 -25.07 -43.19
N1 FAD W . 47.59 -26.04 -38.54
C2 FAD W . 48.68 -26.91 -38.67
O2 FAD W . 48.81 -27.59 -39.68
N3 FAD W . 49.68 -26.91 -37.69
C4 FAD W . 49.58 -26.05 -36.58
O4 FAD W . 50.47 -26.04 -35.74
C4X FAD W . 48.48 -25.19 -36.47
N5 FAD W . 48.51 -24.18 -35.51
C5X FAD W . 47.58 -23.14 -35.61
C6 FAD W . 47.77 -21.98 -34.85
C7 FAD W . 46.99 -20.85 -35.10
C7M FAD W . 47.30 -19.65 -34.46
C8 FAD W . 46.02 -20.89 -36.09
C8M FAD W . 45.21 -19.79 -36.33
C9 FAD W . 45.83 -22.04 -36.84
C9A FAD W . 46.62 -23.18 -36.61
N10 FAD W . 46.58 -24.19 -37.48
C10 FAD W . 47.49 -25.18 -37.45
C1' FAD W . 45.68 -24.07 -38.65
C2' FAD W . 44.23 -24.42 -38.31
O2' FAD W . 44.08 -25.82 -38.11
C3' FAD W . 43.31 -23.95 -39.44
O3' FAD W . 43.28 -22.52 -39.48
C4' FAD W . 41.89 -24.48 -39.22
O4' FAD W . 41.85 -25.87 -39.54
C5' FAD W . 40.91 -23.72 -40.11
O5' FAD W . 41.30 -23.81 -41.49
P FAD W . 41.24 -22.49 -42.42
O1P FAD W . 41.78 -21.36 -41.63
O2P FAD W . 41.83 -22.80 -43.73
O3P FAD W . 39.65 -22.26 -42.61
O1 DAO X . 47.16 -29.74 -36.61
O2 DAO X . 46.53 -27.62 -36.32
C1 DAO X . 46.90 -28.75 -35.90
C2 DAO X . 47.05 -28.91 -34.39
C3 DAO X . 47.41 -27.57 -33.75
C4 DAO X . 47.63 -27.76 -32.25
C5 DAO X . 46.32 -28.19 -31.58
C6 DAO X . 46.57 -28.48 -30.10
C7 DAO X . 47.13 -27.24 -29.39
C8 DAO X . 47.41 -27.59 -27.93
C9 DAO X . 48.03 -26.40 -27.21
C10 DAO X . 47.05 -25.22 -27.17
C11 DAO X . 47.68 -24.05 -26.41
C12 DAO X . 46.70 -22.88 -26.38
#